data_9P07
#
_entry.id   9P07
#
_cell.length_a   1.00
_cell.length_b   1.00
_cell.length_c   1.00
_cell.angle_alpha   90.00
_cell.angle_beta   90.00
_cell.angle_gamma   90.00
#
_symmetry.space_group_name_H-M   'P 1'
#
loop_
_entity.id
_entity.type
_entity.pdbx_description
1 polymer 'vesicle-fusing ATPase'
2 non-polymer (2Z)-N-[2-(3-methylpyridin-2-yl)-1,3-benzoxazol-5-yl]-3-(pyridin-4-yl)prop-2-enamide
#
_entity_poly.entity_id   1
_entity_poly.type   'polypeptide(L)'
_entity_poly.pdbx_seq_one_letter_code
;MGSSHHHHHHSSGLVPRGSHMASMTGGQQMGRGSEFMCALNANPSNDPSSGEKVKFHRLIVDEPVKDDNSVVYLSQAKMD
SMNLFRGDTVLVKGKKRKETVCVAIVDESCPDDKIRLNRCIRSNLRVKPGDIISIKSLPDILYGKRIHVLPIDDTIVGLT
GNLYEAFLKPYFLAAYRPVHKGDIFIVRGGMRAVEFKVIETDPSPYCIVSPDTTIHTEGDPVKREDEEEKLNEIGYDDIG
GCRKQLAQIKEMVELPLRHPQLFKAIGVKPPRGILLYGPPGTGKTLVARAVANESGSFFFLINGPEIMSKLAGESESNLR
KAFEEAEKNAPAIIFIDELDAIAPKREKTHGEVERRIVSQLLTLMDGLKQRSHVIVMAATNRPNSVDPALRRFGRFDREI
EIGIPDSIGRLEILRIHTRNIRLAEDVELEKIANEAHGHVGADLASLCSEAALQQIRNKMNLIDLEDDTIDAEVLNSLAV
TMDDFRWALGKSNPSALRETTVEVPNVTWDDIGGLENVKRELQELVQYPVEHPDKFLKFGMTPSKGVLFYGPPGCGKTLL
AKAIANECQANFISIKGPELLTMWFGESEANVRDIFDKARQAAPCVLFFDELDSIAKARGGSVGDAGGAADRVINQLLTE
MDGMSAKKNVFIIGATNRPDIIDGAILRPGRLDQLIYIPLPDEASRVNILKANLRKSPIARDVDINFLAKATQGFSGADL
TEICQRACKQAIRESIEAEIRAESEKKNKPNAMEDDFDPVPEITRRHFEEAMRFARRSVTENDVRKYEMFAQTLQQSRGI
GNNFRFPGSDGSGIPTSTGGQGGGGSVYGSQNDAEDLYN
;
_entity_poly.pdbx_strand_id   A,C,D,F,B,E
#
# COMPACT_ATOMS: atom_id res chain seq x y z
N GLU A 228 16.28 44.94 -24.25
CA GLU A 228 15.12 45.41 -25.01
C GLU A 228 15.29 45.16 -26.50
N GLU A 229 16.26 45.85 -27.11
CA GLU A 229 16.52 45.67 -28.52
C GLU A 229 16.98 44.25 -28.81
N LYS A 230 17.83 43.69 -27.95
CA LYS A 230 18.32 42.33 -28.18
C LYS A 230 17.19 41.33 -28.18
N LEU A 231 16.26 41.45 -27.23
CA LEU A 231 15.12 40.53 -27.18
C LEU A 231 14.22 40.69 -28.41
N ASN A 232 13.99 41.93 -28.85
CA ASN A 232 13.13 42.16 -30.00
C ASN A 232 13.80 41.78 -31.31
N GLU A 233 15.12 41.62 -31.32
CA GLU A 233 15.84 41.24 -32.54
C GLU A 233 15.99 39.74 -32.70
N ILE A 234 15.45 38.93 -31.77
CA ILE A 234 15.55 37.48 -31.90
C ILE A 234 14.65 37.01 -33.04
N GLY A 235 15.20 36.21 -33.95
CA GLY A 235 14.46 35.71 -35.07
C GLY A 235 14.61 34.20 -35.25
N TYR A 236 14.30 33.71 -36.46
CA TYR A 236 14.42 32.28 -36.70
C TYR A 236 15.88 31.83 -36.68
N ASP A 237 16.79 32.66 -37.18
CA ASP A 237 18.20 32.27 -37.24
C ASP A 237 18.84 32.18 -35.87
N ASP A 238 18.22 32.75 -34.84
CA ASP A 238 18.78 32.74 -33.49
C ASP A 238 18.32 31.56 -32.66
N ILE A 239 17.59 30.62 -33.25
CA ILE A 239 17.17 29.39 -32.59
C ILE A 239 17.69 28.22 -33.40
N GLY A 240 18.32 27.26 -32.72
CA GLY A 240 18.82 26.07 -33.38
C GLY A 240 18.28 24.81 -32.73
N GLY A 241 18.44 23.70 -33.44
CA GLY A 241 18.02 22.41 -32.95
C GLY A 241 16.58 22.06 -33.24
N CYS A 242 15.81 22.97 -33.83
CA CYS A 242 14.42 22.73 -34.20
C CYS A 242 14.17 23.45 -35.53
N ARG A 243 14.35 22.73 -36.63
CA ARG A 243 14.09 23.27 -37.95
C ARG A 243 12.84 22.71 -38.59
N LYS A 244 12.36 21.54 -38.15
CA LYS A 244 11.08 21.02 -38.60
C LYS A 244 9.93 21.64 -37.81
N GLN A 245 10.04 21.59 -36.47
CA GLN A 245 9.01 22.20 -35.63
C GLN A 245 8.91 23.69 -35.90
N LEU A 246 10.03 24.33 -36.24
CA LEU A 246 9.99 25.76 -36.54
C LEU A 246 9.17 26.03 -37.80
N ALA A 247 9.33 25.20 -38.83
CA ALA A 247 8.51 25.35 -40.03
C ALA A 247 7.04 25.08 -39.73
N GLN A 248 6.77 24.05 -38.92
CA GLN A 248 5.40 23.79 -38.49
C GLN A 248 4.79 25.02 -37.86
N ILE A 249 5.49 25.62 -36.89
CA ILE A 249 4.95 26.78 -36.19
C ILE A 249 4.83 27.96 -37.13
N LYS A 250 5.77 28.11 -38.06
CA LYS A 250 5.66 29.17 -39.06
C LYS A 250 4.34 29.05 -39.82
N GLU A 251 4.06 27.87 -40.36
CA GLU A 251 2.80 27.67 -41.08
C GLU A 251 1.61 27.90 -40.16
N MET A 252 1.68 27.42 -38.92
CA MET A 252 0.55 27.53 -38.01
C MET A 252 0.22 28.97 -37.68
N VAL A 253 1.24 29.81 -37.45
CA VAL A 253 1.07 31.12 -36.84
C VAL A 253 1.26 32.24 -37.86
N GLU A 254 2.41 32.28 -38.52
CA GLU A 254 2.79 33.46 -39.28
C GLU A 254 1.79 33.74 -40.40
N LEU A 255 1.48 32.73 -41.21
CA LEU A 255 0.58 32.95 -42.34
C LEU A 255 -0.81 33.38 -41.90
N PRO A 256 -1.47 32.73 -40.94
CA PRO A 256 -2.76 33.26 -40.48
C PRO A 256 -2.69 34.68 -39.97
N LEU A 257 -1.61 35.04 -39.27
CA LEU A 257 -1.46 36.38 -38.70
C LEU A 257 -0.84 37.37 -39.68
N ARG A 258 -0.66 36.98 -40.93
CA ARG A 258 -0.11 37.89 -41.93
C ARG A 258 -1.03 37.96 -43.15
N HIS A 259 -1.79 36.91 -43.40
CA HIS A 259 -2.81 36.89 -44.45
C HIS A 259 -4.10 36.29 -43.91
N PRO A 260 -4.75 36.98 -42.98
CA PRO A 260 -6.01 36.43 -42.44
C PRO A 260 -7.10 36.25 -43.50
N GLN A 261 -7.08 37.08 -44.55
CA GLN A 261 -8.14 37.03 -45.56
C GLN A 261 -8.18 35.67 -46.24
N LEU A 262 -7.02 35.14 -46.62
CA LEU A 262 -6.98 33.87 -47.34
C LEU A 262 -7.59 32.75 -46.49
N PHE A 263 -7.15 32.63 -45.25
CA PHE A 263 -7.62 31.56 -44.38
C PHE A 263 -9.08 31.73 -44.00
N LYS A 264 -9.53 32.97 -43.83
CA LYS A 264 -10.95 33.20 -43.59
C LYS A 264 -11.78 32.80 -44.79
N ALA A 265 -11.31 33.12 -46.00
CA ALA A 265 -12.06 32.80 -47.20
C ALA A 265 -12.17 31.29 -47.38
N ILE A 266 -11.04 30.58 -47.33
CA ILE A 266 -11.09 29.14 -47.58
C ILE A 266 -11.86 28.43 -46.48
N GLY A 267 -11.65 28.82 -45.23
CA GLY A 267 -12.33 28.20 -44.11
C GLY A 267 -11.40 27.47 -43.15
N VAL A 268 -10.17 27.95 -43.04
CA VAL A 268 -9.21 27.40 -42.08
C VAL A 268 -9.33 28.20 -40.79
N LYS A 269 -9.47 27.49 -39.67
CA LYS A 269 -9.54 28.13 -38.36
C LYS A 269 -8.15 28.15 -37.74
N PRO A 270 -7.58 29.33 -37.45
CA PRO A 270 -6.24 29.35 -36.87
C PRO A 270 -6.24 28.75 -35.48
N PRO A 271 -5.15 28.11 -35.08
CA PRO A 271 -5.10 27.51 -33.74
C PRO A 271 -5.11 28.59 -32.66
N ARG A 272 -5.67 28.22 -31.50
CA ARG A 272 -5.77 29.12 -30.37
C ARG A 272 -4.93 28.69 -29.17
N GLY A 273 -4.41 27.47 -29.18
CA GLY A 273 -3.51 27.03 -28.14
C GLY A 273 -2.47 26.07 -28.65
N ILE A 274 -1.19 26.39 -28.40
CA ILE A 274 -0.07 25.56 -28.84
C ILE A 274 0.79 25.27 -27.62
N LEU A 275 1.05 24.00 -27.36
CA LEU A 275 1.83 23.57 -26.21
C LEU A 275 3.14 22.97 -26.72
N LEU A 276 4.25 23.56 -26.33
CA LEU A 276 5.58 23.09 -26.68
C LEU A 276 6.16 22.34 -25.50
N TYR A 277 6.55 21.09 -25.70
CA TYR A 277 7.11 20.28 -24.64
C TYR A 277 8.38 19.58 -25.10
N GLY A 278 9.27 19.34 -24.15
CA GLY A 278 10.54 18.70 -24.42
C GLY A 278 11.50 18.86 -23.26
N PRO A 279 12.70 18.29 -23.38
CA PRO A 279 13.66 18.39 -22.30
C PRO A 279 14.13 19.82 -22.12
N PRO A 280 14.57 20.20 -20.92
CA PRO A 280 15.02 21.59 -20.70
C PRO A 280 16.25 21.91 -21.52
N GLY A 281 16.38 23.19 -21.87
CA GLY A 281 17.55 23.67 -22.60
C GLY A 281 17.47 23.51 -24.10
N THR A 282 16.29 23.26 -24.65
CA THR A 282 16.13 23.00 -26.07
C THR A 282 15.78 24.24 -26.87
N GLY A 283 15.74 25.41 -26.24
CA GLY A 283 15.41 26.62 -26.96
C GLY A 283 13.95 26.78 -27.29
N LYS A 284 13.07 26.09 -26.56
CA LYS A 284 11.62 26.23 -26.74
C LYS A 284 11.06 27.49 -26.08
N THR A 285 11.87 28.20 -25.29
CA THR A 285 11.47 29.46 -24.70
C THR A 285 11.68 30.64 -25.63
N LEU A 286 12.44 30.46 -26.71
CA LEU A 286 12.67 31.53 -27.68
C LEU A 286 11.83 31.39 -28.94
N VAL A 287 11.19 30.23 -29.15
CA VAL A 287 10.38 30.05 -30.35
C VAL A 287 9.25 31.05 -30.38
N ALA A 288 8.57 31.25 -29.25
CA ALA A 288 7.46 32.20 -29.21
C ALA A 288 7.93 33.61 -29.54
N ARG A 289 9.07 34.03 -28.96
CA ARG A 289 9.58 35.37 -29.24
C ARG A 289 9.98 35.53 -30.69
N ALA A 290 10.60 34.50 -31.27
CA ALA A 290 10.98 34.56 -32.67
C ALA A 290 9.76 34.68 -33.57
N VAL A 291 8.72 33.88 -33.29
CA VAL A 291 7.51 33.96 -34.10
C VAL A 291 6.86 35.32 -33.97
N ALA A 292 6.80 35.85 -32.74
CA ALA A 292 6.19 37.16 -32.54
C ALA A 292 6.95 38.24 -33.28
N ASN A 293 8.28 38.22 -33.21
CA ASN A 293 9.07 39.26 -33.87
C ASN A 293 8.96 39.15 -35.39
N GLU A 294 9.01 37.94 -35.92
CA GLU A 294 9.03 37.77 -37.38
C GLU A 294 7.65 37.97 -37.99
N SER A 295 6.58 37.72 -37.24
CA SER A 295 5.23 37.98 -37.72
C SER A 295 4.76 39.40 -37.39
N GLY A 296 5.54 40.17 -36.65
CA GLY A 296 5.16 41.51 -36.28
C GLY A 296 4.10 41.59 -35.19
N SER A 297 3.77 40.47 -34.55
CA SER A 297 2.72 40.46 -33.56
C SER A 297 3.23 40.95 -32.21
N PHE A 298 2.28 41.31 -31.35
CA PHE A 298 2.60 41.77 -30.00
C PHE A 298 2.81 40.58 -29.09
N PHE A 299 3.90 40.60 -28.34
CA PHE A 299 4.32 39.48 -27.49
C PHE A 299 4.13 39.84 -26.03
N PHE A 300 3.46 38.97 -25.28
CA PHE A 300 3.32 39.11 -23.85
C PHE A 300 3.77 37.82 -23.18
N LEU A 301 4.61 37.95 -22.15
CA LEU A 301 5.23 36.81 -21.48
C LEU A 301 4.64 36.67 -20.09
N ILE A 302 4.20 35.46 -19.75
CA ILE A 302 3.71 35.12 -18.42
C ILE A 302 4.61 34.04 -17.86
N ASN A 303 5.29 34.34 -16.76
CA ASN A 303 6.14 33.37 -16.09
C ASN A 303 5.36 32.68 -14.98
N GLY A 304 5.39 31.36 -14.96
CA GLY A 304 4.67 30.59 -13.98
C GLY A 304 5.09 30.92 -12.58
N PRO A 305 6.40 30.82 -12.31
CA PRO A 305 6.89 31.20 -10.97
C PRO A 305 6.56 32.62 -10.58
N GLU A 306 6.63 33.56 -11.52
CA GLU A 306 6.32 34.95 -11.19
C GLU A 306 4.85 35.11 -10.82
N ILE A 307 3.95 34.47 -11.56
CA ILE A 307 2.53 34.55 -11.23
C ILE A 307 2.26 33.89 -9.89
N MET A 308 2.88 32.74 -9.64
CA MET A 308 2.62 31.98 -8.41
C MET A 308 3.39 32.52 -7.21
N SER A 309 4.27 33.49 -7.40
CA SER A 309 4.97 34.12 -6.29
C SER A 309 4.19 35.28 -5.68
N LYS A 310 3.08 35.69 -6.31
CA LYS A 310 2.30 36.81 -5.82
C LYS A 310 1.24 36.32 -4.85
N LEU A 311 0.45 37.27 -4.32
CA LEU A 311 -0.58 36.96 -3.35
C LEU A 311 -1.77 36.32 -4.07
N ALA A 312 -2.86 36.11 -3.34
CA ALA A 312 -4.00 35.37 -3.89
C ALA A 312 -4.61 36.10 -5.08
N GLY A 313 -4.95 37.38 -4.91
CA GLY A 313 -5.62 38.10 -5.98
C GLY A 313 -4.69 38.68 -7.02
N GLU A 314 -3.43 38.90 -6.68
CA GLU A 314 -2.50 39.52 -7.63
C GLU A 314 -2.21 38.57 -8.79
N SER A 315 -2.17 37.26 -8.55
CA SER A 315 -1.96 36.31 -9.63
C SER A 315 -3.10 36.37 -10.65
N GLU A 316 -4.34 36.35 -10.16
CA GLU A 316 -5.49 36.47 -11.04
C GLU A 316 -5.47 37.79 -11.79
N SER A 317 -5.13 38.88 -11.09
CA SER A 317 -5.06 40.18 -11.74
C SER A 317 -4.04 40.16 -12.87
N ASN A 318 -2.88 39.54 -12.63
CA ASN A 318 -1.84 39.49 -13.65
C ASN A 318 -2.30 38.69 -14.87
N LEU A 319 -2.90 37.52 -14.65
CA LEU A 319 -3.39 36.73 -15.78
C LEU A 319 -4.42 37.51 -16.59
N ARG A 320 -5.41 38.09 -15.90
CA ARG A 320 -6.45 38.84 -16.60
C ARG A 320 -5.87 40.02 -17.37
N LYS A 321 -4.93 40.75 -16.74
CA LYS A 321 -4.33 41.89 -17.41
C LYS A 321 -3.53 41.47 -18.63
N ALA A 322 -2.81 40.35 -18.54
CA ALA A 322 -2.08 39.85 -19.68
C ALA A 322 -3.01 39.55 -20.85
N PHE A 323 -4.08 38.80 -20.60
CA PHE A 323 -4.99 38.47 -21.69
C PHE A 323 -5.69 39.72 -22.22
N GLU A 324 -6.05 40.65 -21.35
CA GLU A 324 -6.70 41.88 -21.80
C GLU A 324 -5.77 42.70 -22.70
N GLU A 325 -4.50 42.83 -22.31
CA GLU A 325 -3.56 43.55 -23.16
C GLU A 325 -3.36 42.84 -24.49
N ALA A 326 -3.30 41.51 -24.46
CA ALA A 326 -3.13 40.76 -25.70
C ALA A 326 -4.32 41.01 -26.64
N GLU A 327 -5.53 41.01 -26.10
CA GLU A 327 -6.70 41.28 -26.94
C GLU A 327 -6.74 42.73 -27.40
N LYS A 328 -6.12 43.64 -26.66
CA LYS A 328 -6.12 45.05 -27.03
C LYS A 328 -5.12 45.37 -28.13
N ASN A 329 -4.16 44.49 -28.40
CA ASN A 329 -3.13 44.71 -29.39
C ASN A 329 -3.08 43.56 -30.40
N ALA A 330 -4.24 43.14 -30.87
CA ALA A 330 -4.30 42.06 -31.84
C ALA A 330 -3.59 42.49 -33.12
N PRO A 331 -2.84 41.59 -33.77
CA PRO A 331 -2.55 40.20 -33.40
C PRO A 331 -1.60 40.13 -32.22
N ALA A 332 -1.64 39.05 -31.43
CA ALA A 332 -0.79 38.94 -30.26
C ALA A 332 -0.46 37.47 -30.01
N ILE A 333 0.62 37.26 -29.28
CA ILE A 333 1.05 35.93 -28.86
C ILE A 333 1.33 35.99 -27.36
N ILE A 334 0.65 35.13 -26.60
CA ILE A 334 0.84 35.02 -25.16
C ILE A 334 1.65 33.75 -24.91
N PHE A 335 2.81 33.90 -24.29
CA PHE A 335 3.67 32.76 -23.96
C PHE A 335 3.64 32.55 -22.45
N ILE A 336 3.22 31.36 -22.03
CA ILE A 336 3.13 31.01 -20.62
C ILE A 336 4.25 30.03 -20.30
N ASP A 337 5.39 30.56 -19.85
CA ASP A 337 6.53 29.71 -19.53
C ASP A 337 6.26 28.91 -18.26
N GLU A 338 6.65 27.64 -18.28
CA GLU A 338 6.45 26.74 -17.15
C GLU A 338 4.96 26.69 -16.77
N LEU A 339 4.17 26.19 -17.72
CA LEU A 339 2.72 26.07 -17.50
C LEU A 339 2.42 25.10 -16.36
N ASP A 340 3.29 24.12 -16.12
CA ASP A 340 3.06 23.16 -15.06
C ASP A 340 3.05 23.82 -13.69
N ALA A 341 3.69 24.98 -13.55
CA ALA A 341 3.63 25.71 -12.28
C ALA A 341 2.25 26.30 -12.06
N ILE A 342 1.69 26.94 -13.07
CA ILE A 342 0.37 27.56 -12.92
C ILE A 342 -0.71 26.48 -12.83
N ALA A 343 -0.65 25.47 -13.69
CA ALA A 343 -1.71 24.47 -13.82
C ALA A 343 -1.11 23.08 -13.74
N PRO A 344 -0.80 22.60 -12.54
CA PRO A 344 -0.30 21.24 -12.39
C PRO A 344 -1.45 20.23 -12.44
N LYS A 345 -1.12 18.97 -12.20
CA LYS A 345 -2.14 17.94 -12.08
C LYS A 345 -3.04 18.24 -10.89
N ARG A 346 -4.32 17.87 -11.01
CA ARG A 346 -5.27 18.17 -9.95
C ARG A 346 -4.78 17.64 -8.60
N GLU A 347 -4.25 16.41 -8.58
CA GLU A 347 -3.77 15.84 -7.33
C GLU A 347 -2.64 16.66 -6.75
N LYS A 348 -1.76 17.19 -7.60
CA LYS A 348 -0.61 17.95 -7.12
C LYS A 348 -1.05 19.18 -6.35
N THR A 349 -2.05 19.90 -6.85
CA THR A 349 -2.57 21.06 -6.14
C THR A 349 -3.25 20.64 -4.85
N HIS A 350 -3.00 21.38 -3.78
CA HIS A 350 -3.55 21.09 -2.47
C HIS A 350 -4.45 22.19 -1.93
N GLY A 351 -4.08 23.45 -2.12
CA GLY A 351 -4.86 24.56 -1.60
C GLY A 351 -6.02 24.92 -2.50
N GLU A 352 -6.74 25.96 -2.08
CA GLU A 352 -7.87 26.48 -2.84
C GLU A 352 -7.47 27.61 -3.77
N VAL A 353 -6.54 28.47 -3.34
CA VAL A 353 -6.09 29.55 -4.20
C VAL A 353 -5.40 29.01 -5.44
N GLU A 354 -4.73 27.86 -5.31
CA GLU A 354 -4.06 27.26 -6.46
C GLU A 354 -5.07 26.83 -7.53
N ARG A 355 -6.18 26.23 -7.12
CA ARG A 355 -7.18 25.79 -8.08
C ARG A 355 -7.88 26.97 -8.76
N ARG A 356 -8.04 28.08 -8.04
CA ARG A 356 -8.66 29.25 -8.65
C ARG A 356 -7.84 29.77 -9.82
N ILE A 357 -6.51 29.68 -9.74
CA ILE A 357 -5.68 30.13 -10.85
C ILE A 357 -5.92 29.26 -12.08
N VAL A 358 -5.98 27.94 -11.89
CA VAL A 358 -6.23 27.04 -13.02
C VAL A 358 -7.60 27.33 -13.63
N SER A 359 -8.62 27.51 -12.79
CA SER A 359 -9.95 27.81 -13.30
C SER A 359 -9.98 29.14 -14.04
N GLN A 360 -9.26 30.14 -13.53
CA GLN A 360 -9.17 31.42 -14.21
C GLN A 360 -8.51 31.27 -15.57
N LEU A 361 -7.45 30.45 -15.64
CA LEU A 361 -6.79 30.22 -16.92
C LEU A 361 -7.74 29.54 -17.90
N LEU A 362 -8.50 28.56 -17.44
CA LEU A 362 -9.47 27.90 -18.31
C LEU A 362 -10.51 28.88 -18.82
N THR A 363 -11.04 29.72 -17.92
CA THR A 363 -12.05 30.70 -18.32
C THR A 363 -11.48 31.68 -19.33
N LEU A 364 -10.26 32.17 -19.10
CA LEU A 364 -9.65 33.10 -20.03
C LEU A 364 -9.45 32.46 -21.39
N MET A 365 -8.99 31.20 -21.42
CA MET A 365 -8.79 30.52 -22.68
C MET A 365 -10.11 30.34 -23.43
N ASP A 366 -11.17 29.99 -22.72
CA ASP A 366 -12.48 29.83 -23.36
C ASP A 366 -13.01 31.15 -23.89
N GLY A 367 -12.56 32.28 -23.35
CA GLY A 367 -13.06 33.57 -23.74
C GLY A 367 -12.43 34.18 -24.97
N LEU A 368 -11.53 33.47 -25.63
CA LEU A 368 -10.88 33.97 -26.84
C LEU A 368 -11.82 33.73 -28.03
N LYS A 369 -12.37 34.82 -28.57
CA LYS A 369 -13.23 34.70 -29.73
C LYS A 369 -12.44 34.19 -30.93
N GLN A 370 -13.14 33.54 -31.85
CA GLN A 370 -12.48 32.97 -33.03
C GLN A 370 -11.86 34.05 -33.91
N ARG A 371 -12.25 35.31 -33.73
CA ARG A 371 -11.77 36.42 -34.53
C ARG A 371 -11.05 37.44 -33.66
N SER A 372 -10.23 36.97 -32.73
CA SER A 372 -9.48 37.83 -31.83
C SER A 372 -8.01 37.96 -32.21
N HIS A 373 -7.44 36.95 -32.88
CA HIS A 373 -6.05 36.98 -33.30
C HIS A 373 -5.12 36.96 -32.10
N VAL A 374 -5.42 36.09 -31.14
CA VAL A 374 -4.58 35.88 -29.96
C VAL A 374 -4.26 34.39 -29.89
N ILE A 375 -2.98 34.06 -30.04
CA ILE A 375 -2.51 32.69 -30.01
C ILE A 375 -1.73 32.50 -28.72
N VAL A 376 -2.15 31.53 -27.91
CA VAL A 376 -1.57 31.29 -26.60
C VAL A 376 -0.57 30.14 -26.76
N MET A 377 0.72 30.47 -26.75
CA MET A 377 1.77 29.47 -26.73
C MET A 377 2.13 29.15 -25.29
N ALA A 378 2.45 27.88 -25.04
CA ALA A 378 2.79 27.42 -23.70
C ALA A 378 3.96 26.47 -23.77
N ALA A 379 4.75 26.44 -22.71
CA ALA A 379 5.93 25.58 -22.64
C ALA A 379 5.89 24.76 -21.36
N THR A 380 6.10 23.47 -21.49
CA THR A 380 6.19 22.56 -20.36
C THR A 380 7.25 21.51 -20.66
N ASN A 381 7.56 20.68 -19.68
CA ASN A 381 8.51 19.58 -19.89
C ASN A 381 7.81 18.32 -20.36
N ARG A 382 6.85 17.82 -19.58
CA ARG A 382 6.02 16.70 -19.94
C ARG A 382 4.57 17.15 -19.97
N PRO A 383 3.84 16.95 -21.07
CA PRO A 383 2.44 17.38 -21.11
C PRO A 383 1.56 16.68 -20.10
N ASN A 384 1.97 15.50 -19.59
CA ASN A 384 1.20 14.84 -18.54
C ASN A 384 1.20 15.62 -17.24
N SER A 385 2.19 16.49 -17.02
CA SER A 385 2.24 17.28 -15.81
C SER A 385 1.24 18.43 -15.80
N VAL A 386 0.65 18.75 -16.94
CA VAL A 386 -0.33 19.82 -17.03
C VAL A 386 -1.71 19.25 -16.74
N ASP A 387 -2.59 20.10 -16.24
CA ASP A 387 -3.94 19.67 -15.92
C ASP A 387 -4.62 19.12 -17.18
N PRO A 388 -5.24 17.94 -17.13
CA PRO A 388 -5.92 17.43 -18.34
C PRO A 388 -6.95 18.39 -18.90
N ALA A 389 -7.60 19.19 -18.05
CA ALA A 389 -8.65 20.07 -18.53
C ALA A 389 -8.12 21.08 -19.55
N LEU A 390 -6.85 21.46 -19.44
CA LEU A 390 -6.27 22.39 -20.40
C LEU A 390 -5.90 21.74 -21.72
N ARG A 391 -5.68 20.43 -21.74
CA ARG A 391 -5.30 19.72 -22.97
C ARG A 391 -6.54 19.16 -23.67
N ARG A 392 -7.50 20.04 -23.92
CA ARG A 392 -8.75 19.69 -24.59
C ARG A 392 -8.93 20.58 -25.81
N PHE A 393 -9.97 20.28 -26.58
CA PHE A 393 -10.29 21.08 -27.75
C PHE A 393 -10.67 22.48 -27.32
N GLY A 394 -10.07 23.47 -27.97
CA GLY A 394 -10.38 24.86 -27.72
C GLY A 394 -9.46 25.54 -26.73
N ARG A 395 -8.65 24.80 -25.98
CA ARG A 395 -7.74 25.39 -25.01
C ARG A 395 -6.28 25.17 -25.41
N PHE A 396 -5.81 23.93 -25.45
CA PHE A 396 -4.47 23.60 -25.92
C PHE A 396 -4.58 22.31 -26.72
N ASP A 397 -4.98 22.43 -27.99
CA ASP A 397 -5.21 21.25 -28.80
C ASP A 397 -3.95 20.83 -29.55
N ARG A 398 -3.26 21.79 -30.16
CA ARG A 398 -2.01 21.52 -30.84
C ARG A 398 -0.90 21.32 -29.81
N GLU A 399 -0.03 20.34 -30.06
CA GLU A 399 1.11 20.06 -29.20
C GLU A 399 2.30 19.70 -30.05
N ILE A 400 3.37 20.48 -29.94
CA ILE A 400 4.58 20.30 -30.72
C ILE A 400 5.71 19.94 -29.77
N GLU A 401 6.46 18.89 -30.10
CA GLU A 401 7.58 18.44 -29.29
C GLU A 401 8.88 18.98 -29.87
N ILE A 402 9.63 19.72 -29.06
CA ILE A 402 10.95 20.21 -29.42
C ILE A 402 11.94 19.39 -28.61
N GLY A 403 12.49 18.34 -29.23
CA GLY A 403 13.33 17.39 -28.54
C GLY A 403 14.81 17.62 -28.78
N ILE A 404 15.60 16.59 -28.50
CA ILE A 404 17.05 16.71 -28.59
C ILE A 404 17.46 17.00 -30.03
N PRO A 405 18.45 17.86 -30.28
CA PRO A 405 18.89 18.07 -31.66
C PRO A 405 19.59 16.85 -32.22
N ASP A 406 19.59 16.76 -33.55
CA ASP A 406 20.42 15.81 -34.27
C ASP A 406 21.75 16.47 -34.57
N SER A 407 22.57 15.84 -35.43
CA SER A 407 23.89 16.39 -35.72
C SER A 407 23.79 17.77 -36.36
N ILE A 408 22.87 17.94 -37.31
CA ILE A 408 22.72 19.23 -37.97
C ILE A 408 22.24 20.28 -36.97
N GLY A 409 21.29 19.91 -36.11
CA GLY A 409 20.83 20.84 -35.09
C GLY A 409 21.93 21.24 -34.12
N ARG A 410 22.75 20.27 -33.71
CA ARG A 410 23.87 20.58 -32.83
C ARG A 410 24.85 21.52 -33.52
N LEU A 411 25.11 21.30 -34.80
CA LEU A 411 26.00 22.18 -35.54
C LEU A 411 25.43 23.59 -35.64
N GLU A 412 24.13 23.70 -35.87
CA GLU A 412 23.50 25.02 -35.90
C GLU A 412 23.63 25.71 -34.55
N ILE A 413 23.40 24.98 -33.46
CA ILE A 413 23.52 25.57 -32.14
C ILE A 413 24.94 26.05 -31.90
N LEU A 414 25.93 25.24 -32.29
CA LEU A 414 27.32 25.62 -32.10
C LEU A 414 27.66 26.86 -32.90
N ARG A 415 27.15 26.97 -34.13
CA ARG A 415 27.42 28.16 -34.92
C ARG A 415 26.75 29.38 -34.30
N ILE A 416 25.58 29.21 -33.71
CA ILE A 416 24.91 30.33 -33.07
C ILE A 416 25.68 30.79 -31.84
N HIS A 417 26.14 29.85 -31.02
CA HIS A 417 26.77 30.21 -29.76
C HIS A 417 28.18 30.76 -29.97
N THR A 418 28.87 30.35 -31.04
CA THR A 418 30.22 30.79 -31.31
C THR A 418 30.26 31.97 -32.28
N ARG A 419 29.22 32.82 -32.27
CA ARG A 419 29.22 33.98 -33.14
C ARG A 419 30.14 35.08 -32.63
N ASN A 420 30.54 35.03 -31.37
CA ASN A 420 31.44 36.01 -30.79
C ASN A 420 32.78 35.43 -30.35
N ILE A 421 32.81 34.17 -29.92
CA ILE A 421 34.07 33.53 -29.57
C ILE A 421 34.97 33.50 -30.79
N ARG A 422 36.23 33.85 -30.60
CA ARG A 422 37.22 33.78 -31.67
C ARG A 422 37.74 32.34 -31.76
N LEU A 423 37.64 31.76 -32.94
CA LEU A 423 38.00 30.36 -33.15
C LEU A 423 39.25 30.26 -34.02
N ALA A 424 40.14 29.35 -33.65
CA ALA A 424 41.35 29.14 -34.43
C ALA A 424 41.01 28.51 -35.78
N GLU A 425 41.96 28.56 -36.70
CA GLU A 425 41.74 28.06 -38.04
C GLU A 425 41.56 26.55 -38.09
N ASP A 426 41.89 25.83 -37.01
CA ASP A 426 41.83 24.38 -36.99
C ASP A 426 40.59 23.85 -36.29
N VAL A 427 39.55 24.67 -36.16
CA VAL A 427 38.32 24.25 -35.50
C VAL A 427 37.36 23.73 -36.56
N GLU A 428 36.92 22.48 -36.41
CA GLU A 428 35.96 21.84 -37.30
C GLU A 428 34.73 21.51 -36.46
N LEU A 429 33.79 22.45 -36.42
CA LEU A 429 32.61 22.28 -35.58
C LEU A 429 31.77 21.08 -36.00
N GLU A 430 31.96 20.58 -37.23
CA GLU A 430 31.21 19.40 -37.66
C GLU A 430 31.52 18.20 -36.77
N LYS A 431 32.81 17.99 -36.48
CA LYS A 431 33.18 16.85 -35.64
C LYS A 431 32.65 16.99 -34.23
N ILE A 432 32.72 18.19 -33.66
CA ILE A 432 32.19 18.40 -32.31
C ILE A 432 30.70 18.14 -32.30
N ALA A 433 29.98 18.64 -33.30
CA ALA A 433 28.55 18.39 -33.37
C ALA A 433 28.24 16.90 -33.49
N ASN A 434 29.03 16.18 -34.29
CA ASN A 434 28.78 14.76 -34.48
C ASN A 434 29.08 13.97 -33.21
N GLU A 435 30.07 14.39 -32.43
CA GLU A 435 30.49 13.64 -31.25
C GLU A 435 29.75 14.06 -29.98
N ALA A 436 28.91 15.09 -30.03
CA ALA A 436 28.24 15.60 -28.84
C ALA A 436 26.87 14.93 -28.69
N HIS A 437 26.92 13.65 -28.34
CA HIS A 437 25.69 12.89 -28.14
C HIS A 437 25.06 13.25 -26.80
N GLY A 438 23.73 13.31 -26.79
CA GLY A 438 23.01 13.64 -25.57
C GLY A 438 23.05 15.10 -25.17
N HIS A 439 23.53 15.97 -26.05
CA HIS A 439 23.66 17.38 -25.73
C HIS A 439 22.45 18.16 -26.21
N VAL A 440 22.10 19.19 -25.44
CA VAL A 440 21.08 20.16 -25.83
C VAL A 440 21.75 21.52 -25.93
N GLY A 441 20.99 22.55 -26.26
CA GLY A 441 21.60 23.86 -26.48
C GLY A 441 22.37 24.36 -25.28
N ALA A 442 21.80 24.23 -24.09
CA ALA A 442 22.50 24.67 -22.88
C ALA A 442 23.80 23.90 -22.69
N ASP A 443 23.79 22.60 -22.96
CA ASP A 443 25.00 21.80 -22.84
C ASP A 443 26.07 22.27 -23.80
N LEU A 444 25.68 22.61 -25.03
CA LEU A 444 26.66 23.09 -26.00
C LEU A 444 27.21 24.45 -25.59
N ALA A 445 26.35 25.31 -25.02
CA ALA A 445 26.84 26.58 -24.51
C ALA A 445 27.86 26.37 -23.40
N SER A 446 27.58 25.44 -22.49
CA SER A 446 28.53 25.13 -21.43
C SER A 446 29.82 24.56 -22.01
N LEU A 447 29.71 23.75 -23.06
CA LEU A 447 30.89 23.19 -23.71
C LEU A 447 31.76 24.29 -24.30
N CYS A 448 31.14 25.26 -24.97
CA CYS A 448 31.91 26.38 -25.53
C CYS A 448 32.57 27.19 -24.41
N SER A 449 31.83 27.45 -23.33
CA SER A 449 32.41 28.19 -22.21
C SER A 449 33.61 27.46 -21.63
N GLU A 450 33.50 26.15 -21.45
CA GLU A 450 34.60 25.37 -20.88
C GLU A 450 35.79 25.33 -21.83
N ALA A 451 35.56 25.25 -23.14
CA ALA A 451 36.66 25.27 -24.09
C ALA A 451 37.41 26.60 -24.04
N ALA A 452 36.66 27.70 -23.98
CA ALA A 452 37.32 29.00 -23.85
C ALA A 452 38.08 29.11 -22.54
N LEU A 453 37.51 28.58 -21.46
CA LEU A 453 38.19 28.61 -20.17
C LEU A 453 39.45 27.77 -20.17
N GLN A 454 39.46 26.67 -20.92
CA GLN A 454 40.67 25.88 -21.13
C GLN A 454 41.71 26.64 -21.91
N GLN A 455 41.29 27.41 -22.91
CA GLN A 455 42.24 28.25 -23.62
C GLN A 455 42.86 29.27 -22.68
N ILE A 456 42.04 29.86 -21.81
CA ILE A 456 42.56 30.83 -20.84
C ILE A 456 43.53 30.16 -19.90
N ARG A 457 43.20 28.95 -19.45
CA ARG A 457 44.08 28.22 -18.54
C ARG A 457 45.43 27.93 -19.19
N ASN A 458 45.41 27.38 -20.40
CA ASN A 458 46.67 27.03 -21.05
C ASN A 458 47.50 28.25 -21.40
N LYS A 459 46.88 29.37 -21.77
CA LYS A 459 47.64 30.55 -22.18
C LYS A 459 48.08 31.42 -21.02
N MET A 460 47.42 31.35 -19.87
CA MET A 460 47.79 32.18 -18.73
C MET A 460 48.03 31.34 -17.49
N ALA A 472 47.80 42.76 -23.07
CA ALA A 472 46.99 43.15 -24.20
C ALA A 472 47.27 42.24 -25.39
N GLU A 473 48.55 42.04 -25.70
CA GLU A 473 48.91 41.09 -26.75
C GLU A 473 48.48 39.67 -26.37
N VAL A 474 48.48 39.36 -25.06
CA VAL A 474 47.96 38.07 -24.61
C VAL A 474 46.50 37.93 -25.03
N LEU A 475 45.71 38.99 -24.86
CA LEU A 475 44.30 38.93 -25.22
C LEU A 475 44.12 38.79 -26.73
N ASN A 476 45.00 39.44 -27.51
CA ASN A 476 44.86 39.40 -28.97
C ASN A 476 45.09 37.99 -29.51
N SER A 477 46.06 37.26 -28.95
CA SER A 477 46.46 35.97 -29.49
C SER A 477 45.65 34.85 -28.85
N LEU A 478 44.46 35.18 -28.37
CA LEU A 478 43.62 34.29 -27.56
C LEU A 478 42.46 33.80 -28.42
N ALA A 479 42.67 32.66 -29.09
CA ALA A 479 41.66 32.05 -29.94
C ALA A 479 41.49 30.60 -29.54
N VAL A 480 40.24 30.16 -29.39
CA VAL A 480 39.98 28.78 -29.00
C VAL A 480 40.53 27.83 -30.05
N THR A 481 40.84 26.60 -29.63
CA THR A 481 41.49 25.62 -30.48
C THR A 481 40.73 24.30 -30.39
N MET A 482 41.05 23.39 -31.33
CA MET A 482 40.35 22.12 -31.39
C MET A 482 40.61 21.29 -30.14
N ASP A 483 41.85 21.32 -29.63
CA ASP A 483 42.17 20.56 -28.43
C ASP A 483 41.30 21.00 -27.25
N ASP A 484 41.06 22.30 -27.12
CA ASP A 484 40.20 22.78 -26.05
C ASP A 484 38.79 22.23 -26.20
N PHE A 485 38.27 22.21 -27.43
CA PHE A 485 36.93 21.67 -27.65
C PHE A 485 36.87 20.19 -27.30
N ARG A 486 37.89 19.43 -27.69
CA ARG A 486 37.89 18.01 -27.38
C ARG A 486 37.98 17.78 -25.87
N TRP A 487 38.80 18.57 -25.18
CA TRP A 487 38.87 18.48 -23.73
C TRP A 487 37.52 18.77 -23.10
N ALA A 488 36.86 19.83 -23.56
CA ALA A 488 35.56 20.19 -23.01
C ALA A 488 34.53 19.10 -23.25
N LEU A 489 34.52 18.53 -24.46
CA LEU A 489 33.56 17.48 -24.78
C LEU A 489 33.82 16.24 -23.94
N GLY A 490 35.09 15.92 -23.70
CA GLY A 490 35.39 14.75 -22.90
C GLY A 490 34.90 14.87 -21.47
N LYS A 491 35.07 16.05 -20.88
CA LYS A 491 34.70 16.27 -19.49
C LYS A 491 33.25 16.71 -19.31
N SER A 492 32.52 16.95 -20.39
CA SER A 492 31.15 17.40 -20.29
C SER A 492 30.22 16.25 -19.95
N ASN A 493 29.29 16.49 -19.03
CA ASN A 493 28.29 15.51 -18.63
C ASN A 493 26.93 15.96 -19.15
N PRO A 494 26.53 15.57 -20.36
CA PRO A 494 25.25 16.04 -20.91
C PRO A 494 24.07 15.63 -20.04
N SER A 495 23.05 16.48 -20.05
CA SER A 495 21.85 16.29 -19.25
C SER A 495 20.78 15.47 -19.95
N ALA A 496 20.99 15.09 -21.21
CA ALA A 496 19.99 14.38 -21.99
C ALA A 496 20.54 13.07 -22.55
N LEU A 497 21.29 12.34 -21.72
CA LEU A 497 21.82 11.04 -22.14
C LEU A 497 20.74 9.97 -22.11
N ARG A 498 19.83 10.03 -21.14
CA ARG A 498 18.85 8.98 -20.95
C ARG A 498 17.57 9.19 -21.76
N GLU A 499 17.49 10.27 -22.53
CA GLU A 499 16.30 10.57 -23.31
C GLU A 499 16.36 9.87 -24.66
N THR A 500 15.22 9.36 -25.10
CA THR A 500 15.15 8.62 -26.35
C THR A 500 15.49 9.53 -27.52
N THR A 501 16.17 8.98 -28.52
CA THR A 501 16.58 9.71 -29.71
C THR A 501 15.74 9.27 -30.89
N VAL A 502 15.27 10.24 -31.68
CA VAL A 502 14.47 9.99 -32.86
C VAL A 502 15.19 10.67 -34.03
N GLU A 503 15.88 9.89 -34.84
CA GLU A 503 16.60 10.43 -35.98
C GLU A 503 16.80 9.32 -37.00
N VAL A 504 17.11 9.72 -38.23
CA VAL A 504 17.39 8.76 -39.30
C VAL A 504 18.81 8.24 -39.09
N PRO A 505 19.00 6.95 -38.85
CA PRO A 505 20.35 6.45 -38.59
C PRO A 505 21.26 6.59 -39.80
N ASN A 506 22.56 6.72 -39.52
CA ASN A 506 23.58 6.86 -40.55
C ASN A 506 24.20 5.51 -40.92
N VAL A 507 23.43 4.43 -40.82
CA VAL A 507 23.91 3.09 -41.15
C VAL A 507 23.32 2.71 -42.50
N THR A 508 24.19 2.38 -43.45
CA THR A 508 23.79 1.98 -44.79
C THR A 508 23.88 0.46 -44.93
N TRP A 509 23.33 -0.04 -46.05
CA TRP A 509 23.39 -1.47 -46.31
C TRP A 509 24.83 -1.95 -46.39
N ASP A 510 25.71 -1.14 -46.99
CA ASP A 510 27.08 -1.60 -47.25
C ASP A 510 27.82 -1.94 -45.98
N ASP A 511 27.44 -1.33 -44.85
CA ASP A 511 28.18 -1.55 -43.61
C ASP A 511 27.91 -2.93 -43.03
N ILE A 512 26.75 -3.52 -43.32
CA ILE A 512 26.34 -4.77 -42.70
C ILE A 512 26.16 -5.91 -43.69
N GLY A 513 26.13 -5.63 -44.99
CA GLY A 513 25.87 -6.66 -45.96
C GLY A 513 24.43 -7.14 -45.92
N GLY A 514 24.22 -8.34 -45.41
CA GLY A 514 22.89 -8.89 -45.28
C GLY A 514 22.53 -9.80 -46.45
N LEU A 515 21.58 -10.69 -46.19
CA LEU A 515 21.09 -11.61 -47.22
C LEU A 515 20.15 -10.86 -48.16
N GLU A 516 20.30 -11.11 -49.46
CA GLU A 516 19.47 -10.40 -50.43
C GLU A 516 18.00 -10.74 -50.24
N ASN A 517 17.69 -11.94 -49.73
CA ASN A 517 16.31 -12.26 -49.41
C ASN A 517 15.75 -11.30 -48.37
N VAL A 518 16.50 -11.08 -47.28
CA VAL A 518 16.06 -10.14 -46.26
C VAL A 518 16.00 -8.73 -46.83
N LYS A 519 17.01 -8.34 -47.61
CA LYS A 519 17.01 -7.01 -48.19
C LYS A 519 15.85 -6.78 -49.15
N ARG A 520 15.28 -7.84 -49.69
CA ARG A 520 14.11 -7.71 -50.56
C ARG A 520 12.81 -7.69 -49.75
N GLU A 521 12.67 -8.61 -48.80
CA GLU A 521 11.43 -8.67 -48.04
C GLU A 521 11.25 -7.41 -47.18
N LEU A 522 12.32 -6.95 -46.54
CA LEU A 522 12.20 -5.73 -45.73
C LEU A 522 11.85 -4.54 -46.61
N GLN A 523 12.46 -4.45 -47.80
CA GLN A 523 12.10 -3.39 -48.72
C GLN A 523 10.62 -3.44 -49.05
N GLU A 524 10.12 -4.62 -49.43
CA GLU A 524 8.70 -4.76 -49.73
C GLU A 524 7.84 -4.30 -48.56
N LEU A 525 8.18 -4.74 -47.35
CA LEU A 525 7.33 -4.45 -46.20
C LEU A 525 7.32 -2.97 -45.87
N VAL A 526 8.46 -2.30 -45.95
CA VAL A 526 8.57 -0.94 -45.43
C VAL A 526 8.57 0.09 -46.56
N GLN A 527 9.53 -0.01 -47.47
CA GLN A 527 9.74 1.06 -48.44
C GLN A 527 8.55 1.19 -49.38
N TYR A 528 8.00 0.08 -49.87
CA TYR A 528 6.93 0.15 -50.86
C TYR A 528 5.71 0.90 -50.34
N PRO A 529 5.17 0.60 -49.16
CA PRO A 529 4.07 1.42 -48.65
C PRO A 529 4.40 2.90 -48.55
N VAL A 530 5.63 3.21 -48.12
CA VAL A 530 6.01 4.61 -47.94
C VAL A 530 6.17 5.31 -49.27
N GLU A 531 6.81 4.64 -50.24
CA GLU A 531 7.16 5.28 -51.50
C GLU A 531 6.20 4.97 -52.65
N HIS A 532 5.44 3.87 -52.57
CA HIS A 532 4.47 3.50 -53.59
C HIS A 532 3.13 3.16 -52.94
N PRO A 533 2.46 4.17 -52.37
CA PRO A 533 1.13 3.91 -51.79
C PRO A 533 0.01 3.88 -52.82
N ASP A 534 0.22 4.48 -54.00
CA ASP A 534 -0.81 4.47 -55.02
C ASP A 534 -1.15 3.05 -55.44
N LYS A 535 -0.14 2.20 -55.64
CA LYS A 535 -0.39 0.82 -56.03
C LYS A 535 -1.09 0.05 -54.92
N PHE A 536 -0.71 0.31 -53.66
CA PHE A 536 -1.38 -0.35 -52.55
C PHE A 536 -2.85 0.01 -52.51
N LEU A 537 -3.18 1.29 -52.71
CA LEU A 537 -4.58 1.67 -52.77
C LEU A 537 -5.28 1.04 -53.97
N LYS A 538 -4.60 1.00 -55.11
CA LYS A 538 -5.22 0.46 -56.33
C LYS A 538 -5.58 -1.00 -56.16
N PHE A 539 -4.62 -1.83 -55.72
CA PHE A 539 -4.88 -3.25 -55.58
C PHE A 539 -5.60 -3.61 -54.30
N GLY A 540 -5.73 -2.68 -53.35
CA GLY A 540 -6.59 -2.85 -52.21
C GLY A 540 -5.99 -3.56 -51.02
N MET A 541 -4.77 -4.09 -51.14
CA MET A 541 -4.17 -4.80 -50.02
C MET A 541 -3.94 -3.86 -48.85
N THR A 542 -4.26 -4.34 -47.65
CA THR A 542 -3.96 -3.60 -46.44
C THR A 542 -2.49 -3.81 -46.06
N PRO A 543 -1.67 -2.77 -46.03
CA PRO A 543 -0.27 -2.95 -45.71
C PRO A 543 -0.07 -3.67 -44.38
N SER A 544 0.68 -4.76 -44.41
CA SER A 544 1.01 -5.50 -43.20
C SER A 544 2.15 -4.81 -42.47
N LYS A 545 1.88 -4.35 -41.26
CA LYS A 545 2.88 -3.67 -40.45
C LYS A 545 3.27 -4.57 -39.28
N GLY A 546 4.56 -4.79 -39.10
CA GLY A 546 5.03 -5.65 -38.04
C GLY A 546 5.85 -6.80 -38.60
N VAL A 547 7.02 -7.01 -37.99
CA VAL A 547 7.88 -8.14 -38.34
C VAL A 547 8.74 -8.47 -37.13
N LEU A 548 8.81 -9.75 -36.79
CA LEU A 548 9.61 -10.22 -35.65
C LEU A 548 10.90 -10.80 -36.18
N PHE A 549 12.01 -10.11 -35.94
CA PHE A 549 13.33 -10.64 -36.26
C PHE A 549 13.74 -11.66 -35.22
N TYR A 550 14.17 -12.83 -35.66
CA TYR A 550 14.69 -13.86 -34.78
C TYR A 550 15.95 -14.44 -35.39
N GLY A 551 16.94 -14.70 -34.55
CA GLY A 551 18.20 -15.25 -35.01
C GLY A 551 19.23 -15.28 -33.90
N PRO A 552 20.44 -15.69 -34.25
CA PRO A 552 21.49 -15.76 -33.23
C PRO A 552 21.79 -14.38 -32.68
N PRO A 553 22.16 -14.29 -31.40
CA PRO A 553 22.50 -12.98 -30.84
C PRO A 553 23.64 -12.34 -31.60
N GLY A 554 23.57 -11.01 -31.72
CA GLY A 554 24.61 -10.28 -32.41
C GLY A 554 24.15 -8.89 -32.79
N CYS A 555 24.79 -8.30 -33.80
CA CYS A 555 24.47 -6.90 -34.19
C CYS A 555 23.63 -6.87 -35.48
N GLY A 556 23.37 -8.00 -36.16
CA GLY A 556 22.67 -7.93 -37.44
C GLY A 556 21.27 -7.37 -37.34
N LYS A 557 20.50 -7.86 -36.36
CA LYS A 557 19.09 -7.48 -36.27
C LYS A 557 18.94 -5.97 -36.13
N THR A 558 19.51 -5.39 -35.08
CA THR A 558 19.34 -3.97 -34.80
C THR A 558 20.06 -3.08 -35.79
N LEU A 559 21.04 -3.59 -36.53
CA LEU A 559 21.63 -2.85 -37.62
C LEU A 559 20.86 -3.02 -38.91
N LEU A 560 20.17 -4.15 -39.09
CA LEU A 560 19.30 -4.28 -40.26
C LEU A 560 18.11 -3.34 -40.16
N ALA A 561 17.53 -3.23 -38.97
CA ALA A 561 16.43 -2.29 -38.79
C ALA A 561 16.88 -0.87 -39.08
N LYS A 562 18.06 -0.49 -38.60
CA LYS A 562 18.58 0.83 -38.87
C LYS A 562 18.85 1.02 -40.36
N ALA A 563 19.35 -0.01 -41.04
CA ALA A 563 19.62 0.10 -42.46
C ALA A 563 18.33 0.35 -43.24
N ILE A 564 17.28 -0.40 -42.93
CA ILE A 564 16.03 -0.20 -43.65
C ILE A 564 15.44 1.17 -43.34
N ALA A 565 15.60 1.63 -42.09
CA ALA A 565 15.15 2.97 -41.77
C ALA A 565 15.91 4.01 -42.58
N ASN A 566 17.22 3.83 -42.73
CA ASN A 566 18.04 4.78 -43.48
C ASN A 566 17.68 4.78 -44.96
N GLU A 567 17.35 3.61 -45.52
CA GLU A 567 17.00 3.54 -46.93
C GLU A 567 15.81 4.44 -47.24
N CYS A 568 14.79 4.41 -46.39
CA CYS A 568 13.57 5.17 -46.61
C CYS A 568 13.59 6.54 -45.94
N GLN A 569 14.72 6.93 -45.34
CA GLN A 569 14.84 8.22 -44.67
C GLN A 569 13.76 8.37 -43.61
N ALA A 570 13.49 7.29 -42.89
CA ALA A 570 12.46 7.26 -41.87
C ALA A 570 13.09 7.33 -40.49
N ASN A 571 12.32 7.83 -39.53
CA ASN A 571 12.80 7.93 -38.16
C ASN A 571 12.95 6.55 -37.55
N PHE A 572 13.90 6.43 -36.61
CA PHE A 572 14.20 5.16 -35.96
C PHE A 572 14.10 5.34 -34.46
N ILE A 573 13.32 4.49 -33.81
CA ILE A 573 13.15 4.49 -32.36
C ILE A 573 13.60 3.13 -31.84
N SER A 574 14.66 3.11 -31.03
CA SER A 574 15.20 1.90 -30.47
C SER A 574 14.81 1.81 -29.01
N ILE A 575 14.21 0.69 -28.61
CA ILE A 575 13.77 0.47 -27.25
C ILE A 575 14.17 -0.95 -26.83
N LYS A 576 14.83 -1.06 -25.69
CA LYS A 576 15.28 -2.34 -25.16
C LYS A 576 14.40 -2.76 -24.00
N GLY A 577 14.42 -4.07 -23.70
CA GLY A 577 13.64 -4.62 -22.62
C GLY A 577 13.93 -4.05 -21.26
N PRO A 578 15.19 -3.85 -20.88
CA PRO A 578 15.47 -3.20 -19.59
C PRO A 578 14.83 -1.84 -19.46
N GLU A 579 14.81 -1.07 -20.55
CA GLU A 579 14.20 0.26 -20.49
C GLU A 579 12.71 0.17 -20.19
N LEU A 580 12.01 -0.76 -20.85
CA LEU A 580 10.57 -0.84 -20.68
C LEU A 580 10.19 -1.46 -19.34
N LEU A 581 10.95 -2.46 -18.90
CA LEU A 581 10.64 -3.09 -17.62
C LEU A 581 10.77 -2.09 -16.48
N THR A 582 11.79 -1.24 -16.51
CA THR A 582 11.97 -0.23 -15.48
C THR A 582 10.98 0.91 -15.68
N ASN A 591 6.14 4.12 -20.67
CA ASN A 591 4.71 3.93 -20.43
C ASN A 591 4.04 3.22 -21.60
N VAL A 592 4.84 2.81 -22.58
CA VAL A 592 4.33 2.14 -23.78
C VAL A 592 3.52 3.13 -24.60
N ARG A 593 2.41 3.63 -24.04
CA ARG A 593 1.56 4.54 -24.79
C ARG A 593 2.34 5.78 -25.22
N ASP A 594 3.24 6.26 -24.38
CA ASP A 594 4.09 7.39 -24.78
C ASP A 594 4.99 7.01 -25.94
N ILE A 595 5.52 5.79 -25.95
CA ILE A 595 6.37 5.34 -27.04
C ILE A 595 5.59 5.35 -28.36
N PHE A 596 4.38 4.78 -28.34
CA PHE A 596 3.60 4.75 -29.57
C PHE A 596 3.14 6.13 -29.99
N ASP A 597 2.86 7.02 -29.04
CA ASP A 597 2.53 8.39 -29.41
C ASP A 597 3.72 9.08 -30.08
N LYS A 598 4.92 8.88 -29.52
CA LYS A 598 6.11 9.46 -30.13
C LYS A 598 6.37 8.87 -31.51
N ALA A 599 5.98 7.61 -31.71
CA ALA A 599 6.09 7.02 -33.04
C ALA A 599 5.08 7.63 -34.00
N ARG A 600 3.84 7.83 -33.52
CA ARG A 600 2.81 8.43 -34.37
C ARG A 600 3.19 9.84 -34.79
N GLN A 601 3.79 10.60 -33.88
CA GLN A 601 4.20 11.96 -34.23
C GLN A 601 5.18 11.96 -35.40
N ALA A 602 5.90 10.87 -35.63
CA ALA A 602 6.78 10.71 -36.78
C ALA A 602 6.09 9.83 -37.81
N ALA A 603 5.83 10.37 -38.99
CA ALA A 603 4.98 9.67 -39.95
C ALA A 603 5.67 8.41 -40.47
N PRO A 604 6.77 8.50 -41.21
CA PRO A 604 7.59 7.29 -41.41
C PRO A 604 8.40 6.99 -40.16
N CYS A 605 8.20 5.79 -39.60
CA CYS A 605 8.91 5.41 -38.38
C CYS A 605 9.17 3.92 -38.39
N VAL A 606 10.26 3.53 -37.73
CA VAL A 606 10.63 2.12 -37.55
C VAL A 606 10.80 1.91 -36.06
N LEU A 607 9.74 1.46 -35.39
CA LEU A 607 9.77 1.26 -33.95
C LEU A 607 10.40 -0.11 -33.65
N PHE A 608 11.62 -0.09 -33.12
CA PHE A 608 12.38 -1.30 -32.84
C PHE A 608 12.22 -1.67 -31.38
N PHE A 609 11.73 -2.87 -31.12
CA PHE A 609 11.56 -3.40 -29.77
C PHE A 609 12.58 -4.53 -29.59
N ASP A 610 13.79 -4.17 -29.16
CA ASP A 610 14.84 -5.15 -28.96
C ASP A 610 14.59 -5.95 -27.69
N GLU A 611 15.13 -7.17 -27.67
CA GLU A 611 14.98 -8.07 -26.54
C GLU A 611 13.51 -8.22 -26.15
N LEU A 612 12.69 -8.55 -27.15
CA LEU A 612 11.26 -8.68 -26.92
C LEU A 612 10.91 -9.85 -26.02
N ASP A 613 11.84 -10.81 -25.84
CA ASP A 613 11.53 -11.98 -25.03
C ASP A 613 11.27 -11.59 -23.58
N SER A 614 12.03 -10.63 -23.06
CA SER A 614 11.90 -10.26 -21.66
C SER A 614 10.52 -9.75 -21.31
N ILE A 615 9.74 -9.32 -22.31
CA ILE A 615 8.41 -8.75 -22.07
C ILE A 615 7.37 -9.83 -22.32
N ALA A 616 7.31 -10.34 -23.55
CA ALA A 616 6.33 -11.33 -23.94
C ALA A 616 6.89 -12.73 -23.70
N LYS A 617 6.20 -13.52 -22.87
CA LYS A 617 6.63 -14.88 -22.58
C LYS A 617 5.50 -15.68 -21.94
N ASP A 631 3.35 -8.96 -16.74
CA ASP A 631 2.10 -9.26 -17.43
C ASP A 631 1.40 -7.98 -17.86
N ARG A 632 1.50 -6.94 -17.02
CA ARG A 632 0.87 -5.67 -17.36
C ARG A 632 1.45 -5.09 -18.64
N VAL A 633 2.78 -5.11 -18.78
CA VAL A 633 3.42 -4.50 -19.94
C VAL A 633 2.98 -5.23 -21.21
N ILE A 634 2.90 -6.56 -21.16
CA ILE A 634 2.50 -7.33 -22.33
C ILE A 634 1.16 -6.84 -22.84
N ASN A 635 0.12 -6.94 -22.00
CA ASN A 635 -1.22 -6.57 -22.44
C ASN A 635 -1.27 -5.13 -22.94
N GLN A 636 -0.54 -4.22 -22.29
CA GLN A 636 -0.51 -2.84 -22.76
C GLN A 636 0.07 -2.76 -24.16
N LEU A 637 1.13 -3.53 -24.44
CA LEU A 637 1.68 -3.55 -25.78
C LEU A 637 0.70 -4.14 -26.78
N LEU A 638 0.01 -5.22 -26.40
CA LEU A 638 -0.96 -5.84 -27.29
C LEU A 638 -2.09 -4.87 -27.64
N THR A 639 -2.70 -4.27 -26.62
CA THR A 639 -3.84 -3.38 -26.87
C THR A 639 -3.42 -2.15 -27.67
N GLU A 640 -2.28 -1.56 -27.33
CA GLU A 640 -1.84 -0.37 -28.05
C GLU A 640 -1.51 -0.70 -29.49
N MET A 641 -0.92 -1.85 -29.75
CA MET A 641 -0.62 -2.25 -31.12
C MET A 641 -1.86 -2.72 -31.86
N ASP A 642 -2.83 -3.29 -31.14
CA ASP A 642 -4.08 -3.66 -31.79
C ASP A 642 -4.81 -2.44 -32.33
N GLY A 643 -4.85 -1.36 -31.54
CA GLY A 643 -5.51 -0.15 -31.94
C GLY A 643 -4.61 0.79 -32.71
N MET A 644 -3.81 0.23 -33.62
CA MET A 644 -2.92 1.01 -34.47
C MET A 644 -3.44 0.96 -35.90
N SER A 645 -3.64 2.13 -36.49
CA SER A 645 -4.16 2.19 -37.85
C SER A 645 -3.16 1.57 -38.82
N ALA A 646 -3.61 0.52 -39.53
CA ALA A 646 -2.74 -0.18 -40.45
C ALA A 646 -2.35 0.68 -41.65
N LYS A 647 -3.07 1.77 -41.91
CA LYS A 647 -2.79 2.65 -43.03
C LYS A 647 -1.84 3.77 -42.65
N LYS A 648 -1.29 3.75 -41.44
CA LYS A 648 -0.32 4.74 -41.00
C LYS A 648 1.08 4.15 -41.11
N ASN A 649 2.03 4.97 -41.53
CA ASN A 649 3.37 4.48 -41.89
C ASN A 649 4.27 4.30 -40.68
N VAL A 650 3.82 3.52 -39.69
CA VAL A 650 4.63 3.17 -38.53
C VAL A 650 4.81 1.66 -38.54
N PHE A 651 6.06 1.21 -38.54
CA PHE A 651 6.40 -0.20 -38.61
C PHE A 651 7.04 -0.64 -37.30
N ILE A 652 6.53 -1.74 -36.75
CA ILE A 652 6.99 -2.27 -35.47
C ILE A 652 7.88 -3.47 -35.76
N ILE A 653 9.18 -3.31 -35.60
CA ILE A 653 10.15 -4.37 -35.87
C ILE A 653 10.63 -4.92 -34.54
N GLY A 654 10.15 -6.09 -34.17
CA GLY A 654 10.65 -6.75 -32.99
C GLY A 654 11.94 -7.49 -33.25
N ALA A 655 12.55 -7.97 -32.17
CA ALA A 655 13.81 -8.70 -32.26
C ALA A 655 13.98 -9.51 -30.98
N THR A 656 14.05 -10.84 -31.11
CA THR A 656 14.24 -11.72 -29.97
C THR A 656 15.25 -12.79 -30.32
N ASN A 657 16.19 -13.05 -29.40
CA ASN A 657 17.14 -14.12 -29.62
C ASN A 657 16.51 -15.49 -29.42
N ARG A 658 15.52 -15.58 -28.54
CA ARG A 658 14.83 -16.83 -28.23
C ARG A 658 13.43 -16.80 -28.83
N PRO A 659 13.25 -17.20 -30.10
CA PRO A 659 11.94 -17.10 -30.73
C PRO A 659 10.94 -18.16 -30.31
N ASP A 660 11.31 -19.05 -29.38
CA ASP A 660 10.41 -20.10 -28.92
C ASP A 660 9.70 -19.75 -27.62
N ILE A 661 10.25 -18.84 -26.83
CA ILE A 661 9.65 -18.46 -25.55
C ILE A 661 8.77 -17.24 -25.76
N ILE A 662 8.56 -16.84 -27.02
CA ILE A 662 7.76 -15.67 -27.32
C ILE A 662 6.29 -16.07 -27.34
N ASP A 663 5.46 -15.32 -26.62
CA ASP A 663 4.05 -15.63 -26.54
C ASP A 663 3.41 -15.61 -27.92
N GLY A 664 2.50 -16.55 -28.15
CA GLY A 664 1.82 -16.63 -29.44
C GLY A 664 0.88 -15.48 -29.71
N ALA A 665 0.44 -14.77 -28.66
CA ALA A 665 -0.45 -13.64 -28.87
C ALA A 665 0.21 -12.56 -29.70
N ILE A 666 1.49 -12.30 -29.45
CA ILE A 666 2.20 -11.26 -30.19
C ILE A 666 2.23 -11.58 -31.68
N LEU A 667 2.22 -12.85 -32.04
CA LEU A 667 2.35 -13.26 -33.43
C LEU A 667 1.02 -13.43 -34.14
N ARG A 668 -0.10 -13.16 -33.47
CA ARG A 668 -1.39 -13.25 -34.14
C ARG A 668 -1.45 -12.21 -35.26
N PRO A 669 -1.86 -12.59 -36.47
CA PRO A 669 -1.98 -11.61 -37.56
C PRO A 669 -2.70 -10.35 -37.10
N GLY A 670 -2.32 -9.23 -37.72
CA GLY A 670 -2.73 -7.92 -37.27
C GLY A 670 -1.87 -7.35 -36.18
N ARG A 671 -0.99 -8.15 -35.58
CA ARG A 671 -0.07 -7.68 -34.55
C ARG A 671 1.38 -7.77 -35.01
N LEU A 672 1.86 -8.98 -35.32
CA LEU A 672 3.19 -9.21 -35.90
C LEU A 672 3.06 -10.49 -36.73
N ASP A 673 2.84 -10.33 -38.02
CA ASP A 673 2.39 -11.40 -38.89
C ASP A 673 3.43 -11.83 -39.92
N GLN A 674 4.71 -11.80 -39.53
CA GLN A 674 5.75 -12.27 -40.43
C GLN A 674 7.06 -12.49 -39.69
N LEU A 675 7.67 -13.64 -39.93
CA LEU A 675 8.92 -14.02 -39.27
C LEU A 675 10.05 -13.98 -40.28
N ILE A 676 11.14 -13.29 -39.91
CA ILE A 676 12.34 -13.21 -40.74
C ILE A 676 13.51 -13.78 -39.94
N TYR A 677 14.29 -14.64 -40.57
CA TYR A 677 15.43 -15.29 -39.93
C TYR A 677 16.72 -14.64 -40.41
N ILE A 678 17.56 -14.24 -39.47
CA ILE A 678 18.83 -13.58 -39.77
C ILE A 678 19.95 -14.54 -39.41
N PRO A 679 20.58 -15.21 -40.37
CA PRO A 679 21.57 -16.25 -40.06
C PRO A 679 22.94 -15.65 -39.77
N LEU A 680 23.91 -16.54 -39.53
CA LEU A 680 25.28 -16.10 -39.42
C LEU A 680 25.73 -15.48 -40.74
N PRO A 681 26.45 -14.35 -40.70
CA PRO A 681 26.85 -13.73 -41.97
C PRO A 681 27.67 -14.68 -42.82
N ASP A 682 27.43 -14.62 -44.13
CA ASP A 682 28.12 -15.47 -45.09
C ASP A 682 29.48 -14.85 -45.38
N GLU A 683 30.18 -15.36 -46.40
CA GLU A 683 31.51 -14.88 -46.72
C GLU A 683 31.49 -13.39 -47.06
N ALA A 684 30.63 -13.00 -47.99
CA ALA A 684 30.57 -11.59 -48.38
C ALA A 684 30.16 -10.72 -47.21
N SER A 685 29.19 -11.18 -46.42
CA SER A 685 28.75 -10.41 -45.26
C SER A 685 29.89 -10.25 -44.26
N ARG A 686 30.68 -11.31 -44.06
CA ARG A 686 31.82 -11.20 -43.15
C ARG A 686 32.85 -10.21 -43.69
N VAL A 687 33.10 -10.23 -45.00
CA VAL A 687 34.04 -9.27 -45.58
C VAL A 687 33.54 -7.85 -45.33
N ASN A 688 32.24 -7.62 -45.55
CA ASN A 688 31.69 -6.29 -45.33
C ASN A 688 31.83 -5.87 -43.87
N ILE A 689 31.52 -6.78 -42.94
CA ILE A 689 31.61 -6.45 -41.53
C ILE A 689 33.04 -6.10 -41.15
N LEU A 690 34.00 -6.90 -41.62
CA LEU A 690 35.40 -6.63 -41.32
C LEU A 690 35.82 -5.26 -41.86
N LYS A 691 35.45 -4.96 -43.11
CA LYS A 691 35.84 -3.68 -43.69
C LYS A 691 35.18 -2.52 -42.95
N ALA A 692 33.95 -2.70 -42.50
CA ALA A 692 33.26 -1.62 -41.80
C ALA A 692 33.85 -1.38 -40.42
N ASN A 693 34.21 -2.46 -39.72
CA ASN A 693 34.75 -2.30 -38.36
C ASN A 693 36.10 -1.58 -38.39
N LEU A 694 36.96 -1.89 -39.36
CA LEU A 694 38.31 -1.36 -39.42
C LEU A 694 38.41 -0.13 -40.31
N ARG A 695 37.29 0.51 -40.62
CA ARG A 695 37.32 1.68 -41.49
C ARG A 695 38.09 2.82 -40.85
N LYS A 696 37.92 3.03 -39.54
CA LYS A 696 38.55 4.14 -38.83
C LYS A 696 39.96 3.82 -38.35
N SER A 697 40.45 2.61 -38.60
CA SER A 697 41.77 2.21 -38.12
C SER A 697 42.77 2.17 -39.28
N PRO A 698 43.99 2.68 -39.08
CA PRO A 698 44.98 2.64 -40.19
C PRO A 698 45.46 1.24 -40.49
N ILE A 699 44.61 0.43 -41.11
CA ILE A 699 44.99 -0.94 -41.45
C ILE A 699 46.17 -0.91 -42.42
N ALA A 700 46.93 -2.00 -42.42
CA ALA A 700 48.09 -2.11 -43.29
C ALA A 700 47.66 -2.59 -44.68
N ARG A 701 48.65 -2.73 -45.56
CA ARG A 701 48.38 -3.12 -46.95
C ARG A 701 48.48 -4.62 -47.17
N ASP A 702 49.29 -5.32 -46.39
CA ASP A 702 49.52 -6.74 -46.64
C ASP A 702 48.34 -7.60 -46.20
N VAL A 703 47.56 -7.16 -45.21
CA VAL A 703 46.49 -7.98 -44.68
C VAL A 703 45.44 -8.19 -45.77
N ASP A 704 45.04 -9.44 -45.97
CA ASP A 704 44.02 -9.81 -46.95
C ASP A 704 42.73 -10.09 -46.20
N ILE A 705 41.81 -9.12 -46.22
CA ILE A 705 40.53 -9.29 -45.54
C ILE A 705 39.76 -10.47 -46.12
N ASN A 706 39.95 -10.74 -47.41
CA ASN A 706 39.30 -11.91 -48.01
C ASN A 706 39.78 -13.20 -47.37
N PHE A 707 41.08 -13.31 -47.11
CA PHE A 707 41.60 -14.50 -46.46
C PHE A 707 41.01 -14.66 -45.06
N LEU A 708 40.93 -13.56 -44.31
CA LEU A 708 40.33 -13.63 -42.98
C LEU A 708 38.88 -14.07 -43.06
N ALA A 709 38.12 -13.52 -44.01
CA ALA A 709 36.73 -13.92 -44.18
C ALA A 709 36.63 -15.41 -44.49
N LYS A 710 37.53 -15.92 -45.34
CA LYS A 710 37.55 -17.34 -45.63
C LYS A 710 37.82 -18.15 -44.35
N ALA A 711 38.77 -17.68 -43.53
CA ALA A 711 39.14 -18.42 -42.33
C ALA A 711 38.05 -18.32 -41.27
N THR A 712 37.44 -17.15 -41.12
CA THR A 712 36.40 -16.94 -40.10
C THR A 712 35.08 -17.44 -40.66
N GLN A 713 34.63 -18.60 -40.16
CA GLN A 713 33.37 -19.20 -40.55
C GLN A 713 32.42 -19.21 -39.37
N GLY A 714 31.20 -18.74 -39.59
CA GLY A 714 30.20 -18.75 -38.55
C GLY A 714 30.49 -17.85 -37.37
N PHE A 715 31.42 -16.92 -37.51
CA PHE A 715 31.70 -15.97 -36.45
C PHE A 715 30.62 -14.89 -36.42
N SER A 716 30.00 -14.72 -35.27
CA SER A 716 28.92 -13.74 -35.14
C SER A 716 29.47 -12.34 -35.31
N GLY A 717 28.55 -11.37 -35.33
CA GLY A 717 28.94 -10.00 -35.53
C GLY A 717 29.86 -9.48 -34.43
N ALA A 718 29.57 -9.82 -33.18
CA ALA A 718 30.44 -9.41 -32.08
C ALA A 718 31.81 -10.04 -32.22
N ASP A 719 31.88 -11.30 -32.66
CA ASP A 719 33.16 -11.96 -32.84
C ASP A 719 34.07 -11.16 -33.76
N LEU A 720 33.57 -10.78 -34.93
CA LEU A 720 34.39 -10.02 -35.85
C LEU A 720 34.78 -8.67 -35.26
N THR A 721 33.85 -8.01 -34.58
CA THR A 721 34.20 -6.77 -33.90
C THR A 721 35.24 -7.00 -32.83
N GLU A 722 35.08 -8.06 -32.03
CA GLU A 722 36.05 -8.35 -30.98
C GLU A 722 37.40 -8.74 -31.58
N ILE A 723 37.40 -9.55 -32.64
CA ILE A 723 38.66 -9.89 -33.30
C ILE A 723 39.39 -8.61 -33.72
N CYS A 724 38.65 -7.67 -34.31
CA CYS A 724 39.25 -6.40 -34.69
C CYS A 724 39.74 -5.63 -33.47
N GLN A 725 38.98 -5.65 -32.38
CA GLN A 725 39.39 -4.93 -31.18
C GLN A 725 40.71 -5.46 -30.64
N ARG A 726 40.88 -6.77 -30.62
CA ARG A 726 42.13 -7.35 -30.12
C ARG A 726 43.31 -6.93 -30.98
N ALA A 727 43.14 -6.94 -32.29
CA ALA A 727 44.24 -6.54 -33.17
C ALA A 727 44.65 -5.09 -32.90
N CYS A 728 43.66 -4.20 -32.73
CA CYS A 728 43.97 -2.83 -32.35
C CYS A 728 44.58 -2.77 -30.96
N LYS A 729 44.05 -3.56 -30.03
CA LYS A 729 44.56 -3.53 -28.66
C LYS A 729 46.02 -3.95 -28.61
N GLN A 730 46.38 -5.01 -29.32
CA GLN A 730 47.77 -5.44 -29.35
C GLN A 730 48.67 -4.37 -29.95
N ALA A 731 48.25 -3.79 -31.10
CA ALA A 731 49.08 -2.79 -31.75
C ALA A 731 49.36 -1.61 -30.83
N ILE A 732 48.41 -1.28 -29.96
CA ILE A 732 48.65 -0.22 -28.98
C ILE A 732 49.79 -0.62 -28.05
N ARG A 733 49.81 -1.87 -27.60
CA ARG A 733 50.87 -2.33 -26.71
C ARG A 733 52.23 -2.21 -27.36
N GLU A 734 52.37 -2.75 -28.58
CA GLU A 734 53.64 -2.63 -29.28
C GLU A 734 54.00 -1.17 -29.51
N SER A 735 53.00 -0.30 -29.68
CA SER A 735 53.29 1.13 -29.79
C SER A 735 53.86 1.67 -28.48
N ILE A 736 53.29 1.28 -27.34
CA ILE A 736 53.85 1.67 -26.06
C ILE A 736 55.21 1.02 -25.84
N GLU A 737 55.29 -0.29 -26.08
CA GLU A 737 56.54 -1.00 -25.84
C GLU A 737 57.68 -0.42 -26.66
N ALA A 738 57.42 -0.12 -27.93
CA ALA A 738 58.43 0.55 -28.75
C ALA A 738 58.78 1.92 -28.18
N GLU A 739 57.76 2.68 -27.75
CA GLU A 739 58.01 4.01 -27.22
C GLU A 739 58.86 3.95 -25.96
N ILE A 740 58.54 3.01 -25.06
CA ILE A 740 59.32 2.87 -23.83
C ILE A 740 60.75 2.48 -24.15
N ARG A 741 60.93 1.54 -25.08
CA ARG A 741 62.28 1.14 -25.47
C ARG A 741 63.04 2.31 -26.06
N ALA A 742 62.38 3.13 -26.89
CA ALA A 742 63.02 4.29 -27.49
C ALA A 742 63.46 5.28 -26.41
N ASP A 758 56.91 6.59 -36.90
CA ASP A 758 56.58 5.70 -35.78
C ASP A 758 57.06 4.29 -36.05
N PRO A 759 57.18 3.47 -35.00
CA PRO A 759 57.62 2.09 -35.19
C PRO A 759 56.50 1.15 -35.59
N VAL A 760 55.27 1.47 -35.19
CA VAL A 760 54.11 0.66 -35.51
C VAL A 760 53.03 1.57 -36.11
N PRO A 761 53.17 1.97 -37.37
CA PRO A 761 52.21 2.92 -37.94
C PRO A 761 50.86 2.31 -38.28
N GLU A 762 50.83 1.00 -38.56
CA GLU A 762 49.60 0.38 -39.04
C GLU A 762 49.51 -1.05 -38.52
N ILE A 763 48.27 -1.56 -38.51
CA ILE A 763 48.00 -2.91 -38.05
C ILE A 763 48.55 -3.89 -39.08
N THR A 764 49.60 -4.62 -38.69
CA THR A 764 50.23 -5.58 -39.59
C THR A 764 49.54 -6.93 -39.50
N ARG A 765 50.03 -7.90 -40.29
CA ARG A 765 49.44 -9.23 -40.30
C ARG A 765 49.61 -9.94 -38.96
N ARG A 766 50.78 -9.77 -38.33
CA ARG A 766 51.07 -10.51 -37.10
C ARG A 766 50.02 -10.20 -36.03
N HIS A 767 49.59 -8.95 -35.94
CA HIS A 767 48.57 -8.60 -34.96
C HIS A 767 47.29 -9.38 -35.19
N PHE A 768 46.85 -9.47 -36.45
CA PHE A 768 45.64 -10.22 -36.74
C PHE A 768 45.83 -11.71 -36.49
N GLU A 769 47.02 -12.25 -36.78
CA GLU A 769 47.27 -13.66 -36.49
C GLU A 769 47.15 -13.93 -35.00
N GLU A 770 47.77 -13.08 -34.18
CA GLU A 770 47.71 -13.27 -32.73
C GLU A 770 46.28 -13.11 -32.24
N ALA A 771 45.53 -12.15 -32.79
CA ALA A 771 44.14 -11.98 -32.40
C ALA A 771 43.31 -13.20 -32.74
N MET A 772 43.52 -13.77 -33.93
CA MET A 772 42.78 -14.96 -34.34
C MET A 772 43.15 -16.17 -33.49
N ARG A 773 44.40 -16.22 -33.01
CA ARG A 773 44.84 -17.38 -32.24
C ARG A 773 43.87 -17.65 -31.08
N PHE A 774 43.51 -16.60 -30.34
CA PHE A 774 42.59 -16.75 -29.21
C PHE A 774 41.13 -16.57 -29.60
N ALA A 775 40.85 -16.15 -30.84
CA ALA A 775 39.48 -15.96 -31.27
C ALA A 775 38.71 -17.28 -31.25
N ARG A 776 37.52 -17.27 -30.67
CA ARG A 776 36.66 -18.44 -30.60
C ARG A 776 35.24 -18.05 -31.00
N ARG A 777 34.54 -18.98 -31.67
CA ARG A 777 33.16 -18.71 -32.14
C ARG A 777 32.28 -18.57 -30.89
N SER A 778 31.15 -17.89 -31.01
CA SER A 778 30.27 -17.59 -29.83
C SER A 778 28.88 -18.20 -30.01
N VAL A 779 28.55 -18.72 -31.18
CA VAL A 779 27.30 -19.44 -31.40
C VAL A 779 27.67 -20.86 -31.79
N THR A 780 27.32 -21.81 -30.93
CA THR A 780 27.64 -23.20 -31.21
C THR A 780 26.81 -23.72 -32.37
N GLU A 781 27.33 -24.75 -33.04
CA GLU A 781 26.55 -25.40 -34.08
C GLU A 781 25.22 -25.91 -33.55
N ASN A 782 25.15 -26.19 -32.24
CA ASN A 782 23.89 -26.59 -31.64
C ASN A 782 22.86 -25.49 -31.74
N ASP A 783 23.27 -24.24 -31.50
CA ASP A 783 22.33 -23.13 -31.64
C ASP A 783 21.87 -22.96 -33.08
N VAL A 784 22.80 -23.12 -34.03
CA VAL A 784 22.42 -23.01 -35.43
C VAL A 784 21.41 -24.09 -35.78
N ARG A 785 21.62 -25.31 -35.30
CA ARG A 785 20.68 -26.39 -35.55
C ARG A 785 19.33 -26.10 -34.89
N LYS A 786 19.34 -25.50 -33.70
CA LYS A 786 18.09 -25.14 -33.04
C LYS A 786 17.31 -24.14 -33.87
N TYR A 787 17.99 -23.10 -34.37
CA TYR A 787 17.30 -22.11 -35.19
C TYR A 787 16.83 -22.72 -36.51
N GLU A 788 17.60 -23.65 -37.07
CA GLU A 788 17.17 -24.33 -38.28
C GLU A 788 15.92 -25.17 -38.03
N MET A 789 15.86 -25.85 -36.89
CA MET A 789 14.66 -26.61 -36.54
C MET A 789 13.47 -25.67 -36.38
N PHE A 790 13.68 -24.53 -35.72
CA PHE A 790 12.59 -23.57 -35.57
C PHE A 790 12.11 -23.08 -36.94
N ALA A 791 13.04 -22.82 -37.85
CA ALA A 791 12.66 -22.42 -39.20
C ALA A 791 11.87 -23.51 -39.90
N GLN A 792 12.31 -24.76 -39.76
CA GLN A 792 11.56 -25.88 -40.32
C GLN A 792 10.16 -25.97 -39.74
N THR A 793 10.00 -25.61 -38.48
CA THR A 793 8.66 -25.61 -37.88
C THR A 793 7.75 -24.63 -38.61
N LEU A 794 8.26 -23.47 -38.98
CA LEU A 794 7.50 -22.49 -39.75
C LEU A 794 7.46 -22.89 -41.22
N GLU B 228 8.97 26.78 45.50
CA GLU B 228 10.04 27.72 45.18
C GLU B 228 11.34 27.32 45.87
N GLU B 229 11.32 27.31 47.20
CA GLU B 229 12.51 26.91 47.95
C GLU B 229 12.86 25.45 47.70
N LYS B 230 11.85 24.58 47.61
CA LYS B 230 12.11 23.16 47.42
C LYS B 230 12.82 22.89 46.11
N LEU B 231 12.38 23.54 45.02
CA LEU B 231 12.99 23.30 43.72
C LEU B 231 14.42 23.81 43.67
N ASN B 232 14.72 24.93 44.34
CA ASN B 232 16.06 25.48 44.37
C ASN B 232 16.96 24.78 45.40
N GLU B 233 16.58 23.60 45.87
CA GLU B 233 17.38 22.87 46.85
C GLU B 233 17.55 21.40 46.50
N ILE B 234 17.27 20.99 45.27
CA ILE B 234 17.48 19.62 44.83
C ILE B 234 18.82 19.54 44.12
N GLY B 235 19.66 18.61 44.55
CA GLY B 235 20.98 18.45 43.98
C GLY B 235 21.22 17.05 43.44
N TYR B 236 22.48 16.62 43.48
CA TYR B 236 22.82 15.29 42.96
C TYR B 236 22.26 14.19 43.85
N ASP B 237 22.17 14.44 45.16
CA ASP B 237 21.68 13.42 46.07
C ASP B 237 20.18 13.16 45.93
N ASP B 238 19.43 14.12 45.39
CA ASP B 238 17.99 13.99 45.26
C ASP B 238 17.58 13.38 43.92
N ILE B 239 18.53 12.92 43.12
CA ILE B 239 18.27 12.20 41.89
C ILE B 239 18.95 10.85 41.98
N GLY B 240 18.20 9.78 41.68
CA GLY B 240 18.73 8.44 41.73
C GLY B 240 18.49 7.71 40.43
N GLY B 241 19.23 6.62 40.27
CA GLY B 241 19.10 5.77 39.10
C GLY B 241 20.01 6.12 37.95
N CYS B 242 20.72 7.23 38.02
CA CYS B 242 21.66 7.64 36.98
C CYS B 242 22.88 8.24 37.67
N ARG B 243 23.91 7.42 37.87
CA ARG B 243 25.13 7.86 38.51
C ARG B 243 26.31 8.01 37.56
N LYS B 244 26.40 7.15 36.53
CA LYS B 244 27.40 7.37 35.49
C LYS B 244 27.03 8.58 34.63
N GLN B 245 25.78 8.64 34.19
CA GLN B 245 25.34 9.77 33.37
C GLN B 245 25.42 11.07 34.15
N LEU B 246 25.15 11.02 35.45
CA LEU B 246 25.25 12.24 36.26
C LEU B 246 26.68 12.72 36.34
N ALA B 247 27.64 11.80 36.48
CA ALA B 247 29.05 12.20 36.47
C ALA B 247 29.44 12.77 35.11
N GLN B 248 28.97 12.14 34.03
CA GLN B 248 29.23 12.68 32.69
C GLN B 248 28.75 14.11 32.59
N ILE B 249 27.50 14.36 33.01
CA ILE B 249 26.94 15.70 32.88
C ILE B 249 27.67 16.68 33.79
N LYS B 250 28.05 16.23 34.98
CA LYS B 250 28.84 17.07 35.87
C LYS B 250 30.11 17.53 35.17
N GLU B 251 30.86 16.59 34.61
CA GLU B 251 32.10 16.94 33.93
C GLU B 251 31.83 17.86 32.73
N MET B 252 30.75 17.58 31.99
CA MET B 252 30.47 18.35 30.77
C MET B 252 30.04 19.78 31.08
N VAL B 253 29.32 20.00 32.18
CA VAL B 253 28.65 21.28 32.44
C VAL B 253 29.29 22.02 33.61
N GLU B 254 29.33 21.40 34.79
CA GLU B 254 29.67 22.14 36.00
C GLU B 254 31.09 22.68 35.94
N LEU B 255 32.05 21.86 35.52
CA LEU B 255 33.43 22.34 35.46
C LEU B 255 33.61 23.49 34.49
N PRO B 256 33.12 23.43 33.24
CA PRO B 256 33.22 24.61 32.37
C PRO B 256 32.57 25.84 32.95
N LEU B 257 31.43 25.71 33.62
CA LEU B 257 30.71 26.86 34.14
C LEU B 257 31.23 27.33 35.49
N ARG B 258 32.22 26.64 36.07
CA ARG B 258 32.86 27.08 37.29
C ARG B 258 34.27 27.61 37.06
N HIS B 259 35.02 27.05 36.11
CA HIS B 259 36.37 27.49 35.79
C HIS B 259 36.51 27.66 34.28
N PRO B 260 35.82 28.63 33.69
CA PRO B 260 35.95 28.83 32.24
C PRO B 260 37.37 29.14 31.81
N GLN B 261 38.17 29.76 32.69
CA GLN B 261 39.51 30.18 32.31
C GLN B 261 40.37 29.00 31.91
N LEU B 262 40.32 27.91 32.69
CA LEU B 262 41.15 26.74 32.41
C LEU B 262 40.80 26.15 31.05
N PHE B 263 39.51 25.89 30.83
CA PHE B 263 39.08 25.27 29.58
C PHE B 263 39.39 26.16 28.39
N LYS B 264 39.17 27.47 28.53
CA LYS B 264 39.51 28.38 27.44
C LYS B 264 40.99 28.36 27.14
N ALA B 265 41.82 28.33 28.19
CA ALA B 265 43.27 28.32 27.98
C ALA B 265 43.71 27.07 27.25
N ILE B 266 43.30 25.89 27.75
CA ILE B 266 43.75 24.65 27.10
C ILE B 266 43.11 24.51 25.73
N GLY B 267 41.88 24.98 25.56
CA GLY B 267 41.22 24.92 24.26
C GLY B 267 40.14 23.87 24.18
N VAL B 268 39.33 23.75 25.22
CA VAL B 268 38.16 22.86 25.23
C VAL B 268 36.92 23.71 25.01
N LYS B 269 36.11 23.33 24.02
CA LYS B 269 34.88 24.06 23.74
C LYS B 269 33.74 23.46 24.55
N PRO B 270 33.08 24.22 25.42
CA PRO B 270 31.97 23.65 26.19
C PRO B 270 30.82 23.30 25.27
N PRO B 271 30.05 22.26 25.60
CA PRO B 271 28.93 21.88 24.72
C PRO B 271 27.81 22.91 24.75
N ARG B 272 27.07 22.96 23.65
CA ARG B 272 25.96 23.90 23.50
C ARG B 272 24.59 23.23 23.62
N GLY B 273 24.49 21.97 23.26
CA GLY B 273 23.23 21.26 23.34
C GLY B 273 23.39 19.84 23.86
N ILE B 274 22.63 19.49 24.89
CA ILE B 274 22.69 18.17 25.49
C ILE B 274 21.27 17.61 25.50
N LEU B 275 21.05 16.54 24.75
CA LEU B 275 19.74 15.92 24.60
C LEU B 275 19.71 14.65 25.46
N LEU B 276 18.95 14.70 26.54
CA LEU B 276 18.75 13.55 27.40
C LEU B 276 17.54 12.78 26.91
N TYR B 277 17.69 11.46 26.75
CA TYR B 277 16.59 10.63 26.29
C TYR B 277 16.56 9.32 27.09
N GLY B 278 15.38 8.72 27.13
CA GLY B 278 15.17 7.50 27.87
C GLY B 278 13.70 7.27 28.16
N PRO B 279 13.38 6.17 28.84
CA PRO B 279 11.99 5.87 29.15
C PRO B 279 11.44 6.86 30.16
N PRO B 280 10.12 7.07 30.19
CA PRO B 280 9.55 8.02 31.14
C PRO B 280 9.73 7.57 32.58
N GLY B 281 9.77 8.54 33.48
CA GLY B 281 9.88 8.27 34.90
C GLY B 281 11.28 7.99 35.40
N THR B 282 12.30 8.29 34.60
CA THR B 282 13.68 7.98 34.96
C THR B 282 14.39 9.10 35.69
N GLY B 283 13.70 10.21 35.95
CA GLY B 283 14.33 11.32 36.63
C GLY B 283 15.17 12.22 35.75
N LYS B 284 15.06 12.09 34.43
CA LYS B 284 15.82 12.97 33.55
C LYS B 284 15.28 14.39 33.51
N THR B 285 14.11 14.63 34.09
CA THR B 285 13.55 15.97 34.18
C THR B 285 14.16 16.77 35.32
N LEU B 286 14.87 16.12 36.25
CA LEU B 286 15.50 16.80 37.37
C LEU B 286 17.00 17.00 37.19
N VAL B 287 17.61 16.33 36.21
CA VAL B 287 19.06 16.43 36.03
C VAL B 287 19.46 17.86 35.73
N ALA B 288 18.72 18.51 34.82
CA ALA B 288 19.05 19.88 34.45
C ALA B 288 18.98 20.81 35.65
N ARG B 289 17.92 20.69 36.46
CA ARG B 289 17.77 21.55 37.61
C ARG B 289 18.82 21.25 38.67
N ALA B 290 19.16 19.97 38.84
CA ALA B 290 20.21 19.63 39.80
C ALA B 290 21.54 20.25 39.40
N VAL B 291 21.87 20.16 38.11
CA VAL B 291 23.12 20.76 37.63
C VAL B 291 23.08 22.27 37.82
N ALA B 292 21.96 22.90 37.49
CA ALA B 292 21.85 24.34 37.64
C ALA B 292 22.02 24.77 39.09
N ASN B 293 21.39 24.05 40.01
CA ASN B 293 21.49 24.41 41.42
C ASN B 293 22.89 24.18 41.96
N GLU B 294 23.54 23.09 41.55
CA GLU B 294 24.85 22.75 42.09
C GLU B 294 25.99 23.48 41.39
N SER B 295 25.72 24.17 40.28
CA SER B 295 26.70 25.00 39.62
C SER B 295 26.45 26.49 39.83
N GLY B 296 25.34 26.85 40.49
CA GLY B 296 25.03 28.25 40.68
C GLY B 296 24.59 28.97 39.43
N SER B 297 24.08 28.26 38.44
CA SER B 297 23.72 28.84 37.16
C SER B 297 22.21 29.08 37.09
N PHE B 298 21.83 30.19 36.47
CA PHE B 298 20.42 30.50 36.28
C PHE B 298 19.75 29.39 35.46
N PHE B 299 18.57 28.97 35.91
CA PHE B 299 17.83 27.89 35.29
C PHE B 299 16.53 28.43 34.71
N PHE B 300 16.31 28.16 33.42
CA PHE B 300 15.05 28.51 32.77
C PHE B 300 14.43 27.25 32.18
N LEU B 301 13.13 27.09 32.38
CA LEU B 301 12.40 25.90 31.98
C LEU B 301 11.41 26.24 30.88
N ILE B 302 11.40 25.44 29.82
CA ILE B 302 10.43 25.55 28.74
C ILE B 302 9.71 24.22 28.64
N ASN B 303 8.39 24.25 28.78
CA ASN B 303 7.55 23.06 28.62
C ASN B 303 6.99 23.05 27.21
N GLY B 304 7.15 21.92 26.52
CA GLY B 304 6.67 21.80 25.17
C GLY B 304 5.18 22.02 25.07
N PRO B 305 4.40 21.30 25.87
CA PRO B 305 2.96 21.53 25.88
C PRO B 305 2.56 22.95 26.20
N GLU B 306 3.25 23.59 27.15
CA GLU B 306 2.91 24.97 27.50
C GLU B 306 3.17 25.91 26.34
N ILE B 307 4.30 25.73 25.65
CA ILE B 307 4.61 26.56 24.50
C ILE B 307 3.59 26.34 23.38
N MET B 308 3.24 25.07 23.14
CA MET B 308 2.35 24.74 22.03
C MET B 308 0.88 24.95 22.37
N SER B 309 0.55 25.30 23.61
CA SER B 309 -0.83 25.58 24.00
C SER B 309 -1.20 27.04 23.79
N LYS B 310 -0.26 27.87 23.37
CA LYS B 310 -0.50 29.30 23.21
C LYS B 310 -0.91 29.61 21.77
N LEU B 311 -1.19 30.88 21.51
CA LEU B 311 -1.56 31.33 20.18
C LEU B 311 -0.35 31.29 19.26
N ALA B 312 -0.54 31.75 18.02
CA ALA B 312 0.49 31.61 17.01
C ALA B 312 1.76 32.36 17.41
N GLY B 313 1.64 33.62 17.81
CA GLY B 313 2.79 34.45 18.07
C GLY B 313 3.30 34.37 19.50
N GLU B 314 2.42 33.98 20.42
CA GLU B 314 2.81 33.91 21.82
C GLU B 314 3.85 32.84 22.06
N SER B 315 3.76 31.71 21.35
CA SER B 315 4.75 30.64 21.51
C SER B 315 6.13 31.12 21.07
N GLU B 316 6.19 31.79 19.91
CA GLU B 316 7.45 32.35 19.44
C GLU B 316 7.99 33.36 20.44
N SER B 317 7.11 34.23 20.96
CA SER B 317 7.55 35.22 21.93
C SER B 317 8.13 34.54 23.17
N ASN B 318 7.50 33.46 23.62
CA ASN B 318 7.98 32.78 24.81
C ASN B 318 9.34 32.14 24.58
N LEU B 319 9.54 31.48 23.44
CA LEU B 319 10.86 30.92 23.15
C LEU B 319 11.93 32.01 23.10
N ARG B 320 11.63 33.09 22.37
CA ARG B 320 12.60 34.17 22.24
C ARG B 320 12.92 34.79 23.59
N LYS B 321 11.89 35.00 24.42
CA LYS B 321 12.12 35.59 25.74
C LYS B 321 12.92 34.65 26.61
N ALA B 322 12.67 33.34 26.51
CA ALA B 322 13.47 32.39 27.27
C ALA B 322 14.94 32.52 26.94
N PHE B 323 15.27 32.48 25.65
CA PHE B 323 16.69 32.56 25.28
C PHE B 323 17.29 33.92 25.63
N GLU B 324 16.53 35.00 25.43
CA GLU B 324 17.05 36.34 25.75
C GLU B 324 17.32 36.46 27.25
N GLU B 325 16.41 35.97 28.08
CA GLU B 325 16.62 36.04 29.53
C GLU B 325 17.79 35.17 29.94
N ALA B 326 17.93 33.99 29.34
CA ALA B 326 19.07 33.13 29.66
C ALA B 326 20.38 33.83 29.33
N GLU B 327 20.45 34.50 28.18
CA GLU B 327 21.66 35.22 27.82
C GLU B 327 21.87 36.44 28.71
N LYS B 328 20.78 37.05 29.20
CA LYS B 328 20.92 38.27 30.00
C LYS B 328 21.70 37.99 31.27
N ASN B 329 21.38 36.89 31.96
CA ASN B 329 22.08 36.49 33.17
C ASN B 329 22.73 35.13 32.91
N ALA B 330 24.06 35.11 32.86
CA ALA B 330 24.84 33.92 32.58
C ALA B 330 25.84 33.68 33.69
N PRO B 331 26.29 32.43 33.88
CA PRO B 331 25.96 31.21 33.13
C PRO B 331 24.52 30.78 33.34
N ALA B 332 23.92 30.09 32.37
CA ALA B 332 22.53 29.70 32.47
C ALA B 332 22.33 28.36 31.78
N ILE B 333 21.29 27.65 32.20
CA ILE B 333 20.89 26.39 31.61
C ILE B 333 19.42 26.48 31.21
N ILE B 334 19.13 26.17 29.96
CA ILE B 334 17.77 26.17 29.44
C ILE B 334 17.35 24.73 29.27
N PHE B 335 16.25 24.35 29.91
CA PHE B 335 15.73 22.99 29.82
C PHE B 335 14.43 23.01 29.04
N ILE B 336 14.40 22.26 27.94
CA ILE B 336 13.21 22.16 27.09
C ILE B 336 12.58 20.79 27.29
N ASP B 337 11.63 20.70 28.22
CA ASP B 337 10.99 19.43 28.50
C ASP B 337 10.07 19.05 27.36
N GLU B 338 10.09 17.76 27.00
CA GLU B 338 9.28 17.24 25.89
C GLU B 338 9.58 18.02 24.60
N LEU B 339 10.83 17.89 24.15
CA LEU B 339 11.23 18.55 22.91
C LEU B 339 10.42 18.05 21.72
N ASP B 340 10.03 16.78 21.74
CA ASP B 340 9.26 16.21 20.62
C ASP B 340 7.94 16.94 20.42
N ALA B 341 7.41 17.59 21.44
CA ALA B 341 6.20 18.39 21.26
C ALA B 341 6.50 19.63 20.41
N ILE B 342 7.55 20.36 20.74
CA ILE B 342 7.90 21.56 19.99
C ILE B 342 8.42 21.20 18.61
N ALA B 343 9.31 20.22 18.53
CA ALA B 343 10.05 19.90 17.32
C ALA B 343 9.93 18.42 17.00
N PRO B 344 8.77 17.98 16.52
CA PRO B 344 8.62 16.60 16.06
C PRO B 344 9.18 16.45 14.64
N LYS B 345 9.15 15.21 14.15
CA LYS B 345 9.58 14.97 12.78
C LYS B 345 8.74 15.77 11.82
N ARG B 346 9.37 16.31 10.78
CA ARG B 346 8.68 17.18 9.85
C ARG B 346 7.44 16.51 9.25
N GLU B 347 7.48 15.19 9.09
CA GLU B 347 6.32 14.48 8.58
C GLU B 347 5.13 14.64 9.52
N LYS B 348 5.37 14.51 10.84
CA LYS B 348 4.29 14.64 11.80
C LYS B 348 3.69 16.03 11.76
N THR B 349 4.52 17.06 11.70
CA THR B 349 4.02 18.42 11.59
C THR B 349 3.21 18.58 10.32
N HIS B 350 2.04 19.22 10.44
CA HIS B 350 1.15 19.42 9.31
C HIS B 350 0.84 20.89 9.04
N GLY B 351 0.80 21.73 10.05
CA GLY B 351 0.48 23.14 9.87
C GLY B 351 1.71 23.94 9.52
N GLU B 352 1.52 25.26 9.48
CA GLU B 352 2.61 26.20 9.20
C GLU B 352 3.17 26.84 10.44
N VAL B 353 2.37 26.99 11.50
CA VAL B 353 2.88 27.57 12.75
C VAL B 353 3.88 26.61 13.41
N GLU B 354 3.62 25.30 13.31
CA GLU B 354 4.53 24.34 13.91
C GLU B 354 5.90 24.38 13.25
N ARG B 355 5.95 24.44 11.92
CA ARG B 355 7.22 24.59 11.24
C ARG B 355 7.88 25.90 11.61
N ARG B 356 7.09 26.95 11.81
CA ARG B 356 7.66 28.22 12.24
C ARG B 356 8.33 28.11 13.59
N ILE B 357 7.70 27.41 14.54
CA ILE B 357 8.30 27.29 15.86
C ILE B 357 9.55 26.42 15.80
N VAL B 358 9.54 25.37 14.98
CA VAL B 358 10.75 24.56 14.82
C VAL B 358 11.89 25.40 14.25
N SER B 359 11.60 26.20 13.23
CA SER B 359 12.62 27.03 12.63
C SER B 359 13.12 28.09 13.60
N GLN B 360 12.22 28.66 14.42
CA GLN B 360 12.65 29.62 15.42
C GLN B 360 13.57 28.98 16.43
N LEU B 361 13.26 27.75 16.85
CA LEU B 361 14.14 27.05 17.78
C LEU B 361 15.51 26.83 17.15
N LEU B 362 15.55 26.42 15.88
CA LEU B 362 16.83 26.22 15.21
C LEU B 362 17.61 27.52 15.13
N THR B 363 16.94 28.62 14.79
CA THR B 363 17.62 29.92 14.70
C THR B 363 18.18 30.33 16.05
N LEU B 364 17.40 30.18 17.11
CA LEU B 364 17.87 30.55 18.44
C LEU B 364 19.06 29.68 18.85
N MET B 365 19.00 28.39 18.56
CA MET B 365 20.12 27.50 18.88
C MET B 365 21.37 27.93 18.14
N ASP B 366 21.25 28.24 16.85
CA ASP B 366 22.41 28.67 16.08
C ASP B 366 22.89 30.05 16.47
N GLY B 367 22.06 30.83 17.16
CA GLY B 367 22.42 32.18 17.56
C GLY B 367 23.20 32.28 18.86
N LEU B 368 23.58 31.15 19.46
CA LEU B 368 24.32 31.17 20.72
C LEU B 368 25.80 31.34 20.43
N LYS B 369 26.36 32.46 20.84
CA LYS B 369 27.78 32.70 20.67
C LYS B 369 28.58 31.76 21.56
N GLN B 370 29.79 31.42 21.10
CA GLN B 370 30.65 30.55 21.89
C GLN B 370 31.02 31.19 23.23
N ARG B 371 31.05 32.52 23.29
CA ARG B 371 31.39 33.19 24.54
C ARG B 371 30.25 33.08 25.56
N SER B 372 29.01 33.30 25.12
CA SER B 372 27.88 33.24 26.03
C SER B 372 27.81 31.87 26.68
N HIS B 373 27.64 31.86 28.00
CA HIS B 373 27.66 30.61 28.77
C HIS B 373 26.22 30.12 28.98
N VAL B 374 25.61 29.69 27.89
CA VAL B 374 24.26 29.14 27.90
C VAL B 374 24.32 27.74 27.33
N ILE B 375 23.86 26.77 28.11
CA ILE B 375 23.83 25.36 27.72
C ILE B 375 22.36 24.96 27.64
N VAL B 376 21.93 24.51 26.47
CA VAL B 376 20.55 24.11 26.26
C VAL B 376 20.44 22.60 26.45
N MET B 377 19.62 22.20 27.41
CA MET B 377 19.39 20.79 27.71
C MET B 377 17.96 20.44 27.32
N ALA B 378 17.78 19.31 26.65
CA ALA B 378 16.49 18.88 26.16
C ALA B 378 16.22 17.46 26.62
N ALA B 379 14.94 17.16 26.81
CA ALA B 379 14.51 15.85 27.28
C ALA B 379 13.49 15.29 26.30
N THR B 380 13.68 14.05 25.88
CA THR B 380 12.76 13.37 24.98
C THR B 380 12.75 11.90 25.32
N ASN B 381 11.83 11.17 24.71
CA ASN B 381 11.76 9.71 24.90
C ASN B 381 12.71 9.00 23.94
N ARG B 382 12.53 9.21 22.65
CA ARG B 382 13.41 8.64 21.64
C ARG B 382 13.94 9.79 20.77
N PRO B 383 15.25 9.89 20.58
CA PRO B 383 15.78 10.99 19.76
C PRO B 383 15.30 10.96 18.32
N ASN B 384 14.84 9.80 17.84
CA ASN B 384 14.31 9.74 16.48
C ASN B 384 13.05 10.58 16.33
N SER B 385 12.30 10.79 17.42
CA SER B 385 11.09 11.59 17.36
C SER B 385 11.37 13.07 17.18
N VAL B 386 12.59 13.51 17.38
CA VAL B 386 12.96 14.91 17.23
C VAL B 386 13.37 15.16 15.79
N ASP B 387 13.16 16.39 15.34
CA ASP B 387 13.49 16.75 13.97
C ASP B 387 14.99 16.55 13.73
N PRO B 388 15.40 15.89 12.64
CA PRO B 388 16.84 15.67 12.42
C PRO B 388 17.64 16.96 12.39
N ALA B 389 17.04 18.06 11.94
CA ALA B 389 17.78 19.32 11.84
C ALA B 389 18.30 19.79 13.19
N LEU B 390 17.67 19.36 14.28
CA LEU B 390 18.13 19.76 15.61
C LEU B 390 19.33 18.96 16.09
N ARG B 391 19.52 17.75 15.58
CA ARG B 391 20.59 16.87 16.04
C ARG B 391 21.89 17.08 15.28
N ARG B 392 21.96 18.05 14.39
CA ARG B 392 23.19 18.34 13.68
C ARG B 392 24.23 18.94 14.62
N PHE B 393 25.45 19.09 14.11
CA PHE B 393 26.49 19.73 14.88
C PHE B 393 26.13 21.17 15.19
N GLY B 394 26.46 21.61 16.39
CA GLY B 394 26.22 22.98 16.82
C GLY B 394 24.88 23.22 17.48
N ARG B 395 23.95 22.28 17.38
CA ARG B 395 22.63 22.42 18.01
C ARG B 395 22.41 21.39 19.11
N PHE B 396 22.42 20.11 18.78
CA PHE B 396 22.34 19.04 19.77
C PHE B 396 23.31 17.95 19.31
N ASP B 397 24.57 18.06 19.76
CA ASP B 397 25.62 17.16 19.35
C ASP B 397 26.00 16.15 20.43
N ARG B 398 25.52 16.33 21.65
CA ARG B 398 25.77 15.41 22.75
C ARG B 398 24.43 14.82 23.19
N GLU B 399 24.34 13.50 23.20
CA GLU B 399 23.13 12.79 23.59
C GLU B 399 23.47 11.80 24.69
N ILE B 400 22.73 11.87 25.80
CA ILE B 400 22.94 11.01 26.96
C ILE B 400 21.67 10.23 27.22
N GLU B 401 21.80 8.92 27.38
CA GLU B 401 20.65 8.05 27.62
C GLU B 401 20.55 7.76 29.11
N ILE B 402 19.42 8.13 29.70
CA ILE B 402 19.14 7.80 31.09
C ILE B 402 18.08 6.71 31.11
N GLY B 403 18.53 5.46 31.16
CA GLY B 403 17.67 4.31 31.02
C GLY B 403 17.26 3.71 32.35
N ILE B 404 16.80 2.46 32.29
CA ILE B 404 16.31 1.79 33.49
C ILE B 404 17.45 1.67 34.49
N PRO B 405 17.24 1.92 35.77
CA PRO B 405 18.32 1.73 36.74
C PRO B 405 18.55 0.25 37.04
N ASP B 406 19.75 -0.03 37.51
CA ASP B 406 20.12 -1.38 37.94
C ASP B 406 19.74 -1.53 39.42
N SER B 407 20.22 -2.60 40.05
CA SER B 407 19.84 -2.85 41.44
C SER B 407 20.31 -1.71 42.34
N ILE B 408 21.53 -1.22 42.14
CA ILE B 408 22.03 -0.13 42.97
C ILE B 408 21.22 1.14 42.73
N GLY B 409 20.90 1.44 41.46
CA GLY B 409 20.07 2.59 41.18
C GLY B 409 18.69 2.49 41.80
N ARG B 410 18.08 1.29 41.72
CA ARG B 410 16.78 1.10 42.32
C ARG B 410 16.85 1.30 43.83
N LEU B 411 17.92 0.81 44.46
CA LEU B 411 18.07 1.00 45.90
C LEU B 411 18.22 2.47 46.24
N GLU B 412 18.98 3.22 45.42
CA GLU B 412 19.11 4.66 45.65
C GLU B 412 17.75 5.34 45.54
N ILE B 413 16.97 4.99 44.52
CA ILE B 413 15.66 5.58 44.36
C ILE B 413 14.77 5.27 45.55
N LEU B 414 14.79 4.03 46.02
CA LEU B 414 13.98 3.65 47.17
C LEU B 414 14.39 4.43 48.41
N ARG B 415 15.70 4.61 48.61
CA ARG B 415 16.15 5.40 49.74
C ARG B 415 15.66 6.84 49.63
N ILE B 416 15.72 7.42 48.43
CA ILE B 416 15.27 8.80 48.25
C ILE B 416 13.78 8.92 48.55
N HIS B 417 12.98 7.98 48.04
CA HIS B 417 11.52 8.08 48.19
C HIS B 417 11.05 7.72 49.60
N THR B 418 11.81 6.92 50.34
CA THR B 418 11.45 6.54 51.71
C THR B 418 12.11 7.45 52.74
N ARG B 419 12.45 8.68 52.36
CA ARG B 419 13.11 9.59 53.27
C ARG B 419 12.16 10.14 54.33
N ASN B 420 10.85 10.05 54.10
CA ASN B 420 9.86 10.52 55.05
C ASN B 420 8.92 9.42 55.55
N ILE B 421 8.74 8.35 54.78
CA ILE B 421 7.90 7.24 55.24
C ILE B 421 8.60 6.54 56.38
N ARG B 422 7.89 6.37 57.49
CA ARG B 422 8.42 5.59 58.60
C ARG B 422 8.42 4.12 58.23
N LEU B 423 9.54 3.45 58.49
CA LEU B 423 9.70 2.04 58.15
C LEU B 423 10.00 1.24 59.41
N ALA B 424 9.49 0.02 59.46
CA ALA B 424 9.73 -0.86 60.58
C ALA B 424 11.20 -1.26 60.62
N GLU B 425 11.56 -2.06 61.61
CA GLU B 425 12.94 -2.53 61.74
C GLU B 425 13.25 -3.72 60.82
N ASP B 426 12.24 -4.29 60.16
CA ASP B 426 12.43 -5.47 59.33
C ASP B 426 12.47 -5.14 57.85
N VAL B 427 12.55 -3.87 57.47
CA VAL B 427 12.66 -3.50 56.06
C VAL B 427 14.09 -3.67 55.61
N GLU B 428 14.28 -4.40 54.50
CA GLU B 428 15.58 -4.57 53.87
C GLU B 428 15.42 -4.14 52.41
N LEU B 429 15.62 -2.84 52.16
CA LEU B 429 15.37 -2.28 50.84
C LEU B 429 16.23 -2.93 49.76
N GLU B 430 17.33 -3.58 50.14
CA GLU B 430 18.16 -4.23 49.14
C GLU B 430 17.40 -5.34 48.43
N LYS B 431 16.64 -6.13 49.18
CA LYS B 431 15.87 -7.21 48.55
C LYS B 431 14.81 -6.66 47.61
N ILE B 432 14.10 -5.60 48.03
CA ILE B 432 13.09 -4.99 47.18
C ILE B 432 13.73 -4.45 45.91
N ALA B 433 14.88 -3.79 46.04
CA ALA B 433 15.56 -3.27 44.86
C ALA B 433 15.98 -4.40 43.93
N ASN B 434 16.49 -5.50 44.48
CA ASN B 434 16.93 -6.62 43.66
C ASN B 434 15.76 -7.27 42.94
N GLU B 435 14.60 -7.34 43.59
CA GLU B 435 13.44 -8.02 43.02
C GLU B 435 12.57 -7.10 42.17
N ALA B 436 12.83 -5.80 42.15
CA ALA B 436 12.01 -4.85 41.41
C ALA B 436 12.54 -4.73 39.99
N HIS B 437 12.27 -5.75 39.19
CA HIS B 437 12.71 -5.76 37.80
C HIS B 437 11.76 -4.94 36.93
N GLY B 438 12.32 -4.30 35.92
CA GLY B 438 11.53 -3.49 35.02
C GLY B 438 10.94 -2.24 35.64
N HIS B 439 11.48 -1.80 36.77
CA HIS B 439 10.97 -0.63 37.47
C HIS B 439 11.82 0.59 37.16
N VAL B 440 11.17 1.75 37.10
CA VAL B 440 11.83 3.02 36.94
C VAL B 440 11.54 3.85 38.17
N GLY B 441 12.07 5.08 38.23
CA GLY B 441 11.88 5.90 39.41
C GLY B 441 10.42 6.13 39.73
N ALA B 442 9.60 6.38 38.71
CA ALA B 442 8.18 6.60 38.94
C ALA B 442 7.50 5.37 39.50
N ASP B 443 7.84 4.19 38.98
CA ASP B 443 7.20 2.97 39.45
C ASP B 443 7.52 2.71 40.92
N LEU B 444 8.78 2.91 41.31
CA LEU B 444 9.16 2.70 42.70
C LEU B 444 8.44 3.65 43.64
N ALA B 445 8.14 4.86 43.17
CA ALA B 445 7.32 5.78 43.97
C ALA B 445 5.93 5.20 44.19
N SER B 446 5.35 4.60 43.15
CA SER B 446 4.06 3.93 43.30
C SER B 446 4.16 2.74 44.24
N LEU B 447 5.27 1.99 44.16
CA LEU B 447 5.45 0.83 45.00
C LEU B 447 5.46 1.22 46.48
N CYS B 448 6.16 2.30 46.82
CA CYS B 448 6.16 2.78 48.20
C CYS B 448 4.78 3.25 48.62
N SER B 449 4.06 3.94 47.72
CA SER B 449 2.72 4.41 48.05
C SER B 449 1.78 3.24 48.31
N GLU B 450 1.83 2.21 47.46
CA GLU B 450 0.96 1.06 47.65
C GLU B 450 1.31 0.31 48.93
N ALA B 451 2.60 0.12 49.21
CA ALA B 451 3.00 -0.55 50.43
C ALA B 451 2.52 0.20 51.66
N ALA B 452 2.66 1.53 51.64
CA ALA B 452 2.16 2.32 52.76
C ALA B 452 0.65 2.26 52.87
N LEU B 453 -0.04 2.17 51.73
CA LEU B 453 -1.50 2.11 51.77
C LEU B 453 -1.99 0.88 52.49
N GLN B 454 -1.37 -0.28 52.25
CA GLN B 454 -1.83 -1.51 52.89
C GLN B 454 -1.67 -1.45 54.39
N GLN B 455 -0.58 -0.84 54.87
CA GLN B 455 -0.41 -0.67 56.31
C GLN B 455 -1.62 0.05 56.91
N ILE B 456 -2.27 0.92 56.14
CA ILE B 456 -3.51 1.52 56.59
C ILE B 456 -4.63 0.49 56.64
N ARG B 457 -4.72 -0.35 55.59
CA ARG B 457 -5.79 -1.34 55.54
C ARG B 457 -5.74 -2.27 56.74
N ASN B 458 -4.58 -2.88 56.99
CA ASN B 458 -4.46 -3.83 58.09
C ASN B 458 -4.72 -3.16 59.43
N LYS B 459 -4.17 -1.97 59.65
CA LYS B 459 -4.31 -1.28 60.92
C LYS B 459 -5.63 -0.53 61.04
N MET B 460 -6.39 -0.40 59.97
CA MET B 460 -7.68 0.29 60.02
C MET B 460 -8.81 -0.68 59.68
N ALA B 472 -5.05 8.73 67.24
CA ALA B 472 -3.75 9.31 67.54
C ALA B 472 -2.72 8.20 67.77
N GLU B 473 -3.03 7.28 68.67
CA GLU B 473 -2.13 6.15 68.91
C GLU B 473 -2.01 5.30 67.65
N VAL B 474 -3.13 5.08 66.95
CA VAL B 474 -3.08 4.32 65.70
C VAL B 474 -2.19 5.03 64.70
N LEU B 475 -2.31 6.36 64.60
CA LEU B 475 -1.47 7.11 63.68
C LEU B 475 -0.01 6.98 64.04
N ASN B 476 0.32 7.05 65.33
CA ASN B 476 1.72 6.94 65.73
C ASN B 476 2.27 5.54 65.51
N SER B 477 1.44 4.51 65.63
CA SER B 477 1.88 3.13 65.49
C SER B 477 1.95 2.66 64.05
N LEU B 478 1.92 3.57 63.08
CA LEU B 478 2.00 3.21 61.67
C LEU B 478 3.45 3.18 61.22
N ALA B 479 3.89 2.03 60.71
CA ALA B 479 5.23 1.88 60.18
C ALA B 479 5.20 0.79 59.13
N VAL B 480 5.60 1.13 57.89
CA VAL B 480 5.53 0.17 56.81
C VAL B 480 6.42 -1.02 57.12
N THR B 481 5.92 -2.21 56.83
CA THR B 481 6.60 -3.47 57.13
C THR B 481 7.02 -4.16 55.83
N MET B 482 7.87 -5.18 56.00
CA MET B 482 8.38 -5.89 54.84
C MET B 482 7.27 -6.61 54.08
N ASP B 483 6.30 -7.16 54.81
CA ASP B 483 5.18 -7.84 54.17
C ASP B 483 4.42 -6.87 53.26
N ASP B 484 4.25 -5.63 53.70
CA ASP B 484 3.58 -4.63 52.87
C ASP B 484 4.36 -4.39 51.59
N PHE B 485 5.68 -4.29 51.68
CA PHE B 485 6.49 -4.08 50.48
C PHE B 485 6.39 -5.26 49.53
N ARG B 486 6.42 -6.48 50.07
CA ARG B 486 6.30 -7.65 49.20
C ARG B 486 4.93 -7.70 48.53
N TRP B 487 3.88 -7.36 49.27
CA TRP B 487 2.54 -7.31 48.69
C TRP B 487 2.48 -6.28 47.57
N ALA B 488 3.05 -5.09 47.81
CA ALA B 488 3.03 -4.04 46.79
C ALA B 488 3.83 -4.47 45.56
N LEU B 489 4.97 -5.10 45.77
CA LEU B 489 5.82 -5.50 44.64
C LEU B 489 5.15 -6.61 43.83
N GLY B 490 4.44 -7.51 44.50
CA GLY B 490 3.80 -8.61 43.79
C GLY B 490 2.74 -8.12 42.81
N LYS B 491 1.97 -7.12 43.20
CA LYS B 491 0.83 -6.65 42.42
C LYS B 491 1.14 -5.42 41.60
N SER B 492 2.40 -5.00 41.53
CA SER B 492 2.78 -3.83 40.76
C SER B 492 3.07 -4.22 39.32
N ASN B 493 2.52 -3.45 38.38
CA ASN B 493 2.75 -3.66 36.96
C ASN B 493 3.78 -2.66 36.46
N PRO B 494 5.07 -2.98 36.48
CA PRO B 494 6.08 -2.04 36.00
C PRO B 494 5.85 -1.66 34.54
N SER B 495 6.18 -0.41 34.22
CA SER B 495 6.01 0.14 32.89
C SER B 495 7.22 -0.06 32.00
N ALA B 496 8.28 -0.70 32.49
CA ALA B 496 9.52 -0.86 31.75
C ALA B 496 9.94 -2.33 31.73
N LEU B 497 8.98 -3.24 31.56
CA LEU B 497 9.31 -4.65 31.44
C LEU B 497 9.86 -5.01 30.08
N ARG B 498 9.39 -4.35 29.02
CA ARG B 498 9.73 -4.72 27.66
C ARG B 498 10.94 -3.97 27.11
N GLU B 499 11.61 -3.18 27.95
CA GLU B 499 12.73 -2.36 27.51
C GLU B 499 14.03 -3.08 27.82
N THR B 500 14.93 -3.13 26.84
CA THR B 500 16.16 -3.89 26.98
C THR B 500 17.00 -3.35 28.13
N THR B 501 17.63 -4.26 28.86
CA THR B 501 18.49 -3.92 29.98
C THR B 501 19.95 -3.95 29.55
N VAL B 502 20.75 -3.07 30.15
CA VAL B 502 22.18 -3.00 29.91
C VAL B 502 22.85 -2.90 31.27
N GLU B 503 23.29 -4.04 31.80
CA GLU B 503 23.96 -4.08 33.09
C GLU B 503 24.91 -5.26 33.12
N VAL B 504 25.89 -5.20 34.02
CA VAL B 504 26.85 -6.28 34.18
C VAL B 504 26.12 -7.43 34.88
N PRO B 505 26.00 -8.60 34.26
CA PRO B 505 25.26 -9.69 34.90
C PRO B 505 25.93 -10.19 36.16
N ASN B 506 25.11 -10.73 37.07
CA ASN B 506 25.58 -11.26 38.33
C ASN B 506 25.79 -12.77 38.28
N VAL B 507 26.17 -13.29 37.12
CA VAL B 507 26.44 -14.72 36.92
C VAL B 507 27.95 -14.91 36.84
N THR B 508 28.48 -15.77 37.69
CA THR B 508 29.91 -16.07 37.73
C THR B 508 30.18 -17.43 37.08
N TRP B 509 31.47 -17.74 36.97
CA TRP B 509 31.87 -19.03 36.39
C TRP B 509 31.37 -20.19 37.25
N ASP B 510 31.42 -20.04 38.58
CA ASP B 510 31.12 -21.15 39.46
C ASP B 510 29.70 -21.65 39.28
N ASP B 511 28.76 -20.77 38.92
CA ASP B 511 27.38 -21.20 38.75
C ASP B 511 27.24 -22.20 37.62
N ILE B 512 27.98 -21.99 36.54
CA ILE B 512 27.80 -22.78 35.32
C ILE B 512 28.83 -23.90 35.25
N GLY B 513 30.02 -23.66 35.79
CA GLY B 513 31.11 -24.60 35.65
C GLY B 513 31.90 -24.36 34.37
N GLY B 514 31.58 -25.13 33.33
CA GLY B 514 32.20 -24.94 32.03
C GLY B 514 33.47 -25.75 31.87
N LEU B 515 34.00 -25.71 30.64
CA LEU B 515 35.23 -26.40 30.30
C LEU B 515 36.40 -25.43 30.36
N GLU B 516 37.59 -25.97 30.66
CA GLU B 516 38.78 -25.13 30.69
C GLU B 516 39.09 -24.56 29.31
N ASN B 517 38.92 -25.37 28.26
CA ASN B 517 39.22 -24.91 26.91
C ASN B 517 38.36 -23.70 26.54
N VAL B 518 37.04 -23.81 26.76
CA VAL B 518 36.15 -22.71 26.38
C VAL B 518 36.42 -21.49 27.24
N LYS B 519 36.70 -21.69 28.53
CA LYS B 519 37.00 -20.56 29.40
C LYS B 519 38.24 -19.82 28.92
N ARG B 520 39.31 -20.56 28.62
CA ARG B 520 40.53 -19.92 28.12
C ARG B 520 40.28 -19.21 26.79
N GLU B 521 39.52 -19.85 25.90
CA GLU B 521 39.25 -19.24 24.60
C GLU B 521 38.48 -17.93 24.75
N LEU B 522 37.42 -17.94 25.56
CA LEU B 522 36.65 -16.72 25.76
C LEU B 522 37.49 -15.65 26.43
N GLN B 523 38.31 -16.03 27.41
CA GLN B 523 39.17 -15.05 28.06
C GLN B 523 40.11 -14.41 27.05
N GLU B 524 40.76 -15.23 26.22
CA GLU B 524 41.63 -14.69 25.17
C GLU B 524 40.87 -13.73 24.27
N LEU B 525 39.71 -14.15 23.77
CA LEU B 525 38.99 -13.33 22.80
C LEU B 525 38.56 -11.99 23.40
N VAL B 526 38.06 -12.01 24.64
CA VAL B 526 37.37 -10.84 25.17
C VAL B 526 38.23 -10.08 26.18
N GLN B 527 38.68 -10.77 27.23
CA GLN B 527 39.29 -10.08 28.36
C GLN B 527 40.60 -9.38 27.96
N TYR B 528 41.46 -10.08 27.24
CA TYR B 528 42.78 -9.53 26.93
C TYR B 528 42.68 -8.21 26.18
N PRO B 529 41.88 -8.07 25.13
CA PRO B 529 41.74 -6.74 24.50
C PRO B 529 41.31 -5.67 25.48
N VAL B 530 40.38 -5.99 26.40
CA VAL B 530 39.90 -4.98 27.33
C VAL B 530 40.97 -4.66 28.37
N GLU B 531 41.65 -5.68 28.90
CA GLU B 531 42.57 -5.49 30.01
C GLU B 531 44.02 -5.32 29.59
N HIS B 532 44.42 -5.84 28.43
CA HIS B 532 45.81 -5.79 27.99
C HIS B 532 45.88 -5.29 26.55
N PRO B 533 45.52 -4.03 26.30
CA PRO B 533 45.70 -3.46 24.96
C PRO B 533 47.14 -3.20 24.59
N ASP B 534 48.01 -3.03 25.58
CA ASP B 534 49.40 -2.73 25.31
C ASP B 534 50.04 -3.85 24.51
N LYS B 535 49.81 -5.09 24.93
CA LYS B 535 50.35 -6.23 24.21
C LYS B 535 49.81 -6.25 22.78
N PHE B 536 48.51 -6.00 22.64
CA PHE B 536 47.88 -6.06 21.33
C PHE B 536 48.52 -5.08 20.38
N LEU B 537 48.69 -3.83 20.79
CA LEU B 537 49.30 -2.86 19.90
C LEU B 537 50.77 -3.19 19.67
N LYS B 538 51.45 -3.69 20.69
CA LYS B 538 52.87 -4.01 20.57
C LYS B 538 53.11 -5.04 19.48
N PHE B 539 52.35 -6.14 19.54
CA PHE B 539 52.46 -7.19 18.53
C PHE B 539 51.63 -6.90 17.31
N GLY B 540 50.91 -5.79 17.29
CA GLY B 540 50.27 -5.32 16.08
C GLY B 540 49.28 -6.28 15.46
N MET B 541 48.35 -6.79 16.27
CA MET B 541 47.22 -7.55 15.77
C MET B 541 45.92 -6.81 16.06
N THR B 542 44.99 -6.92 15.12
CA THR B 542 43.65 -6.40 15.32
C THR B 542 42.81 -7.44 16.04
N PRO B 543 42.19 -7.13 17.18
CA PRO B 543 41.43 -8.17 17.88
C PRO B 543 40.22 -8.63 17.09
N SER B 544 40.12 -9.94 16.86
CA SER B 544 38.92 -10.51 16.26
C SER B 544 37.78 -10.47 17.27
N LYS B 545 36.64 -9.94 16.85
CA LYS B 545 35.57 -9.61 17.78
C LYS B 545 34.22 -10.21 17.38
N GLY B 546 34.22 -11.50 17.02
CA GLY B 546 32.99 -12.19 16.72
C GLY B 546 33.09 -13.68 17.03
N VAL B 547 32.06 -14.21 17.67
CA VAL B 547 31.99 -15.62 18.02
C VAL B 547 30.60 -16.13 17.68
N LEU B 548 30.52 -17.40 17.29
CA LEU B 548 29.25 -18.05 17.03
C LEU B 548 29.19 -19.32 17.87
N PHE B 549 28.66 -19.18 19.09
CA PHE B 549 28.40 -20.35 19.90
C PHE B 549 27.43 -21.28 19.18
N TYR B 550 27.76 -22.58 19.18
CA TYR B 550 26.88 -23.58 18.62
C TYR B 550 26.96 -24.84 19.48
N GLY B 551 25.83 -25.50 19.67
CA GLY B 551 25.77 -26.69 20.47
C GLY B 551 24.34 -27.10 20.77
N PRO B 552 24.17 -28.05 21.69
CA PRO B 552 22.83 -28.47 22.07
C PRO B 552 22.02 -27.30 22.59
N PRO B 553 20.67 -27.37 22.54
CA PRO B 553 19.78 -26.25 22.96
C PRO B 553 19.40 -26.36 24.43
N GLY B 554 20.03 -25.56 25.29
CA GLY B 554 19.70 -25.53 26.73
C GLY B 554 19.97 -24.15 27.30
N CYS B 555 20.63 -24.06 28.46
CA CYS B 555 21.01 -22.77 29.09
C CYS B 555 22.52 -22.55 28.90
N GLY B 556 23.25 -23.54 28.36
CA GLY B 556 24.71 -23.48 28.23
C GLY B 556 25.28 -22.21 27.62
N LYS B 557 24.93 -21.86 26.37
CA LYS B 557 25.60 -20.74 25.63
C LYS B 557 25.33 -19.35 26.25
N THR B 558 24.13 -19.05 26.73
CA THR B 558 23.78 -17.72 27.24
C THR B 558 24.40 -17.49 28.61
N LEU B 559 24.40 -18.51 29.45
CA LEU B 559 25.06 -18.36 30.75
C LEU B 559 26.55 -18.15 30.58
N LEU B 560 27.16 -18.82 29.60
CA LEU B 560 28.58 -18.62 29.34
C LEU B 560 28.86 -17.18 28.93
N ALA B 561 28.00 -16.62 28.07
CA ALA B 561 28.20 -15.25 27.63
C ALA B 561 28.04 -14.28 28.80
N LYS B 562 27.03 -14.51 29.63
CA LYS B 562 26.84 -13.64 30.78
C LYS B 562 28.02 -13.76 31.75
N ALA B 563 28.59 -14.95 31.87
CA ALA B 563 29.72 -15.13 32.78
C ALA B 563 30.97 -14.42 32.25
N ILE B 564 31.22 -14.51 30.93
CA ILE B 564 32.39 -13.82 30.40
C ILE B 564 32.19 -12.31 30.51
N ALA B 565 30.96 -11.84 30.33
CA ALA B 565 30.67 -10.43 30.56
C ALA B 565 30.94 -10.04 32.00
N ASN B 566 30.55 -10.91 32.95
CA ASN B 566 30.76 -10.61 34.36
C ASN B 566 32.23 -10.57 34.71
N GLU B 567 33.03 -11.46 34.10
CA GLU B 567 34.45 -11.51 34.40
C GLU B 567 35.11 -10.17 34.14
N CYS B 568 34.77 -9.53 33.03
CA CYS B 568 35.38 -8.27 32.62
C CYS B 568 34.62 -7.05 33.13
N GLN B 569 33.57 -7.24 33.93
CA GLN B 569 32.76 -6.13 34.40
C GLN B 569 32.25 -5.29 33.24
N ALA B 570 31.85 -5.98 32.17
CA ALA B 570 31.36 -5.34 30.95
C ALA B 570 29.85 -5.47 30.86
N ASN B 571 29.24 -4.54 30.14
CA ASN B 571 27.80 -4.56 29.97
C ASN B 571 27.39 -5.74 29.09
N PHE B 572 26.17 -6.22 29.32
CA PHE B 572 25.63 -7.36 28.58
C PHE B 572 24.29 -6.96 27.97
N ILE B 573 24.17 -7.14 26.66
CA ILE B 573 22.94 -6.88 25.92
C ILE B 573 22.50 -8.19 25.28
N SER B 574 21.32 -8.65 25.64
CA SER B 574 20.78 -9.90 25.12
C SER B 574 19.63 -9.60 24.17
N ILE B 575 19.70 -10.13 22.96
CA ILE B 575 18.68 -9.94 21.95
C ILE B 575 18.30 -11.31 21.40
N LYS B 576 17.01 -11.58 21.36
CA LYS B 576 16.48 -12.85 20.86
C LYS B 576 15.91 -12.68 19.47
N GLY B 577 15.81 -13.80 18.75
CA GLY B 577 15.29 -13.81 17.41
C GLY B 577 13.88 -13.25 17.32
N PRO B 578 13.00 -13.67 18.22
CA PRO B 578 11.64 -13.10 18.23
C PRO B 578 11.62 -11.59 18.33
N GLU B 579 12.50 -11.01 19.14
CA GLU B 579 12.53 -9.57 19.30
C GLU B 579 12.88 -8.87 18.00
N LEU B 580 13.91 -9.36 17.30
CA LEU B 580 14.32 -8.73 16.06
C LEU B 580 13.30 -8.94 14.95
N LEU B 581 12.71 -10.14 14.89
CA LEU B 581 11.72 -10.40 13.85
C LEU B 581 10.52 -9.47 13.98
N THR B 582 10.08 -9.22 15.21
CA THR B 582 8.99 -8.29 15.45
C THR B 582 9.44 -6.86 15.17
N ALA B 590 15.45 -1.18 11.11
CA ALA B 590 15.86 0.07 11.74
C ALA B 590 16.26 -0.17 13.19
N ASN B 591 15.73 -1.25 13.78
CA ASN B 591 16.06 -1.57 15.16
C ASN B 591 17.47 -2.14 15.29
N VAL B 592 18.00 -2.74 14.23
CA VAL B 592 19.35 -3.29 14.29
C VAL B 592 20.35 -2.16 14.52
N ARG B 593 20.21 -1.05 13.80
CA ARG B 593 21.10 0.07 14.01
C ARG B 593 20.94 0.63 15.40
N ASP B 594 19.71 0.66 15.93
CA ASP B 594 19.50 1.15 17.28
C ASP B 594 20.20 0.27 18.31
N ILE B 595 20.11 -1.05 18.17
CA ILE B 595 20.74 -1.93 19.15
C ILE B 595 22.26 -1.83 19.04
N PHE B 596 22.79 -1.71 17.82
CA PHE B 596 24.23 -1.54 17.67
C PHE B 596 24.70 -0.20 18.24
N ASP B 597 23.89 0.84 18.08
CA ASP B 597 24.24 2.13 18.67
C ASP B 597 24.24 2.05 20.19
N LYS B 598 23.24 1.39 20.77
CA LYS B 598 23.22 1.21 22.22
C LYS B 598 24.39 0.38 22.69
N ALA B 599 24.87 -0.53 21.85
CA ALA B 599 26.09 -1.28 22.18
C ALA B 599 27.31 -0.36 22.15
N ARG B 600 27.45 0.45 21.11
CA ARG B 600 28.63 1.35 20.95
C ARG B 600 28.63 2.35 22.10
N GLN B 601 27.46 2.75 22.59
CA GLN B 601 27.42 3.70 23.69
C GLN B 601 28.14 3.16 24.92
N ALA B 602 27.94 1.87 25.21
CA ALA B 602 28.67 1.19 26.28
C ALA B 602 29.94 0.59 25.68
N ALA B 603 31.09 1.10 26.08
CA ALA B 603 32.33 0.75 25.39
C ALA B 603 32.66 -0.73 25.59
N PRO B 604 32.97 -1.20 26.82
CA PRO B 604 33.06 -2.65 27.01
C PRO B 604 31.68 -3.29 27.02
N CYS B 605 31.35 -4.07 25.99
CA CYS B 605 30.01 -4.62 25.87
C CYS B 605 30.07 -5.98 25.21
N VAL B 606 29.19 -6.88 25.65
CA VAL B 606 28.98 -8.18 25.03
C VAL B 606 27.57 -8.16 24.44
N LEU B 607 27.49 -8.20 23.12
CA LEU B 607 26.21 -8.15 22.41
C LEU B 607 25.83 -9.58 22.04
N PHE B 608 24.84 -10.12 22.73
CA PHE B 608 24.41 -11.49 22.55
C PHE B 608 23.22 -11.53 21.59
N PHE B 609 23.33 -12.33 20.54
CA PHE B 609 22.25 -12.53 19.57
C PHE B 609 21.80 -13.98 19.68
N ASP B 610 20.86 -14.24 20.58
CA ASP B 610 20.35 -15.59 20.77
C ASP B 610 19.45 -15.99 19.61
N GLU B 611 19.37 -17.29 19.38
CA GLU B 611 18.54 -17.85 18.31
C GLU B 611 18.84 -17.16 16.98
N LEU B 612 20.13 -17.09 16.64
CA LEU B 612 20.54 -16.41 15.43
C LEU B 612 19.97 -17.06 14.18
N ASP B 613 19.62 -18.35 14.24
CA ASP B 613 19.12 -19.04 13.07
C ASP B 613 17.83 -18.42 12.55
N SER B 614 17.03 -17.83 13.44
CA SER B 614 15.77 -17.24 13.01
C SER B 614 15.96 -16.12 12.01
N ILE B 615 17.15 -15.54 11.93
CA ILE B 615 17.45 -14.42 11.03
C ILE B 615 18.37 -14.87 9.90
N ALA B 616 19.53 -15.42 10.25
CA ALA B 616 20.51 -15.87 9.26
C ALA B 616 20.19 -17.31 8.88
N LYS B 617 19.59 -17.49 7.70
CA LYS B 617 19.25 -18.81 7.20
C LYS B 617 19.39 -18.82 5.68
N ALA B 618 19.81 -19.95 5.15
CA ALA B 618 19.99 -20.10 3.70
C ALA B 618 18.64 -20.02 3.00
N ASP B 631 14.92 -11.32 5.14
CA ASP B 631 16.01 -10.97 4.24
C ASP B 631 16.49 -9.55 4.52
N ARG B 632 15.57 -8.66 4.83
CA ARG B 632 15.95 -7.28 5.15
C ARG B 632 16.79 -7.23 6.42
N VAL B 633 16.41 -8.01 7.44
CA VAL B 633 17.10 -7.92 8.73
C VAL B 633 18.53 -8.42 8.60
N ILE B 634 18.73 -9.55 7.91
CA ILE B 634 20.07 -10.14 7.85
C ILE B 634 21.04 -9.19 7.15
N ASN B 635 20.59 -8.57 6.05
CA ASN B 635 21.44 -7.61 5.37
C ASN B 635 21.79 -6.44 6.29
N GLN B 636 20.81 -5.98 7.09
CA GLN B 636 21.10 -4.93 8.05
C GLN B 636 22.13 -5.38 9.06
N LEU B 637 22.01 -6.61 9.56
CA LEU B 637 22.99 -7.11 10.52
C LEU B 637 24.37 -7.21 9.89
N LEU B 638 24.45 -7.67 8.64
CA LEU B 638 25.73 -7.78 7.97
C LEU B 638 26.39 -6.41 7.79
N THR B 639 25.63 -5.44 7.29
CA THR B 639 26.22 -4.13 7.02
C THR B 639 26.58 -3.41 8.31
N GLU B 640 25.72 -3.49 9.33
CA GLU B 640 26.02 -2.79 10.58
C GLU B 640 27.26 -3.37 11.24
N MET B 641 27.40 -4.69 11.24
CA MET B 641 28.58 -5.32 11.83
C MET B 641 29.80 -5.20 10.92
N ASP B 642 29.60 -5.23 9.60
CA ASP B 642 30.72 -5.06 8.69
C ASP B 642 31.37 -3.69 8.89
N GLY B 643 30.56 -2.66 9.11
CA GLY B 643 31.08 -1.34 9.37
C GLY B 643 31.29 -1.08 10.84
N MET B 644 31.88 -2.05 11.53
CA MET B 644 32.21 -1.95 12.95
C MET B 644 33.72 -1.91 13.08
N SER B 645 34.25 -0.82 13.62
CA SER B 645 35.69 -0.71 13.80
C SER B 645 36.16 -1.79 14.75
N ALA B 646 37.23 -2.48 14.36
CA ALA B 646 37.75 -3.59 15.15
C ALA B 646 38.55 -3.13 16.35
N LYS B 647 38.74 -1.83 16.53
CA LYS B 647 39.49 -1.28 17.65
C LYS B 647 38.60 -0.84 18.79
N LYS B 648 37.29 -1.10 18.71
CA LYS B 648 36.35 -0.74 19.75
C LYS B 648 35.93 -2.00 20.50
N ASN B 649 35.94 -1.92 21.84
CA ASN B 649 35.78 -3.10 22.69
C ASN B 649 34.32 -3.53 22.79
N VAL B 650 33.73 -3.82 21.64
CA VAL B 650 32.38 -4.35 21.55
C VAL B 650 32.46 -5.72 20.90
N PHE B 651 31.97 -6.74 21.61
CA PHE B 651 32.08 -8.12 21.17
C PHE B 651 30.69 -8.66 20.85
N ILE B 652 30.55 -9.22 19.65
CA ILE B 652 29.29 -9.78 19.18
C ILE B 652 29.36 -11.29 19.33
N ILE B 653 28.52 -11.84 20.20
CA ILE B 653 28.48 -13.27 20.48
C ILE B 653 27.14 -13.80 19.98
N GLY B 654 27.19 -14.64 18.96
CA GLY B 654 26.00 -15.31 18.46
C GLY B 654 25.72 -16.59 19.22
N ALA B 655 24.60 -17.21 18.88
CA ALA B 655 24.20 -18.46 19.49
C ALA B 655 23.12 -19.10 18.63
N THR B 656 23.34 -20.35 18.23
CA THR B 656 22.39 -21.07 17.40
C THR B 656 22.47 -22.55 17.72
N ASN B 657 21.32 -23.20 17.81
CA ASN B 657 21.25 -24.63 18.05
C ASN B 657 21.21 -25.45 16.77
N ARG B 658 21.23 -24.79 15.60
CA ARG B 658 21.29 -25.45 14.30
C ARG B 658 22.42 -24.82 13.52
N PRO B 659 23.68 -25.15 13.83
CA PRO B 659 24.81 -24.47 13.18
C PRO B 659 24.94 -24.79 11.71
N ASP B 660 24.19 -25.74 11.17
CA ASP B 660 24.26 -26.08 9.76
C ASP B 660 23.25 -25.30 8.91
N ILE B 661 22.32 -24.58 9.54
CA ILE B 661 21.39 -23.73 8.80
C ILE B 661 21.87 -22.29 8.70
N ILE B 662 23.01 -21.97 9.30
CA ILE B 662 23.52 -20.61 9.31
C ILE B 662 24.25 -20.34 7.99
N ASP B 663 23.96 -19.19 7.38
CA ASP B 663 24.59 -18.85 6.13
C ASP B 663 26.07 -18.54 6.34
N GLY B 664 26.85 -18.67 5.26
CA GLY B 664 28.26 -18.35 5.33
C GLY B 664 28.56 -16.87 5.35
N ALA B 665 27.58 -16.03 5.03
CA ALA B 665 27.81 -14.59 5.06
C ALA B 665 28.12 -14.10 6.46
N ILE B 666 27.40 -14.64 7.47
CA ILE B 666 27.62 -14.23 8.85
C ILE B 666 28.82 -14.91 9.47
N LEU B 667 29.44 -15.85 8.78
CA LEU B 667 30.68 -16.48 9.23
C LEU B 667 31.88 -16.02 8.41
N ARG B 668 31.70 -15.04 7.53
CA ARG B 668 32.81 -14.52 6.74
C ARG B 668 33.75 -13.74 7.65
N PRO B 669 35.04 -14.10 7.71
CA PRO B 669 35.98 -13.36 8.57
C PRO B 669 35.79 -11.85 8.52
N GLY B 670 36.00 -11.19 9.65
CA GLY B 670 35.61 -9.82 9.83
C GLY B 670 34.18 -9.65 10.34
N ARG B 671 33.38 -10.71 10.31
CA ARG B 671 32.03 -10.68 10.86
C ARG B 671 31.89 -11.61 12.06
N LEU B 672 32.17 -12.90 11.90
CA LEU B 672 32.21 -13.85 13.02
C LEU B 672 33.15 -14.96 12.59
N ASP B 673 34.41 -14.86 13.01
CA ASP B 673 35.47 -15.70 12.47
C ASP B 673 35.85 -16.85 13.38
N GLN B 674 35.15 -17.04 14.49
CA GLN B 674 35.50 -18.06 15.47
C GLN B 674 34.25 -18.82 15.86
N LEU B 675 34.33 -20.15 15.84
CA LEU B 675 33.24 -21.01 16.24
C LEU B 675 33.65 -21.81 17.48
N ILE B 676 32.78 -21.84 18.48
CA ILE B 676 33.04 -22.53 19.74
C ILE B 676 31.91 -23.52 20.00
N TYR B 677 32.27 -24.70 20.48
CA TYR B 677 31.32 -25.78 20.72
C TYR B 677 31.08 -25.90 22.22
N ILE B 678 29.81 -26.02 22.60
CA ILE B 678 29.40 -26.10 24.00
C ILE B 678 28.82 -27.48 24.25
N PRO B 679 29.59 -28.44 24.73
CA PRO B 679 29.09 -29.82 24.83
C PRO B 679 28.17 -30.00 26.03
N LEU B 680 27.63 -31.20 26.16
CA LEU B 680 26.87 -31.53 27.35
C LEU B 680 27.78 -31.42 28.58
N PRO B 681 27.32 -30.82 29.67
CA PRO B 681 28.20 -30.65 30.82
C PRO B 681 28.73 -31.97 31.33
N ASP B 682 30.00 -31.97 31.74
CA ASP B 682 30.64 -33.16 32.25
C ASP B 682 30.22 -33.37 33.72
N GLU B 683 30.87 -34.30 34.40
CA GLU B 683 30.49 -34.60 35.78
C GLU B 683 30.66 -33.39 36.68
N ALA B 684 31.82 -32.71 36.59
CA ALA B 684 32.03 -31.52 37.40
C ALA B 684 31.04 -30.43 37.03
N SER B 685 30.79 -30.25 35.74
CA SER B 685 29.83 -29.24 35.31
C SER B 685 28.43 -29.57 35.82
N ARG B 686 28.04 -30.84 35.77
CA ARG B 686 26.74 -31.22 36.28
C ARG B 686 26.65 -30.98 37.79
N VAL B 687 27.72 -31.25 38.53
CA VAL B 687 27.73 -30.98 39.95
C VAL B 687 27.53 -29.48 40.20
N ASN B 688 28.25 -28.65 39.44
CA ASN B 688 28.10 -27.20 39.60
C ASN B 688 26.68 -26.76 39.29
N ILE B 689 26.10 -27.28 38.20
CA ILE B 689 24.75 -26.87 37.83
C ILE B 689 23.75 -27.27 38.90
N LEU B 690 23.87 -28.50 39.41
CA LEU B 690 22.96 -28.97 40.46
C LEU B 690 23.08 -28.08 41.70
N LYS B 691 24.31 -27.81 42.13
CA LYS B 691 24.49 -26.98 43.33
C LYS B 691 23.94 -25.58 43.12
N ALA B 692 24.17 -24.99 41.95
CA ALA B 692 23.69 -23.64 41.69
C ALA B 692 22.17 -23.59 41.67
N ASN B 693 21.53 -24.59 41.08
CA ASN B 693 20.08 -24.59 40.97
C ASN B 693 19.42 -24.68 42.35
N LEU B 694 19.98 -25.49 43.24
CA LEU B 694 19.38 -25.74 44.54
C LEU B 694 19.96 -24.86 45.65
N ARG B 695 20.66 -23.79 45.29
CA ARG B 695 21.27 -22.95 46.31
C ARG B 695 20.22 -22.30 47.20
N LYS B 696 19.13 -21.81 46.60
CA LYS B 696 18.12 -21.05 47.31
C LYS B 696 17.06 -21.93 47.96
N SER B 697 17.33 -23.22 48.11
CA SER B 697 16.40 -24.14 48.75
C SER B 697 17.18 -25.05 49.70
N PRO B 698 16.54 -25.54 50.77
CA PRO B 698 17.23 -26.44 51.68
C PRO B 698 17.31 -27.86 51.14
N ILE B 699 18.43 -28.52 51.40
CA ILE B 699 18.66 -29.89 50.97
C ILE B 699 19.08 -30.71 52.18
N ALA B 700 18.47 -31.88 52.35
CA ALA B 700 18.82 -32.75 53.46
C ALA B 700 20.28 -33.15 53.39
N ARG B 701 20.93 -33.19 54.55
CA ARG B 701 22.35 -33.52 54.61
C ARG B 701 22.64 -34.86 53.96
N ASP B 702 21.68 -35.79 54.01
CA ASP B 702 21.89 -37.12 53.45
C ASP B 702 22.10 -37.04 51.94
N VAL B 703 21.34 -36.17 51.26
CA VAL B 703 21.44 -36.09 49.80
C VAL B 703 22.86 -35.74 49.41
N ASP B 704 23.46 -36.57 48.55
CA ASP B 704 24.81 -36.38 48.06
C ASP B 704 24.74 -36.01 46.58
N ILE B 705 25.07 -34.77 46.26
CA ILE B 705 24.99 -34.31 44.86
C ILE B 705 25.99 -35.06 43.99
N ASN B 706 27.07 -35.56 44.58
CA ASN B 706 28.07 -36.26 43.79
C ASN B 706 27.48 -37.52 43.15
N PHE B 707 26.74 -38.31 43.93
CA PHE B 707 26.11 -39.51 43.39
C PHE B 707 25.11 -39.15 42.30
N LEU B 708 24.32 -38.11 42.52
CA LEU B 708 23.35 -37.70 41.51
C LEU B 708 24.05 -37.31 40.22
N ALA B 709 25.15 -36.56 40.32
CA ALA B 709 25.92 -36.22 39.13
C ALA B 709 26.46 -37.46 38.44
N LYS B 710 26.92 -38.44 39.23
CA LYS B 710 27.38 -39.69 38.63
C LYS B 710 26.25 -40.37 37.86
N ALA B 711 25.05 -40.37 38.42
CA ALA B 711 23.93 -41.05 37.79
C ALA B 711 23.43 -40.31 36.55
N THR B 712 23.50 -38.98 36.56
CA THR B 712 23.00 -38.17 35.45
C THR B 712 24.10 -38.03 34.40
N GLN B 713 23.97 -38.76 33.30
CA GLN B 713 24.89 -38.66 32.18
C GLN B 713 24.15 -38.07 31.00
N GLY B 714 24.69 -36.99 30.43
CA GLY B 714 24.13 -36.39 29.24
C GLY B 714 22.95 -35.49 29.46
N PHE B 715 22.51 -35.30 30.70
CA PHE B 715 21.37 -34.42 30.96
C PHE B 715 21.77 -32.98 30.67
N SER B 716 20.92 -32.28 29.93
CA SER B 716 21.21 -30.89 29.58
C SER B 716 20.92 -29.98 30.76
N GLY B 717 21.21 -28.70 30.60
CA GLY B 717 21.02 -27.76 31.69
C GLY B 717 19.57 -27.64 32.11
N ALA B 718 18.65 -27.63 31.14
CA ALA B 718 17.24 -27.57 31.48
C ALA B 718 16.82 -28.81 32.27
N ASP B 719 17.35 -29.98 31.90
CA ASP B 719 17.00 -31.20 32.60
C ASP B 719 17.32 -31.08 34.08
N LEU B 720 18.55 -30.71 34.42
CA LEU B 720 18.93 -30.60 35.82
C LEU B 720 18.08 -29.57 36.53
N THR B 721 17.79 -28.45 35.87
CA THR B 721 16.88 -27.48 36.46
C THR B 721 15.50 -28.08 36.67
N GLU B 722 15.00 -28.84 35.68
CA GLU B 722 13.69 -29.45 35.80
C GLU B 722 13.69 -30.58 36.83
N ILE B 723 14.76 -31.38 36.86
CA ILE B 723 14.86 -32.42 37.89
C ILE B 723 14.81 -31.78 39.28
N CYS B 724 15.52 -30.68 39.46
CA CYS B 724 15.46 -29.97 40.74
C CYS B 724 14.06 -29.43 41.00
N GLN B 725 13.42 -28.86 39.97
CA GLN B 725 12.08 -28.33 40.14
C GLN B 725 11.10 -29.43 40.52
N ARG B 726 11.18 -30.59 39.87
CA ARG B 726 10.28 -31.69 40.18
C ARG B 726 10.48 -32.17 41.61
N ALA B 727 11.73 -32.45 41.99
CA ALA B 727 12.00 -32.91 43.34
C ALA B 727 11.50 -31.90 44.36
N CYS B 728 11.60 -30.61 44.05
CA CYS B 728 11.04 -29.59 44.93
C CYS B 728 9.52 -29.60 44.88
N LYS B 729 8.96 -29.64 43.67
CA LYS B 729 7.50 -29.61 43.54
C LYS B 729 6.85 -30.71 44.37
N GLN B 730 7.49 -31.87 44.41
CA GLN B 730 6.99 -32.96 45.27
C GLN B 730 7.04 -32.54 46.74
N ALA B 731 8.09 -31.83 47.15
CA ALA B 731 8.22 -31.44 48.54
C ALA B 731 7.06 -30.57 48.99
N ILE B 732 6.62 -29.64 48.14
CA ILE B 732 5.47 -28.81 48.49
C ILE B 732 4.23 -29.67 48.69
N ARG B 733 4.06 -30.69 47.85
CA ARG B 733 2.89 -31.55 47.96
C ARG B 733 2.81 -32.21 49.32
N GLU B 734 3.90 -32.84 49.75
CA GLU B 734 3.90 -33.48 51.07
C GLU B 734 3.74 -32.44 52.18
N SER B 735 4.26 -31.24 51.97
CA SER B 735 4.11 -30.20 53.00
C SER B 735 2.63 -29.85 53.20
N ILE B 736 1.89 -29.69 52.10
CA ILE B 736 0.46 -29.43 52.21
C ILE B 736 -0.26 -30.68 52.71
N GLU B 737 0.07 -31.84 52.15
CA GLU B 737 -0.60 -33.07 52.56
C GLU B 737 -0.44 -33.30 54.05
N ALA B 738 0.79 -33.15 54.56
CA ALA B 738 0.99 -33.26 56.00
C ALA B 738 0.22 -32.19 56.75
N GLU B 739 0.21 -30.96 56.22
CA GLU B 739 -0.52 -29.88 56.89
C GLU B 739 -2.01 -30.18 56.96
N ILE B 740 -2.58 -30.67 55.86
CA ILE B 740 -4.01 -31.03 55.86
C ILE B 740 -4.28 -32.14 56.86
N ARG B 741 -3.42 -33.16 56.89
CA ARG B 741 -3.59 -34.24 57.85
C ARG B 741 -3.50 -33.72 59.27
N ALA B 742 -2.57 -32.82 59.55
CA ALA B 742 -2.42 -32.24 60.87
C ALA B 742 -3.67 -31.46 61.27
N ASP B 758 6.64 -28.56 61.20
CA ASP B 758 7.23 -28.79 59.89
C ASP B 758 7.63 -30.24 59.70
N PRO B 759 6.66 -31.09 59.36
CA PRO B 759 6.98 -32.50 59.11
C PRO B 759 8.00 -32.70 57.99
N VAL B 760 8.03 -31.83 57.00
CA VAL B 760 8.94 -31.96 55.87
C VAL B 760 9.72 -30.66 55.70
N PRO B 761 10.72 -30.40 56.55
CA PRO B 761 11.47 -29.15 56.43
C PRO B 761 12.55 -29.16 55.36
N GLU B 762 13.02 -30.33 54.94
CA GLU B 762 14.12 -30.45 54.00
C GLU B 762 13.77 -31.40 52.87
N ILE B 763 14.34 -31.14 51.70
CA ILE B 763 14.13 -31.97 50.52
C ILE B 763 15.02 -33.19 50.69
N THR B 764 14.44 -34.30 51.15
CA THR B 764 15.21 -35.49 51.45
C THR B 764 15.56 -36.25 50.17
N ARG B 765 16.25 -37.37 50.32
CA ARG B 765 16.67 -38.15 49.16
C ARG B 765 15.47 -38.68 48.38
N ARG B 766 14.44 -39.14 49.10
CA ARG B 766 13.30 -39.78 48.43
C ARG B 766 12.69 -38.85 47.38
N HIS B 767 12.69 -37.54 47.65
CA HIS B 767 12.12 -36.60 46.70
C HIS B 767 12.88 -36.63 45.39
N PHE B 768 14.22 -36.62 45.47
CA PHE B 768 15.02 -36.70 44.26
C PHE B 768 14.88 -38.06 43.59
N GLU B 769 14.77 -39.13 44.38
CA GLU B 769 14.60 -40.46 43.81
C GLU B 769 13.34 -40.52 42.95
N GLU B 770 12.21 -40.08 43.50
CA GLU B 770 10.96 -40.13 42.76
C GLU B 770 10.87 -39.04 41.70
N ALA B 771 11.70 -38.00 41.80
CA ALA B 771 11.84 -37.02 40.73
C ALA B 771 12.89 -37.42 39.71
N MET B 772 13.64 -38.49 39.97
CA MET B 772 14.65 -39.01 39.05
C MET B 772 14.21 -40.33 38.45
N ARG B 773 12.91 -40.46 38.18
CA ARG B 773 12.36 -41.67 37.58
C ARG B 773 11.83 -41.43 36.18
N PHE B 774 10.91 -40.48 36.01
CA PHE B 774 10.36 -40.18 34.69
C PHE B 774 11.17 -39.12 33.95
N ALA B 775 12.29 -38.69 34.51
CA ALA B 775 13.24 -37.84 33.79
C ALA B 775 14.26 -38.73 33.10
N ARG B 776 14.25 -38.74 31.77
CA ARG B 776 15.18 -39.55 31.00
C ARG B 776 16.26 -38.69 30.33
N ARG B 777 15.85 -37.74 29.49
CA ARG B 777 16.79 -36.89 28.79
C ARG B 777 15.99 -35.87 27.99
N SER B 778 16.70 -34.92 27.39
CA SER B 778 16.11 -33.96 26.47
C SER B 778 16.80 -33.90 25.13
N VAL B 779 18.08 -34.27 25.05
CA VAL B 779 18.80 -34.38 23.79
C VAL B 779 19.73 -35.59 23.92
N THR B 780 19.45 -36.65 23.18
CA THR B 780 20.16 -37.90 23.31
C THR B 780 21.40 -37.89 22.41
N GLU B 781 22.07 -39.03 22.30
CA GLU B 781 23.18 -39.13 21.35
C GLU B 781 22.71 -38.93 19.92
N ASN B 782 21.42 -39.17 19.65
CA ASN B 782 20.90 -39.08 18.30
C ASN B 782 21.17 -37.72 17.68
N ASP B 783 21.06 -36.65 18.47
CA ASP B 783 21.36 -35.30 17.99
C ASP B 783 22.71 -34.80 18.46
N VAL B 784 23.32 -35.43 19.47
CA VAL B 784 24.70 -35.11 19.81
C VAL B 784 25.62 -35.42 18.63
N ARG B 785 25.33 -36.52 17.92
CA ARG B 785 26.15 -36.88 16.77
C ARG B 785 26.09 -35.82 15.69
N LYS B 786 24.97 -35.12 15.55
CA LYS B 786 24.89 -34.05 14.57
C LYS B 786 25.97 -33.00 14.83
N TYR B 787 26.02 -32.49 16.07
CA TYR B 787 27.03 -31.49 16.42
C TYR B 787 28.44 -32.06 16.39
N GLU B 788 28.60 -33.33 16.78
CA GLU B 788 29.94 -33.92 16.78
C GLU B 788 30.45 -34.18 15.37
N MET B 789 29.56 -34.32 14.40
CA MET B 789 29.99 -34.39 13.01
C MET B 789 30.23 -32.99 12.44
N PHE B 790 29.40 -32.03 12.84
CA PHE B 790 29.65 -30.65 12.42
C PHE B 790 31.00 -30.17 12.92
N ALA B 791 31.39 -30.59 14.13
CA ALA B 791 32.68 -30.21 14.67
C ALA B 791 33.82 -30.78 13.82
N GLN B 792 33.71 -32.05 13.43
CA GLN B 792 34.75 -32.67 12.62
C GLN B 792 34.82 -32.05 11.23
N THR B 793 33.67 -31.68 10.66
CA THR B 793 33.69 -31.00 9.37
C THR B 793 34.36 -29.64 9.45
N LEU B 794 34.45 -29.05 10.64
CA LEU B 794 35.13 -27.78 10.83
C LEU B 794 36.43 -28.00 11.61
N GLU C 229 -30.76 18.44 41.34
CA GLU C 229 -31.71 17.88 42.30
C GLU C 229 -31.49 16.38 42.46
N LYS C 230 -32.02 15.60 41.52
CA LYS C 230 -31.86 14.15 41.60
C LYS C 230 -30.40 13.73 41.44
N LEU C 231 -29.62 14.49 40.65
CA LEU C 231 -28.24 14.09 40.39
C LEU C 231 -27.41 14.07 41.67
N ASN C 232 -27.63 15.04 42.55
CA ASN C 232 -26.87 15.09 43.81
C ASN C 232 -27.19 13.91 44.72
N GLU C 233 -28.26 13.16 44.46
CA GLU C 233 -28.65 12.03 45.28
C GLU C 233 -28.10 10.71 44.76
N ILE C 234 -27.30 10.72 43.70
CA ILE C 234 -26.75 9.50 43.13
C ILE C 234 -25.61 9.03 44.02
N GLY C 235 -25.73 7.81 44.55
CA GLY C 235 -24.71 7.24 45.40
C GLY C 235 -24.18 5.93 44.88
N TYR C 236 -23.50 5.16 45.74
CA TYR C 236 -22.96 3.89 45.29
C TYR C 236 -24.05 2.88 44.97
N ASP C 237 -25.20 2.98 45.65
CA ASP C 237 -26.28 2.04 45.41
C ASP C 237 -27.01 2.27 44.09
N ASP C 238 -26.82 3.43 43.46
CA ASP C 238 -27.47 3.75 42.21
C ASP C 238 -26.65 3.34 40.99
N ILE C 239 -25.49 2.71 41.19
CA ILE C 239 -24.67 2.20 40.10
C ILE C 239 -24.54 0.70 40.29
N GLY C 240 -24.81 -0.06 39.23
CA GLY C 240 -24.67 -1.50 39.28
C GLY C 240 -23.72 -2.02 38.23
N GLY C 241 -23.28 -3.28 38.39
CA GLY C 241 -22.41 -3.91 37.44
C GLY C 241 -20.94 -3.71 37.69
N CYS C 242 -20.56 -2.90 38.67
CA CYS C 242 -19.16 -2.66 39.03
C CYS C 242 -19.09 -2.54 40.54
N ARG C 243 -18.82 -3.66 41.21
CA ARG C 243 -18.71 -3.69 42.67
C ARG C 243 -17.27 -3.78 43.14
N LYS C 244 -16.39 -4.45 42.40
CA LYS C 244 -14.97 -4.41 42.73
C LYS C 244 -14.37 -3.05 42.38
N GLN C 245 -14.69 -2.53 41.20
CA GLN C 245 -14.14 -1.25 40.79
C GLN C 245 -14.63 -0.12 41.70
N LEU C 246 -15.86 -0.22 42.19
CA LEU C 246 -16.35 0.78 43.13
C LEU C 246 -15.54 0.76 44.41
N ALA C 247 -15.19 -0.43 44.91
CA ALA C 247 -14.34 -0.51 46.09
C ALA C 247 -12.95 0.07 45.82
N GLN C 248 -12.39 -0.25 44.65
CA GLN C 248 -11.09 0.32 44.29
C GLN C 248 -11.15 1.84 44.31
N ILE C 249 -12.14 2.41 43.64
CA ILE C 249 -12.23 3.87 43.55
C ILE C 249 -12.52 4.47 44.91
N LYS C 250 -13.30 3.78 45.73
CA LYS C 250 -13.54 4.25 47.09
C LYS C 250 -12.22 4.39 47.84
N GLU C 251 -11.40 3.33 47.83
CA GLU C 251 -10.11 3.41 48.50
C GLU C 251 -9.23 4.51 47.90
N MET C 252 -9.24 4.63 46.56
CA MET C 252 -8.35 5.58 45.91
C MET C 252 -8.75 7.03 46.19
N VAL C 253 -10.04 7.32 46.30
CA VAL C 253 -10.54 8.69 46.32
C VAL C 253 -11.10 9.08 47.69
N GLU C 254 -12.10 8.32 48.17
CA GLU C 254 -12.87 8.78 49.32
C GLU C 254 -12.01 8.90 50.56
N LEU C 255 -11.22 7.87 50.86
CA LEU C 255 -10.40 7.91 52.08
C LEU C 255 -9.39 9.05 52.05
N PRO C 256 -8.62 9.27 50.97
CA PRO C 256 -7.75 10.46 50.95
C PRO C 256 -8.52 11.76 51.10
N LEU C 257 -9.72 11.86 50.51
CA LEU C 257 -10.49 13.08 50.56
C LEU C 257 -11.30 13.24 51.84
N ARG C 258 -11.27 12.25 52.72
CA ARG C 258 -11.93 12.34 54.02
C ARG C 258 -10.96 12.37 55.19
N HIS C 259 -9.79 11.74 55.07
CA HIS C 259 -8.76 11.77 56.09
C HIS C 259 -7.40 12.02 55.43
N PRO C 260 -7.20 13.21 54.86
CA PRO C 260 -5.89 13.50 54.25
C PRO C 260 -4.75 13.43 55.25
N GLN C 261 -5.02 13.68 56.53
CA GLN C 261 -3.95 13.75 57.52
C GLN C 261 -3.20 12.43 57.62
N LEU C 262 -3.93 11.32 57.71
CA LEU C 262 -3.27 10.02 57.89
C LEU C 262 -2.44 9.65 56.68
N PHE C 263 -2.99 9.87 55.48
CA PHE C 263 -2.27 9.53 54.26
C PHE C 263 -1.02 10.38 54.11
N LYS C 264 -1.12 11.68 54.42
CA LYS C 264 0.08 12.52 54.39
C LYS C 264 1.10 12.07 55.42
N ALA C 265 0.64 11.68 56.61
CA ALA C 265 1.55 11.22 57.65
C ALA C 265 2.33 9.99 57.19
N ILE C 266 1.63 8.90 56.88
CA ILE C 266 2.32 7.68 56.49
C ILE C 266 3.08 7.86 55.18
N GLY C 267 2.67 8.80 54.35
CA GLY C 267 3.37 9.07 53.10
C GLY C 267 2.80 8.34 51.91
N VAL C 268 1.50 8.48 51.68
CA VAL C 268 0.82 7.94 50.51
C VAL C 268 0.40 9.11 49.63
N LYS C 269 0.81 9.07 48.36
CA LYS C 269 0.46 10.15 47.44
C LYS C 269 -0.87 9.85 46.78
N PRO C 270 -1.89 10.69 46.95
CA PRO C 270 -3.18 10.40 46.33
C PRO C 270 -3.09 10.51 44.82
N PRO C 271 -3.86 9.71 44.09
CA PRO C 271 -3.80 9.78 42.63
C PRO C 271 -4.37 11.08 42.11
N ARG C 272 -3.86 11.51 40.95
CA ARG C 272 -4.31 12.73 40.32
C ARG C 272 -5.01 12.51 38.98
N GLY C 273 -4.93 11.32 38.40
CA GLY C 273 -5.63 11.03 37.17
C GLY C 273 -6.12 9.60 37.13
N ILE C 274 -7.42 9.41 36.92
CA ILE C 274 -8.04 8.09 36.88
C ILE C 274 -8.82 7.99 35.59
N LEU C 275 -8.43 7.08 34.72
CA LEU C 275 -9.04 6.89 33.42
C LEU C 275 -9.88 5.62 33.46
N LEU C 276 -11.20 5.79 33.43
CA LEU C 276 -12.13 4.67 33.39
C LEU C 276 -12.44 4.35 31.94
N TYR C 277 -12.36 3.07 31.57
CA TYR C 277 -12.63 2.66 30.20
C TYR C 277 -13.41 1.37 30.20
N GLY C 278 -14.12 1.15 29.09
CA GLY C 278 -14.94 -0.02 28.91
C GLY C 278 -15.98 0.19 27.83
N PRO C 279 -16.81 -0.82 27.57
CA PRO C 279 -17.83 -0.69 26.55
C PRO C 279 -18.88 0.34 26.94
N PRO C 280 -19.57 0.94 25.97
CA PRO C 280 -20.59 1.94 26.31
C PRO C 280 -21.74 1.33 27.08
N GLY C 281 -22.40 2.16 27.89
CA GLY C 281 -23.56 1.75 28.64
C GLY C 281 -23.27 1.08 29.96
N THR C 282 -22.01 1.03 30.39
CA THR C 282 -21.63 0.29 31.58
C THR C 282 -21.87 1.07 32.88
N GLY C 283 -22.37 2.30 32.80
CA GLY C 283 -22.59 3.08 33.99
C GLY C 283 -21.35 3.71 34.57
N LYS C 284 -20.27 3.82 33.80
CA LYS C 284 -19.06 4.49 34.26
C LYS C 284 -19.19 5.99 34.27
N THR C 285 -20.21 6.55 33.62
CA THR C 285 -20.42 7.99 33.64
C THR C 285 -20.98 8.47 34.96
N LEU C 286 -21.50 7.57 35.79
CA LEU C 286 -22.06 7.91 37.09
C LEU C 286 -21.10 7.63 38.24
N VAL C 287 -20.02 6.89 37.99
CA VAL C 287 -19.08 6.55 39.06
C VAL C 287 -18.47 7.82 39.64
N ALA C 288 -18.06 8.75 38.78
CA ALA C 288 -17.49 10.00 39.27
C ALA C 288 -18.49 10.77 40.11
N ARG C 289 -19.75 10.85 39.66
CA ARG C 289 -20.76 11.58 40.42
C ARG C 289 -21.04 10.90 41.75
N ALA C 290 -21.09 9.57 41.76
CA ALA C 290 -21.32 8.86 43.02
C ALA C 290 -20.18 9.10 43.99
N VAL C 291 -18.94 9.04 43.52
CA VAL C 291 -17.80 9.27 44.40
C VAL C 291 -17.84 10.70 44.94
N ALA C 292 -18.12 11.67 44.07
CA ALA C 292 -18.17 13.06 44.52
C ALA C 292 -19.26 13.27 45.56
N ASN C 293 -20.44 12.70 45.35
CA ASN C 293 -21.53 12.88 46.30
C ASN C 293 -21.23 12.19 47.62
N GLU C 294 -20.68 10.97 47.58
CA GLU C 294 -20.46 10.22 48.80
C GLU C 294 -19.28 10.77 49.60
N SER C 295 -18.30 11.35 48.94
CA SER C 295 -17.16 11.97 49.61
C SER C 295 -17.42 13.43 49.95
N GLY C 296 -18.55 13.99 49.51
CA GLY C 296 -18.83 15.39 49.78
C GLY C 296 -17.95 16.37 49.04
N SER C 297 -17.39 15.97 47.91
CA SER C 297 -16.46 16.79 47.16
C SER C 297 -17.16 17.47 45.99
N PHE C 298 -16.72 18.69 45.70
CA PHE C 298 -17.24 19.43 44.56
C PHE C 298 -17.02 18.66 43.28
N PHE C 299 -18.03 18.67 42.40
CA PHE C 299 -17.99 17.93 41.15
C PHE C 299 -18.15 18.91 39.99
N PHE C 300 -17.25 18.79 39.01
CA PHE C 300 -17.33 19.58 37.78
C PHE C 300 -17.28 18.63 36.59
N LEU C 301 -18.18 18.84 35.63
CA LEU C 301 -18.32 17.97 34.48
C LEU C 301 -17.86 18.69 33.23
N ILE C 302 -17.00 18.03 32.46
CA ILE C 302 -16.53 18.53 31.17
C ILE C 302 -16.95 17.51 30.11
N ASN C 303 -17.75 17.94 29.14
CA ASN C 303 -18.17 17.10 28.04
C ASN C 303 -17.26 17.35 26.84
N GLY C 304 -16.73 16.27 26.27
CA GLY C 304 -15.85 16.38 25.13
C GLY C 304 -16.53 17.04 23.95
N PRO C 305 -17.69 16.51 23.55
CA PRO C 305 -18.43 17.15 22.46
C PRO C 305 -18.79 18.60 22.75
N GLU C 306 -19.16 18.92 23.99
CA GLU C 306 -19.52 20.30 24.31
C GLU C 306 -18.32 21.22 24.19
N ILE C 307 -17.16 20.79 24.68
CA ILE C 307 -15.95 21.60 24.54
C ILE C 307 -15.58 21.76 23.09
N MET C 308 -15.66 20.68 22.30
CA MET C 308 -15.23 20.71 20.92
C MET C 308 -16.28 21.30 19.98
N SER C 309 -17.44 21.68 20.48
CA SER C 309 -18.48 22.28 19.66
C SER C 309 -18.41 23.80 19.64
N LYS C 310 -17.41 24.39 20.28
CA LYS C 310 -17.31 25.84 20.42
C LYS C 310 -16.15 26.38 19.61
N LEU C 311 -16.05 27.71 19.60
CA LEU C 311 -15.07 28.38 18.76
C LEU C 311 -13.65 28.11 19.27
N ALA C 312 -12.67 28.72 18.59
CA ALA C 312 -11.27 28.39 18.87
C ALA C 312 -10.89 28.73 20.31
N GLY C 313 -11.41 29.81 20.87
CA GLY C 313 -11.01 30.25 22.19
C GLY C 313 -11.94 29.80 23.30
N GLU C 314 -13.21 29.57 22.96
CA GLU C 314 -14.19 29.19 23.97
C GLU C 314 -13.84 27.85 24.62
N SER C 315 -13.34 26.90 23.83
CA SER C 315 -13.00 25.59 24.39
C SER C 315 -11.89 25.70 25.42
N GLU C 316 -10.82 26.41 25.08
CA GLU C 316 -9.72 26.59 26.03
C GLU C 316 -10.19 27.37 27.25
N SER C 317 -11.01 28.39 27.05
CA SER C 317 -11.54 29.15 28.18
C SER C 317 -12.33 28.24 29.11
N ASN C 318 -13.15 27.35 28.55
CA ASN C 318 -13.96 26.47 29.37
C ASN C 318 -13.09 25.48 30.14
N LEU C 319 -12.07 24.91 29.49
CA LEU C 319 -11.19 23.99 30.21
C LEU C 319 -10.48 24.71 31.37
N ARG C 320 -9.93 25.89 31.09
CA ARG C 320 -9.24 26.62 32.15
C ARG C 320 -10.17 26.99 33.27
N LYS C 321 -11.39 27.45 32.94
CA LYS C 321 -12.35 27.81 33.98
C LYS C 321 -12.74 26.60 34.81
N ALA C 322 -12.91 25.44 34.16
CA ALA C 322 -13.23 24.23 34.90
C ALA C 322 -12.15 23.92 35.93
N PHE C 323 -10.89 23.90 35.48
CA PHE C 323 -9.81 23.57 36.40
C PHE C 323 -9.68 24.62 37.51
N GLU C 324 -9.81 25.90 37.16
CA GLU C 324 -9.70 26.95 38.17
C GLU C 324 -10.80 26.83 39.21
N GLU C 325 -12.04 26.59 38.77
CA GLU C 325 -13.14 26.47 39.71
C GLU C 325 -12.99 25.23 40.58
N ALA C 326 -12.49 24.13 40.00
CA ALA C 326 -12.23 22.94 40.81
C ALA C 326 -11.18 23.22 41.87
N GLU C 327 -10.11 23.93 41.51
CA GLU C 327 -9.08 24.27 42.48
C GLU C 327 -9.61 25.21 43.56
N LYS C 328 -10.52 26.11 43.19
CA LYS C 328 -11.06 27.06 44.16
C LYS C 328 -11.95 26.37 45.19
N ASN C 329 -12.54 25.23 44.83
CA ASN C 329 -13.46 24.50 45.69
C ASN C 329 -12.89 23.16 46.13
N ALA C 330 -11.60 23.12 46.43
CA ALA C 330 -10.97 21.88 46.84
C ALA C 330 -11.59 21.40 48.16
N PRO C 331 -11.78 20.09 48.34
CA PRO C 331 -11.48 18.99 47.41
C PRO C 331 -12.49 18.93 46.27
N ALA C 332 -12.09 18.46 45.09
CA ALA C 332 -12.99 18.45 43.94
C ALA C 332 -12.62 17.30 43.03
N ILE C 333 -13.60 16.89 42.21
CA ILE C 333 -13.43 15.86 41.20
C ILE C 333 -13.87 16.43 39.86
N ILE C 334 -12.99 16.34 38.87
CA ILE C 334 -13.25 16.80 37.52
C ILE C 334 -13.45 15.57 36.64
N PHE C 335 -14.62 15.46 36.02
CA PHE C 335 -14.93 14.34 35.16
C PHE C 335 -14.96 14.82 33.71
N ILE C 336 -14.09 14.25 32.88
CA ILE C 336 -13.99 14.59 31.46
C ILE C 336 -14.57 13.44 30.68
N ASP C 337 -15.85 13.56 30.30
CA ASP C 337 -16.50 12.52 29.52
C ASP C 337 -16.11 12.66 28.05
N GLU C 338 -15.98 11.51 27.39
CA GLU C 338 -15.50 11.46 26.01
C GLU C 338 -14.15 12.16 25.88
N LEU C 339 -13.16 11.62 26.59
CA LEU C 339 -11.81 12.18 26.53
C LEU C 339 -11.23 12.05 25.13
N ASP C 340 -11.54 10.95 24.43
CA ASP C 340 -11.02 10.77 23.07
C ASP C 340 -11.48 11.89 22.16
N ALA C 341 -12.62 12.52 22.45
CA ALA C 341 -13.06 13.65 21.66
C ALA C 341 -12.11 14.84 21.83
N ILE C 342 -11.76 15.17 23.07
CA ILE C 342 -10.87 16.30 23.32
C ILE C 342 -9.45 15.97 22.88
N ALA C 343 -8.98 14.77 23.22
CA ALA C 343 -7.58 14.38 23.03
C ALA C 343 -7.51 13.03 22.34
N PRO C 344 -7.83 12.96 21.06
CA PRO C 344 -7.67 11.72 20.30
C PRO C 344 -6.20 11.48 19.98
N LYS C 345 -5.93 10.37 19.31
CA LYS C 345 -4.57 10.06 18.90
C LYS C 345 -4.02 11.17 18.01
N ARG C 346 -2.74 11.49 18.20
CA ARG C 346 -2.15 12.65 17.53
C ARG C 346 -2.33 12.58 16.02
N GLU C 347 -2.30 11.37 15.45
CA GLU C 347 -2.49 11.23 14.01
C GLU C 347 -3.92 11.51 13.59
N LYS C 348 -4.88 11.44 14.51
CA LYS C 348 -6.28 11.70 14.20
C LYS C 348 -6.64 13.18 14.25
N THR C 349 -5.72 14.05 14.68
CA THR C 349 -5.96 15.48 14.70
C THR C 349 -5.33 16.11 13.47
N HIS C 350 -6.14 16.82 12.69
CA HIS C 350 -5.68 17.44 11.46
C HIS C 350 -5.38 18.92 11.61
N GLY C 351 -6.21 19.66 12.34
CA GLY C 351 -6.04 21.08 12.50
C GLY C 351 -5.08 21.44 13.61
N GLU C 352 -5.03 22.73 13.92
CA GLU C 352 -4.18 23.25 14.99
C GLU C 352 -4.95 23.54 16.26
N VAL C 353 -6.24 23.86 16.16
CA VAL C 353 -7.04 24.09 17.37
C VAL C 353 -7.11 22.81 18.20
N GLU C 354 -7.23 21.66 17.54
CA GLU C 354 -7.29 20.40 18.26
C GLU C 354 -5.99 20.14 19.02
N ARG C 355 -4.85 20.33 18.36
CA ARG C 355 -3.57 20.13 19.03
C ARG C 355 -3.40 21.12 20.17
N ARG C 356 -3.87 22.36 19.98
CA ARG C 356 -3.76 23.36 21.04
C ARG C 356 -4.60 22.96 22.24
N ILE C 357 -5.80 22.43 22.02
CA ILE C 357 -6.64 22.05 23.16
C ILE C 357 -6.03 20.85 23.89
N VAL C 358 -5.45 19.91 23.13
CA VAL C 358 -4.78 18.79 23.78
C VAL C 358 -3.60 19.28 24.64
N SER C 359 -2.81 20.20 24.10
CA SER C 359 -1.68 20.73 24.85
C SER C 359 -2.16 21.51 26.08
N GLN C 360 -3.27 22.24 25.95
CA GLN C 360 -3.83 22.94 27.09
C GLN C 360 -4.23 21.96 28.18
N LEU C 361 -4.85 20.84 27.79
CA LEU C 361 -5.22 19.83 28.77
C LEU C 361 -3.98 19.26 29.46
N LEU C 362 -2.93 18.98 28.69
CA LEU C 362 -1.70 18.47 29.29
C LEU C 362 -1.10 19.45 30.28
N THR C 363 -1.04 20.74 29.90
CA THR C 363 -0.50 21.75 30.79
C THR C 363 -1.33 21.88 32.06
N LEU C 364 -2.66 21.90 31.92
CA LEU C 364 -3.51 22.00 33.10
C LEU C 364 -3.33 20.80 34.02
N MET C 365 -3.23 19.61 33.45
CA MET C 365 -3.02 18.41 34.26
C MET C 365 -1.68 18.50 34.99
N ASP C 366 -0.63 18.93 34.31
CA ASP C 366 0.67 19.07 34.95
C ASP C 366 0.69 20.18 35.99
N GLY C 367 -0.24 21.12 35.92
CA GLY C 367 -0.27 22.23 36.84
C GLY C 367 -0.96 21.96 38.16
N LEU C 368 -1.37 20.72 38.42
CA LEU C 368 -2.06 20.39 39.66
C LEU C 368 -1.03 20.13 40.76
N LYS C 369 -0.97 21.02 41.74
CA LYS C 369 -0.06 20.83 42.86
C LYS C 369 -0.47 19.62 43.68
N GLN C 370 0.52 18.95 44.27
CA GLN C 370 0.24 17.79 45.10
C GLN C 370 -0.65 18.16 46.28
N ARG C 371 -0.54 19.39 46.77
CA ARG C 371 -1.37 19.82 47.89
C ARG C 371 -2.83 19.97 47.49
N SER C 372 -3.09 20.60 46.35
CA SER C 372 -4.46 20.79 45.89
C SER C 372 -5.15 19.45 45.75
N HIS C 373 -6.36 19.34 46.30
CA HIS C 373 -7.08 18.08 46.34
C HIS C 373 -8.06 18.01 45.16
N VAL C 374 -7.48 17.93 43.97
CA VAL C 374 -8.24 17.83 42.72
C VAL C 374 -7.88 16.51 42.06
N ILE C 375 -8.89 15.66 41.87
CA ILE C 375 -8.74 14.38 41.20
C ILE C 375 -9.48 14.46 39.87
N VAL C 376 -8.76 14.23 38.78
CA VAL C 376 -9.32 14.30 37.44
C VAL C 376 -9.65 12.89 36.98
N MET C 377 -10.92 12.67 36.63
CA MET C 377 -11.40 11.38 36.17
C MET C 377 -11.89 11.52 34.75
N ALA C 378 -11.61 10.51 33.92
CA ALA C 378 -11.95 10.55 32.51
C ALA C 378 -12.55 9.23 32.09
N ALA C 379 -13.36 9.28 31.03
CA ALA C 379 -14.00 8.10 30.48
C ALA C 379 -13.68 7.99 28.99
N THR C 380 -13.38 6.78 28.55
CA THR C 380 -13.08 6.54 27.15
C THR C 380 -13.35 5.07 26.85
N ASN C 381 -13.85 4.79 25.64
CA ASN C 381 -14.15 3.41 25.28
C ASN C 381 -12.92 2.53 25.33
N ARG C 382 -11.83 2.98 24.70
CA ARG C 382 -10.57 2.25 24.70
C ARG C 382 -9.45 3.22 25.03
N PRO C 383 -8.57 2.89 25.97
CA PRO C 383 -7.49 3.82 26.31
C PRO C 383 -6.51 4.06 25.18
N ASN C 384 -6.47 3.19 24.17
CA ASN C 384 -5.57 3.40 23.04
C ASN C 384 -6.01 4.56 22.17
N SER C 385 -7.28 4.97 22.24
CA SER C 385 -7.76 6.09 21.45
C SER C 385 -7.35 7.44 22.02
N VAL C 386 -6.88 7.49 23.25
CA VAL C 386 -6.43 8.73 23.88
C VAL C 386 -4.98 8.97 23.50
N ASP C 387 -4.58 10.23 23.49
CA ASP C 387 -3.22 10.60 23.15
C ASP C 387 -2.25 9.92 24.12
N PRO C 388 -1.19 9.28 23.64
CA PRO C 388 -0.25 8.64 24.57
C PRO C 388 0.33 9.60 25.59
N ALA C 389 0.45 10.88 25.24
CA ALA C 389 1.04 11.84 26.17
C ALA C 389 0.18 12.03 27.42
N LEU C 390 -1.11 11.74 27.35
CA LEU C 390 -1.99 11.89 28.50
C LEU C 390 -1.86 10.75 29.50
N ARG C 391 -1.32 9.61 29.08
CA ARG C 391 -1.20 8.43 29.91
C ARG C 391 0.17 8.31 30.55
N ARG C 392 0.81 9.43 30.83
CA ARG C 392 2.12 9.46 31.46
C ARG C 392 1.96 9.38 32.98
N PHE C 393 3.10 9.17 33.66
CA PHE C 393 3.07 8.90 35.09
C PHE C 393 2.49 10.03 35.92
N GLY C 394 2.40 11.24 35.37
CA GLY C 394 1.94 12.37 36.15
C GLY C 394 0.57 12.89 35.77
N ARG C 395 -0.03 12.33 34.72
CA ARG C 395 -1.29 12.85 34.20
C ARG C 395 -2.44 11.85 34.34
N PHE C 396 -2.34 10.68 33.74
CA PHE C 396 -3.33 9.61 33.91
C PHE C 396 -2.54 8.32 34.11
N ASP C 397 -2.20 8.02 35.35
CA ASP C 397 -1.36 6.88 35.68
C ASP C 397 -2.16 5.70 36.24
N ARG C 398 -3.43 5.89 36.58
CA ARG C 398 -4.29 4.82 37.07
C ARG C 398 -5.43 4.63 36.07
N GLU C 399 -5.59 3.40 35.61
CA GLU C 399 -6.64 3.03 34.66
C GLU C 399 -7.47 1.89 35.25
N ILE C 400 -8.78 2.09 35.27
CA ILE C 400 -9.72 1.11 35.80
C ILE C 400 -10.69 0.73 34.68
N GLU C 401 -10.85 -0.58 34.46
CA GLU C 401 -11.74 -1.07 33.42
C GLU C 401 -13.07 -1.44 34.03
N ILE C 402 -14.14 -0.79 33.56
CA ILE C 402 -15.50 -1.14 33.97
C ILE C 402 -16.16 -1.87 32.81
N GLY C 403 -16.09 -3.20 32.81
CA GLY C 403 -16.52 -4.02 31.71
C GLY C 403 -17.90 -4.59 31.89
N ILE C 404 -18.19 -5.61 31.09
CA ILE C 404 -19.54 -6.21 31.10
C ILE C 404 -19.82 -6.78 32.47
N PRO C 405 -21.01 -6.56 33.04
CA PRO C 405 -21.31 -7.16 34.33
C PRO C 405 -21.53 -8.67 34.23
N ASP C 406 -21.31 -9.34 35.35
CA ASP C 406 -21.59 -10.77 35.47
C ASP C 406 -23.04 -10.94 35.90
N SER C 407 -23.41 -12.16 36.30
CA SER C 407 -24.81 -12.41 36.66
C SER C 407 -25.24 -11.55 37.83
N ILE C 408 -24.39 -11.42 38.85
CA ILE C 408 -24.74 -10.62 40.02
C ILE C 408 -24.86 -9.15 39.63
N GLY C 409 -23.95 -8.66 38.80
CA GLY C 409 -24.03 -7.29 38.34
C GLY C 409 -25.28 -7.02 37.53
N ARG C 410 -25.63 -7.95 36.64
CA ARG C 410 -26.86 -7.80 35.87
C ARG C 410 -28.08 -7.78 36.77
N LEU C 411 -28.09 -8.63 37.80
CA LEU C 411 -29.19 -8.64 38.75
C LEU C 411 -29.29 -7.31 39.49
N GLU C 412 -28.16 -6.77 39.91
CA GLU C 412 -28.16 -5.45 40.56
C GLU C 412 -28.71 -4.38 39.63
N ILE C 413 -28.29 -4.41 38.36
CA ILE C 413 -28.79 -3.41 37.41
C ILE C 413 -30.29 -3.56 37.23
N LEU C 414 -30.78 -4.80 37.13
CA LEU C 414 -32.21 -5.03 36.96
C LEU C 414 -32.99 -4.51 38.16
N ARG C 415 -32.47 -4.74 39.37
CA ARG C 415 -33.17 -4.26 40.56
C ARG C 415 -33.10 -2.75 40.70
N ILE C 416 -32.05 -2.11 40.15
CA ILE C 416 -32.01 -0.65 40.13
C ILE C 416 -33.03 -0.09 39.15
N HIS C 417 -33.11 -0.70 37.96
CA HIS C 417 -33.99 -0.16 36.92
C HIS C 417 -35.46 -0.45 37.21
N THR C 418 -35.76 -1.57 37.87
CA THR C 418 -37.13 -1.95 38.19
C THR C 418 -37.59 -1.38 39.52
N ARG C 419 -36.97 -0.29 39.98
CA ARG C 419 -37.33 0.32 41.25
C ARG C 419 -38.67 1.04 41.20
N ASN C 420 -39.19 1.32 40.00
CA ASN C 420 -40.49 1.95 39.84
C ASN C 420 -41.49 1.11 39.06
N ILE C 421 -41.02 0.26 38.14
CA ILE C 421 -41.93 -0.62 37.42
C ILE C 421 -42.56 -1.59 38.40
N ARG C 422 -43.87 -1.79 38.27
CA ARG C 422 -44.62 -2.69 39.14
C ARG C 422 -44.49 -4.10 38.58
N LEU C 423 -43.71 -4.94 39.26
CA LEU C 423 -43.49 -6.32 38.83
C LEU C 423 -44.56 -7.22 39.44
N ALA C 424 -45.04 -8.18 38.65
CA ALA C 424 -46.02 -9.12 39.14
C ALA C 424 -45.43 -9.98 40.25
N GLU C 425 -46.29 -10.76 40.89
CA GLU C 425 -45.85 -11.62 41.98
C GLU C 425 -45.01 -12.79 41.52
N ASP C 426 -44.94 -13.05 40.21
CA ASP C 426 -44.25 -14.21 39.66
C ASP C 426 -43.02 -13.82 38.85
N VAL C 427 -42.39 -12.70 39.19
CA VAL C 427 -41.20 -12.23 38.49
C VAL C 427 -39.98 -12.62 39.30
N GLU C 428 -39.10 -13.42 38.71
CA GLU C 428 -37.87 -13.89 39.34
C GLU C 428 -36.71 -13.27 38.55
N LEU C 429 -36.27 -12.09 39.00
CA LEU C 429 -35.22 -11.37 38.28
C LEU C 429 -33.91 -12.14 38.24
N GLU C 430 -33.72 -13.11 39.14
CA GLU C 430 -32.50 -13.90 39.12
C GLU C 430 -32.34 -14.62 37.80
N LYS C 431 -33.40 -15.27 37.33
CA LYS C 431 -33.33 -16.00 36.08
C LYS C 431 -33.06 -15.05 34.91
N ILE C 432 -33.75 -13.91 34.87
CA ILE C 432 -33.53 -12.96 33.78
C ILE C 432 -32.08 -12.50 33.78
N ALA C 433 -31.53 -12.20 34.95
CA ALA C 433 -30.12 -11.82 35.02
C ALA C 433 -29.22 -12.94 34.53
N ASN C 434 -29.53 -14.18 34.90
CA ASN C 434 -28.70 -15.31 34.49
C ASN C 434 -28.70 -15.50 32.98
N GLU C 435 -29.86 -15.33 32.34
CA GLU C 435 -29.99 -15.61 30.92
C GLU C 435 -29.64 -14.42 30.03
N ALA C 436 -29.39 -13.24 30.60
CA ALA C 436 -29.14 -12.04 29.81
C ALA C 436 -27.64 -11.92 29.55
N HIS C 437 -27.15 -12.74 28.63
CA HIS C 437 -25.75 -12.73 28.27
C HIS C 437 -25.44 -11.58 27.33
N GLY C 438 -24.23 -11.05 27.44
CA GLY C 438 -23.81 -9.96 26.59
C GLY C 438 -24.57 -8.68 26.81
N HIS C 439 -25.25 -8.54 27.93
CA HIS C 439 -26.06 -7.36 28.22
C HIS C 439 -25.28 -6.42 29.12
N VAL C 440 -25.28 -5.14 28.76
CA VAL C 440 -24.71 -4.10 29.58
C VAL C 440 -25.87 -3.35 30.24
N GLY C 441 -25.54 -2.50 31.21
CA GLY C 441 -26.60 -1.81 31.94
C GLY C 441 -27.56 -1.06 31.04
N ALA C 442 -27.05 -0.46 29.96
CA ALA C 442 -27.92 0.22 29.02
C ALA C 442 -28.91 -0.74 28.37
N ASP C 443 -28.43 -1.93 27.99
CA ASP C 443 -29.31 -2.90 27.35
C ASP C 443 -30.40 -3.38 28.31
N LEU C 444 -30.05 -3.62 29.57
CA LEU C 444 -31.05 -4.06 30.54
C LEU C 444 -32.13 -3.01 30.73
N ALA C 445 -31.80 -1.73 30.54
CA ALA C 445 -32.82 -0.70 30.59
C ALA C 445 -33.81 -0.85 29.44
N SER C 446 -33.31 -1.17 28.25
CA SER C 446 -34.21 -1.39 27.11
C SER C 446 -35.04 -2.66 27.32
N LEU C 447 -34.45 -3.69 27.92
CA LEU C 447 -35.19 -4.91 28.16
C LEU C 447 -36.38 -4.67 29.08
N CYS C 448 -36.18 -3.89 30.13
CA CYS C 448 -37.30 -3.56 31.03
C CYS C 448 -38.34 -2.73 30.30
N SER C 449 -37.91 -1.76 29.48
CA SER C 449 -38.86 -0.95 28.73
C SER C 449 -39.66 -1.80 27.75
N GLU C 450 -38.98 -2.69 27.02
CA GLU C 450 -39.68 -3.55 26.08
C GLU C 450 -40.65 -4.49 26.80
N ALA C 451 -40.23 -5.05 27.94
CA ALA C 451 -41.10 -5.95 28.68
C ALA C 451 -42.36 -5.22 29.14
N ALA C 452 -42.21 -3.99 29.63
CA ALA C 452 -43.37 -3.22 30.06
C ALA C 452 -44.25 -2.86 28.87
N LEU C 453 -43.63 -2.58 27.71
CA LEU C 453 -44.42 -2.28 26.52
C LEU C 453 -45.29 -3.45 26.12
N GLN C 454 -44.76 -4.67 26.21
CA GLN C 454 -45.55 -5.85 25.87
C GLN C 454 -46.77 -5.97 26.78
N GLN C 455 -46.61 -5.62 28.06
CA GLN C 455 -47.74 -5.66 28.98
C GLN C 455 -48.85 -4.71 28.52
N ILE C 456 -48.49 -3.50 28.12
CA ILE C 456 -49.49 -2.57 27.59
C ILE C 456 -50.09 -3.14 26.32
N ARG C 457 -49.28 -3.77 25.49
CA ARG C 457 -49.76 -4.31 24.22
C ARG C 457 -50.86 -5.34 24.45
N ASN C 458 -50.62 -6.30 25.34
CA ASN C 458 -51.61 -7.35 25.57
C ASN C 458 -52.86 -6.79 26.24
N LYS C 459 -52.68 -6.03 27.33
CA LYS C 459 -53.83 -5.56 28.10
C LYS C 459 -54.65 -4.56 27.29
N MET C 460 -53.98 -3.60 26.65
CA MET C 460 -54.69 -2.57 25.90
C MET C 460 -55.33 -3.17 24.65
N ALA C 472 -58.85 3.67 34.24
CA ALA C 472 -58.10 3.71 35.47
C ALA C 472 -57.96 2.31 36.05
N GLU C 473 -59.02 1.51 35.92
CA GLU C 473 -58.95 0.11 36.34
C GLU C 473 -57.90 -0.63 35.54
N VAL C 474 -57.82 -0.37 34.22
CA VAL C 474 -56.77 -0.95 33.41
C VAL C 474 -55.41 -0.45 33.89
N LEU C 475 -55.32 0.82 34.27
CA LEU C 475 -54.03 1.40 34.64
C LEU C 475 -53.44 0.72 35.86
N ASN C 476 -54.26 0.47 36.88
CA ASN C 476 -53.75 -0.14 38.10
C ASN C 476 -53.50 -1.64 37.95
N SER C 477 -54.08 -2.27 36.93
CA SER C 477 -53.89 -3.70 36.70
C SER C 477 -52.63 -4.01 35.91
N LEU C 478 -51.87 -2.99 35.49
CA LEU C 478 -50.66 -3.21 34.69
C LEU C 478 -49.52 -3.59 35.62
N ALA C 479 -49.12 -4.85 35.58
CA ALA C 479 -47.96 -5.33 36.33
C ALA C 479 -47.15 -6.23 35.41
N VAL C 480 -45.89 -5.88 35.19
CA VAL C 480 -45.06 -6.65 34.26
C VAL C 480 -44.95 -8.09 34.76
N THR C 481 -45.11 -9.03 33.85
CA THR C 481 -45.13 -10.45 34.16
C THR C 481 -43.88 -11.13 33.64
N MET C 482 -43.69 -12.38 34.06
CA MET C 482 -42.52 -13.15 33.66
C MET C 482 -42.53 -13.38 32.16
N ASP C 483 -43.70 -13.67 31.59
CA ASP C 483 -43.78 -13.91 30.16
C ASP C 483 -43.33 -12.68 29.38
N ASP C 484 -43.68 -11.48 29.87
CA ASP C 484 -43.22 -10.26 29.23
C ASP C 484 -41.70 -10.16 29.24
N PHE C 485 -41.08 -10.49 30.37
CA PHE C 485 -39.62 -10.42 30.43
C PHE C 485 -38.98 -11.43 29.50
N ARG C 486 -39.52 -12.64 29.43
CA ARG C 486 -38.95 -13.63 28.51
C ARG C 486 -39.11 -13.19 27.07
N TRP C 487 -40.27 -12.62 26.72
CA TRP C 487 -40.46 -12.10 25.38
C TRP C 487 -39.46 -10.99 25.07
N ALA C 488 -39.25 -10.08 26.01
CA ALA C 488 -38.30 -9.00 25.79
C ALA C 488 -36.89 -9.53 25.63
N LEU C 489 -36.50 -10.50 26.46
CA LEU C 489 -35.14 -11.04 26.39
C LEU C 489 -34.93 -11.79 25.09
N GLY C 490 -35.94 -12.50 24.61
CA GLY C 490 -35.77 -13.25 23.38
C GLY C 490 -35.47 -12.36 22.18
N LYS C 491 -36.13 -11.21 22.11
CA LYS C 491 -36.00 -10.31 20.96
C LYS C 491 -34.96 -9.22 21.18
N SER C 492 -34.26 -9.21 22.31
CA SER C 492 -33.26 -8.18 22.56
C SER C 492 -31.96 -8.53 21.85
N ASN C 493 -31.38 -7.54 21.17
CA ASN C 493 -30.11 -7.71 20.47
C ASN C 493 -29.04 -6.97 21.26
N PRO C 494 -28.41 -7.63 22.23
CA PRO C 494 -27.40 -6.94 23.06
C PRO C 494 -26.24 -6.41 22.24
N SER C 495 -25.67 -5.31 22.72
CA SER C 495 -24.56 -4.64 22.03
C SER C 495 -23.20 -5.12 22.50
N ALA C 496 -23.13 -6.07 23.43
CA ALA C 496 -21.88 -6.53 24.01
C ALA C 496 -21.76 -8.04 23.89
N LEU C 497 -22.21 -8.60 22.77
CA LEU C 497 -22.08 -10.03 22.54
C LEU C 497 -20.66 -10.42 22.13
N ARG C 498 -19.97 -9.54 21.40
CA ARG C 498 -18.67 -9.86 20.82
C ARG C 498 -17.51 -9.36 21.66
N GLU C 499 -17.74 -9.09 22.94
CA GLU C 499 -16.69 -8.63 23.84
C GLU C 499 -16.35 -9.73 24.83
N THR C 500 -15.05 -9.88 25.09
CA THR C 500 -14.58 -10.95 25.97
C THR C 500 -15.17 -10.80 27.37
N THR C 501 -15.54 -11.93 27.96
CA THR C 501 -16.11 -11.97 29.30
C THR C 501 -15.07 -12.55 30.25
N VAL C 502 -14.86 -11.88 31.38
CA VAL C 502 -13.89 -12.29 32.39
C VAL C 502 -14.67 -12.50 33.68
N GLU C 503 -14.92 -13.76 34.02
CA GLU C 503 -15.65 -14.09 35.24
C GLU C 503 -15.28 -15.51 35.67
N VAL C 504 -15.64 -15.83 36.91
CA VAL C 504 -15.39 -17.17 37.45
C VAL C 504 -16.47 -18.10 36.89
N PRO C 505 -16.12 -19.10 36.09
CA PRO C 505 -17.15 -19.94 35.49
C PRO C 505 -17.92 -20.75 36.52
N ASN C 506 -19.18 -21.06 36.19
CA ASN C 506 -20.06 -21.83 37.04
C ASN C 506 -19.98 -23.33 36.75
N VAL C 507 -18.85 -23.79 36.22
CA VAL C 507 -18.63 -25.22 35.94
C VAL C 507 -17.82 -25.80 37.09
N THR C 508 -18.28 -26.93 37.61
CA THR C 508 -17.63 -27.61 38.73
C THR C 508 -17.18 -28.99 38.29
N TRP C 509 -16.24 -29.56 39.03
CA TRP C 509 -15.69 -30.86 38.66
C TRP C 509 -16.78 -31.91 38.47
N ASP C 510 -17.85 -31.83 39.25
CA ASP C 510 -18.84 -32.90 39.28
C ASP C 510 -19.47 -33.14 37.91
N ASP C 511 -19.58 -32.11 37.08
CA ASP C 511 -20.27 -32.24 35.81
C ASP C 511 -19.34 -32.59 34.66
N ILE C 512 -18.04 -32.77 34.92
CA ILE C 512 -17.10 -33.20 33.91
C ILE C 512 -16.58 -34.61 34.16
N GLY C 513 -16.55 -35.07 35.41
CA GLY C 513 -15.93 -36.34 35.73
C GLY C 513 -14.45 -36.16 36.00
N GLY C 514 -13.64 -36.43 34.99
CA GLY C 514 -12.22 -36.16 35.09
C GLY C 514 -11.41 -37.34 35.59
N LEU C 515 -10.14 -37.35 35.22
CA LEU C 515 -9.20 -38.38 35.67
C LEU C 515 -8.47 -37.91 36.92
N GLU C 516 -8.15 -38.86 37.79
CA GLU C 516 -7.48 -38.51 39.03
C GLU C 516 -6.11 -37.90 38.78
N ASN C 517 -5.37 -38.42 37.79
CA ASN C 517 -4.04 -37.89 37.51
C ASN C 517 -4.09 -36.44 37.09
N VAL C 518 -4.93 -36.12 36.10
CA VAL C 518 -5.04 -34.73 35.64
C VAL C 518 -5.64 -33.87 36.75
N LYS C 519 -6.63 -34.39 37.46
CA LYS C 519 -7.16 -33.73 38.64
C LYS C 519 -6.04 -33.22 39.53
N ARG C 520 -5.19 -34.15 39.99
CA ARG C 520 -4.12 -33.81 40.92
C ARG C 520 -3.13 -32.84 40.29
N GLU C 521 -2.76 -33.08 39.03
CA GLU C 521 -1.74 -32.25 38.39
C GLU C 521 -2.21 -30.80 38.26
N LEU C 522 -3.40 -30.61 37.70
CA LEU C 522 -3.96 -29.26 37.60
C LEU C 522 -4.12 -28.64 38.97
N GLN C 523 -4.62 -29.42 39.95
CA GLN C 523 -4.80 -28.87 41.28
C GLN C 523 -3.48 -28.31 41.79
N GLU C 524 -2.42 -29.13 41.76
CA GLU C 524 -1.11 -28.64 42.14
C GLU C 524 -0.79 -27.33 41.44
N LEU C 525 -0.66 -27.41 40.11
CA LEU C 525 -0.05 -26.31 39.35
C LEU C 525 -0.83 -25.01 39.52
N VAL C 526 -2.17 -25.07 39.49
CA VAL C 526 -2.97 -23.85 39.45
C VAL C 526 -3.50 -23.42 40.81
N GLN C 527 -3.45 -24.28 41.83
CA GLN C 527 -3.98 -23.95 43.14
C GLN C 527 -2.89 -23.71 44.18
N TYR C 528 -1.89 -24.58 44.24
CA TYR C 528 -0.89 -24.44 45.29
C TYR C 528 -0.18 -23.08 45.24
N PRO C 529 0.24 -22.58 44.08
CA PRO C 529 0.78 -21.21 44.05
C PRO C 529 -0.22 -20.17 44.54
N VAL C 530 -1.50 -20.37 44.31
CA VAL C 530 -2.50 -19.36 44.65
C VAL C 530 -2.94 -19.50 46.11
N GLU C 531 -2.89 -20.71 46.68
CA GLU C 531 -3.37 -20.95 48.03
C GLU C 531 -2.27 -21.18 49.06
N HIS C 532 -1.09 -21.63 48.63
CA HIS C 532 0.02 -21.90 49.55
C HIS C 532 1.29 -21.25 49.01
N PRO C 533 1.31 -19.92 48.87
CA PRO C 533 2.54 -19.26 48.40
C PRO C 533 3.67 -19.31 49.41
N ASP C 534 3.35 -19.45 50.70
CA ASP C 534 4.39 -19.52 51.71
C ASP C 534 5.30 -20.72 51.50
N LYS C 535 4.71 -21.87 51.16
CA LYS C 535 5.53 -23.06 50.88
C LYS C 535 6.46 -22.81 49.69
N PHE C 536 5.93 -22.20 48.63
CA PHE C 536 6.75 -21.93 47.46
C PHE C 536 7.91 -21.00 47.78
N LEU C 537 7.66 -19.96 48.55
CA LEU C 537 8.75 -19.08 48.96
C LEU C 537 9.74 -19.82 49.84
N LYS C 538 9.26 -20.66 50.74
CA LYS C 538 10.14 -21.37 51.66
C LYS C 538 11.09 -22.30 50.90
N PHE C 539 10.56 -23.05 49.94
CA PHE C 539 11.40 -23.98 49.19
C PHE C 539 12.06 -23.34 47.97
N GLY C 540 11.75 -22.09 47.67
CA GLY C 540 12.49 -21.34 46.67
C GLY C 540 12.47 -21.92 45.27
N MET C 541 11.30 -22.31 44.78
CA MET C 541 11.13 -22.72 43.39
C MET C 541 10.09 -21.82 42.74
N THR C 542 10.37 -21.41 41.50
CA THR C 542 9.42 -20.60 40.73
C THR C 542 8.42 -21.53 40.05
N PRO C 543 7.14 -21.47 40.38
CA PRO C 543 6.19 -22.40 39.75
C PRO C 543 6.08 -22.19 38.26
N SER C 544 5.90 -23.28 37.53
CA SER C 544 5.66 -23.19 36.10
C SER C 544 4.32 -22.52 35.83
N LYS C 545 4.25 -21.80 34.72
CA LYS C 545 3.06 -21.04 34.34
C LYS C 545 2.61 -21.41 32.93
N GLY C 546 2.52 -22.72 32.66
CA GLY C 546 2.14 -23.16 31.34
C GLY C 546 1.71 -24.62 31.27
N VAL C 547 0.65 -24.88 30.52
CA VAL C 547 0.18 -26.24 30.25
C VAL C 547 -0.33 -26.26 28.81
N LEU C 548 -0.09 -27.37 28.12
CA LEU C 548 -0.55 -27.56 26.75
C LEU C 548 -1.41 -28.82 26.71
N PHE C 549 -2.71 -28.65 26.89
CA PHE C 549 -3.63 -29.76 26.78
C PHE C 549 -3.66 -30.31 25.37
N TYR C 550 -3.66 -31.63 25.25
CA TYR C 550 -3.77 -32.30 23.97
C TYR C 550 -4.53 -33.60 24.17
N GLY C 551 -5.43 -33.92 23.24
CA GLY C 551 -6.25 -35.09 23.34
C GLY C 551 -7.26 -35.15 22.21
N PRO C 552 -8.17 -36.11 22.26
CA PRO C 552 -9.20 -36.20 21.25
C PRO C 552 -10.03 -34.94 21.20
N PRO C 553 -10.43 -34.49 20.02
CA PRO C 553 -11.35 -33.35 19.94
C PRO C 553 -12.60 -33.62 20.75
N GLY C 554 -13.05 -32.62 21.51
CA GLY C 554 -14.26 -32.76 22.34
C GLY C 554 -14.53 -31.51 23.15
N CYS C 555 -15.06 -31.65 24.36
CA CYS C 555 -15.40 -30.50 25.24
C CYS C 555 -14.56 -30.55 26.54
N GLY C 556 -13.78 -31.60 26.77
CA GLY C 556 -13.04 -31.78 28.05
C GLY C 556 -11.81 -30.90 28.20
N LYS C 557 -11.14 -30.52 27.11
CA LYS C 557 -9.96 -29.66 27.13
C LYS C 557 -10.32 -28.23 27.50
N THR C 558 -11.52 -27.78 27.18
CA THR C 558 -11.97 -26.44 27.52
C THR C 558 -12.88 -26.41 28.74
N LEU C 559 -13.43 -27.54 29.15
CA LEU C 559 -14.21 -27.61 30.37
C LEU C 559 -13.36 -27.84 31.60
N LEU C 560 -12.24 -28.56 31.45
CA LEU C 560 -11.36 -28.80 32.59
C LEU C 560 -10.71 -27.51 33.05
N ALA C 561 -10.33 -26.64 32.12
CA ALA C 561 -9.77 -25.35 32.49
C ALA C 561 -10.78 -24.53 33.27
N LYS C 562 -12.04 -24.52 32.81
CA LYS C 562 -13.09 -23.81 33.56
C LYS C 562 -13.26 -24.40 34.94
N ALA C 563 -13.21 -25.73 35.05
CA ALA C 563 -13.38 -26.36 36.35
C ALA C 563 -12.27 -25.95 37.31
N ILE C 564 -11.02 -25.98 36.84
CA ILE C 564 -9.91 -25.61 37.72
C ILE C 564 -9.99 -24.14 38.10
N ALA C 565 -10.41 -23.29 37.16
CA ALA C 565 -10.61 -21.89 37.49
C ALA C 565 -11.70 -21.73 38.55
N ASN C 566 -12.78 -22.50 38.43
CA ASN C 566 -13.86 -22.44 39.41
C ASN C 566 -13.37 -22.87 40.79
N GLU C 567 -12.54 -23.91 40.85
CA GLU C 567 -12.04 -24.36 42.14
C GLU C 567 -11.26 -23.25 42.85
N CYS C 568 -10.41 -22.55 42.11
CA CYS C 568 -9.58 -21.50 42.68
C CYS C 568 -10.26 -20.15 42.71
N GLN C 569 -11.51 -20.07 42.24
CA GLN C 569 -12.24 -18.80 42.19
C GLN C 569 -11.43 -17.76 41.42
N ALA C 570 -10.78 -18.20 40.34
CA ALA C 570 -9.95 -17.35 39.51
C ALA C 570 -10.70 -16.98 38.23
N ASN C 571 -10.35 -15.82 37.69
CA ASN C 571 -10.96 -15.36 36.45
C ASN C 571 -10.55 -16.24 35.28
N PHE C 572 -11.48 -16.42 34.35
CA PHE C 572 -11.27 -17.28 33.18
C PHE C 572 -11.43 -16.45 31.92
N ILE C 573 -10.44 -16.54 31.03
CA ILE C 573 -10.45 -15.86 29.74
C ILE C 573 -10.30 -16.91 28.66
N SER C 574 -11.21 -16.89 27.69
CA SER C 574 -11.18 -17.83 26.57
C SER C 574 -10.86 -17.07 25.29
N ILE C 575 -9.81 -17.51 24.60
CA ILE C 575 -9.42 -16.92 23.33
C ILE C 575 -9.30 -18.06 22.33
N LYS C 576 -10.13 -18.04 21.29
CA LYS C 576 -10.11 -19.05 20.25
C LYS C 576 -9.18 -18.64 19.12
N GLY C 577 -8.81 -19.62 18.31
CA GLY C 577 -7.94 -19.39 17.19
C GLY C 577 -8.51 -18.40 16.20
N PRO C 578 -9.78 -18.59 15.82
CA PRO C 578 -10.40 -17.63 14.89
C PRO C 578 -10.35 -16.20 15.39
N GLU C 579 -10.52 -15.99 16.69
CA GLU C 579 -10.53 -14.63 17.23
C GLU C 579 -9.19 -13.95 17.03
N LEU C 580 -8.10 -14.67 17.31
CA LEU C 580 -6.77 -14.08 17.12
C LEU C 580 -6.43 -13.93 15.65
N LEU C 581 -6.73 -14.94 14.83
CA LEU C 581 -6.40 -14.87 13.42
C LEU C 581 -7.05 -13.67 12.75
N THR C 582 -8.22 -13.25 13.24
CA THR C 582 -8.89 -12.07 12.71
C THR C 582 -8.19 -10.80 13.18
N ALA C 590 -0.97 -6.29 18.32
CA ALA C 590 -1.89 -5.34 18.95
C ALA C 590 -2.82 -6.05 19.93
N ASN C 591 -3.59 -7.03 19.43
CA ASN C 591 -4.60 -7.68 20.25
C ASN C 591 -3.98 -8.60 21.30
N VAL C 592 -2.86 -9.24 20.99
CA VAL C 592 -2.27 -10.18 21.93
C VAL C 592 -1.84 -9.46 23.21
N ARG C 593 -1.20 -8.30 23.06
CA ARG C 593 -0.81 -7.54 24.24
C ARG C 593 -2.03 -7.10 25.02
N ASP C 594 -3.11 -6.74 24.33
CA ASP C 594 -4.34 -6.36 25.03
C ASP C 594 -4.89 -7.52 25.85
N ILE C 595 -4.90 -8.72 25.28
CA ILE C 595 -5.40 -9.89 26.00
C ILE C 595 -4.52 -10.16 27.21
N PHE C 596 -3.19 -10.10 27.04
CA PHE C 596 -2.31 -10.38 28.17
C PHE C 596 -2.43 -9.32 29.24
N ASP C 597 -2.63 -8.06 28.87
CA ASP C 597 -2.85 -7.02 29.87
C ASP C 597 -4.16 -7.22 30.61
N LYS C 598 -5.21 -7.62 29.89
CA LYS C 598 -6.47 -7.92 30.55
C LYS C 598 -6.31 -9.08 31.51
N ALA C 599 -5.45 -10.04 31.18
CA ALA C 599 -5.15 -11.11 32.12
C ALA C 599 -4.37 -10.58 33.33
N ARG C 600 -3.40 -9.69 33.09
CA ARG C 600 -2.60 -9.15 34.18
C ARG C 600 -3.47 -8.38 35.17
N GLN C 601 -4.43 -7.60 34.67
CA GLN C 601 -5.31 -6.85 35.57
C GLN C 601 -6.02 -7.78 36.54
N ALA C 602 -6.38 -8.97 36.08
CA ALA C 602 -6.98 -10.00 36.95
C ALA C 602 -5.85 -10.88 37.47
N ALA C 603 -5.44 -10.65 38.71
CA ALA C 603 -4.26 -11.31 39.24
C ALA C 603 -4.39 -12.82 39.15
N PRO C 604 -5.33 -13.46 39.87
CA PRO C 604 -5.55 -14.90 39.68
C PRO C 604 -6.41 -15.15 38.45
N CYS C 605 -5.80 -15.70 37.41
CA CYS C 605 -6.48 -15.87 36.13
C CYS C 605 -6.02 -17.15 35.46
N VAL C 606 -6.85 -17.63 34.54
CA VAL C 606 -6.58 -18.82 33.74
C VAL C 606 -6.80 -18.43 32.29
N LEU C 607 -5.73 -18.05 31.60
CA LEU C 607 -5.82 -17.61 30.21
C LEU C 607 -5.83 -18.85 29.31
N PHE C 608 -6.97 -19.11 28.68
CA PHE C 608 -7.15 -20.30 27.85
C PHE C 608 -7.02 -19.90 26.38
N PHE C 609 -6.06 -20.51 25.70
CA PHE C 609 -5.84 -20.29 24.27
C PHE C 609 -6.28 -21.55 23.53
N ASP C 610 -7.56 -21.60 23.19
CA ASP C 610 -8.10 -22.76 22.48
C ASP C 610 -7.63 -22.76 21.03
N GLU C 611 -7.62 -23.94 20.44
CA GLU C 611 -7.21 -24.12 19.05
C GLU C 611 -5.87 -23.46 18.79
N LEU C 612 -4.89 -23.79 19.65
CA LEU C 612 -3.58 -23.17 19.54
C LEU C 612 -2.87 -23.56 18.25
N ASP C 613 -3.32 -24.62 17.57
CA ASP C 613 -2.65 -25.06 16.36
C ASP C 613 -2.70 -24.00 15.27
N SER C 614 -3.85 -23.33 15.13
CA SER C 614 -4.00 -22.34 14.06
C SER C 614 -2.96 -21.23 14.17
N ILE C 615 -2.58 -20.85 15.39
CA ILE C 615 -1.62 -19.77 15.57
C ILE C 615 -0.20 -20.29 15.42
N ALA C 616 0.11 -21.42 16.05
CA ALA C 616 1.43 -22.03 15.94
C ALA C 616 1.56 -22.72 14.58
N LYS C 617 2.66 -23.43 14.37
CA LYS C 617 2.91 -24.09 13.10
C LYS C 617 1.85 -25.14 12.81
N ASP C 631 2.56 -15.74 11.11
CA ASP C 631 3.92 -15.66 11.62
C ASP C 631 4.09 -14.47 12.56
N ARG C 632 3.36 -13.40 12.28
CA ARG C 632 3.42 -12.23 13.14
C ARG C 632 2.85 -12.53 14.52
N VAL C 633 1.72 -13.23 14.58
CA VAL C 633 1.05 -13.47 15.85
C VAL C 633 1.86 -14.43 16.71
N ILE C 634 2.38 -15.49 16.12
CA ILE C 634 3.09 -16.50 16.91
C ILE C 634 4.32 -15.87 17.57
N ASN C 635 5.08 -15.07 16.82
CA ASN C 635 6.21 -14.37 17.40
C ASN C 635 5.75 -13.41 18.48
N GLN C 636 4.65 -12.69 18.26
CA GLN C 636 4.13 -11.78 19.26
C GLN C 636 3.71 -12.54 20.52
N LEU C 637 3.01 -13.67 20.34
CA LEU C 637 2.67 -14.50 21.48
C LEU C 637 3.92 -15.03 22.17
N LEU C 638 4.94 -15.39 21.38
CA LEU C 638 6.19 -15.87 21.96
C LEU C 638 6.83 -14.83 22.86
N THR C 639 6.96 -13.58 22.38
CA THR C 639 7.65 -12.56 23.16
C THR C 639 6.82 -12.13 24.36
N GLU C 640 5.50 -11.95 24.18
CA GLU C 640 4.67 -11.53 25.30
C GLU C 640 4.69 -12.56 26.41
N MET C 641 4.69 -13.84 26.06
CA MET C 641 4.79 -14.89 27.06
C MET C 641 6.21 -15.03 27.60
N ASP C 642 7.22 -14.71 26.79
CA ASP C 642 8.59 -14.74 27.29
C ASP C 642 8.77 -13.79 28.46
N GLY C 643 8.27 -12.56 28.32
CA GLY C 643 8.43 -11.55 29.34
C GLY C 643 7.25 -11.49 30.31
N MET C 644 6.89 -12.63 30.88
CA MET C 644 5.86 -12.70 31.91
C MET C 644 6.50 -13.21 33.19
N SER C 645 6.45 -12.39 34.24
CA SER C 645 7.04 -12.79 35.51
C SER C 645 6.39 -14.07 36.01
N ALA C 646 7.23 -15.05 36.37
CA ALA C 646 6.73 -16.33 36.85
C ALA C 646 6.13 -16.24 38.24
N LYS C 647 6.29 -15.12 38.93
CA LYS C 647 5.77 -14.95 40.28
C LYS C 647 4.38 -14.34 40.32
N LYS C 648 3.77 -14.07 39.17
CA LYS C 648 2.42 -13.55 39.11
C LYS C 648 1.45 -14.67 38.78
N ASN C 649 0.27 -14.59 39.38
CA ASN C 649 -0.68 -15.71 39.37
C ASN C 649 -1.55 -15.74 38.11
N VAL C 650 -0.92 -15.73 36.93
CA VAL C 650 -1.60 -15.93 35.67
C VAL C 650 -1.12 -17.25 35.08
N PHE C 651 -2.07 -18.10 34.69
CA PHE C 651 -1.76 -19.41 34.14
C PHE C 651 -2.26 -19.47 32.71
N ILE C 652 -1.35 -19.80 31.79
CA ILE C 652 -1.66 -19.92 30.37
C ILE C 652 -1.90 -21.40 30.07
N ILE C 653 -3.12 -21.74 29.68
CA ILE C 653 -3.51 -23.12 29.42
C ILE C 653 -3.87 -23.20 27.94
N GLY C 654 -2.96 -23.72 27.14
CA GLY C 654 -3.25 -23.97 25.75
C GLY C 654 -4.08 -25.22 25.55
N ALA C 655 -4.49 -25.42 24.30
CA ALA C 655 -5.27 -26.62 23.95
C ALA C 655 -5.20 -26.80 22.44
N THR C 656 -4.70 -27.96 22.00
CA THR C 656 -4.60 -28.27 20.59
C THR C 656 -4.96 -29.73 20.38
N ASN C 657 -5.84 -29.99 19.41
CA ASN C 657 -6.20 -31.36 19.07
C ASN C 657 -5.18 -32.03 18.18
N ARG C 658 -4.29 -31.27 17.56
CA ARG C 658 -3.21 -31.81 16.75
C ARG C 658 -1.88 -31.52 17.43
N PRO C 659 -1.54 -32.25 18.50
CA PRO C 659 -0.32 -31.92 19.24
C PRO C 659 0.96 -32.10 18.45
N ASP C 660 0.92 -32.82 17.32
CA ASP C 660 2.13 -33.04 16.55
C ASP C 660 2.56 -31.78 15.80
N ILE C 661 1.60 -31.02 15.27
CA ILE C 661 1.94 -29.84 14.47
C ILE C 661 2.31 -28.63 15.31
N ILE C 662 2.18 -28.71 16.64
CA ILE C 662 2.51 -27.57 17.48
C ILE C 662 4.00 -27.28 17.37
N ASP C 663 4.35 -26.01 17.20
CA ASP C 663 5.74 -25.63 17.04
C ASP C 663 6.54 -25.99 18.28
N GLY C 664 7.79 -26.40 18.08
CA GLY C 664 8.64 -26.77 19.19
C GLY C 664 9.04 -25.62 20.08
N ALA C 665 8.99 -24.39 19.57
CA ALA C 665 9.35 -23.23 20.39
C ALA C 665 8.37 -23.02 21.53
N ILE C 666 7.07 -23.21 21.26
CA ILE C 666 6.05 -22.98 22.29
C ILE C 666 6.28 -23.88 23.49
N LEU C 667 6.82 -25.07 23.27
CA LEU C 667 7.02 -26.05 24.33
C LEU C 667 8.34 -25.87 25.07
N ARG C 668 9.15 -24.89 24.70
CA ARG C 668 10.40 -24.67 25.42
C ARG C 668 10.09 -24.28 26.86
N PRO C 669 10.79 -24.85 27.84
CA PRO C 669 10.52 -24.53 29.24
C PRO C 669 10.46 -23.03 29.46
N GLY C 670 9.69 -22.59 30.47
CA GLY C 670 9.52 -21.16 30.75
C GLY C 670 8.22 -20.65 30.13
N ARG C 671 7.94 -21.08 28.89
CA ARG C 671 6.71 -20.71 28.17
C ARG C 671 5.61 -21.70 28.55
N LEU C 672 5.63 -22.92 28.05
CA LEU C 672 4.66 -23.98 28.33
C LEU C 672 5.49 -25.25 28.51
N ASP C 673 5.94 -25.49 29.74
CA ASP C 673 6.90 -26.54 30.00
C ASP C 673 6.27 -27.93 30.15
N GLN C 674 4.95 -28.02 30.29
CA GLN C 674 4.30 -29.27 30.62
C GLN C 674 3.21 -29.59 29.61
N LEU C 675 2.99 -30.89 29.39
CA LEU C 675 1.92 -31.37 28.53
C LEU C 675 1.07 -32.36 29.30
N ILE C 676 -0.24 -32.24 29.16
CA ILE C 676 -1.19 -33.11 29.84
C ILE C 676 -2.10 -33.73 28.79
N TYR C 677 -2.35 -35.03 28.93
CA TYR C 677 -3.18 -35.77 27.99
C TYR C 677 -4.56 -35.98 28.58
N ILE C 678 -5.58 -35.59 27.82
CA ILE C 678 -6.98 -35.75 28.23
C ILE C 678 -7.57 -36.91 27.45
N PRO C 679 -7.73 -38.09 28.06
CA PRO C 679 -8.21 -39.25 27.30
C PRO C 679 -9.73 -39.21 27.14
N LEU C 680 -10.23 -40.17 26.35
CA LEU C 680 -11.66 -40.33 26.23
C LEU C 680 -12.24 -40.72 27.58
N PRO C 681 -13.37 -40.14 28.00
CA PRO C 681 -13.87 -40.40 29.35
C PRO C 681 -14.11 -41.88 29.59
N ASP C 682 -13.78 -42.32 30.81
CA ASP C 682 -13.97 -43.70 31.20
C ASP C 682 -15.43 -43.92 31.58
N GLU C 683 -15.73 -45.06 32.21
CA GLU C 683 -17.12 -45.38 32.55
C GLU C 683 -17.70 -44.34 33.50
N ALA C 684 -17.01 -44.06 34.60
CA ALA C 684 -17.52 -43.08 35.56
C ALA C 684 -17.63 -41.70 34.94
N SER C 685 -16.63 -41.32 34.13
CA SER C 685 -16.68 -40.02 33.47
C SER C 685 -17.88 -39.94 32.53
N ARG C 686 -18.15 -41.01 31.79
CA ARG C 686 -19.31 -41.01 30.90
C ARG C 686 -20.61 -40.92 31.69
N VAL C 687 -20.69 -41.62 32.83
CA VAL C 687 -21.88 -41.51 33.67
C VAL C 687 -22.08 -40.07 34.11
N ASN C 688 -21.01 -39.42 34.56
CA ASN C 688 -21.11 -38.03 35.00
C ASN C 688 -21.53 -37.11 33.86
N ILE C 689 -20.96 -37.31 32.66
CA ILE C 689 -21.30 -36.45 31.53
C ILE C 689 -22.77 -36.63 31.17
N LEU C 690 -23.24 -37.87 31.12
CA LEU C 690 -24.64 -38.13 30.81
C LEU C 690 -25.56 -37.47 31.83
N LYS C 691 -25.23 -37.61 33.12
CA LYS C 691 -26.06 -37.01 34.14
C LYS C 691 -26.08 -35.49 34.03
N ALA C 692 -24.92 -34.88 33.77
CA ALA C 692 -24.86 -33.43 33.67
C ALA C 692 -25.63 -32.92 32.46
N ASN C 693 -25.53 -33.61 31.32
CA ASN C 693 -26.19 -33.14 30.12
C ASN C 693 -27.71 -33.14 30.27
N LEU C 694 -28.26 -34.17 30.92
CA LEU C 694 -29.70 -34.33 31.04
C LEU C 694 -30.25 -33.73 32.32
N ARG C 695 -29.45 -32.97 33.06
CA ARG C 695 -29.92 -32.43 34.33
C ARG C 695 -31.13 -31.52 34.14
N LYS C 696 -31.09 -30.66 33.12
CA LYS C 696 -32.15 -29.69 32.89
C LYS C 696 -33.37 -30.28 32.18
N SER C 697 -33.46 -31.60 32.05
CA SER C 697 -34.58 -32.24 31.39
C SER C 697 -35.11 -33.37 32.26
N PRO C 698 -36.40 -33.69 32.16
CA PRO C 698 -36.97 -34.78 32.97
C PRO C 698 -36.75 -36.13 32.30
N ILE C 699 -36.16 -37.06 33.06
CA ILE C 699 -35.87 -38.40 32.58
C ILE C 699 -36.80 -39.38 33.26
N ALA C 700 -37.12 -40.46 32.55
CA ALA C 700 -38.00 -41.47 33.11
C ALA C 700 -37.33 -42.15 34.30
N ARG C 701 -38.16 -42.62 35.23
CA ARG C 701 -37.66 -43.25 36.45
C ARG C 701 -37.02 -44.61 36.19
N ASP C 702 -37.16 -45.16 34.98
CA ASP C 702 -36.63 -46.48 34.68
C ASP C 702 -35.35 -46.45 33.85
N VAL C 703 -35.03 -45.31 33.24
CA VAL C 703 -33.80 -45.20 32.44
C VAL C 703 -32.62 -45.07 33.38
N ASP C 704 -31.66 -46.00 33.27
CA ASP C 704 -30.47 -46.00 34.09
C ASP C 704 -29.29 -45.53 33.26
N ILE C 705 -28.67 -44.43 33.68
CA ILE C 705 -27.49 -43.92 32.97
C ILE C 705 -26.33 -44.90 33.09
N ASN C 706 -26.34 -45.75 34.11
CA ASN C 706 -25.26 -46.72 34.26
C ASN C 706 -25.20 -47.67 33.07
N PHE C 707 -26.35 -48.18 32.65
CA PHE C 707 -26.37 -49.11 31.52
C PHE C 707 -25.89 -48.42 30.24
N LEU C 708 -26.36 -47.20 29.99
CA LEU C 708 -25.92 -46.49 28.80
C LEU C 708 -24.41 -46.24 28.84
N ALA C 709 -23.88 -45.86 30.00
CA ALA C 709 -22.45 -45.66 30.13
C ALA C 709 -21.70 -46.95 29.83
N LYS C 710 -22.22 -48.08 30.31
CA LYS C 710 -21.60 -49.36 29.98
C LYS C 710 -21.63 -49.60 28.48
N ALA C 711 -22.74 -49.29 27.83
CA ALA C 711 -22.87 -49.51 26.40
C ALA C 711 -22.10 -48.50 25.57
N THR C 712 -21.99 -47.26 26.04
CA THR C 712 -21.27 -46.21 25.32
C THR C 712 -19.80 -46.28 25.72
N GLN C 713 -18.99 -46.86 24.84
CA GLN C 713 -17.54 -46.97 25.05
C GLN C 713 -16.83 -46.15 23.98
N GLY C 714 -15.94 -45.26 24.41
CA GLY C 714 -15.17 -44.46 23.49
C GLY C 714 -15.92 -43.30 22.87
N PHE C 715 -17.11 -42.99 23.36
CA PHE C 715 -17.89 -41.88 22.81
C PHE C 715 -17.38 -40.57 23.41
N SER C 716 -16.97 -39.64 22.55
CA SER C 716 -16.43 -38.38 23.02
C SER C 716 -17.52 -37.57 23.70
N GLY C 717 -17.12 -36.42 24.23
CA GLY C 717 -18.08 -35.58 24.95
C GLY C 717 -19.21 -35.09 24.06
N ALA C 718 -18.89 -34.70 22.83
CA ALA C 718 -19.93 -34.27 21.90
C ALA C 718 -20.88 -35.43 21.59
N ASP C 719 -20.34 -36.64 21.45
CA ASP C 719 -21.18 -37.79 21.16
C ASP C 719 -22.24 -37.97 22.23
N LEU C 720 -21.84 -37.91 23.50
CA LEU C 720 -22.81 -38.05 24.58
C LEU C 720 -23.81 -36.91 24.58
N THR C 721 -23.34 -35.69 24.34
CA THR C 721 -24.26 -34.55 24.28
C THR C 721 -25.24 -34.71 23.12
N GLU C 722 -24.75 -35.13 21.96
CA GLU C 722 -25.62 -35.30 20.80
C GLU C 722 -26.58 -36.48 21.00
N ILE C 723 -26.10 -37.55 21.62
CA ILE C 723 -26.99 -38.67 21.93
C ILE C 723 -28.15 -38.19 22.79
N CYS C 724 -27.87 -37.36 23.79
CA CYS C 724 -28.92 -36.83 24.63
C CYS C 724 -29.84 -35.89 23.85
N GLN C 725 -29.27 -35.06 22.98
CA GLN C 725 -30.10 -34.14 22.21
C GLN C 725 -31.05 -34.90 21.29
N ARG C 726 -30.57 -35.97 20.66
CA ARG C 726 -31.45 -36.75 19.78
C ARG C 726 -32.61 -37.34 20.57
N ALA C 727 -32.35 -37.88 21.76
CA ALA C 727 -33.42 -38.44 22.56
C ALA C 727 -34.44 -37.37 22.92
N CYS C 728 -33.98 -36.16 23.25
CA CYS C 728 -34.91 -35.06 23.48
C CYS C 728 -35.68 -34.72 22.22
N LYS C 729 -35.01 -34.71 21.06
CA LYS C 729 -35.69 -34.40 19.81
C LYS C 729 -36.77 -35.42 19.50
N GLN C 730 -36.50 -36.70 19.75
CA GLN C 730 -37.53 -37.71 19.58
C GLN C 730 -38.72 -37.43 20.49
N ALA C 731 -38.45 -37.07 21.75
CA ALA C 731 -39.54 -36.78 22.68
C ALA C 731 -40.37 -35.61 22.21
N ILE C 732 -39.72 -34.57 21.68
CA ILE C 732 -40.46 -33.40 21.20
C ILE C 732 -41.41 -33.81 20.07
N ARG C 733 -40.91 -34.61 19.12
CA ARG C 733 -41.75 -35.03 18.01
C ARG C 733 -42.95 -35.82 18.50
N GLU C 734 -42.72 -36.83 19.34
CA GLU C 734 -43.82 -37.63 19.85
C GLU C 734 -44.81 -36.77 20.65
N SER C 735 -44.32 -35.68 21.26
CA SER C 735 -45.22 -34.78 21.98
C SER C 735 -46.15 -34.07 21.01
N ILE C 736 -45.62 -33.56 19.90
CA ILE C 736 -46.44 -32.91 18.89
C ILE C 736 -47.37 -33.93 18.23
N GLU C 737 -46.82 -35.07 17.83
CA GLU C 737 -47.61 -36.08 17.13
C GLU C 737 -48.81 -36.49 17.97
N ALA C 738 -48.60 -36.72 19.26
CA ALA C 738 -49.73 -37.03 20.15
C ALA C 738 -50.66 -35.83 20.24
N GLU C 739 -50.10 -34.62 20.35
CA GLU C 739 -50.94 -33.42 20.47
C GLU C 739 -51.79 -33.23 19.22
N ILE C 740 -51.21 -33.41 18.04
CA ILE C 740 -51.99 -33.28 16.81
C ILE C 740 -53.08 -34.33 16.76
N ARG C 741 -52.77 -35.56 17.13
CA ARG C 741 -53.78 -36.61 17.15
C ARG C 741 -54.90 -36.27 18.12
N ALA C 742 -54.55 -35.73 19.29
CA ALA C 742 -55.56 -35.35 20.28
C ALA C 742 -56.48 -34.27 19.72
N ASP C 758 -50.21 -35.36 30.21
CA ASP C 758 -49.73 -35.29 28.83
C ASP C 758 -49.28 -36.66 28.34
N PRO C 759 -49.41 -36.91 27.04
CA PRO C 759 -49.02 -38.23 26.51
C PRO C 759 -47.56 -38.58 26.73
N VAL C 760 -46.66 -37.59 26.69
CA VAL C 760 -45.23 -37.83 26.82
C VAL C 760 -44.67 -36.92 27.90
N PRO C 761 -44.82 -37.27 29.19
CA PRO C 761 -44.32 -36.37 30.24
C PRO C 761 -42.80 -36.33 30.33
N GLU C 762 -42.11 -37.41 29.99
CA GLU C 762 -40.67 -37.47 30.20
C GLU C 762 -40.04 -38.43 29.19
N ILE C 763 -38.74 -38.26 28.98
CA ILE C 763 -38.00 -39.13 28.07
C ILE C 763 -37.93 -40.52 28.69
N THR C 764 -38.32 -41.53 27.92
CA THR C 764 -38.40 -42.90 28.38
C THR C 764 -37.26 -43.72 27.78
N ARG C 765 -37.27 -45.03 28.08
CA ARG C 765 -36.22 -45.92 27.58
C ARG C 765 -36.26 -46.00 26.06
N ARG C 766 -37.45 -46.04 25.47
CA ARG C 766 -37.54 -46.24 24.02
C ARG C 766 -36.91 -45.07 23.26
N HIS C 767 -37.07 -43.85 23.77
CA HIS C 767 -36.46 -42.70 23.11
C HIS C 767 -34.95 -42.83 23.08
N PHE C 768 -34.36 -43.22 24.20
CA PHE C 768 -32.90 -43.38 24.25
C PHE C 768 -32.45 -44.56 23.39
N GLU C 769 -33.24 -45.63 23.34
CA GLU C 769 -32.89 -46.75 22.48
C GLU C 769 -32.88 -46.32 21.01
N GLU C 770 -33.89 -45.57 20.58
CA GLU C 770 -33.93 -45.09 19.22
C GLU C 770 -32.77 -44.14 18.93
N ALA C 771 -32.45 -43.25 19.88
CA ALA C 771 -31.36 -42.31 19.68
C ALA C 771 -30.01 -43.03 19.62
N MET C 772 -29.85 -44.11 20.38
CA MET C 772 -28.61 -44.87 20.42
C MET C 772 -28.49 -45.88 19.29
N ARG C 773 -29.56 -46.09 18.53
CA ARG C 773 -29.54 -47.12 17.48
C ARG C 773 -28.67 -46.71 16.30
N PHE C 774 -28.33 -45.43 16.18
CA PHE C 774 -27.56 -44.95 15.03
C PHE C 774 -26.49 -43.96 15.44
N ALA C 775 -25.99 -44.07 16.67
CA ALA C 775 -24.90 -43.23 17.16
C ALA C 775 -23.61 -44.01 17.11
N ARG C 776 -22.59 -43.45 16.44
CA ARG C 776 -21.31 -44.11 16.25
C ARG C 776 -20.20 -43.20 16.73
N ARG C 777 -19.10 -43.83 17.17
CA ARG C 777 -17.97 -43.08 17.70
C ARG C 777 -17.52 -42.00 16.73
N SER C 778 -17.26 -40.81 17.28
CA SER C 778 -16.80 -39.69 16.47
C SER C 778 -15.28 -39.62 16.34
N VAL C 779 -14.54 -40.43 17.09
CA VAL C 779 -13.09 -40.50 16.99
C VAL C 779 -12.70 -41.96 16.81
N THR C 780 -11.98 -42.25 15.74
CA THR C 780 -11.58 -43.62 15.45
C THR C 780 -10.54 -44.10 16.46
N GLU C 781 -10.50 -45.41 16.66
CA GLU C 781 -9.42 -46.00 17.44
C GLU C 781 -8.07 -45.70 16.82
N ASN C 782 -8.02 -45.39 15.52
CA ASN C 782 -6.78 -44.94 14.92
C ASN C 782 -6.30 -43.65 15.54
N ASP C 783 -7.22 -42.71 15.80
CA ASP C 783 -6.85 -41.48 16.48
C ASP C 783 -6.39 -41.75 17.91
N VAL C 784 -7.05 -42.67 18.60
CA VAL C 784 -6.63 -43.01 19.95
C VAL C 784 -5.23 -43.56 19.94
N ARG C 785 -4.93 -44.45 18.98
CA ARG C 785 -3.57 -44.99 18.88
C ARG C 785 -2.57 -43.90 18.51
N LYS C 786 -2.96 -42.95 17.67
CA LYS C 786 -2.07 -41.84 17.34
C LYS C 786 -1.70 -41.05 18.60
N TYR C 787 -2.71 -40.72 19.41
CA TYR C 787 -2.44 -39.97 20.63
C TYR C 787 -1.64 -40.81 21.62
N GLU C 788 -1.88 -42.12 21.65
CA GLU C 788 -1.10 -42.99 22.52
C GLU C 788 0.36 -43.00 22.11
N MET C 789 0.62 -43.06 20.80
CA MET C 789 2.00 -43.01 20.31
C MET C 789 2.65 -41.67 20.64
N PHE C 790 1.89 -40.57 20.49
CA PHE C 790 2.43 -39.27 20.85
C PHE C 790 2.76 -39.21 22.33
N ALA C 791 1.93 -39.83 23.16
CA ALA C 791 2.23 -39.89 24.60
C ALA C 791 3.48 -40.71 24.86
N GLN C 792 3.63 -41.84 24.17
CA GLN C 792 4.80 -42.70 24.39
C GLN C 792 6.08 -41.97 23.99
N THR C 793 6.07 -41.26 22.86
CA THR C 793 7.27 -40.54 22.45
C THR C 793 7.56 -39.33 23.33
N LEU C 794 6.63 -38.95 24.21
CA LEU C 794 6.89 -37.91 25.19
C LEU C 794 7.01 -38.53 26.58
N GLU D 227 -22.40 38.02 -31.91
CA GLU D 227 -22.39 36.57 -31.81
C GLU D 227 -23.61 36.04 -31.07
N GLU D 228 -24.37 36.96 -30.45
CA GLU D 228 -25.59 36.55 -29.75
C GLU D 228 -26.58 35.92 -30.73
N GLU D 229 -26.76 36.53 -31.90
CA GLU D 229 -27.63 35.95 -32.91
C GLU D 229 -27.17 34.56 -33.31
N LYS D 230 -25.88 34.41 -33.62
CA LYS D 230 -25.36 33.11 -34.04
C LYS D 230 -25.67 32.04 -33.01
N LEU D 231 -25.63 32.39 -31.72
CA LEU D 231 -26.02 31.45 -30.68
C LEU D 231 -27.53 31.27 -30.59
N ASN D 232 -28.30 32.25 -31.06
CA ASN D 232 -29.75 32.17 -30.96
C ASN D 232 -30.41 31.42 -32.12
N GLU D 233 -29.67 31.05 -33.15
CA GLU D 233 -30.21 30.28 -34.25
C GLU D 233 -29.69 28.84 -34.28
N ILE D 234 -29.01 28.40 -33.23
CA ILE D 234 -28.50 27.04 -33.18
C ILE D 234 -29.67 26.09 -32.97
N GLY D 235 -30.07 25.38 -34.03
CA GLY D 235 -31.16 24.45 -33.98
C GLY D 235 -30.71 23.00 -33.98
N TYR D 236 -31.66 22.11 -34.23
CA TYR D 236 -31.35 20.70 -34.31
C TYR D 236 -30.43 20.41 -35.49
N ASP D 237 -30.64 21.09 -36.62
CA ASP D 237 -29.85 20.84 -37.82
C ASP D 237 -28.39 21.23 -37.64
N ASP D 238 -28.08 22.14 -36.73
CA ASP D 238 -26.72 22.59 -36.50
C ASP D 238 -25.95 21.70 -35.54
N ILE D 239 -26.50 20.57 -35.16
CA ILE D 239 -25.83 19.58 -34.33
C ILE D 239 -25.85 18.25 -35.07
N GLY D 240 -24.71 17.58 -35.12
CA GLY D 240 -24.61 16.30 -35.78
C GLY D 240 -23.94 15.27 -34.90
N GLY D 241 -24.13 14.00 -35.26
CA GLY D 241 -23.54 12.90 -34.56
C GLY D 241 -24.41 12.30 -33.47
N CYS D 242 -25.52 12.95 -33.12
CA CYS D 242 -26.44 12.45 -32.11
C CYS D 242 -27.86 12.70 -32.64
N ARG D 243 -28.41 11.70 -33.33
CA ARG D 243 -29.74 11.79 -33.90
C ARG D 243 -30.77 10.99 -33.09
N LYS D 244 -30.38 9.85 -32.53
CA LYS D 244 -31.25 9.15 -31.60
C LYS D 244 -31.37 9.92 -30.28
N GLN D 245 -30.24 10.33 -29.72
CA GLN D 245 -30.28 11.04 -28.45
C GLN D 245 -30.96 12.39 -28.58
N LEU D 246 -30.79 13.06 -29.71
CA LEU D 246 -31.44 14.34 -29.92
C LEU D 246 -32.96 14.19 -29.95
N ALA D 247 -33.46 13.15 -30.64
CA ALA D 247 -34.89 12.90 -30.64
C ALA D 247 -35.39 12.52 -29.26
N GLN D 248 -34.59 11.74 -28.53
CA GLN D 248 -34.96 11.37 -27.16
C GLN D 248 -35.11 12.61 -26.29
N ILE D 249 -34.15 13.53 -26.38
CA ILE D 249 -34.23 14.76 -25.60
C ILE D 249 -35.38 15.63 -26.08
N LYS D 250 -35.64 15.64 -27.39
CA LYS D 250 -36.80 16.36 -27.91
C LYS D 250 -38.07 15.88 -27.22
N GLU D 251 -38.28 14.56 -27.20
CA GLU D 251 -39.46 14.01 -26.53
C GLU D 251 -39.46 14.35 -25.05
N MET D 252 -38.31 14.27 -24.39
CA MET D 252 -38.24 14.51 -22.95
C MET D 252 -38.59 15.95 -22.60
N VAL D 253 -38.12 16.92 -23.40
CA VAL D 253 -38.12 18.33 -23.02
C VAL D 253 -39.16 19.13 -23.80
N GLU D 254 -39.09 19.11 -25.13
CA GLU D 254 -39.86 20.06 -25.92
C GLU D 254 -41.36 19.87 -25.71
N LEU D 255 -41.84 18.64 -25.76
CA LEU D 255 -43.27 18.41 -25.61
C LEU D 255 -43.80 18.85 -24.25
N PRO D 256 -43.18 18.50 -23.12
CA PRO D 256 -43.63 19.06 -21.85
C PRO D 256 -43.62 20.57 -21.81
N LEU D 257 -42.61 21.21 -22.41
CA LEU D 257 -42.50 22.66 -22.40
C LEU D 257 -43.32 23.32 -23.50
N ARG D 258 -43.99 22.54 -24.34
CA ARG D 258 -44.90 23.06 -25.35
C ARG D 258 -46.36 22.76 -25.07
N HIS D 259 -46.67 21.62 -24.46
CA HIS D 259 -48.03 21.25 -24.09
C HIS D 259 -48.05 20.72 -22.66
N PRO D 260 -47.78 21.58 -21.67
CA PRO D 260 -47.85 21.12 -20.28
C PRO D 260 -49.20 20.57 -19.89
N GLN D 261 -50.28 21.10 -20.49
CA GLN D 261 -51.62 20.71 -20.08
C GLN D 261 -51.87 19.23 -20.30
N LEU D 262 -51.48 18.71 -21.48
CA LEU D 262 -51.74 17.31 -21.79
C LEU D 262 -50.99 16.39 -20.84
N PHE D 263 -49.70 16.66 -20.64
CA PHE D 263 -48.88 15.82 -19.77
C PHE D 263 -49.39 15.87 -18.33
N LYS D 264 -49.78 17.05 -17.86
CA LYS D 264 -50.33 17.15 -16.51
C LYS D 264 -51.64 16.38 -16.41
N ALA D 265 -52.48 16.45 -17.44
CA ALA D 265 -53.75 15.75 -17.40
C ALA D 265 -53.55 14.24 -17.32
N ILE D 266 -52.74 13.69 -18.23
CA ILE D 266 -52.55 12.23 -18.23
C ILE D 266 -51.75 11.81 -17.00
N GLY D 267 -50.77 12.62 -16.59
CA GLY D 267 -50.00 12.33 -15.40
C GLY D 267 -48.55 11.95 -15.66
N VAL D 268 -47.92 12.61 -16.63
CA VAL D 268 -46.49 12.46 -16.84
C VAL D 268 -45.77 13.59 -16.12
N LYS D 269 -44.81 13.24 -15.27
CA LYS D 269 -44.02 14.25 -14.58
C LYS D 269 -42.80 14.59 -15.41
N PRO D 270 -42.64 15.84 -15.88
CA PRO D 270 -41.50 16.16 -16.71
C PRO D 270 -40.20 16.03 -15.94
N PRO D 271 -39.11 15.66 -16.60
CA PRO D 271 -37.84 15.50 -15.88
C PRO D 271 -37.29 16.83 -15.40
N ARG D 272 -36.53 16.78 -14.31
CA ARG D 272 -35.93 17.95 -13.71
C ARG D 272 -34.41 17.96 -13.76
N GLY D 273 -33.78 16.83 -14.07
CA GLY D 273 -32.34 16.78 -14.23
C GLY D 273 -31.92 15.82 -15.32
N ILE D 274 -31.17 16.32 -16.30
CA ILE D 274 -30.71 15.51 -17.43
C ILE D 274 -29.20 15.68 -17.52
N LEU D 275 -28.47 14.58 -17.34
CA LEU D 275 -27.02 14.59 -17.35
C LEU D 275 -26.54 13.95 -18.65
N LEU D 276 -25.89 14.76 -19.50
CA LEU D 276 -25.32 14.30 -20.75
C LEU D 276 -23.85 13.99 -20.53
N TYR D 277 -23.42 12.80 -20.94
CA TYR D 277 -22.02 12.42 -20.78
C TYR D 277 -21.53 11.74 -22.05
N GLY D 278 -20.21 11.79 -22.24
CA GLY D 278 -19.58 11.24 -23.41
C GLY D 278 -18.19 11.81 -23.61
N PRO D 279 -17.49 11.33 -24.64
CA PRO D 279 -16.13 11.82 -24.88
C PRO D 279 -16.15 13.28 -25.33
N PRO D 280 -15.07 14.02 -25.07
CA PRO D 280 -15.07 15.43 -25.46
C PRO D 280 -15.17 15.61 -26.96
N GLY D 281 -15.78 16.72 -27.36
CA GLY D 281 -15.92 17.07 -28.77
C GLY D 281 -17.17 16.57 -29.43
N THR D 282 -18.03 15.82 -28.73
CA THR D 282 -19.21 15.22 -29.34
C THR D 282 -20.43 16.13 -29.24
N GLY D 283 -20.24 17.40 -29.56
CA GLY D 283 -21.33 18.35 -29.69
C GLY D 283 -22.41 18.25 -28.64
N LYS D 284 -22.04 17.93 -27.40
CA LYS D 284 -23.01 17.85 -26.31
C LYS D 284 -23.16 19.16 -25.57
N THR D 285 -22.35 20.17 -25.91
CA THR D 285 -22.50 21.50 -25.33
C THR D 285 -23.53 22.35 -26.08
N LEU D 286 -23.97 21.91 -27.25
CA LEU D 286 -24.96 22.63 -28.04
C LEU D 286 -26.35 22.03 -27.94
N VAL D 287 -26.48 20.81 -27.40
CA VAL D 287 -27.79 20.16 -27.31
C VAL D 287 -28.73 21.00 -26.45
N ALA D 288 -28.24 21.46 -25.30
CA ALA D 288 -29.07 22.30 -24.43
C ALA D 288 -29.47 23.58 -25.14
N ARG D 289 -28.52 24.23 -25.82
CA ARG D 289 -28.84 25.46 -26.54
C ARG D 289 -29.85 25.18 -27.66
N ALA D 290 -29.67 24.08 -28.37
CA ALA D 290 -30.59 23.77 -29.47
C ALA D 290 -32.00 23.54 -28.94
N VAL D 291 -32.12 22.79 -27.85
CA VAL D 291 -33.44 22.53 -27.27
C VAL D 291 -34.06 23.83 -26.80
N ALA D 292 -33.28 24.67 -26.12
CA ALA D 292 -33.81 25.94 -25.64
C ALA D 292 -34.29 26.81 -26.78
N ASN D 293 -33.51 26.91 -27.85
CA ASN D 293 -33.88 27.76 -28.98
C ASN D 293 -35.11 27.22 -29.69
N GLU D 294 -35.20 25.90 -29.87
CA GLU D 294 -36.27 25.33 -30.67
C GLU D 294 -37.55 25.12 -29.88
N SER D 295 -37.49 25.15 -28.55
CA SER D 295 -38.68 25.12 -27.72
C SER D 295 -39.10 26.49 -27.23
N GLY D 296 -38.36 27.54 -27.59
CA GLY D 296 -38.68 28.88 -27.15
C GLY D 296 -38.55 29.08 -25.66
N SER D 297 -37.60 28.43 -25.02
CA SER D 297 -37.42 28.50 -23.58
C SER D 297 -36.15 29.27 -23.24
N PHE D 298 -36.24 30.09 -22.19
CA PHE D 298 -35.10 30.86 -21.72
C PHE D 298 -33.94 29.93 -21.40
N PHE D 299 -32.73 30.33 -21.81
CA PHE D 299 -31.54 29.53 -21.63
C PHE D 299 -30.56 30.27 -20.74
N PHE D 300 -30.09 29.60 -19.69
CA PHE D 300 -29.07 30.14 -18.81
C PHE D 300 -27.91 29.15 -18.74
N LEU D 301 -26.69 29.67 -18.83
CA LEU D 301 -25.48 28.85 -18.89
C LEU D 301 -24.64 29.09 -17.64
N ILE D 302 -24.21 28.01 -17.02
CA ILE D 302 -23.30 28.04 -15.88
C ILE D 302 -22.06 27.27 -16.27
N ASN D 303 -20.91 27.94 -16.23
CA ASN D 303 -19.63 27.32 -16.53
C ASN D 303 -18.95 26.92 -15.22
N GLY D 304 -18.52 25.66 -15.15
CA GLY D 304 -17.87 25.16 -13.97
C GLY D 304 -16.62 25.95 -13.62
N PRO D 305 -15.70 26.06 -14.58
CA PRO D 305 -14.50 26.87 -14.35
C PRO D 305 -14.80 28.30 -13.98
N GLU D 306 -15.81 28.92 -14.61
CA GLU D 306 -16.13 30.31 -14.30
C GLU D 306 -16.63 30.45 -12.87
N ILE D 307 -17.49 29.53 -12.43
CA ILE D 307 -17.97 29.58 -11.06
C ILE D 307 -16.83 29.33 -10.08
N MET D 308 -15.97 28.36 -10.37
CA MET D 308 -14.90 27.98 -9.46
C MET D 308 -13.70 28.90 -9.52
N SER D 309 -13.71 29.90 -10.41
CA SER D 309 -12.60 30.85 -10.53
C SER D 309 -12.81 32.10 -9.70
N LYS D 310 -13.86 32.16 -8.91
CA LYS D 310 -14.23 33.36 -8.16
C LYS D 310 -14.07 33.10 -6.66
N LEU D 311 -14.29 34.15 -5.88
CA LEU D 311 -14.14 34.07 -4.43
C LEU D 311 -15.21 33.15 -3.85
N ALA D 312 -15.15 32.96 -2.53
CA ALA D 312 -16.05 32.01 -1.88
C ALA D 312 -17.51 32.40 -2.06
N GLY D 313 -17.83 33.69 -1.88
CA GLY D 313 -19.22 34.13 -1.97
C GLY D 313 -19.71 34.29 -3.39
N GLU D 314 -18.81 34.62 -4.32
CA GLU D 314 -19.22 34.87 -5.69
C GLU D 314 -19.79 33.61 -6.35
N SER D 315 -19.19 32.44 -6.08
CA SER D 315 -19.70 31.20 -6.66
C SER D 315 -21.12 30.92 -6.19
N GLU D 316 -21.36 31.03 -4.89
CA GLU D 316 -22.71 30.83 -4.35
C GLU D 316 -23.67 31.83 -4.96
N SER D 317 -23.26 33.10 -5.02
CA SER D 317 -24.14 34.12 -5.58
C SER D 317 -24.50 33.80 -7.02
N ASN D 318 -23.51 33.36 -7.81
CA ASN D 318 -23.75 33.11 -9.22
C ASN D 318 -24.69 31.91 -9.41
N LEU D 319 -24.46 30.81 -8.69
CA LEU D 319 -25.36 29.67 -8.81
C LEU D 319 -26.79 30.05 -8.39
N ARG D 320 -26.92 30.72 -7.24
CA ARG D 320 -28.24 31.09 -6.75
C ARG D 320 -28.94 32.02 -7.72
N LYS D 321 -28.22 33.01 -8.25
CA LYS D 321 -28.82 33.93 -9.21
C LYS D 321 -29.20 33.24 -10.49
N ALA D 322 -28.40 32.27 -10.93
CA ALA D 322 -28.78 31.49 -12.11
C ALA D 322 -30.12 30.82 -11.91
N PHE D 323 -30.27 30.10 -10.80
CA PHE D 323 -31.53 29.39 -10.57
C PHE D 323 -32.68 30.37 -10.38
N GLU D 324 -32.46 31.47 -9.66
CA GLU D 324 -33.52 32.45 -9.44
C GLU D 324 -33.98 33.06 -10.76
N GLU D 325 -33.04 33.45 -11.62
CA GLU D 325 -33.40 34.04 -12.89
C GLU D 325 -34.10 33.03 -13.80
N ALA D 326 -33.67 31.78 -13.76
CA ALA D 326 -34.35 30.75 -14.53
C ALA D 326 -35.80 30.60 -14.08
N GLU D 327 -36.02 30.61 -12.76
CA GLU D 327 -37.39 30.51 -12.25
C GLU D 327 -38.20 31.76 -12.57
N LYS D 328 -37.55 32.92 -12.62
CA LYS D 328 -38.29 34.16 -12.83
C LYS D 328 -39.00 34.17 -14.18
N ASN D 329 -38.33 33.71 -15.23
CA ASN D 329 -38.89 33.65 -16.57
C ASN D 329 -38.87 32.19 -17.02
N ALA D 330 -39.93 31.46 -16.69
CA ALA D 330 -40.11 30.08 -17.08
C ALA D 330 -41.02 29.98 -18.28
N PRO D 331 -40.93 28.91 -19.07
CA PRO D 331 -40.04 27.76 -18.92
C PRO D 331 -38.59 28.10 -19.27
N ALA D 332 -37.62 27.43 -18.66
CA ALA D 332 -36.22 27.74 -18.88
C ALA D 332 -35.39 26.48 -18.75
N ILE D 333 -34.21 26.52 -19.33
CA ILE D 333 -33.25 25.42 -19.28
C ILE D 333 -31.94 25.96 -18.73
N ILE D 334 -31.43 25.33 -17.69
CA ILE D 334 -30.14 25.69 -17.08
C ILE D 334 -29.12 24.64 -17.51
N PHE D 335 -28.06 25.07 -18.19
CA PHE D 335 -27.00 24.17 -18.62
C PHE D 335 -25.77 24.43 -17.77
N ILE D 336 -25.30 23.37 -17.10
CA ILE D 336 -24.11 23.46 -16.26
C ILE D 336 -22.97 22.72 -16.95
N ASP D 337 -22.18 23.45 -17.73
CA ASP D 337 -21.07 22.84 -18.45
C ASP D 337 -19.97 22.45 -17.47
N GLU D 338 -19.41 21.26 -17.68
CA GLU D 338 -18.35 20.72 -16.84
C GLU D 338 -18.80 20.66 -15.38
N LEU D 339 -19.82 19.82 -15.15
CA LEU D 339 -20.34 19.65 -13.79
C LEU D 339 -19.28 19.08 -12.85
N ASP D 340 -18.38 18.25 -13.36
CA ASP D 340 -17.36 17.65 -12.51
C ASP D 340 -16.47 18.70 -11.87
N ALA D 341 -16.38 19.90 -12.46
CA ALA D 341 -15.61 20.97 -11.83
C ALA D 341 -16.31 21.48 -10.59
N ILE D 342 -17.62 21.74 -10.68
CA ILE D 342 -18.37 22.24 -9.54
C ILE D 342 -18.54 21.15 -8.48
N ALA D 343 -18.90 19.94 -8.92
CA ALA D 343 -19.28 18.86 -8.02
C ALA D 343 -18.51 17.60 -8.37
N PRO D 344 -17.22 17.55 -8.05
CA PRO D 344 -16.44 16.33 -8.24
C PRO D 344 -16.71 15.35 -7.12
N LYS D 345 -16.10 14.17 -7.23
CA LYS D 345 -16.24 13.17 -6.17
C LYS D 345 -15.73 13.73 -4.86
N ARG D 346 -16.45 13.46 -3.77
CA ARG D 346 -16.15 14.09 -2.50
C ARG D 346 -14.71 13.84 -2.06
N GLU D 347 -14.12 12.72 -2.49
CA GLU D 347 -12.72 12.47 -2.20
C GLU D 347 -11.83 13.52 -2.84
N LYS D 348 -12.14 13.92 -4.07
CA LYS D 348 -11.32 14.90 -4.76
C LYS D 348 -11.34 16.24 -4.04
N THR D 349 -12.52 16.68 -3.59
CA THR D 349 -12.60 17.91 -2.83
C THR D 349 -11.80 17.82 -1.55
N HIS D 350 -11.03 18.87 -1.26
CA HIS D 350 -10.19 18.90 -0.07
C HIS D 350 -10.42 20.12 0.81
N GLY D 351 -11.10 21.16 0.32
CA GLY D 351 -11.38 22.35 1.09
C GLY D 351 -12.79 22.34 1.67
N GLU D 352 -13.20 23.51 2.16
CA GLU D 352 -14.54 23.72 2.69
C GLU D 352 -15.44 24.49 1.73
N VAL D 353 -14.88 25.39 0.92
CA VAL D 353 -15.69 26.13 -0.03
C VAL D 353 -16.21 25.20 -1.12
N GLU D 354 -15.41 24.22 -1.53
CA GLU D 354 -15.84 23.29 -2.57
C GLU D 354 -17.05 22.47 -2.10
N ARG D 355 -16.97 21.93 -0.89
CA ARG D 355 -18.11 21.19 -0.36
C ARG D 355 -19.30 22.11 -0.18
N ARG D 356 -19.06 23.37 0.18
CA ARG D 356 -20.16 24.32 0.30
C ARG D 356 -20.86 24.53 -1.04
N ILE D 357 -20.11 24.66 -2.13
CA ILE D 357 -20.74 24.89 -3.42
C ILE D 357 -21.48 23.64 -3.88
N VAL D 358 -20.92 22.45 -3.59
CA VAL D 358 -21.62 21.21 -3.93
C VAL D 358 -22.95 21.14 -3.18
N SER D 359 -22.93 21.46 -1.89
CA SER D 359 -24.16 21.42 -1.10
C SER D 359 -25.16 22.47 -1.57
N GLN D 360 -24.68 23.65 -1.97
CA GLN D 360 -25.57 24.66 -2.51
C GLN D 360 -26.23 24.18 -3.79
N LEU D 361 -25.47 23.52 -4.66
CA LEU D 361 -26.06 22.98 -5.88
C LEU D 361 -27.11 21.93 -5.55
N LEU D 362 -26.84 21.06 -4.59
CA LEU D 362 -27.83 20.05 -4.21
C LEU D 362 -29.09 20.71 -3.67
N THR D 363 -28.93 21.73 -2.81
CA THR D 363 -30.09 22.43 -2.26
C THR D 363 -30.92 23.08 -3.36
N LEU D 364 -30.25 23.75 -4.30
CA LEU D 364 -30.96 24.39 -5.39
C LEU D 364 -31.70 23.38 -6.25
N MET D 365 -31.06 22.25 -6.54
CA MET D 365 -31.73 21.21 -7.32
C MET D 365 -32.96 20.69 -6.59
N ASP D 366 -32.85 20.46 -5.28
CA ASP D 366 -33.99 19.98 -4.52
C ASP D 366 -35.06 21.05 -4.34
N GLY D 367 -34.74 22.31 -4.54
CA GLY D 367 -35.67 23.40 -4.36
C GLY D 367 -36.53 23.73 -5.55
N LEU D 368 -36.57 22.86 -6.57
CA LEU D 368 -37.35 23.11 -7.77
C LEU D 368 -38.74 22.50 -7.59
N LYS D 369 -39.76 23.34 -7.52
CA LYS D 369 -41.13 22.86 -7.43
C LYS D 369 -41.53 22.17 -8.73
N GLN D 370 -42.39 21.16 -8.60
CA GLN D 370 -42.86 20.44 -9.78
C GLN D 370 -43.57 21.37 -10.76
N ARG D 371 -44.17 22.45 -10.26
CA ARG D 371 -44.86 23.38 -11.15
C ARG D 371 -43.88 24.19 -11.98
N SER D 372 -42.80 24.67 -11.36
CA SER D 372 -41.83 25.48 -12.08
C SER D 372 -41.26 24.69 -13.25
N HIS D 373 -41.24 25.31 -14.43
CA HIS D 373 -40.80 24.63 -15.65
C HIS D 373 -39.33 24.94 -15.91
N VAL D 374 -38.49 24.46 -15.00
CA VAL D 374 -37.04 24.62 -15.10
C VAL D 374 -36.43 23.24 -15.21
N ILE D 375 -35.76 22.97 -16.33
CA ILE D 375 -35.09 21.70 -16.59
C ILE D 375 -33.60 21.97 -16.56
N VAL D 376 -32.91 21.35 -15.61
CA VAL D 376 -31.47 21.54 -15.44
C VAL D 376 -30.75 20.46 -16.23
N MET D 377 -29.91 20.89 -17.17
CA MET D 377 -29.11 19.98 -17.97
C MET D 377 -27.65 20.17 -17.64
N ALA D 378 -26.90 19.06 -17.61
CA ALA D 378 -25.50 19.09 -17.23
C ALA D 378 -24.69 18.23 -18.20
N ALA D 379 -23.42 18.58 -18.34
CA ALA D 379 -22.52 17.88 -19.24
C ALA D 379 -21.27 17.48 -18.46
N THR D 380 -20.85 16.23 -18.62
CA THR D 380 -19.64 15.73 -17.99
C THR D 380 -19.04 14.67 -18.92
N ASN D 381 -17.80 14.27 -18.59
CA ASN D 381 -17.16 13.22 -19.37
C ASN D 381 -17.65 11.85 -18.94
N ARG D 382 -17.45 11.51 -17.67
CA ARG D 382 -17.93 10.28 -17.09
C ARG D 382 -18.84 10.61 -15.91
N PRO D 383 -20.02 10.00 -15.80
CA PRO D 383 -20.87 10.29 -14.63
C PRO D 383 -20.25 9.88 -13.31
N ASN D 384 -19.27 8.98 -13.32
CA ASN D 384 -18.61 8.57 -12.09
C ASN D 384 -17.82 9.70 -11.46
N SER D 385 -17.44 10.72 -12.24
CA SER D 385 -16.67 11.84 -11.70
C SER D 385 -17.54 12.82 -10.94
N VAL D 386 -18.85 12.73 -11.05
CA VAL D 386 -19.76 13.63 -10.35
C VAL D 386 -20.07 13.04 -8.98
N ASP D 387 -20.39 13.90 -8.04
CA ASP D 387 -20.72 13.45 -6.70
C ASP D 387 -21.94 12.54 -6.74
N PRO D 388 -21.90 11.37 -6.09
CA PRO D 388 -23.07 10.47 -6.16
C PRO D 388 -24.35 11.11 -5.66
N ALA D 389 -24.25 12.08 -4.73
CA ALA D 389 -25.44 12.72 -4.21
C ALA D 389 -26.23 13.45 -5.28
N LEU D 390 -25.58 13.84 -6.37
CA LEU D 390 -26.27 14.55 -7.45
C LEU D 390 -27.01 13.61 -8.38
N ARG D 391 -26.70 12.31 -8.35
CA ARG D 391 -27.29 11.34 -9.26
C ARG D 391 -28.46 10.60 -8.64
N ARG D 392 -28.97 11.07 -7.51
CA ARG D 392 -30.13 10.45 -6.89
C ARG D 392 -31.41 10.92 -7.54
N PHE D 393 -32.52 10.30 -7.13
CA PHE D 393 -33.82 10.67 -7.68
C PHE D 393 -34.14 12.11 -7.33
N GLY D 394 -34.68 12.85 -8.31
CA GLY D 394 -35.08 14.21 -8.10
C GLY D 394 -34.01 15.25 -8.39
N ARG D 395 -32.76 14.84 -8.59
CA ARG D 395 -31.68 15.77 -8.91
C ARG D 395 -31.12 15.54 -10.31
N PHE D 396 -30.63 14.35 -10.60
CA PHE D 396 -30.22 13.95 -11.95
C PHE D 396 -30.54 12.48 -12.09
N ASP D 397 -31.76 12.19 -12.54
CA ASP D 397 -32.24 10.82 -12.65
C ASP D 397 -32.30 10.32 -14.09
N ARG D 398 -32.05 11.17 -15.08
CA ARG D 398 -32.00 10.78 -16.47
C ARG D 398 -30.62 11.10 -17.02
N GLU D 399 -29.93 10.07 -17.50
CA GLU D 399 -28.59 10.20 -18.04
C GLU D 399 -28.59 9.73 -19.49
N ILE D 400 -28.06 10.58 -20.38
CA ILE D 400 -27.99 10.29 -21.81
C ILE D 400 -26.54 10.33 -22.23
N GLU D 401 -26.13 9.37 -23.05
CA GLU D 401 -24.76 9.28 -23.52
C GLU D 401 -24.68 9.76 -24.97
N ILE D 402 -23.84 10.76 -25.21
CA ILE D 402 -23.56 11.24 -26.57
C ILE D 402 -22.18 10.71 -26.90
N GLY D 403 -22.14 9.54 -27.54
CA GLY D 403 -20.90 8.86 -27.83
C GLY D 403 -20.36 9.19 -29.21
N ILE D 404 -19.38 8.39 -29.63
CA ILE D 404 -18.76 8.61 -30.93
C ILE D 404 -19.81 8.46 -32.03
N PRO D 405 -19.83 9.33 -33.04
CA PRO D 405 -20.80 9.14 -34.13
C PRO D 405 -20.42 7.97 -35.02
N ASP D 406 -21.44 7.42 -35.68
CA ASP D 406 -21.25 6.37 -36.66
C ASP D 406 -21.00 7.01 -38.02
N SER D 407 -21.05 6.20 -39.08
CA SER D 407 -20.77 6.73 -40.41
C SER D 407 -21.76 7.83 -40.80
N ILE D 408 -23.05 7.62 -40.53
CA ILE D 408 -24.04 8.63 -40.88
C ILE D 408 -23.82 9.89 -40.06
N GLY D 409 -23.52 9.74 -38.77
CA GLY D 409 -23.23 10.91 -37.95
C GLY D 409 -22.00 11.67 -38.41
N ARG D 410 -20.96 10.94 -38.81
CA ARG D 410 -19.77 11.60 -39.34
C ARG D 410 -20.07 12.35 -40.63
N LEU D 411 -20.88 11.75 -41.51
CA LEU D 411 -21.27 12.45 -42.73
C LEU D 411 -22.05 13.72 -42.39
N GLU D 412 -22.97 13.62 -41.44
CA GLU D 412 -23.69 14.80 -40.97
C GLU D 412 -22.72 15.88 -40.54
N ILE D 413 -21.82 15.55 -39.61
CA ILE D 413 -20.90 16.54 -39.06
C ILE D 413 -20.09 17.17 -40.18
N LEU D 414 -19.61 16.36 -41.14
CA LEU D 414 -18.84 16.91 -42.24
C LEU D 414 -19.67 17.87 -43.07
N ARG D 415 -20.94 17.54 -43.30
CA ARG D 415 -21.80 18.46 -44.05
C ARG D 415 -21.96 19.78 -43.29
N ILE D 416 -22.15 19.71 -41.97
CA ILE D 416 -22.34 20.94 -41.20
C ILE D 416 -21.07 21.79 -41.25
N HIS D 417 -19.90 21.16 -41.10
CA HIS D 417 -18.65 21.92 -41.04
C HIS D 417 -18.23 22.44 -42.40
N THR D 418 -18.60 21.75 -43.48
CA THR D 418 -18.27 22.18 -44.84
C THR D 418 -19.33 23.07 -45.44
N ARG D 419 -20.12 23.74 -44.60
CA ARG D 419 -21.21 24.57 -45.10
C ARG D 419 -20.70 25.87 -45.73
N ASN D 420 -19.51 26.31 -45.37
CA ASN D 420 -18.89 27.50 -45.95
C ASN D 420 -17.68 27.20 -46.80
N ILE D 421 -16.90 26.16 -46.47
CA ILE D 421 -15.77 25.78 -47.29
C ILE D 421 -16.26 25.47 -48.69
N ARG D 422 -15.51 25.90 -49.70
CA ARG D 422 -15.83 25.60 -51.09
C ARG D 422 -15.19 24.28 -51.46
N LEU D 423 -16.01 23.34 -51.92
CA LEU D 423 -15.57 21.99 -52.24
C LEU D 423 -15.59 21.78 -53.74
N ALA D 424 -14.56 21.11 -54.26
CA ALA D 424 -14.50 20.80 -55.68
C ALA D 424 -15.56 19.77 -56.03
N GLU D 425 -15.83 19.64 -57.33
CA GLU D 425 -16.85 18.72 -57.81
C GLU D 425 -16.49 17.26 -57.58
N ASP D 426 -15.24 16.95 -57.24
CA ASP D 426 -14.79 15.58 -57.04
C ASP D 426 -14.71 15.18 -55.58
N VAL D 427 -15.46 15.86 -54.71
CA VAL D 427 -15.45 15.57 -53.28
C VAL D 427 -16.66 14.71 -52.96
N GLU D 428 -16.41 13.55 -52.38
CA GLU D 428 -17.45 12.61 -51.95
C GLU D 428 -17.32 12.44 -50.44
N LEU D 429 -18.05 13.28 -49.69
CA LEU D 429 -17.93 13.27 -48.24
C LEU D 429 -18.33 11.93 -47.63
N GLU D 430 -19.11 11.13 -48.35
CA GLU D 430 -19.50 9.83 -47.80
C GLU D 430 -18.28 8.95 -47.55
N LYS D 431 -17.34 8.92 -48.49
CA LYS D 431 -16.14 8.11 -48.31
C LYS D 431 -15.34 8.60 -47.11
N ILE D 432 -15.14 9.91 -46.99
CA ILE D 432 -14.38 10.45 -45.88
C ILE D 432 -15.04 10.09 -44.57
N ALA D 433 -16.37 10.20 -44.51
CA ALA D 433 -17.09 9.81 -43.29
C ALA D 433 -16.89 8.34 -42.99
N ASN D 434 -16.93 7.49 -44.02
CA ASN D 434 -16.81 6.05 -43.79
C ASN D 434 -15.42 5.69 -43.29
N GLU D 435 -14.39 6.39 -43.77
CA GLU D 435 -13.02 6.06 -43.40
C GLU D 435 -12.53 6.79 -42.16
N ALA D 436 -13.31 7.73 -41.61
CA ALA D 436 -12.87 8.54 -40.49
C ALA D 436 -13.23 7.84 -39.17
N HIS D 437 -12.55 6.73 -38.92
CA HIS D 437 -12.79 5.98 -37.70
C HIS D 437 -12.17 6.69 -36.50
N GLY D 438 -12.84 6.59 -35.36
CA GLY D 438 -12.35 7.19 -34.14
C GLY D 438 -12.43 8.71 -34.11
N HIS D 439 -13.21 9.31 -35.00
CA HIS D 439 -13.30 10.76 -35.10
C HIS D 439 -14.57 11.27 -34.42
N VAL D 440 -14.44 12.41 -33.75
CA VAL D 440 -15.58 13.12 -33.18
C VAL D 440 -15.69 14.43 -33.92
N GLY D 441 -16.69 15.25 -33.56
CA GLY D 441 -16.93 16.48 -34.32
C GLY D 441 -15.72 17.38 -34.39
N ALA D 442 -15.05 17.58 -33.27
CA ALA D 442 -13.86 18.44 -33.26
C ALA D 442 -12.78 17.89 -34.18
N ASP D 443 -12.60 16.57 -34.18
CA ASP D 443 -11.61 15.97 -35.06
C ASP D 443 -11.95 16.20 -36.52
N LEU D 444 -13.24 16.11 -36.87
CA LEU D 444 -13.64 16.34 -38.25
C LEU D 444 -13.45 17.80 -38.64
N ALA D 445 -13.71 18.73 -37.73
CA ALA D 445 -13.42 20.13 -38.01
C ALA D 445 -11.93 20.34 -38.25
N SER D 446 -11.10 19.71 -37.44
CA SER D 446 -9.65 19.79 -37.65
C SER D 446 -9.26 19.20 -39.00
N LEU D 447 -9.90 18.10 -39.38
CA LEU D 447 -9.62 17.47 -40.66
C LEU D 447 -9.94 18.42 -41.82
N CYS D 448 -11.09 19.08 -41.75
CA CYS D 448 -11.45 20.05 -42.79
C CYS D 448 -10.45 21.19 -42.83
N SER D 449 -10.05 21.70 -41.66
CA SER D 449 -9.08 22.79 -41.63
C SER D 449 -7.76 22.37 -42.26
N GLU D 450 -7.29 21.16 -41.95
CA GLU D 450 -6.03 20.69 -42.51
C GLU D 450 -6.12 20.50 -44.02
N ALA D 451 -7.25 19.97 -44.51
CA ALA D 451 -7.42 19.83 -45.95
C ALA D 451 -7.38 21.19 -46.64
N ALA D 452 -8.05 22.18 -46.07
CA ALA D 452 -8.01 23.52 -46.65
C ALA D 452 -6.60 24.07 -46.63
N LEU D 453 -5.88 23.86 -45.54
CA LEU D 453 -4.51 24.38 -45.44
C LEU D 453 -3.61 23.72 -46.49
N GLN D 454 -3.80 22.43 -46.75
CA GLN D 454 -2.97 21.80 -47.77
C GLN D 454 -3.34 22.29 -49.16
N GLN D 455 -4.61 22.59 -49.39
CA GLN D 455 -4.97 23.24 -50.65
C GLN D 455 -4.24 24.57 -50.79
N ILE D 456 -4.15 25.33 -49.69
CA ILE D 456 -3.42 26.59 -49.71
C ILE D 456 -1.95 26.33 -50.04
N ARG D 457 -1.36 25.30 -49.42
CA ARG D 457 0.03 24.98 -49.69
C ARG D 457 0.24 24.68 -51.16
N ASN D 458 -0.60 23.82 -51.72
CA ASN D 458 -0.40 23.42 -53.12
C ASN D 458 -0.60 24.58 -54.08
N LYS D 459 -1.62 25.41 -53.85
CA LYS D 459 -1.89 26.48 -54.80
C LYS D 459 -0.87 27.61 -54.68
N MET D 460 -0.49 27.95 -53.45
CA MET D 460 0.48 29.02 -53.22
C MET D 460 1.89 28.52 -53.49
N ASP D 471 -3.33 36.97 -55.40
CA ASP D 471 -4.10 37.55 -56.48
C ASP D 471 -5.57 37.16 -56.36
N ALA D 472 -6.45 38.01 -56.89
CA ALA D 472 -7.89 37.73 -56.78
C ALA D 472 -8.26 36.44 -57.49
N GLU D 473 -7.64 36.19 -58.65
CA GLU D 473 -7.91 34.94 -59.36
C GLU D 473 -7.50 33.74 -58.53
N VAL D 474 -6.39 33.84 -57.80
CA VAL D 474 -5.99 32.76 -56.91
C VAL D 474 -7.05 32.54 -55.84
N LEU D 475 -7.62 33.63 -55.31
CA LEU D 475 -8.69 33.50 -54.33
C LEU D 475 -9.89 32.79 -54.91
N ASN D 476 -10.29 33.17 -56.13
CA ASN D 476 -11.50 32.59 -56.72
C ASN D 476 -11.30 31.13 -57.10
N SER D 477 -10.12 30.76 -57.58
CA SER D 477 -9.85 29.41 -58.06
C SER D 477 -9.45 28.45 -56.95
N LEU D 478 -9.75 28.78 -55.71
CA LEU D 478 -9.37 27.97 -54.56
C LEU D 478 -10.56 27.14 -54.12
N ALA D 479 -10.42 25.82 -54.19
CA ALA D 479 -11.48 24.90 -53.80
C ALA D 479 -10.86 23.61 -53.31
N VAL D 480 -11.29 23.15 -52.13
CA VAL D 480 -10.73 21.94 -51.57
C VAL D 480 -11.05 20.76 -52.49
N THR D 481 -10.16 19.77 -52.49
CA THR D 481 -10.24 18.63 -53.39
C THR D 481 -10.14 17.34 -52.59
N MET D 482 -10.49 16.23 -53.25
CA MET D 482 -10.50 14.94 -52.57
C MET D 482 -9.11 14.54 -52.10
N ASP D 483 -8.08 14.86 -52.88
CA ASP D 483 -6.72 14.53 -52.49
C ASP D 483 -6.35 15.21 -51.18
N ASP D 484 -6.76 16.48 -51.02
CA ASP D 484 -6.50 17.19 -49.79
C ASP D 484 -7.19 16.51 -48.60
N PHE D 485 -8.44 16.08 -48.80
CA PHE D 485 -9.15 15.40 -47.72
C PHE D 485 -8.47 14.10 -47.34
N ARG D 486 -8.03 13.33 -48.34
CA ARG D 486 -7.36 12.07 -48.04
C ARG D 486 -6.04 12.31 -47.32
N TRP D 487 -5.28 13.32 -47.73
CA TRP D 487 -4.05 13.64 -47.03
C TRP D 487 -4.32 14.06 -45.59
N ALA D 488 -5.34 14.89 -45.38
CA ALA D 488 -5.69 15.31 -44.02
C ALA D 488 -6.10 14.12 -43.17
N LEU D 489 -6.90 13.22 -43.74
CA LEU D 489 -7.34 12.05 -42.99
C LEU D 489 -6.16 11.15 -42.64
N GLY D 490 -5.22 10.99 -43.56
CA GLY D 490 -4.07 10.15 -43.28
C GLY D 490 -3.23 10.66 -42.13
N LYS D 491 -2.98 11.96 -42.09
CA LYS D 491 -2.13 12.53 -41.04
C LYS D 491 -2.90 12.80 -39.75
N SER D 492 -4.23 12.81 -39.80
CA SER D 492 -5.01 13.11 -38.61
C SER D 492 -4.83 12.03 -37.56
N ASN D 493 -4.74 12.46 -36.29
CA ASN D 493 -4.61 11.56 -35.15
C ASN D 493 -5.85 11.70 -34.29
N PRO D 494 -6.90 10.90 -34.53
CA PRO D 494 -8.13 11.07 -33.77
C PRO D 494 -7.94 10.85 -32.28
N SER D 495 -8.74 11.56 -31.49
CA SER D 495 -8.69 11.49 -30.03
C SER D 495 -9.64 10.45 -29.45
N ALA D 496 -10.36 9.71 -30.28
CA ALA D 496 -11.36 8.76 -29.82
C ALA D 496 -11.14 7.40 -30.48
N LEU D 497 -9.89 6.95 -30.52
CA LEU D 497 -9.59 5.63 -31.07
C LEU D 497 -9.81 4.53 -30.05
N ARG D 498 -9.53 4.81 -28.78
CA ARG D 498 -9.55 3.80 -27.73
C ARG D 498 -10.90 3.68 -27.05
N GLU D 499 -11.91 4.43 -27.49
CA GLU D 499 -13.23 4.37 -26.91
C GLU D 499 -14.07 3.32 -27.63
N THR D 500 -14.84 2.56 -26.86
CA THR D 500 -15.64 1.49 -27.43
C THR D 500 -16.69 2.06 -28.37
N THR D 501 -16.93 1.35 -29.47
CA THR D 501 -17.93 1.74 -30.46
C THR D 501 -19.14 0.83 -30.34
N VAL D 502 -20.32 1.43 -30.41
CA VAL D 502 -21.59 0.71 -30.30
C VAL D 502 -22.41 1.07 -31.53
N GLU D 503 -22.34 0.24 -32.57
CA GLU D 503 -23.07 0.47 -33.79
C GLU D 503 -23.43 -0.87 -34.42
N VAL D 504 -24.44 -0.86 -35.28
CA VAL D 504 -24.85 -2.07 -35.98
C VAL D 504 -23.80 -2.36 -37.04
N PRO D 505 -23.12 -3.51 -36.99
CA PRO D 505 -22.04 -3.76 -37.95
C PRO D 505 -22.56 -3.94 -39.37
N ASN D 506 -21.68 -3.68 -40.33
CA ASN D 506 -22.00 -3.80 -41.75
C ASN D 506 -21.52 -5.12 -42.35
N VAL D 507 -21.56 -6.20 -41.56
CA VAL D 507 -21.17 -7.52 -42.02
C VAL D 507 -22.44 -8.34 -42.23
N THR D 508 -22.55 -8.98 -43.38
CA THR D 508 -23.71 -9.76 -43.76
C THR D 508 -23.31 -11.23 -43.93
N TRP D 509 -24.31 -12.11 -43.84
CA TRP D 509 -24.04 -13.54 -43.96
C TRP D 509 -23.23 -13.86 -45.21
N ASP D 510 -23.55 -13.20 -46.32
CA ASP D 510 -22.91 -13.54 -47.59
C ASP D 510 -21.39 -13.34 -47.55
N ASP D 511 -20.89 -12.54 -46.60
CA ASP D 511 -19.46 -12.28 -46.53
C ASP D 511 -18.68 -13.44 -45.94
N ILE D 512 -19.33 -14.32 -45.16
CA ILE D 512 -18.63 -15.40 -44.48
C ILE D 512 -19.31 -16.74 -44.72
N GLY D 513 -20.54 -16.72 -45.22
CA GLY D 513 -21.28 -17.95 -45.41
C GLY D 513 -21.70 -18.58 -44.10
N GLY D 514 -21.05 -19.68 -43.73
CA GLY D 514 -21.34 -20.38 -42.50
C GLY D 514 -22.30 -21.54 -42.70
N LEU D 515 -22.35 -22.42 -41.71
CA LEU D 515 -23.22 -23.57 -41.78
C LEU D 515 -24.68 -23.13 -41.67
N GLU D 516 -25.57 -23.91 -42.29
CA GLU D 516 -26.99 -23.65 -42.13
C GLU D 516 -27.45 -23.96 -40.71
N ASN D 517 -26.86 -24.97 -40.08
CA ASN D 517 -27.24 -25.31 -38.71
C ASN D 517 -26.92 -24.18 -37.75
N VAL D 518 -25.70 -23.64 -37.81
CA VAL D 518 -25.31 -22.57 -36.90
C VAL D 518 -26.13 -21.32 -37.19
N LYS D 519 -26.39 -21.03 -38.46
CA LYS D 519 -27.21 -19.87 -38.79
C LYS D 519 -28.61 -20.01 -38.21
N ARG D 520 -29.21 -21.19 -38.37
CA ARG D 520 -30.56 -21.41 -37.85
C ARG D 520 -30.57 -21.30 -36.33
N GLU D 521 -29.57 -21.88 -35.66
CA GLU D 521 -29.52 -21.85 -34.20
C GLU D 521 -29.34 -20.43 -33.67
N LEU D 522 -28.44 -19.65 -34.29
CA LEU D 522 -28.27 -18.26 -33.89
C LEU D 522 -29.54 -17.47 -34.16
N GLN D 523 -30.19 -17.73 -35.28
CA GLN D 523 -31.43 -17.02 -35.60
C GLN D 523 -32.51 -17.35 -34.57
N GLU D 524 -32.54 -18.58 -34.07
CA GLU D 524 -33.47 -18.93 -33.01
C GLU D 524 -33.14 -18.18 -31.72
N LEU D 525 -31.87 -18.25 -31.31
CA LEU D 525 -31.50 -17.73 -29.99
C LEU D 525 -31.59 -16.21 -29.94
N VAL D 526 -31.26 -15.53 -31.03
CA VAL D 526 -31.04 -14.09 -30.99
C VAL D 526 -32.11 -13.30 -31.74
N GLN D 527 -32.72 -13.86 -32.79
CA GLN D 527 -33.67 -13.11 -33.60
C GLN D 527 -35.12 -13.32 -33.20
N TYR D 528 -35.52 -14.56 -32.93
CA TYR D 528 -36.92 -14.81 -32.58
C TYR D 528 -37.36 -14.01 -31.38
N PRO D 529 -36.62 -13.97 -30.27
CA PRO D 529 -37.05 -13.11 -29.15
C PRO D 529 -37.24 -11.66 -29.54
N VAL D 530 -36.36 -11.13 -30.39
CA VAL D 530 -36.41 -9.71 -30.73
C VAL D 530 -37.62 -9.42 -31.63
N GLU D 531 -37.86 -10.27 -32.63
CA GLU D 531 -38.91 -10.01 -33.62
C GLU D 531 -40.22 -10.73 -33.35
N HIS D 532 -40.22 -11.78 -32.53
CA HIS D 532 -41.43 -12.53 -32.20
C HIS D 532 -41.51 -12.74 -30.70
N PRO D 533 -41.70 -11.67 -29.93
CA PRO D 533 -41.86 -11.83 -28.48
C PRO D 533 -43.24 -12.29 -28.07
N ASP D 534 -44.26 -12.05 -28.89
CA ASP D 534 -45.60 -12.50 -28.55
C ASP D 534 -45.66 -14.01 -28.42
N LYS D 535 -44.98 -14.73 -29.31
CA LYS D 535 -44.95 -16.18 -29.21
C LYS D 535 -44.30 -16.62 -27.90
N PHE D 536 -43.17 -15.99 -27.54
CA PHE D 536 -42.50 -16.35 -26.30
C PHE D 536 -43.38 -16.12 -25.09
N LEU D 537 -44.09 -14.98 -25.05
CA LEU D 537 -44.99 -14.73 -23.93
C LEU D 537 -46.14 -15.72 -23.92
N LYS D 538 -46.67 -16.07 -25.10
CA LYS D 538 -47.78 -17.00 -25.18
C LYS D 538 -47.38 -18.38 -24.64
N PHE D 539 -46.27 -18.92 -25.13
CA PHE D 539 -45.84 -20.24 -24.70
C PHE D 539 -45.10 -20.22 -23.37
N GLY D 540 -44.78 -19.04 -22.84
CA GLY D 540 -44.29 -18.92 -21.48
C GLY D 540 -42.97 -19.59 -21.18
N MET D 541 -41.98 -19.39 -22.03
CA MET D 541 -40.60 -19.81 -21.74
C MET D 541 -39.70 -18.58 -21.81
N THR D 542 -38.80 -18.47 -20.84
CA THR D 542 -37.85 -17.37 -20.83
C THR D 542 -36.71 -17.69 -21.80
N PRO D 543 -36.47 -16.86 -22.82
CA PRO D 543 -35.40 -17.18 -23.77
C PRO D 543 -34.03 -17.18 -23.10
N SER D 544 -33.18 -18.11 -23.53
CA SER D 544 -31.81 -18.12 -23.06
C SER D 544 -31.04 -16.94 -23.67
N LYS D 545 -30.11 -16.41 -22.89
CA LYS D 545 -29.34 -15.23 -23.28
C LYS D 545 -27.84 -15.51 -23.11
N GLY D 546 -27.39 -16.63 -23.65
CA GLY D 546 -25.98 -16.96 -23.58
C GLY D 546 -25.54 -18.00 -24.61
N VAL D 547 -24.44 -17.72 -25.28
CA VAL D 547 -23.81 -18.66 -26.20
C VAL D 547 -22.31 -18.58 -26.00
N LEU D 548 -21.65 -19.73 -25.97
CA LEU D 548 -20.19 -19.79 -25.87
C LEU D 548 -19.67 -20.40 -27.17
N PHE D 549 -19.38 -19.54 -28.14
CA PHE D 549 -18.74 -19.98 -29.36
C PHE D 549 -17.38 -20.60 -29.03
N TYR D 550 -17.12 -21.77 -29.61
CA TYR D 550 -15.85 -22.45 -29.43
C TYR D 550 -15.47 -23.11 -30.74
N GLY D 551 -14.19 -22.99 -31.10
CA GLY D 551 -13.70 -23.57 -32.33
C GLY D 551 -12.26 -23.18 -32.62
N PRO D 552 -11.78 -23.54 -33.80
CA PRO D 552 -10.41 -23.18 -34.18
C PRO D 552 -10.21 -21.69 -34.19
N PRO D 553 -9.05 -21.21 -33.73
CA PRO D 553 -8.76 -19.78 -33.81
C PRO D 553 -8.94 -19.27 -35.23
N GLY D 554 -9.56 -18.10 -35.37
CA GLY D 554 -9.74 -17.48 -36.70
C GLY D 554 -10.65 -16.27 -36.63
N CYS D 555 -11.20 -15.85 -37.76
CA CYS D 555 -12.13 -14.68 -37.82
C CYS D 555 -13.58 -15.20 -37.79
N GLY D 556 -13.78 -16.52 -37.72
CA GLY D 556 -15.12 -17.13 -37.78
C GLY D 556 -16.05 -16.71 -36.66
N LYS D 557 -15.60 -16.67 -35.41
CA LYS D 557 -16.48 -16.39 -34.23
C LYS D 557 -16.97 -14.93 -34.24
N THR D 558 -16.09 -13.96 -34.44
CA THR D 558 -16.43 -12.54 -34.40
C THR D 558 -17.30 -12.15 -35.58
N LEU D 559 -16.97 -12.66 -36.77
CA LEU D 559 -17.77 -12.34 -37.95
C LEU D 559 -19.18 -12.89 -37.83
N LEU D 560 -19.33 -14.11 -37.27
CA LEU D 560 -20.66 -14.66 -37.08
C LEU D 560 -21.47 -13.81 -36.11
N ALA D 561 -20.84 -13.36 -35.02
CA ALA D 561 -21.55 -12.52 -34.07
C ALA D 561 -21.97 -11.21 -34.71
N LYS D 562 -21.07 -10.58 -35.46
CA LYS D 562 -21.42 -9.34 -36.13
C LYS D 562 -22.51 -9.56 -37.17
N ALA D 563 -22.53 -10.72 -37.82
CA ALA D 563 -23.54 -10.99 -38.83
C ALA D 563 -24.91 -11.17 -38.19
N ILE D 564 -24.98 -11.91 -37.08
CA ILE D 564 -26.26 -12.07 -36.40
C ILE D 564 -26.73 -10.74 -35.85
N ALA D 565 -25.80 -9.90 -35.39
CA ALA D 565 -26.19 -8.55 -34.97
C ALA D 565 -26.74 -7.75 -36.15
N ASN D 566 -26.10 -7.86 -37.31
CA ASN D 566 -26.56 -7.12 -38.49
C ASN D 566 -27.95 -7.58 -38.91
N GLU D 567 -28.20 -8.89 -38.88
CA GLU D 567 -29.51 -9.40 -39.29
C GLU D 567 -30.62 -8.82 -38.43
N CYS D 568 -30.41 -8.75 -37.12
CA CYS D 568 -31.40 -8.21 -36.20
C CYS D 568 -31.36 -6.70 -36.08
N GLN D 569 -30.46 -6.03 -36.79
CA GLN D 569 -30.31 -4.58 -36.70
C GLN D 569 -30.07 -4.16 -35.25
N ALA D 570 -29.27 -4.95 -34.54
CA ALA D 570 -28.95 -4.72 -33.14
C ALA D 570 -27.53 -4.17 -33.02
N ASN D 571 -27.27 -3.56 -31.87
CA ASN D 571 -25.95 -3.01 -31.60
C ASN D 571 -24.96 -4.13 -31.28
N PHE D 572 -23.69 -3.83 -31.50
CA PHE D 572 -22.61 -4.78 -31.26
C PHE D 572 -21.56 -4.12 -30.38
N ILE D 573 -21.13 -4.84 -29.34
CA ILE D 573 -20.12 -4.34 -28.40
C ILE D 573 -19.03 -5.41 -28.32
N SER D 574 -18.00 -5.26 -29.14
CA SER D 574 -16.89 -6.20 -29.12
C SER D 574 -15.93 -5.85 -27.99
N ILE D 575 -15.53 -6.85 -27.22
CA ILE D 575 -14.61 -6.66 -26.11
C ILE D 575 -13.57 -7.78 -26.15
N LYS D 576 -12.30 -7.39 -26.04
CA LYS D 576 -11.18 -8.34 -26.04
C LYS D 576 -10.71 -8.56 -24.60
N GLY D 577 -10.16 -9.76 -24.36
CA GLY D 577 -9.59 -10.09 -23.08
C GLY D 577 -8.50 -9.17 -22.60
N PRO D 578 -7.56 -8.80 -23.46
CA PRO D 578 -6.57 -7.78 -23.05
C PRO D 578 -7.20 -6.50 -22.56
N GLU D 579 -8.29 -6.06 -23.19
CA GLU D 579 -8.96 -4.85 -22.76
C GLU D 579 -9.52 -5.00 -21.35
N LEU D 580 -10.10 -6.15 -21.04
CA LEU D 580 -10.64 -6.37 -19.70
C LEU D 580 -9.54 -6.48 -18.67
N LEU D 581 -8.46 -7.19 -18.98
CA LEU D 581 -7.38 -7.37 -18.00
C LEU D 581 -6.76 -6.04 -17.62
N THR D 582 -6.52 -5.17 -18.60
CA THR D 582 -5.91 -3.87 -18.32
C THR D 582 -6.96 -2.90 -17.78
N ALA D 590 -14.78 -2.90 -11.80
CA ALA D 590 -15.74 -1.82 -11.99
C ALA D 590 -16.02 -1.60 -13.48
N ASN D 591 -15.01 -1.90 -14.31
CA ASN D 591 -15.19 -1.72 -15.75
C ASN D 591 -16.25 -2.67 -16.30
N VAL D 592 -16.37 -3.87 -15.73
CA VAL D 592 -17.36 -4.83 -16.21
C VAL D 592 -18.76 -4.28 -16.02
N ARG D 593 -19.01 -3.65 -14.87
CA ARG D 593 -20.33 -3.06 -14.65
C ARG D 593 -20.61 -1.95 -15.65
N ASP D 594 -19.59 -1.15 -15.98
CA ASP D 594 -19.78 -0.11 -16.98
C ASP D 594 -20.10 -0.72 -18.34
N ILE D 595 -19.43 -1.81 -18.69
CA ILE D 595 -19.70 -2.49 -19.96
C ILE D 595 -21.14 -2.97 -20.00
N PHE D 596 -21.59 -3.62 -18.92
CA PHE D 596 -22.95 -4.14 -18.90
C PHE D 596 -23.98 -3.02 -18.88
N ASP D 597 -23.69 -1.90 -18.22
CA ASP D 597 -24.59 -0.76 -18.26
C ASP D 597 -24.69 -0.19 -19.66
N LYS D 598 -23.56 -0.10 -20.36
CA LYS D 598 -23.59 0.36 -21.75
C LYS D 598 -24.36 -0.60 -22.63
N ALA D 599 -24.32 -1.90 -22.30
CA ALA D 599 -25.13 -2.87 -23.04
C ALA D 599 -26.61 -2.66 -22.74
N ARG D 600 -26.96 -2.44 -21.48
CA ARG D 600 -28.36 -2.22 -21.12
C ARG D 600 -28.92 -0.97 -21.78
N GLN D 601 -28.12 0.09 -21.85
CA GLN D 601 -28.60 1.33 -22.47
C GLN D 601 -29.04 1.10 -23.91
N ALA D 602 -28.46 0.11 -24.58
CA ALA D 602 -28.89 -0.30 -25.91
C ALA D 602 -29.79 -1.52 -25.77
N ALA D 603 -31.06 -1.37 -26.11
CA ALA D 603 -32.04 -2.40 -25.81
C ALA D 603 -31.72 -3.69 -26.54
N PRO D 604 -31.78 -3.73 -27.89
CA PRO D 604 -31.31 -4.92 -28.61
C PRO D 604 -29.82 -4.84 -28.85
N CYS D 605 -29.07 -5.74 -28.22
CA CYS D 605 -27.62 -5.67 -28.25
C CYS D 605 -27.03 -7.07 -28.26
N VAL D 606 -25.85 -7.19 -28.88
CA VAL D 606 -25.05 -8.40 -28.86
C VAL D 606 -23.72 -8.04 -28.20
N LEU D 607 -23.47 -8.62 -27.04
CA LEU D 607 -22.27 -8.34 -26.26
C LEU D 607 -21.28 -9.47 -26.50
N PHE D 608 -20.17 -9.16 -27.16
CA PHE D 608 -19.18 -10.15 -27.54
C PHE D 608 -17.99 -10.07 -26.60
N PHE D 609 -17.66 -11.20 -25.96
CA PHE D 609 -16.51 -11.31 -25.09
C PHE D 609 -15.51 -12.25 -25.75
N ASP D 610 -14.65 -11.68 -26.60
CA ASP D 610 -13.66 -12.47 -27.30
C ASP D 610 -12.50 -12.84 -26.37
N GLU D 611 -11.80 -13.92 -26.71
CA GLU D 611 -10.69 -14.41 -25.91
C GLU D 611 -11.11 -14.55 -24.45
N LEU D 612 -12.27 -15.17 -24.25
CA LEU D 612 -12.83 -15.26 -22.91
C LEU D 612 -11.96 -16.08 -21.96
N ASP D 613 -11.17 -17.00 -22.51
CA ASP D 613 -10.38 -17.88 -21.65
C ASP D 613 -9.42 -17.09 -20.76
N SER D 614 -9.01 -15.89 -21.20
CA SER D 614 -8.07 -15.10 -20.42
C SER D 614 -8.65 -14.65 -19.08
N ILE D 615 -9.97 -14.70 -18.93
CA ILE D 615 -10.64 -14.22 -17.72
C ILE D 615 -11.47 -15.30 -17.05
N ALA D 616 -11.51 -16.51 -17.60
CA ALA D 616 -12.32 -17.60 -17.08
C ALA D 616 -11.47 -18.85 -16.87
N LYS D 617 -10.34 -18.67 -16.20
CA LYS D 617 -9.41 -19.76 -15.94
C LYS D 617 -8.84 -20.30 -17.24
N ASP D 631 -9.01 -13.35 -10.74
CA ASP D 631 -10.03 -13.92 -9.87
C ASP D 631 -11.10 -12.88 -9.57
N ARG D 632 -10.70 -11.60 -9.50
CA ARG D 632 -11.66 -10.54 -9.28
C ARG D 632 -12.59 -10.38 -10.48
N VAL D 633 -12.01 -10.37 -11.69
CA VAL D 633 -12.82 -10.11 -12.88
C VAL D 633 -13.84 -11.23 -13.10
N ILE D 634 -13.40 -12.49 -12.93
CA ILE D 634 -14.31 -13.60 -13.20
C ILE D 634 -15.53 -13.55 -12.30
N ASN D 635 -15.32 -13.27 -11.00
CA ASN D 635 -16.46 -13.16 -10.10
C ASN D 635 -17.35 -11.98 -10.49
N GLN D 636 -16.75 -10.85 -10.83
CA GLN D 636 -17.55 -9.70 -11.22
C GLN D 636 -18.40 -10.00 -12.45
N LEU D 637 -17.82 -10.69 -13.44
CA LEU D 637 -18.58 -11.07 -14.62
C LEU D 637 -19.73 -11.99 -14.25
N LEU D 638 -19.49 -12.93 -13.34
CA LEU D 638 -20.55 -13.85 -12.92
C LEU D 638 -21.72 -13.11 -12.31
N THR D 639 -21.45 -12.25 -11.32
CA THR D 639 -22.53 -11.56 -10.63
C THR D 639 -23.26 -10.60 -11.57
N GLU D 640 -22.52 -9.89 -12.42
CA GLU D 640 -23.16 -8.97 -13.35
C GLU D 640 -24.06 -9.71 -14.32
N MET D 641 -23.59 -10.85 -14.84
CA MET D 641 -24.40 -11.62 -15.77
C MET D 641 -25.47 -12.43 -15.05
N ASP D 642 -25.19 -12.90 -13.84
CA ASP D 642 -26.19 -13.64 -13.09
C ASP D 642 -27.40 -12.75 -12.77
N GLY D 643 -27.13 -11.49 -12.41
CA GLY D 643 -28.20 -10.56 -12.08
C GLY D 643 -28.73 -9.83 -13.30
N MET D 644 -28.81 -10.53 -14.42
CA MET D 644 -29.35 -9.98 -15.65
C MET D 644 -30.76 -10.53 -15.86
N SER D 645 -31.73 -9.64 -15.97
CA SER D 645 -33.11 -10.08 -16.20
C SER D 645 -33.21 -10.80 -17.52
N ALA D 646 -33.67 -12.05 -17.49
CA ALA D 646 -33.72 -12.88 -18.68
C ALA D 646 -34.72 -12.36 -19.71
N LYS D 647 -35.60 -11.43 -19.33
CA LYS D 647 -36.62 -10.91 -20.24
C LYS D 647 -36.12 -9.74 -21.08
N LYS D 648 -34.91 -9.24 -20.82
CA LYS D 648 -34.37 -8.14 -21.59
C LYS D 648 -33.61 -8.68 -22.79
N ASN D 649 -33.53 -7.87 -23.84
CA ASN D 649 -32.95 -8.30 -25.11
C ASN D 649 -31.49 -7.88 -25.23
N VAL D 650 -30.66 -8.40 -24.33
CA VAL D 650 -29.22 -8.21 -24.38
C VAL D 650 -28.60 -9.60 -24.38
N PHE D 651 -27.94 -9.97 -25.49
CA PHE D 651 -27.40 -11.30 -25.67
C PHE D 651 -25.90 -11.28 -25.48
N ILE D 652 -25.40 -12.20 -24.66
CA ILE D 652 -23.97 -12.30 -24.35
C ILE D 652 -23.41 -13.48 -25.14
N ILE D 653 -22.50 -13.19 -26.07
CA ILE D 653 -21.89 -14.19 -26.93
C ILE D 653 -20.41 -14.24 -26.59
N GLY D 654 -20.00 -15.30 -25.89
CA GLY D 654 -18.61 -15.51 -25.63
C GLY D 654 -17.90 -16.13 -26.82
N ALA D 655 -16.58 -16.24 -26.70
CA ALA D 655 -15.77 -16.84 -27.75
C ALA D 655 -14.44 -17.25 -27.16
N THR D 656 -14.11 -18.53 -27.26
CA THR D 656 -12.86 -19.07 -26.73
C THR D 656 -12.34 -20.14 -27.67
N ASN D 657 -11.04 -20.09 -27.95
CA ASN D 657 -10.40 -21.10 -28.78
C ASN D 657 -9.83 -22.25 -27.98
N ARG D 658 -10.00 -22.24 -26.65
CA ARG D 658 -9.54 -23.32 -25.77
C ARG D 658 -10.71 -23.72 -24.90
N PRO D 659 -11.64 -24.52 -25.43
CA PRO D 659 -12.83 -24.88 -24.65
C PRO D 659 -12.51 -25.60 -23.36
N ASP D 660 -11.45 -26.40 -23.33
CA ASP D 660 -11.16 -27.20 -22.14
C ASP D 660 -10.87 -26.33 -20.94
N ILE D 661 -10.10 -25.25 -21.12
CA ILE D 661 -9.63 -24.44 -19.99
C ILE D 661 -10.71 -23.52 -19.44
N ILE D 662 -11.94 -23.60 -19.96
CA ILE D 662 -13.01 -22.74 -19.47
C ILE D 662 -13.51 -23.25 -18.13
N ASP D 663 -13.81 -22.32 -17.23
CA ASP D 663 -14.37 -22.69 -15.93
C ASP D 663 -15.80 -23.18 -16.08
N GLY D 664 -16.20 -24.07 -15.18
CA GLY D 664 -17.54 -24.63 -15.22
C GLY D 664 -18.61 -23.67 -14.76
N ALA D 665 -18.25 -22.65 -13.97
CA ALA D 665 -19.24 -21.70 -13.49
C ALA D 665 -19.86 -20.93 -14.66
N ILE D 666 -19.06 -20.56 -15.65
CA ILE D 666 -19.56 -19.79 -16.77
C ILE D 666 -20.66 -20.55 -17.51
N LEU D 667 -20.51 -21.86 -17.63
CA LEU D 667 -21.46 -22.68 -18.37
C LEU D 667 -22.65 -23.13 -17.54
N ARG D 668 -22.75 -22.71 -16.29
CA ARG D 668 -23.92 -23.04 -15.49
C ARG D 668 -25.15 -22.41 -16.12
N PRO D 669 -26.19 -23.19 -16.44
CA PRO D 669 -27.43 -22.61 -16.97
C PRO D 669 -27.86 -21.33 -16.28
N GLY D 670 -28.46 -20.42 -17.05
CA GLY D 670 -28.73 -19.08 -16.59
C GLY D 670 -27.58 -18.12 -16.80
N ARG D 671 -26.39 -18.61 -17.13
CA ARG D 671 -25.23 -17.77 -17.40
C ARG D 671 -24.80 -17.86 -18.85
N LEU D 672 -24.48 -19.08 -19.33
CA LEU D 672 -24.11 -19.31 -20.72
C LEU D 672 -24.38 -20.78 -20.99
N ASP D 673 -25.58 -21.10 -21.48
CA ASP D 673 -26.05 -22.47 -21.51
C ASP D 673 -26.03 -23.11 -22.89
N GLN D 674 -25.75 -22.37 -23.95
CA GLN D 674 -25.67 -22.91 -25.29
C GLN D 674 -24.22 -22.99 -25.73
N LEU D 675 -23.82 -24.15 -26.25
CA LEU D 675 -22.48 -24.36 -26.78
C LEU D 675 -22.59 -24.57 -28.29
N ILE D 676 -21.84 -23.77 -29.05
CA ILE D 676 -21.88 -23.80 -30.50
C ILE D 676 -20.47 -24.02 -31.03
N TYR D 677 -20.35 -24.91 -32.02
CA TYR D 677 -19.07 -25.26 -32.63
C TYR D 677 -19.01 -24.65 -34.01
N ILE D 678 -17.89 -23.99 -34.31
CA ILE D 678 -17.68 -23.31 -35.59
C ILE D 678 -16.53 -24.00 -36.31
N PRO D 679 -16.79 -24.91 -37.24
CA PRO D 679 -15.71 -25.72 -37.81
C PRO D 679 -14.96 -24.96 -38.89
N LEU D 680 -13.97 -25.62 -39.48
CA LEU D 680 -13.29 -25.05 -40.62
C LEU D 680 -14.28 -24.85 -41.75
N PRO D 681 -14.25 -23.71 -42.44
CA PRO D 681 -15.24 -23.46 -43.50
C PRO D 681 -15.20 -24.55 -44.57
N ASP D 682 -16.38 -24.92 -45.04
CA ASP D 682 -16.50 -25.95 -46.07
C ASP D 682 -16.20 -25.32 -47.43
N GLU D 683 -16.49 -26.04 -48.51
CA GLU D 683 -16.15 -25.55 -49.84
C GLU D 683 -16.89 -24.25 -50.14
N ALA D 684 -18.21 -24.22 -49.93
CA ALA D 684 -18.98 -23.01 -50.21
C ALA D 684 -18.53 -21.88 -49.31
N SER D 685 -18.27 -22.15 -48.04
CA SER D 685 -17.80 -21.12 -47.13
C SER D 685 -16.47 -20.55 -47.59
N ARG D 686 -15.57 -21.42 -48.05
CA ARG D 686 -14.29 -20.94 -48.56
C ARG D 686 -14.47 -20.07 -49.79
N VAL D 687 -15.36 -20.48 -50.70
CA VAL D 687 -15.63 -19.66 -51.88
C VAL D 687 -16.12 -18.28 -51.47
N ASN D 688 -17.04 -18.24 -50.50
CA ASN D 688 -17.55 -16.95 -50.03
C ASN D 688 -16.44 -16.12 -49.40
N ILE D 689 -15.57 -16.75 -48.61
CA ILE D 689 -14.49 -16.01 -47.96
C ILE D 689 -13.57 -15.41 -49.01
N LEU D 690 -13.20 -16.21 -50.02
CA LEU D 690 -12.39 -15.69 -51.12
C LEU D 690 -13.06 -14.49 -51.76
N LYS D 691 -14.30 -14.66 -52.21
CA LYS D 691 -14.97 -13.57 -52.92
C LYS D 691 -15.11 -12.33 -52.05
N ALA D 692 -15.20 -12.51 -50.73
CA ALA D 692 -15.30 -11.36 -49.84
C ALA D 692 -13.97 -10.64 -49.69
N ASN D 693 -12.87 -11.40 -49.63
CA ASN D 693 -11.56 -10.77 -49.45
C ASN D 693 -11.12 -10.03 -50.71
N LEU D 694 -11.44 -10.56 -51.88
CA LEU D 694 -10.99 -10.00 -53.15
C LEU D 694 -11.95 -8.97 -53.72
N ARG D 695 -12.97 -8.58 -52.97
CA ARG D 695 -13.98 -7.67 -53.52
C ARG D 695 -13.37 -6.33 -53.92
N LYS D 696 -12.47 -5.81 -53.10
CA LYS D 696 -11.89 -4.49 -53.32
C LYS D 696 -10.66 -4.52 -54.23
N SER D 697 -10.26 -5.69 -54.72
CA SER D 697 -9.05 -5.83 -55.51
C SER D 697 -9.40 -6.29 -56.91
N PRO D 698 -8.91 -5.63 -57.97
CA PRO D 698 -9.16 -6.13 -59.32
C PRO D 698 -8.59 -7.53 -59.50
N ILE D 699 -9.39 -8.42 -60.09
CA ILE D 699 -9.01 -9.81 -60.28
C ILE D 699 -9.18 -10.17 -61.75
N ALA D 700 -8.26 -10.99 -62.24
CA ALA D 700 -8.29 -11.39 -63.64
C ALA D 700 -9.49 -12.27 -63.93
N ARG D 701 -10.00 -12.17 -65.15
CA ARG D 701 -11.19 -12.90 -65.55
C ARG D 701 -10.98 -14.41 -65.55
N ASP D 702 -9.73 -14.86 -65.64
CA ASP D 702 -9.43 -16.28 -65.79
C ASP D 702 -9.23 -17.00 -64.46
N VAL D 703 -9.29 -16.29 -63.33
CA VAL D 703 -9.08 -16.90 -62.04
C VAL D 703 -10.39 -17.55 -61.61
N ASP D 704 -10.40 -18.88 -61.54
CA ASP D 704 -11.58 -19.63 -61.13
C ASP D 704 -11.49 -19.87 -59.62
N ILE D 705 -12.20 -19.04 -58.85
CA ILE D 705 -12.16 -19.15 -57.40
C ILE D 705 -12.67 -20.51 -56.95
N ASN D 706 -13.53 -21.15 -57.75
CA ASN D 706 -14.02 -22.47 -57.39
C ASN D 706 -12.89 -23.48 -57.32
N PHE D 707 -11.97 -23.43 -58.29
CA PHE D 707 -10.82 -24.34 -58.27
C PHE D 707 -9.96 -24.11 -57.04
N LEU D 708 -9.69 -22.85 -56.72
CA LEU D 708 -8.89 -22.56 -55.53
C LEU D 708 -9.58 -23.07 -54.27
N ALA D 709 -10.89 -22.87 -54.17
CA ALA D 709 -11.63 -23.39 -53.02
C ALA D 709 -11.52 -24.90 -52.95
N LYS D 710 -11.58 -25.57 -54.10
CA LYS D 710 -11.36 -27.02 -54.11
C LYS D 710 -9.99 -27.38 -53.59
N ALA D 711 -8.96 -26.64 -54.00
CA ALA D 711 -7.60 -26.93 -53.58
C ALA D 711 -7.38 -26.58 -52.11
N THR D 712 -7.87 -25.43 -51.68
CA THR D 712 -7.70 -25.00 -50.29
C THR D 712 -8.62 -25.82 -49.40
N GLN D 713 -8.06 -26.80 -48.72
CA GLN D 713 -8.80 -27.68 -47.82
C GLN D 713 -8.31 -27.47 -46.39
N GLY D 714 -9.22 -27.17 -45.49
CA GLY D 714 -8.88 -27.01 -44.09
C GLY D 714 -8.20 -25.70 -43.75
N PHE D 715 -8.09 -24.78 -44.71
CA PHE D 715 -7.45 -23.50 -44.45
C PHE D 715 -8.40 -22.62 -43.63
N SER D 716 -7.87 -22.03 -42.57
CA SER D 716 -8.68 -21.18 -41.70
C SER D 716 -8.98 -19.86 -42.39
N GLY D 717 -9.78 -19.03 -41.72
CA GLY D 717 -10.14 -17.75 -42.30
C GLY D 717 -8.94 -16.86 -42.54
N ALA D 718 -8.02 -16.81 -41.57
CA ALA D 718 -6.80 -16.03 -41.75
C ALA D 718 -5.94 -16.61 -42.88
N ASP D 719 -5.91 -17.93 -42.99
CA ASP D 719 -5.13 -18.56 -44.05
C ASP D 719 -5.52 -18.02 -45.41
N LEU D 720 -6.82 -17.97 -45.70
CA LEU D 720 -7.26 -17.45 -46.99
C LEU D 720 -6.95 -15.96 -47.12
N THR D 721 -7.19 -15.18 -46.07
CA THR D 721 -6.87 -13.76 -46.13
C THR D 721 -5.38 -13.55 -46.38
N GLU D 722 -4.53 -14.31 -45.70
CA GLU D 722 -3.09 -14.24 -45.96
C GLU D 722 -2.77 -14.69 -47.38
N ILE D 723 -3.41 -15.76 -47.85
CA ILE D 723 -3.19 -16.21 -49.21
C ILE D 723 -3.55 -15.11 -50.20
N CYS D 724 -4.68 -14.45 -49.97
CA CYS D 724 -5.07 -13.34 -50.85
C CYS D 724 -4.13 -12.16 -50.67
N GLN D 725 -3.68 -11.90 -49.45
CA GLN D 725 -2.75 -10.80 -49.22
C GLN D 725 -1.44 -11.01 -49.97
N ARG D 726 -0.91 -12.24 -49.94
CA ARG D 726 0.33 -12.52 -50.65
C ARG D 726 0.16 -12.33 -52.15
N ALA D 727 -0.96 -12.79 -52.70
CA ALA D 727 -1.17 -12.70 -54.14
C ALA D 727 -1.08 -11.25 -54.61
N CYS D 728 -1.58 -10.32 -53.81
CA CYS D 728 -1.46 -8.91 -54.17
C CYS D 728 -0.05 -8.39 -53.97
N LYS D 729 0.60 -8.80 -52.88
CA LYS D 729 1.98 -8.38 -52.66
C LYS D 729 2.86 -8.74 -53.84
N GLN D 730 2.65 -9.92 -54.40
CA GLN D 730 3.31 -10.27 -55.66
C GLN D 730 2.95 -9.27 -56.74
N ALA D 731 1.66 -8.95 -56.88
CA ALA D 731 1.21 -8.05 -57.94
C ALA D 731 1.84 -6.66 -57.77
N ILE D 732 1.91 -6.17 -56.53
CA ILE D 732 2.53 -4.87 -56.29
C ILE D 732 4.00 -4.90 -56.69
N ARG D 733 4.71 -5.97 -56.34
CA ARG D 733 6.11 -6.09 -56.70
C ARG D 733 6.30 -6.01 -58.21
N GLU D 734 5.56 -6.83 -58.96
CA GLU D 734 5.71 -6.81 -60.41
C GLU D 734 5.31 -5.47 -61.01
N SER D 735 4.35 -4.79 -60.38
CA SER D 735 3.92 -3.48 -60.87
C SER D 735 5.08 -2.48 -60.78
N ILE D 736 5.78 -2.46 -59.66
CA ILE D 736 6.93 -1.57 -59.52
C ILE D 736 8.08 -2.02 -60.40
N GLU D 737 8.34 -3.33 -60.44
CA GLU D 737 9.42 -3.85 -61.28
C GLU D 737 9.21 -3.47 -62.73
N ALA D 738 7.97 -3.63 -63.23
CA ALA D 738 7.67 -3.18 -64.58
C ALA D 738 7.86 -1.67 -64.70
N GLU D 739 7.42 -0.92 -63.69
CA GLU D 739 7.56 0.54 -63.75
C GLU D 739 9.03 0.94 -63.85
N ILE D 740 9.89 0.33 -63.05
CA ILE D 740 11.32 0.64 -63.11
C ILE D 740 11.88 0.30 -64.47
N ARG D 741 11.51 -0.87 -65.01
CA ARG D 741 11.99 -1.27 -66.33
C ARG D 741 11.51 -0.28 -67.39
N ALA D 742 10.28 0.19 -67.27
CA ALA D 742 9.74 1.16 -68.22
C ALA D 742 10.55 2.46 -68.18
N ASP D 758 -1.46 -0.14 -67.69
CA ASP D 758 -0.23 -0.60 -67.05
C ASP D 758 0.06 -2.05 -67.40
N PRO D 759 1.33 -2.44 -67.36
CA PRO D 759 1.68 -3.83 -67.68
C PRO D 759 1.06 -4.86 -66.74
N VAL D 760 0.72 -4.47 -65.52
CA VAL D 760 0.11 -5.38 -64.55
C VAL D 760 -1.17 -4.75 -64.04
N PRO D 761 -2.26 -4.78 -64.81
CA PRO D 761 -3.49 -4.11 -64.37
C PRO D 761 -4.32 -4.92 -63.38
N GLU D 762 -4.11 -6.24 -63.29
CA GLU D 762 -4.95 -7.06 -62.43
C GLU D 762 -4.16 -8.29 -61.98
N ILE D 763 -4.62 -8.88 -60.87
CA ILE D 763 -3.99 -10.09 -60.36
C ILE D 763 -4.39 -11.26 -61.25
N THR D 764 -3.38 -11.96 -61.78
CA THR D 764 -3.59 -13.04 -62.72
C THR D 764 -3.44 -14.40 -62.02
N ARG D 765 -3.48 -15.48 -62.80
CA ARG D 765 -3.33 -16.81 -62.24
C ARG D 765 -1.98 -16.99 -61.57
N ARG D 766 -0.91 -16.54 -62.24
CA ARG D 766 0.43 -16.83 -61.75
C ARG D 766 0.66 -16.25 -60.36
N HIS D 767 0.05 -15.10 -60.08
CA HIS D 767 0.18 -14.52 -58.75
C HIS D 767 -0.37 -15.46 -57.69
N PHE D 768 -1.56 -16.01 -57.92
CA PHE D 768 -2.13 -16.96 -56.97
C PHE D 768 -1.33 -18.25 -56.94
N GLU D 769 -0.87 -18.72 -58.10
CA GLU D 769 -0.10 -19.96 -58.15
C GLU D 769 1.15 -19.85 -57.29
N GLU D 770 1.89 -18.74 -57.42
CA GLU D 770 3.07 -18.54 -56.59
C GLU D 770 2.69 -18.28 -55.13
N ALA D 771 1.53 -17.65 -54.91
CA ALA D 771 1.11 -17.38 -53.53
C ALA D 771 0.67 -18.64 -52.81
N MET D 772 0.03 -19.57 -53.52
CA MET D 772 -0.40 -20.81 -52.90
C MET D 772 0.74 -21.79 -52.66
N ARG D 773 1.91 -21.56 -53.27
CA ARG D 773 3.01 -22.50 -53.11
C ARG D 773 3.46 -22.58 -51.67
N PHE D 774 3.58 -21.45 -50.99
CA PHE D 774 4.02 -21.41 -49.60
C PHE D 774 2.85 -21.44 -48.61
N ALA D 775 1.61 -21.47 -49.08
CA ALA D 775 0.48 -21.54 -48.18
C ALA D 775 0.54 -22.82 -47.34
N ARG D 776 0.37 -22.66 -46.04
CA ARG D 776 0.45 -23.77 -45.09
C ARG D 776 -0.74 -23.69 -44.15
N ARG D 777 -1.42 -24.82 -43.95
CA ARG D 777 -2.56 -24.85 -43.05
C ARG D 777 -2.12 -24.41 -41.65
N SER D 778 -2.87 -23.49 -41.06
CA SER D 778 -2.55 -22.97 -39.74
C SER D 778 -3.11 -23.81 -38.61
N VAL D 779 -3.99 -24.75 -38.89
CA VAL D 779 -4.54 -25.66 -37.89
C VAL D 779 -4.29 -27.08 -38.38
N THR D 780 -3.62 -27.87 -37.55
CA THR D 780 -3.32 -29.25 -37.93
C THR D 780 -4.59 -30.09 -37.88
N GLU D 781 -4.43 -31.39 -38.15
CA GLU D 781 -5.51 -32.32 -37.87
C GLU D 781 -5.59 -32.67 -36.39
N ASN D 782 -4.51 -32.43 -35.64
CA ASN D 782 -4.51 -32.77 -34.22
C ASN D 782 -5.49 -31.90 -33.44
N ASP D 783 -5.43 -30.58 -33.65
CA ASP D 783 -6.37 -29.70 -32.95
C ASP D 783 -7.79 -29.88 -33.45
N VAL D 784 -7.96 -30.18 -34.74
CA VAL D 784 -9.30 -30.46 -35.25
C VAL D 784 -9.87 -31.69 -34.55
N ARG D 785 -9.06 -32.74 -34.41
CA ARG D 785 -9.51 -33.92 -33.69
C ARG D 785 -9.77 -33.60 -32.22
N LYS D 786 -8.99 -32.70 -31.63
CA LYS D 786 -9.24 -32.31 -30.25
C LYS D 786 -10.61 -31.67 -30.11
N TYR D 787 -10.94 -30.75 -31.02
CA TYR D 787 -12.26 -30.12 -30.99
C TYR D 787 -13.36 -31.15 -31.26
N GLU D 788 -13.10 -32.11 -32.14
CA GLU D 788 -14.08 -33.15 -32.40
C GLU D 788 -14.33 -33.99 -31.15
N MET D 789 -13.28 -34.32 -30.42
CA MET D 789 -13.44 -35.06 -29.18
C MET D 789 -14.21 -34.25 -28.15
N PHE D 790 -13.91 -32.95 -28.06
CA PHE D 790 -14.64 -32.09 -27.15
C PHE D 790 -16.12 -32.05 -27.51
N ALA D 791 -16.44 -31.99 -28.81
CA ALA D 791 -17.82 -32.03 -29.25
C ALA D 791 -18.47 -33.36 -28.89
N GLN D 792 -17.75 -34.46 -29.08
CA GLN D 792 -18.28 -35.77 -28.72
C GLN D 792 -18.58 -35.85 -27.23
N THR D 793 -17.75 -35.21 -26.41
CA THR D 793 -18.00 -35.21 -24.97
C THR D 793 -19.35 -34.57 -24.65
N LEU D 794 -19.66 -33.45 -25.31
CA LEU D 794 -20.94 -32.79 -25.13
C LEU D 794 -22.03 -33.53 -25.90
N GLU E 229 34.71 40.97 12.41
CA GLU E 229 36.15 41.08 12.24
C GLU E 229 36.77 39.72 11.96
N LYS E 230 36.51 38.76 12.84
CA LYS E 230 37.04 37.41 12.65
C LYS E 230 36.49 36.78 11.38
N LEU E 231 35.20 36.96 11.11
CA LEU E 231 34.60 36.36 9.93
C LEU E 231 35.22 36.92 8.65
N ASN E 232 35.47 38.22 8.61
CA ASN E 232 36.05 38.83 7.42
C ASN E 232 37.49 38.41 7.18
N GLU E 233 38.16 37.83 8.17
CA GLU E 233 39.53 37.37 8.02
C GLU E 233 39.63 35.94 7.52
N ILE E 234 38.50 35.23 7.42
CA ILE E 234 38.53 33.83 6.98
C ILE E 234 39.00 33.77 5.54
N GLY E 235 39.95 32.89 5.26
CA GLY E 235 40.48 32.72 3.92
C GLY E 235 40.57 31.27 3.50
N TYR E 236 41.33 31.00 2.45
CA TYR E 236 41.47 29.62 1.98
C TYR E 236 42.17 28.75 3.00
N ASP E 237 43.18 29.30 3.70
CA ASP E 237 43.93 28.52 4.67
C ASP E 237 43.10 28.11 5.86
N ASP E 238 41.99 28.79 6.13
CA ASP E 238 41.16 28.49 7.28
C ASP E 238 40.11 27.43 7.00
N ILE E 239 40.10 26.86 5.81
CA ILE E 239 39.20 25.76 5.45
C ILE E 239 40.07 24.57 5.06
N GLY E 240 39.76 23.40 5.61
CA GLY E 240 40.51 22.20 5.30
C GLY E 240 39.61 21.09 4.82
N GLY E 241 40.22 20.15 4.10
CA GLY E 241 39.55 18.95 3.65
C GLY E 241 38.94 19.04 2.28
N CYS E 242 39.04 20.18 1.60
CA CYS E 242 38.40 20.41 0.31
C CYS E 242 39.33 21.18 -0.63
N ARG E 243 40.58 20.70 -0.74
CA ARG E 243 41.59 21.42 -1.52
C ARG E 243 41.27 21.42 -3.01
N LYS E 244 40.90 20.25 -3.56
CA LYS E 244 40.51 20.20 -4.97
C LYS E 244 39.28 21.04 -5.23
N GLN E 245 38.26 20.88 -4.40
CA GLN E 245 37.02 21.62 -4.65
C GLN E 245 37.24 23.11 -4.52
N LEU E 246 38.08 23.52 -3.57
CA LEU E 246 38.32 24.95 -3.41
C LEU E 246 39.09 25.52 -4.59
N ALA E 247 40.00 24.74 -5.17
CA ALA E 247 40.66 25.15 -6.40
C ALA E 247 39.65 25.31 -7.53
N GLN E 248 38.72 24.35 -7.63
CA GLN E 248 37.69 24.42 -8.65
C GLN E 248 36.83 25.67 -8.47
N ILE E 249 36.43 25.95 -7.23
CA ILE E 249 35.61 27.11 -6.95
C ILE E 249 36.40 28.39 -7.19
N LYS E 250 37.70 28.35 -6.93
CA LYS E 250 38.53 29.49 -7.24
C LYS E 250 38.45 29.81 -8.72
N GLU E 251 38.75 28.83 -9.57
CA GLU E 251 38.69 29.04 -11.01
C GLU E 251 37.29 29.39 -11.48
N MET E 252 36.26 29.04 -10.72
CA MET E 252 34.90 29.38 -11.11
C MET E 252 34.45 30.76 -10.69
N VAL E 253 34.93 31.26 -9.54
CA VAL E 253 34.26 32.36 -8.86
C VAL E 253 35.18 33.53 -8.54
N GLU E 254 36.50 33.36 -8.68
CA GLU E 254 37.44 34.41 -8.32
C GLU E 254 38.11 35.00 -9.56
N LEU E 255 38.73 34.18 -10.38
CA LEU E 255 39.33 34.71 -11.60
C LEU E 255 38.30 35.46 -12.43
N PRO E 256 37.06 34.98 -12.60
CA PRO E 256 36.05 35.80 -13.28
C PRO E 256 35.76 37.11 -12.56
N LEU E 257 35.34 37.05 -11.30
CA LEU E 257 34.96 38.25 -10.53
C LEU E 257 36.12 39.18 -10.26
N ARG E 258 37.34 38.84 -10.68
CA ARG E 258 38.50 39.70 -10.52
C ARG E 258 38.99 40.27 -11.84
N HIS E 259 38.84 39.52 -12.93
CA HIS E 259 39.24 39.96 -14.26
C HIS E 259 38.10 39.73 -15.25
N PRO E 260 36.97 40.41 -15.08
CA PRO E 260 35.83 40.17 -15.98
C PRO E 260 36.14 40.45 -17.44
N GLN E 261 37.02 41.41 -17.73
CA GLN E 261 37.24 41.83 -19.11
C GLN E 261 37.75 40.68 -19.97
N LEU E 262 38.72 39.92 -19.46
CA LEU E 262 39.28 38.82 -20.24
C LEU E 262 38.22 37.78 -20.58
N PHE E 263 37.46 37.35 -19.58
CA PHE E 263 36.45 36.32 -19.80
C PHE E 263 35.36 36.82 -20.75
N LYS E 264 34.97 38.08 -20.61
CA LYS E 264 33.98 38.64 -21.53
C LYS E 264 34.52 38.68 -22.96
N ALA E 265 35.79 39.04 -23.11
CA ALA E 265 36.38 39.12 -24.44
C ALA E 265 36.41 37.74 -25.10
N ILE E 266 36.95 36.75 -24.40
CA ILE E 266 37.06 35.42 -25.00
C ILE E 266 35.68 34.83 -25.25
N GLY E 267 34.75 35.03 -24.31
CA GLY E 267 33.41 34.49 -24.45
C GLY E 267 33.06 33.43 -23.43
N VAL E 268 33.61 33.54 -22.23
CA VAL E 268 33.28 32.66 -21.12
C VAL E 268 32.23 33.35 -20.27
N LYS E 269 31.17 32.61 -19.93
CA LYS E 269 30.06 33.17 -19.16
C LYS E 269 30.15 32.67 -17.73
N PRO E 270 30.39 33.54 -16.74
CA PRO E 270 30.59 33.06 -15.38
C PRO E 270 29.33 32.41 -14.86
N PRO E 271 29.46 31.43 -13.97
CA PRO E 271 28.27 30.74 -13.45
C PRO E 271 27.46 31.66 -12.54
N ARG E 272 26.16 31.38 -12.48
CA ARG E 272 25.24 32.15 -11.67
C ARG E 272 24.67 31.37 -10.50
N GLY E 273 24.83 30.05 -10.48
CA GLY E 273 24.36 29.25 -9.37
C GLY E 273 25.26 28.07 -9.08
N ILE E 274 25.73 27.97 -7.84
CA ILE E 274 26.64 26.91 -7.43
C ILE E 274 26.06 26.26 -6.18
N LEU E 275 25.76 24.97 -6.26
CA LEU E 275 25.15 24.23 -5.16
C LEU E 275 26.20 23.29 -4.58
N LEU E 276 26.64 23.60 -3.36
CA LEU E 276 27.62 22.78 -2.66
C LEU E 276 26.88 21.79 -1.77
N TYR E 277 27.10 20.50 -2.00
CA TYR E 277 26.42 19.47 -1.23
C TYR E 277 27.42 18.48 -0.67
N GLY E 278 27.03 17.83 0.42
CA GLY E 278 27.88 16.88 1.10
C GLY E 278 27.37 16.58 2.50
N PRO E 279 28.11 15.75 3.23
CA PRO E 279 27.70 15.39 4.59
C PRO E 279 27.84 16.58 5.53
N PRO E 280 27.07 16.61 6.63
CA PRO E 280 27.22 17.70 7.59
C PRO E 280 28.57 17.66 8.28
N GLY E 281 28.98 18.84 8.78
CA GLY E 281 30.21 18.99 9.50
C GLY E 281 31.37 19.51 8.67
N THR E 282 31.27 19.42 7.35
CA THR E 282 32.34 19.89 6.48
C THR E 282 32.38 21.42 6.50
N GLY E 283 33.39 21.97 5.84
CA GLY E 283 33.55 23.40 5.75
C GLY E 283 32.79 24.03 4.60
N LYS E 284 31.82 23.32 4.04
CA LYS E 284 31.07 23.86 2.91
C LYS E 284 30.30 25.10 3.29
N THR E 285 30.09 25.35 4.58
CA THR E 285 29.47 26.58 5.03
C THR E 285 30.44 27.75 5.04
N LEU E 286 31.74 27.48 4.97
CA LEU E 286 32.77 28.52 5.00
C LEU E 286 33.39 28.79 3.63
N VAL E 287 33.13 27.94 2.63
CA VAL E 287 33.72 28.14 1.33
C VAL E 287 33.25 29.45 0.71
N ALA E 288 31.96 29.74 0.83
CA ALA E 288 31.43 30.97 0.25
C ALA E 288 32.08 32.20 0.86
N ARG E 289 32.21 32.23 2.19
CA ARG E 289 32.79 33.39 2.84
C ARG E 289 34.27 33.52 2.50
N ALA E 290 34.98 32.40 2.40
CA ALA E 290 36.39 32.46 2.01
C ALA E 290 36.54 33.04 0.61
N VAL E 291 35.71 32.56 -0.33
CA VAL E 291 35.77 33.09 -1.69
C VAL E 291 35.46 34.58 -1.70
N ALA E 292 34.43 34.99 -0.94
CA ALA E 292 34.05 36.40 -0.91
C ALA E 292 35.18 37.25 -0.34
N ASN E 293 35.82 36.80 0.74
CA ASN E 293 36.86 37.59 1.37
C ASN E 293 38.12 37.65 0.51
N GLU E 294 38.45 36.56 -0.19
CA GLU E 294 39.68 36.53 -0.98
C GLU E 294 39.52 37.09 -2.37
N SER E 295 38.29 37.24 -2.86
CA SER E 295 38.03 37.90 -4.13
C SER E 295 37.62 39.36 -3.96
N GLY E 296 37.45 39.82 -2.72
CA GLY E 296 37.04 41.18 -2.46
C GLY E 296 35.58 41.47 -2.68
N SER E 297 34.77 40.45 -2.94
CA SER E 297 33.37 40.66 -3.25
C SER E 297 32.56 40.85 -1.97
N PHE E 298 31.35 41.38 -2.14
CA PHE E 298 30.44 41.59 -1.03
C PHE E 298 29.67 40.31 -0.74
N PHE E 299 29.63 39.92 0.53
CA PHE E 299 29.05 38.66 0.96
C PHE E 299 27.74 38.91 1.68
N PHE E 300 26.68 38.26 1.24
CA PHE E 300 25.38 38.28 1.91
C PHE E 300 24.97 36.86 2.25
N LEU E 301 24.47 36.67 3.47
CA LEU E 301 24.11 35.36 3.98
C LEU E 301 22.61 35.27 4.20
N ILE E 302 22.00 34.22 3.67
CA ILE E 302 20.59 33.92 3.88
C ILE E 302 20.51 32.56 4.56
N ASN E 303 19.87 32.52 5.73
CA ASN E 303 19.68 31.29 6.48
C ASN E 303 18.29 30.75 6.19
N GLY E 304 18.21 29.46 5.89
CA GLY E 304 16.94 28.82 5.62
C GLY E 304 16.01 28.91 6.81
N PRO E 305 16.46 28.42 7.97
CA PRO E 305 15.62 28.54 9.17
C PRO E 305 15.24 29.97 9.52
N GLU E 306 16.16 30.91 9.37
CA GLU E 306 15.85 32.30 9.71
C GLU E 306 14.78 32.86 8.80
N ILE E 307 14.87 32.58 7.49
CA ILE E 307 13.85 33.04 6.55
C ILE E 307 12.52 32.37 6.85
N MET E 308 12.54 31.08 7.14
CA MET E 308 11.30 30.33 7.33
C MET E 308 10.72 30.50 8.74
N SER E 309 11.43 31.18 9.64
CA SER E 309 10.89 31.45 10.97
C SER E 309 10.09 32.73 11.04
N LYS E 310 10.08 33.53 9.98
CA LYS E 310 9.37 34.80 9.97
C LYS E 310 7.92 34.60 9.55
N LEU E 311 7.18 35.70 9.47
CA LEU E 311 5.77 35.65 9.11
C LEU E 311 5.63 35.45 7.61
N ALA E 312 4.40 35.57 7.09
CA ALA E 312 4.15 35.23 5.70
C ALA E 312 4.93 36.10 4.74
N GLY E 313 4.83 37.42 4.89
CA GLY E 313 5.42 38.33 3.92
C GLY E 313 6.86 38.71 4.22
N GLU E 314 7.27 38.57 5.48
CA GLU E 314 8.61 38.98 5.86
C GLU E 314 9.67 38.08 5.24
N SER E 315 9.35 36.81 5.00
CA SER E 315 10.30 35.92 4.33
C SER E 315 10.61 36.41 2.92
N GLU E 316 9.57 36.71 2.14
CA GLU E 316 9.79 37.22 0.79
C GLU E 316 10.48 38.58 0.85
N SER E 317 10.12 39.41 1.82
CA SER E 317 10.79 40.70 1.96
C SER E 317 12.28 40.51 2.17
N ASN E 318 12.65 39.56 3.04
CA ASN E 318 14.06 39.32 3.31
C ASN E 318 14.80 38.82 2.07
N LEU E 319 14.19 37.87 1.34
CA LEU E 319 14.85 37.37 0.13
C LEU E 319 15.04 38.49 -0.90
N ARG E 320 13.99 39.30 -1.12
CA ARG E 320 14.10 40.38 -2.08
C ARG E 320 15.15 41.39 -1.65
N LYS E 321 15.19 41.72 -0.36
CA LYS E 321 16.19 42.68 0.11
C LYS E 321 17.59 42.12 -0.06
N ALA E 322 17.77 40.83 0.21
CA ALA E 322 19.08 40.22 0.02
C ALA E 322 19.54 40.36 -1.43
N PHE E 323 18.69 39.96 -2.37
CA PHE E 323 19.09 40.02 -3.77
C PHE E 323 19.29 41.46 -4.24
N GLU E 324 18.44 42.38 -3.80
CA GLU E 324 18.58 43.78 -4.18
C GLU E 324 19.89 44.36 -3.66
N GLU E 325 20.22 44.09 -2.41
CA GLU E 325 21.47 44.61 -1.85
C GLU E 325 22.67 43.98 -2.55
N ALA E 326 22.59 42.68 -2.87
CA ALA E 326 23.70 42.05 -3.59
C ALA E 326 23.90 42.69 -4.96
N GLU E 327 22.80 42.97 -5.67
CA GLU E 327 22.93 43.64 -6.96
C GLU E 327 23.48 45.05 -6.79
N LYS E 328 23.06 45.75 -5.74
CA LYS E 328 23.54 47.11 -5.51
C LYS E 328 25.03 47.13 -5.24
N ASN E 329 25.54 46.15 -4.48
CA ASN E 329 26.94 46.07 -4.11
C ASN E 329 27.73 45.10 -4.98
N ALA E 330 27.39 45.00 -6.26
CA ALA E 330 28.08 44.06 -7.14
C ALA E 330 29.56 44.47 -7.28
N PRO E 331 30.46 43.51 -7.40
CA PRO E 331 30.26 42.04 -7.41
C PRO E 331 29.94 41.52 -6.02
N ALA E 332 29.16 40.45 -5.92
CA ALA E 332 28.73 39.96 -4.62
C ALA E 332 28.45 38.46 -4.71
N ILE E 333 28.45 37.82 -3.55
CA ILE E 333 28.15 36.40 -3.43
C ILE E 333 27.01 36.26 -2.42
N ILE E 334 25.96 35.53 -2.81
CA ILE E 334 24.82 35.26 -1.95
C ILE E 334 24.88 33.80 -1.56
N PHE E 335 24.99 33.54 -0.26
CA PHE E 335 25.07 32.19 0.28
C PHE E 335 23.75 31.86 0.97
N ILE E 336 23.08 30.80 0.50
CA ILE E 336 21.81 30.38 1.07
C ILE E 336 22.05 29.08 1.84
N ASP E 337 22.33 29.20 3.13
CA ASP E 337 22.58 28.01 3.94
C ASP E 337 21.30 27.22 4.15
N GLU E 338 21.41 25.91 4.08
CA GLU E 338 20.27 25.01 4.23
C GLU E 338 19.16 25.38 3.23
N LEU E 339 19.49 25.22 1.95
CA LEU E 339 18.53 25.52 0.89
C LEU E 339 17.32 24.61 0.97
N ASP E 340 17.49 23.37 1.44
CA ASP E 340 16.37 22.45 1.50
C ASP E 340 15.26 22.95 2.41
N ALA E 341 15.57 23.82 3.38
CA ALA E 341 14.53 24.39 4.21
C ALA E 341 13.63 25.33 3.41
N ILE E 342 14.25 26.21 2.62
CA ILE E 342 13.47 27.15 1.82
C ILE E 342 12.75 26.44 0.69
N ALA E 343 13.45 25.54 -0.01
CA ALA E 343 12.95 24.91 -1.23
C ALA E 343 13.13 23.40 -1.14
N PRO E 344 12.33 22.73 -0.32
CA PRO E 344 12.35 21.26 -0.29
C PRO E 344 11.56 20.70 -1.46
N LYS E 345 11.60 19.37 -1.59
CA LYS E 345 10.89 18.71 -2.67
C LYS E 345 9.42 19.07 -2.62
N ARG E 346 8.84 19.40 -3.78
CA ARG E 346 7.49 19.94 -3.81
C ARG E 346 6.47 18.96 -3.25
N GLU E 347 6.80 17.67 -3.18
CA GLU E 347 5.94 16.74 -2.47
C GLU E 347 5.70 17.19 -1.04
N LYS E 348 6.70 17.82 -0.42
CA LYS E 348 6.53 18.45 0.88
C LYS E 348 5.87 19.82 0.68
N THR E 349 5.96 20.69 1.67
CA THR E 349 5.36 22.01 1.59
C THR E 349 3.86 21.92 1.37
N HIS E 350 3.15 21.28 2.32
CA HIS E 350 1.70 21.16 2.17
C HIS E 350 1.01 22.51 2.18
N GLY E 351 1.66 23.54 2.71
CA GLY E 351 1.06 24.86 2.78
C GLY E 351 1.18 25.61 1.48
N GLU E 352 0.70 26.85 1.50
CA GLU E 352 0.74 27.72 0.34
C GLU E 352 1.83 28.78 0.43
N VAL E 353 2.18 29.23 1.63
CA VAL E 353 3.25 30.22 1.77
C VAL E 353 4.58 29.62 1.37
N GLU E 354 4.81 28.35 1.68
CA GLU E 354 6.07 27.70 1.31
C GLU E 354 6.26 27.67 -0.20
N ARG E 355 5.20 27.32 -0.93
CA ARG E 355 5.29 27.35 -2.39
C ARG E 355 5.53 28.77 -2.89
N ARG E 356 4.95 29.76 -2.22
CA ARG E 356 5.17 31.14 -2.61
C ARG E 356 6.65 31.52 -2.45
N ILE E 357 7.27 31.11 -1.35
CA ILE E 357 8.67 31.48 -1.14
C ILE E 357 9.56 30.74 -2.14
N VAL E 358 9.24 29.49 -2.45
CA VAL E 358 10.01 28.76 -3.46
C VAL E 358 9.92 29.46 -4.81
N SER E 359 8.70 29.85 -5.21
CA SER E 359 8.53 30.54 -6.48
C SER E 359 9.21 31.90 -6.48
N GLN E 360 9.20 32.59 -5.34
CA GLN E 360 9.93 33.85 -5.24
C GLN E 360 11.42 33.64 -5.45
N LEU E 361 11.97 32.57 -4.85
CA LEU E 361 13.38 32.27 -5.06
C LEU E 361 13.67 31.99 -6.52
N LEU E 362 12.80 31.22 -7.18
CA LEU E 362 13.00 30.93 -8.60
C LEU E 362 12.96 32.21 -9.44
N THR E 363 11.98 33.07 -9.16
CA THR E 363 11.87 34.32 -9.91
C THR E 363 13.10 35.20 -9.70
N LEU E 364 13.58 35.30 -8.47
CA LEU E 364 14.77 36.10 -8.20
C LEU E 364 15.99 35.51 -8.89
N MET E 365 16.12 34.19 -8.88
CA MET E 365 17.25 33.56 -9.56
C MET E 365 17.23 33.85 -11.05
N ASP E 366 16.05 33.75 -11.68
CA ASP E 366 15.95 34.03 -13.11
C ASP E 366 16.11 35.50 -13.43
N GLY E 367 16.05 36.38 -12.43
CA GLY E 367 16.15 37.81 -12.65
C GLY E 367 17.54 38.39 -12.60
N LEU E 368 18.56 37.55 -12.53
CA LEU E 368 19.95 38.01 -12.49
C LEU E 368 20.45 38.17 -13.93
N LYS E 369 20.65 39.43 -14.34
CA LYS E 369 21.18 39.69 -15.67
C LYS E 369 22.59 39.13 -15.80
N GLN E 370 22.92 38.66 -17.01
CA GLN E 370 24.25 38.12 -17.25
C GLN E 370 25.34 39.14 -16.96
N ARG E 371 25.03 40.43 -17.14
CA ARG E 371 26.02 41.48 -16.90
C ARG E 371 26.24 41.72 -15.42
N SER E 372 25.23 41.51 -14.58
CA SER E 372 25.40 41.66 -13.14
C SER E 372 26.39 40.60 -12.65
N HIS E 373 27.06 40.92 -11.54
CA HIS E 373 28.14 40.11 -11.01
C HIS E 373 27.75 39.47 -9.68
N VAL E 374 26.52 38.98 -9.60
CA VAL E 374 26.02 38.29 -8.42
C VAL E 374 26.06 36.80 -8.67
N ILE E 375 26.80 36.08 -7.85
CA ILE E 375 26.89 34.62 -7.90
C ILE E 375 26.20 34.07 -6.67
N VAL E 376 25.23 33.20 -6.86
CA VAL E 376 24.43 32.65 -5.78
C VAL E 376 24.93 31.26 -5.44
N MET E 377 25.46 31.10 -4.24
CA MET E 377 25.95 29.82 -3.75
C MET E 377 24.98 29.28 -2.72
N ALA E 378 24.83 27.96 -2.69
CA ALA E 378 23.88 27.31 -1.80
C ALA E 378 24.51 26.05 -1.23
N ALA E 379 24.00 25.64 -0.07
CA ALA E 379 24.49 24.47 0.64
C ALA E 379 23.32 23.57 1.02
N THR E 380 23.50 22.27 0.83
CA THR E 380 22.48 21.29 1.16
C THR E 380 23.16 19.96 1.43
N ASN E 381 22.44 19.06 2.10
CA ASN E 381 22.99 17.73 2.36
C ASN E 381 22.95 16.87 1.11
N ARG E 382 21.76 16.65 0.57
CA ARG E 382 21.57 15.89 -0.65
C ARG E 382 20.82 16.74 -1.66
N PRO E 383 21.35 16.90 -2.88
CA PRO E 383 20.64 17.75 -3.87
C PRO E 383 19.26 17.23 -4.23
N ASN E 384 18.98 15.94 -3.99
CA ASN E 384 17.64 15.43 -4.22
C ASN E 384 16.62 16.08 -3.30
N SER E 385 17.06 16.63 -2.17
CA SER E 385 16.14 17.29 -1.25
C SER E 385 15.66 18.64 -1.77
N VAL E 386 16.42 19.27 -2.64
CA VAL E 386 16.05 20.57 -3.19
C VAL E 386 15.01 20.37 -4.29
N ASP E 387 14.18 21.38 -4.50
CA ASP E 387 13.16 21.29 -5.53
C ASP E 387 13.82 21.08 -6.89
N PRO E 388 13.30 20.17 -7.73
CA PRO E 388 13.94 19.93 -9.03
C PRO E 388 13.94 21.15 -9.94
N ALA E 389 13.08 22.14 -9.70
CA ALA E 389 13.11 23.34 -10.51
C ALA E 389 14.29 24.23 -10.19
N LEU E 390 14.77 24.18 -8.94
CA LEU E 390 15.95 24.95 -8.59
C LEU E 390 17.20 24.43 -9.27
N ARG E 391 17.17 23.21 -9.77
CA ARG E 391 18.36 22.55 -10.30
C ARG E 391 18.33 22.43 -11.82
N ARG E 392 17.80 23.45 -12.49
CA ARG E 392 17.74 23.51 -13.93
C ARG E 392 18.86 24.42 -14.43
N PHE E 393 18.92 24.57 -15.76
CA PHE E 393 19.85 25.52 -16.35
C PHE E 393 19.45 26.93 -15.96
N GLY E 394 20.43 27.71 -15.50
CA GLY E 394 20.23 29.11 -15.18
C GLY E 394 19.98 29.40 -13.72
N ARG E 395 19.41 28.45 -12.99
CA ARG E 395 19.12 28.64 -11.55
C ARG E 395 20.33 28.14 -10.77
N PHE E 396 20.54 26.81 -10.69
CA PHE E 396 21.66 26.22 -9.98
C PHE E 396 22.21 25.12 -10.88
N ASP E 397 23.00 25.51 -11.88
CA ASP E 397 23.49 24.54 -12.86
C ASP E 397 24.69 23.77 -12.33
N ARG E 398 25.60 24.46 -11.66
CA ARG E 398 26.80 23.81 -11.19
C ARG E 398 26.58 23.21 -9.82
N GLU E 399 27.21 22.07 -9.58
CA GLU E 399 27.03 21.33 -8.33
C GLU E 399 28.36 20.72 -7.95
N ILE E 400 28.92 21.17 -6.83
CA ILE E 400 30.19 20.69 -6.33
C ILE E 400 29.94 19.92 -5.04
N GLU E 401 30.51 18.72 -4.95
CA GLU E 401 30.36 17.87 -3.78
C GLU E 401 31.59 18.05 -2.89
N ILE E 402 31.39 18.57 -1.69
CA ILE E 402 32.42 18.65 -0.67
C ILE E 402 32.13 17.51 0.30
N GLY E 403 32.93 16.45 0.21
CA GLY E 403 32.69 15.23 0.93
C GLY E 403 33.74 14.96 2.00
N ILE E 404 33.70 13.73 2.51
CA ILE E 404 34.57 13.31 3.60
C ILE E 404 36.03 13.48 3.20
N PRO E 405 36.86 14.15 4.01
CA PRO E 405 38.27 14.33 3.64
C PRO E 405 39.06 13.05 3.75
N ASP E 406 40.15 13.02 2.98
CA ASP E 406 41.12 11.94 3.01
C ASP E 406 42.14 12.20 4.13
N SER E 407 43.23 11.44 4.15
CA SER E 407 44.20 11.59 5.24
C SER E 407 44.83 12.99 5.23
N ILE E 408 45.17 13.50 4.06
CA ILE E 408 45.79 14.82 3.99
C ILE E 408 44.80 15.89 4.45
N GLY E 409 43.54 15.76 4.04
CA GLY E 409 42.53 16.69 4.49
C GLY E 409 42.32 16.65 5.99
N ARG E 410 42.33 15.45 6.56
CA ARG E 410 42.19 15.33 8.01
C ARG E 410 43.38 15.96 8.72
N LEU E 411 44.58 15.79 8.18
CA LEU E 411 45.74 16.43 8.79
C LEU E 411 45.63 17.95 8.70
N GLU E 412 45.15 18.47 7.58
CA GLU E 412 44.94 19.91 7.46
C GLU E 412 43.93 20.40 8.48
N ILE E 413 42.83 19.67 8.66
CA ILE E 413 41.81 20.08 9.62
C ILE E 413 42.39 20.06 11.03
N LEU E 414 43.16 19.03 11.36
CA LEU E 414 43.77 18.97 12.69
C LEU E 414 44.73 20.13 12.91
N ARG E 415 45.52 20.47 11.89
CA ARG E 415 46.42 21.61 12.02
C ARG E 415 45.65 22.90 12.23
N ILE E 416 44.53 23.07 11.52
CA ILE E 416 43.74 24.29 11.67
C ILE E 416 43.15 24.36 13.08
N HIS E 417 42.62 23.24 13.58
CA HIS E 417 41.93 23.25 14.86
C HIS E 417 42.88 23.27 16.05
N THR E 418 44.17 22.98 15.84
CA THR E 418 45.15 22.98 16.91
C THR E 418 46.10 24.17 16.84
N ARG E 419 45.63 25.27 16.25
CA ARG E 419 46.48 26.46 16.16
C ARG E 419 46.60 27.18 17.49
N ASN E 420 45.60 27.03 18.37
CA ASN E 420 45.64 27.66 19.69
C ASN E 420 45.93 26.66 20.81
N ILE E 421 45.50 25.40 20.66
CA ILE E 421 45.79 24.41 21.68
C ILE E 421 47.29 24.20 21.78
N ARG E 422 47.81 24.17 23.00
CA ARG E 422 49.21 23.86 23.22
C ARG E 422 49.43 22.36 23.09
N LEU E 423 50.41 21.99 22.27
CA LEU E 423 50.67 20.59 21.95
C LEU E 423 52.06 20.20 22.46
N ALA E 424 52.14 19.01 23.05
CA ALA E 424 53.41 18.51 23.56
C ALA E 424 54.33 18.15 22.41
N GLU E 425 55.61 17.95 22.75
CA GLU E 425 56.61 17.63 21.73
C GLU E 425 56.45 16.22 21.17
N ASP E 426 55.68 15.36 21.84
CA ASP E 426 55.56 13.96 21.45
C ASP E 426 54.28 13.67 20.68
N VAL E 427 53.68 14.69 20.08
CA VAL E 427 52.43 14.55 19.33
C VAL E 427 52.74 14.71 17.86
N GLU E 428 52.35 13.71 17.05
CA GLU E 428 52.52 13.73 15.60
C GLU E 428 51.14 13.55 14.99
N LEU E 429 50.56 14.64 14.50
CA LEU E 429 49.19 14.64 14.03
C LEU E 429 48.99 13.78 12.78
N GLU E 430 50.07 13.37 12.10
CA GLU E 430 49.90 12.55 10.91
C GLU E 430 49.27 11.21 11.25
N LYS E 431 49.70 10.58 12.35
CA LYS E 431 49.13 9.31 12.75
C LYS E 431 47.65 9.45 13.10
N ILE E 432 47.30 10.52 13.82
CA ILE E 432 45.91 10.76 14.16
C ILE E 432 45.08 10.94 12.90
N ALA E 433 45.60 11.70 11.94
CA ALA E 433 44.89 11.89 10.68
C ALA E 433 44.70 10.56 9.96
N ASN E 434 45.73 9.71 9.95
CA ASN E 434 45.64 8.44 9.26
C ASN E 434 44.62 7.51 9.92
N GLU E 435 44.55 7.52 11.25
CA GLU E 435 43.69 6.59 11.96
C GLU E 435 42.26 7.10 12.15
N ALA E 436 41.97 8.35 11.82
CA ALA E 436 40.65 8.93 12.04
C ALA E 436 39.79 8.70 10.81
N HIS E 437 39.28 7.48 10.69
CA HIS E 437 38.42 7.12 9.56
C HIS E 437 36.99 7.57 9.81
N GLY E 438 36.33 8.00 8.74
CA GLY E 438 34.96 8.47 8.86
C GLY E 438 34.81 9.74 9.65
N HIS E 439 35.85 10.55 9.73
CA HIS E 439 35.84 11.77 10.53
C HIS E 439 35.72 12.99 9.61
N VAL E 440 34.74 13.84 9.90
CA VAL E 440 34.61 15.13 9.27
C VAL E 440 35.17 16.17 10.21
N GLY E 441 35.40 17.38 9.69
CA GLY E 441 36.10 18.39 10.47
C GLY E 441 35.49 18.63 11.85
N ALA E 442 34.16 18.61 11.93
CA ALA E 442 33.51 18.78 13.23
C ALA E 442 33.90 17.65 14.18
N ASP E 443 33.97 16.42 13.67
CA ASP E 443 34.40 15.31 14.51
C ASP E 443 35.83 15.49 14.98
N LEU E 444 36.69 16.04 14.13
CA LEU E 444 38.07 16.29 14.54
C LEU E 444 38.14 17.37 15.62
N ALA E 445 37.31 18.40 15.50
CA ALA E 445 37.24 19.40 16.56
C ALA E 445 36.81 18.78 17.88
N SER E 446 35.79 17.91 17.82
CA SER E 446 35.35 17.21 19.02
C SER E 446 36.48 16.35 19.59
N LEU E 447 37.24 15.69 18.71
CA LEU E 447 38.36 14.86 19.14
C LEU E 447 39.40 15.69 19.89
N CYS E 448 39.74 16.86 19.33
CA CYS E 448 40.72 17.72 20.01
C CYS E 448 40.19 18.18 21.36
N SER E 449 38.92 18.55 21.42
CA SER E 449 38.33 18.98 22.68
C SER E 449 38.40 17.86 23.72
N GLU E 450 38.07 16.64 23.33
CA GLU E 450 38.11 15.51 24.25
C GLU E 450 39.53 15.22 24.72
N ALA E 451 40.51 15.30 23.81
CA ALA E 451 41.89 15.08 24.22
C ALA E 451 42.34 16.12 25.24
N ALA E 452 42.01 17.39 25.01
CA ALA E 452 42.35 18.42 25.98
C ALA E 452 41.65 18.18 27.31
N LEU E 453 40.39 17.75 27.27
CA LEU E 453 39.67 17.50 28.51
C LEU E 453 40.31 16.35 29.28
N GLN E 454 40.78 15.32 28.58
CA GLN E 454 41.45 14.23 29.30
C GLN E 454 42.79 14.67 29.86
N GLN E 455 43.49 15.57 29.18
CA GLN E 455 44.69 16.15 29.79
C GLN E 455 44.33 16.85 31.09
N ILE E 456 43.26 17.65 31.06
CA ILE E 456 42.82 18.33 32.27
C ILE E 456 42.50 17.31 33.36
N ARG E 457 41.79 16.25 33.00
CA ARG E 457 41.50 15.19 33.97
C ARG E 457 42.77 14.68 34.61
N ASN E 458 43.68 14.13 33.80
CA ASN E 458 44.86 13.47 34.34
C ASN E 458 45.71 14.42 35.16
N LYS E 459 45.68 15.72 34.86
CA LYS E 459 46.53 16.66 35.58
C LYS E 459 45.85 17.29 36.79
N MET E 460 44.53 17.21 36.89
CA MET E 460 43.82 17.81 38.02
C MET E 460 43.21 16.71 38.90
N ALA E 472 48.72 28.56 38.84
CA ALA E 472 49.30 29.18 37.66
C ALA E 472 50.28 28.23 36.99
N GLU E 473 51.13 27.58 37.79
CA GLU E 473 52.06 26.60 37.25
C GLU E 473 51.30 25.44 36.60
N VAL E 474 50.22 25.00 37.23
CA VAL E 474 49.39 23.95 36.65
C VAL E 474 48.82 24.43 35.31
N LEU E 475 48.36 25.68 35.26
CA LEU E 475 47.84 26.22 34.01
C LEU E 475 48.90 26.21 32.92
N ASN E 476 50.13 26.62 33.26
CA ASN E 476 51.19 26.72 32.27
C ASN E 476 51.74 25.35 31.86
N SER E 477 51.57 24.32 32.69
CA SER E 477 52.14 23.01 32.43
C SER E 477 51.16 22.06 31.76
N LEU E 478 50.19 22.58 31.02
CA LEU E 478 49.22 21.77 30.31
C LEU E 478 49.60 21.72 28.84
N ALA E 479 49.79 20.51 28.32
CA ALA E 479 50.10 20.30 26.91
C ALA E 479 49.53 18.96 26.51
N VAL E 480 48.60 18.98 25.53
CA VAL E 480 47.97 17.75 25.11
C VAL E 480 49.03 16.75 24.66
N THR E 481 48.82 15.49 25.01
CA THR E 481 49.80 14.43 24.78
C THR E 481 49.24 13.40 23.81
N MET E 482 50.14 12.63 23.22
CA MET E 482 49.73 11.62 22.25
C MET E 482 48.75 10.64 22.86
N ASP E 483 48.92 10.30 24.14
CA ASP E 483 48.02 9.37 24.80
C ASP E 483 46.60 9.92 24.83
N ASP E 484 46.46 11.22 25.06
CA ASP E 484 45.13 11.83 25.07
C ASP E 484 44.47 11.72 23.71
N PHE E 485 45.22 11.98 22.64
CA PHE E 485 44.67 11.85 21.30
C PHE E 485 44.27 10.42 21.00
N ARG E 486 45.08 9.46 21.42
CA ARG E 486 44.73 8.06 21.17
C ARG E 486 43.48 7.66 21.95
N TRP E 487 43.34 8.16 23.18
CA TRP E 487 42.11 7.93 23.93
C TRP E 487 40.91 8.51 23.19
N ALA E 488 41.05 9.75 22.71
CA ALA E 488 39.94 10.39 22.02
C ALA E 488 39.55 9.61 20.77
N LEU E 489 40.54 9.15 20.01
CA LEU E 489 40.24 8.31 18.84
C LEU E 489 39.55 7.03 19.27
N GLY E 490 40.02 6.40 20.35
CA GLY E 490 39.43 5.17 20.78
C GLY E 490 37.95 5.31 21.12
N LYS E 491 37.60 6.40 21.80
CA LYS E 491 36.23 6.60 22.26
C LYS E 491 35.56 7.78 21.55
N SER E 492 35.84 7.94 20.26
CA SER E 492 35.10 8.85 19.40
C SER E 492 34.09 8.06 18.59
N ASN E 493 32.98 8.70 18.25
CA ASN E 493 31.87 8.08 17.52
C ASN E 493 31.60 8.93 16.28
N PRO E 494 32.43 8.80 15.25
CA PRO E 494 32.27 9.67 14.08
C PRO E 494 30.92 9.47 13.40
N SER E 495 30.44 10.56 12.79
CA SER E 495 29.13 10.58 12.16
C SER E 495 29.17 10.19 10.68
N ALA E 496 30.35 9.86 10.14
CA ALA E 496 30.52 9.57 8.72
C ALA E 496 31.19 8.23 8.53
N LEU E 497 30.72 7.21 9.26
CA LEU E 497 31.23 5.86 9.08
C LEU E 497 30.54 5.14 7.94
N ARG E 498 29.26 5.41 7.73
CA ARG E 498 28.46 4.70 6.75
C ARG E 498 28.47 5.36 5.38
N GLU E 499 29.23 6.44 5.19
CA GLU E 499 29.24 7.15 3.93
C GLU E 499 30.37 6.65 3.04
N THR E 500 30.08 6.50 1.75
CA THR E 500 31.04 5.95 0.81
C THR E 500 32.28 6.84 0.74
N THR E 501 33.43 6.20 0.57
CA THR E 501 34.70 6.89 0.47
C THR E 501 35.17 6.90 -0.97
N VAL E 502 35.81 8.01 -1.38
CA VAL E 502 36.36 8.17 -2.72
C VAL E 502 37.78 8.69 -2.53
N GLU E 503 38.76 7.80 -2.65
CA GLU E 503 40.16 8.19 -2.47
C GLU E 503 41.04 7.21 -3.23
N VAL E 504 42.29 7.59 -3.40
CA VAL E 504 43.27 6.73 -4.06
C VAL E 504 43.81 5.77 -3.01
N PRO E 505 43.54 4.47 -3.11
CA PRO E 505 43.97 3.55 -2.05
C PRO E 505 45.48 3.49 -1.92
N ASN E 506 45.94 3.23 -0.70
CA ASN E 506 47.35 3.13 -0.39
C ASN E 506 47.90 1.72 -0.55
N VAL E 507 47.26 0.90 -1.37
CA VAL E 507 47.70 -0.47 -1.62
C VAL E 507 48.54 -0.48 -2.89
N THR E 508 49.71 -1.11 -2.81
CA THR E 508 50.62 -1.25 -3.94
C THR E 508 50.67 -2.70 -4.39
N TRP E 509 51.27 -2.91 -5.57
CA TRP E 509 51.40 -4.27 -6.08
C TRP E 509 52.20 -5.15 -5.13
N ASP E 510 53.24 -4.59 -4.53
CA ASP E 510 54.14 -5.40 -3.70
C ASP E 510 53.43 -6.03 -2.52
N ASP E 511 52.30 -5.47 -2.09
CA ASP E 511 51.61 -6.02 -0.92
C ASP E 511 50.87 -7.31 -1.23
N ILE E 512 50.59 -7.59 -2.50
CA ILE E 512 49.83 -8.79 -2.87
C ILE E 512 50.51 -9.63 -3.94
N GLY E 513 51.44 -9.08 -4.72
CA GLY E 513 52.05 -9.86 -5.79
C GLY E 513 51.15 -9.98 -7.00
N GLY E 514 50.58 -11.17 -7.20
CA GLY E 514 49.70 -11.42 -8.31
C GLY E 514 50.44 -11.94 -9.54
N LEU E 515 49.68 -12.61 -10.40
CA LEU E 515 50.25 -13.13 -11.63
C LEU E 515 50.67 -11.99 -12.55
N GLU E 516 51.79 -12.18 -13.25
CA GLU E 516 52.22 -11.18 -14.22
C GLU E 516 51.20 -11.04 -15.34
N ASN E 517 50.54 -12.15 -15.70
CA ASN E 517 49.53 -12.09 -16.74
C ASN E 517 48.38 -11.17 -16.34
N VAL E 518 47.85 -11.35 -15.13
CA VAL E 518 46.75 -10.51 -14.66
C VAL E 518 47.22 -9.07 -14.54
N LYS E 519 48.44 -8.85 -14.05
CA LYS E 519 48.97 -7.51 -13.94
C LYS E 519 49.01 -6.81 -15.29
N ARG E 520 49.56 -7.50 -16.30
CA ARG E 520 49.63 -6.89 -17.64
C ARG E 520 48.25 -6.65 -18.22
N GLU E 521 47.32 -7.60 -18.02
CA GLU E 521 45.98 -7.43 -18.57
C GLU E 521 45.28 -6.23 -17.94
N LEU E 522 45.36 -6.10 -16.61
CA LEU E 522 44.76 -4.95 -15.96
C LEU E 522 45.43 -3.66 -16.41
N GLN E 523 46.75 -3.67 -16.55
CA GLN E 523 47.43 -2.49 -17.07
C GLN E 523 46.88 -2.10 -18.43
N GLU E 524 46.81 -3.05 -19.36
CA GLU E 524 46.28 -2.76 -20.68
C GLU E 524 44.87 -2.17 -20.59
N LEU E 525 44.00 -2.80 -19.81
CA LEU E 525 42.61 -2.37 -19.79
C LEU E 525 42.46 -0.97 -19.18
N VAL E 526 43.19 -0.68 -18.11
CA VAL E 526 42.92 0.52 -17.33
C VAL E 526 43.94 1.63 -17.61
N GLN E 527 45.23 1.34 -17.44
CA GLN E 527 46.23 2.40 -17.42
C GLN E 527 46.41 3.03 -18.80
N TYR E 528 46.49 2.21 -19.85
CA TYR E 528 46.78 2.74 -21.17
C TYR E 528 45.76 3.78 -21.61
N PRO E 529 44.46 3.56 -21.51
CA PRO E 529 43.51 4.63 -21.86
C PRO E 529 43.75 5.91 -21.08
N VAL E 530 44.06 5.80 -19.78
CA VAL E 530 44.25 6.99 -18.96
C VAL E 530 45.55 7.70 -19.34
N GLU E 531 46.63 6.93 -19.51
CA GLU E 531 47.95 7.52 -19.71
C GLU E 531 48.30 7.73 -21.17
N HIS E 532 47.75 6.91 -22.08
CA HIS E 532 48.07 6.98 -23.51
C HIS E 532 46.76 6.98 -24.31
N PRO E 533 46.02 8.08 -24.29
CA PRO E 533 44.81 8.16 -25.12
C PRO E 533 45.08 8.56 -26.56
N ASP E 534 46.22 9.21 -26.83
CA ASP E 534 46.53 9.61 -28.19
C ASP E 534 46.62 8.41 -29.11
N LYS E 535 47.27 7.34 -28.65
CA LYS E 535 47.36 6.13 -29.48
C LYS E 535 45.99 5.50 -29.69
N PHE E 536 45.15 5.49 -28.65
CA PHE E 536 43.81 4.95 -28.79
C PHE E 536 43.03 5.71 -29.85
N LEU E 537 43.14 7.04 -29.85
CA LEU E 537 42.47 7.82 -30.88
C LEU E 537 43.10 7.56 -32.25
N LYS E 538 44.42 7.38 -32.29
CA LYS E 538 45.10 7.15 -33.57
C LYS E 538 44.62 5.88 -34.23
N PHE E 539 44.51 4.80 -33.47
CA PHE E 539 44.05 3.53 -34.01
C PHE E 539 42.53 3.42 -34.02
N GLY E 540 41.82 4.41 -33.51
CA GLY E 540 40.38 4.44 -33.61
C GLY E 540 39.69 3.23 -33.00
N MET E 541 40.16 2.80 -31.84
CA MET E 541 39.58 1.67 -31.12
C MET E 541 38.98 2.16 -29.82
N THR E 542 37.70 1.89 -29.62
CA THR E 542 37.02 2.32 -28.40
C THR E 542 37.37 1.35 -27.27
N PRO E 543 38.05 1.81 -26.21
CA PRO E 543 38.46 0.87 -25.16
C PRO E 543 37.27 0.21 -24.50
N SER E 544 37.43 -1.07 -24.16
CA SER E 544 36.43 -1.79 -23.41
C SER E 544 36.51 -1.39 -21.94
N LYS E 545 35.36 -1.04 -21.35
CA LYS E 545 35.28 -0.60 -19.97
C LYS E 545 34.46 -1.63 -19.20
N GLY E 546 35.15 -2.57 -18.55
CA GLY E 546 34.46 -3.58 -17.78
C GLY E 546 35.24 -4.88 -17.63
N VAL E 547 35.26 -5.41 -16.41
CA VAL E 547 35.92 -6.68 -16.12
C VAL E 547 35.11 -7.38 -15.03
N LEU E 548 35.00 -8.69 -15.13
CA LEU E 548 34.36 -9.50 -14.09
C LEU E 548 35.43 -10.42 -13.50
N PHE E 549 36.04 -9.98 -12.40
CA PHE E 549 36.95 -10.85 -11.66
C PHE E 549 36.18 -12.01 -11.05
N TYR E 550 36.61 -13.23 -11.34
CA TYR E 550 36.02 -14.42 -10.77
C TYR E 550 37.13 -15.34 -10.28
N GLY E 551 36.84 -16.07 -9.20
CA GLY E 551 37.81 -16.96 -8.61
C GLY E 551 37.41 -17.38 -7.21
N PRO E 552 38.30 -18.08 -6.52
CA PRO E 552 38.03 -18.50 -5.15
C PRO E 552 37.82 -17.30 -4.25
N PRO E 553 36.92 -17.41 -3.26
CA PRO E 553 36.70 -16.28 -2.34
C PRO E 553 37.96 -15.94 -1.58
N GLY E 554 38.11 -14.67 -1.19
CA GLY E 554 39.25 -14.23 -0.39
C GLY E 554 39.44 -12.74 -0.49
N CYS E 555 40.65 -12.21 -0.64
CA CYS E 555 40.86 -10.76 -0.62
C CYS E 555 41.43 -10.25 -1.95
N GLY E 556 42.05 -11.09 -2.76
CA GLY E 556 42.78 -10.64 -3.97
C GLY E 556 41.92 -10.08 -5.08
N LYS E 557 40.63 -10.36 -5.14
CA LYS E 557 39.74 -9.77 -6.15
C LYS E 557 39.53 -8.29 -5.81
N THR E 558 39.60 -7.86 -4.54
CA THR E 558 39.45 -6.48 -4.14
C THR E 558 40.79 -5.76 -4.08
N LEU E 559 41.82 -6.42 -3.55
CA LEU E 559 43.13 -5.79 -3.46
C LEU E 559 43.73 -5.56 -4.84
N LEU E 560 43.44 -6.42 -5.82
CA LEU E 560 43.91 -6.18 -7.17
C LEU E 560 43.30 -4.91 -7.75
N ALA E 561 42.00 -4.71 -7.55
CA ALA E 561 41.36 -3.49 -8.03
C ALA E 561 41.94 -2.27 -7.33
N LYS E 562 42.15 -2.36 -6.02
CA LYS E 562 42.76 -1.24 -5.31
C LYS E 562 44.16 -0.96 -5.85
N ALA E 563 44.94 -2.01 -6.14
CA ALA E 563 46.29 -1.82 -6.63
C ALA E 563 46.30 -1.15 -8.00
N ILE E 564 45.42 -1.60 -8.91
CA ILE E 564 45.40 -1.00 -10.23
C ILE E 564 44.93 0.45 -10.15
N ALA E 565 43.99 0.74 -9.24
CA ALA E 565 43.61 2.13 -9.03
C ALA E 565 44.79 2.95 -8.51
N ASN E 566 45.57 2.37 -7.59
CA ASN E 566 46.71 3.09 -7.04
C ASN E 566 47.76 3.36 -8.10
N GLU E 567 47.99 2.40 -9.00
CA GLU E 567 48.99 2.58 -10.05
C GLU E 567 48.69 3.82 -10.87
N CYS E 568 47.42 4.04 -11.20
CA CYS E 568 47.01 5.15 -12.05
C CYS E 568 46.61 6.39 -11.25
N GLN E 569 46.75 6.36 -9.92
CA GLN E 569 46.31 7.48 -9.09
C GLN E 569 44.85 7.82 -9.35
N ALA E 570 44.05 6.78 -9.56
CA ALA E 570 42.63 6.93 -9.86
C ALA E 570 41.80 6.67 -8.61
N ASN E 571 40.64 7.31 -8.56
CA ASN E 571 39.75 7.12 -7.43
C ASN E 571 39.20 5.70 -7.42
N PHE E 572 38.90 5.21 -6.21
CA PHE E 572 38.39 3.87 -6.02
C PHE E 572 37.09 3.94 -5.24
N ILE E 573 36.03 3.35 -5.80
CA ILE E 573 34.73 3.28 -5.16
C ILE E 573 34.40 1.81 -4.98
N SER E 574 34.16 1.41 -3.74
CA SER E 574 33.88 0.00 -3.41
C SER E 574 32.44 -0.12 -2.97
N ILE E 575 31.65 -0.84 -3.75
CA ILE E 575 30.27 -1.15 -3.41
C ILE E 575 30.16 -2.64 -3.17
N LYS E 576 29.22 -3.03 -2.32
CA LYS E 576 29.03 -4.42 -1.95
C LYS E 576 27.57 -4.78 -2.09
N GLY E 577 27.32 -6.09 -2.28
CA GLY E 577 25.97 -6.59 -2.43
C GLY E 577 25.06 -6.25 -1.28
N PRO E 578 25.49 -6.37 -0.02
CA PRO E 578 24.64 -5.93 1.09
C PRO E 578 24.21 -4.48 0.98
N GLU E 579 25.08 -3.60 0.50
CA GLU E 579 24.73 -2.19 0.40
C GLU E 579 23.62 -1.98 -0.64
N LEU E 580 23.80 -2.53 -1.84
CA LEU E 580 22.82 -2.33 -2.90
C LEU E 580 21.50 -3.01 -2.55
N LEU E 581 21.56 -4.22 -1.98
CA LEU E 581 20.33 -4.94 -1.66
C LEU E 581 19.44 -4.11 -0.73
N THR E 582 20.05 -3.38 0.20
CA THR E 582 19.29 -2.55 1.12
C THR E 582 18.92 -1.23 0.46
N ALA E 590 16.74 5.68 -6.44
CA ALA E 590 17.72 5.08 -7.33
C ALA E 590 19.13 5.31 -6.80
N ASN E 591 19.59 4.39 -5.94
CA ASN E 591 20.94 4.49 -5.42
C ASN E 591 21.98 4.14 -6.48
N VAL E 592 21.62 3.28 -7.44
CA VAL E 592 22.57 2.90 -8.47
C VAL E 592 22.97 4.12 -9.29
N ARG E 593 22.00 4.95 -9.66
CA ARG E 593 22.31 6.16 -10.41
C ARG E 593 23.18 7.10 -9.60
N ASP E 594 22.94 7.19 -8.29
CA ASP E 594 23.77 8.02 -7.44
C ASP E 594 25.22 7.53 -7.42
N ILE E 595 25.41 6.20 -7.34
CA ILE E 595 26.75 5.64 -7.34
C ILE E 595 27.43 5.93 -8.68
N PHE E 596 26.72 5.69 -9.77
CA PHE E 596 27.32 5.92 -11.08
C PHE E 596 27.60 7.40 -11.31
N ASP E 597 26.81 8.30 -10.73
CA ASP E 597 27.09 9.72 -10.86
C ASP E 597 28.29 10.12 -10.01
N LYS E 598 28.41 9.55 -8.81
CA LYS E 598 29.60 9.79 -7.99
C LYS E 598 30.85 9.27 -8.67
N ALA E 599 30.73 8.27 -9.54
CA ALA E 599 31.87 7.82 -10.33
C ALA E 599 32.12 8.74 -11.52
N ARG E 600 31.06 9.06 -12.27
CA ARG E 600 31.19 9.93 -13.43
C ARG E 600 31.73 11.30 -13.06
N GLN E 601 31.52 11.74 -11.82
CA GLN E 601 32.07 13.01 -11.38
C GLN E 601 33.59 12.99 -11.41
N ALA E 602 34.19 11.87 -11.05
CA ALA E 602 35.64 11.69 -11.08
C ALA E 602 36.00 11.06 -12.42
N ALA E 603 36.62 11.85 -13.30
CA ALA E 603 36.94 11.39 -14.65
C ALA E 603 37.67 10.04 -14.59
N PRO E 604 38.82 9.95 -13.91
CA PRO E 604 39.44 8.64 -13.71
C PRO E 604 38.90 7.94 -12.47
N CYS E 605 38.46 6.70 -12.61
CA CYS E 605 37.84 6.02 -11.48
C CYS E 605 37.84 4.51 -11.72
N VAL E 606 37.69 3.76 -10.65
CA VAL E 606 37.58 2.31 -10.68
C VAL E 606 36.42 1.94 -9.76
N LEU E 607 35.26 1.71 -10.35
CA LEU E 607 34.05 1.39 -9.60
C LEU E 607 34.01 -0.12 -9.39
N PHE E 608 34.17 -0.55 -8.15
CA PHE E 608 34.28 -1.96 -7.81
C PHE E 608 32.95 -2.45 -7.23
N PHE E 609 32.32 -3.40 -7.91
CA PHE E 609 31.09 -4.03 -7.44
C PHE E 609 31.43 -5.42 -6.93
N ASP E 610 31.50 -5.56 -5.62
CA ASP E 610 31.81 -6.84 -4.98
C ASP E 610 30.54 -7.63 -4.74
N GLU E 611 30.69 -8.95 -4.63
CA GLU E 611 29.55 -9.84 -4.42
C GLU E 611 28.47 -9.57 -5.46
N LEU E 612 28.88 -9.48 -6.72
CA LEU E 612 27.96 -9.15 -7.79
C LEU E 612 26.89 -10.23 -7.97
N ASP E 613 27.16 -11.45 -7.53
CA ASP E 613 26.17 -12.52 -7.67
C ASP E 613 24.87 -12.18 -6.94
N SER E 614 24.95 -11.44 -5.84
CA SER E 614 23.75 -11.13 -5.08
C SER E 614 22.77 -10.31 -5.90
N ILE E 615 23.26 -9.29 -6.61
CA ILE E 615 22.37 -8.45 -7.40
C ILE E 615 21.88 -9.20 -8.63
N ALA E 616 22.80 -9.64 -9.48
CA ALA E 616 22.44 -10.41 -10.66
C ALA E 616 21.83 -11.75 -10.24
N LYS E 617 21.40 -12.51 -11.24
CA LYS E 617 20.80 -13.82 -11.00
C LYS E 617 21.65 -14.66 -10.05
N ASP E 631 15.34 -7.95 -8.87
CA ASP E 631 15.08 -7.83 -10.29
C ASP E 631 15.11 -6.36 -10.71
N ARG E 632 14.60 -5.49 -9.84
CA ARG E 632 14.61 -4.06 -10.14
C ARG E 632 16.04 -3.53 -10.22
N VAL E 633 16.91 -3.97 -9.32
CA VAL E 633 18.26 -3.42 -9.27
C VAL E 633 19.07 -3.87 -10.48
N ILE E 634 18.98 -5.16 -10.84
CA ILE E 634 19.81 -5.66 -11.93
C ILE E 634 19.48 -4.95 -13.23
N ASN E 635 18.19 -4.79 -13.52
CA ASN E 635 17.81 -4.03 -14.71
C ASN E 635 18.25 -2.59 -14.60
N GLN E 636 18.12 -1.99 -13.42
CA GLN E 636 18.59 -0.63 -13.22
C GLN E 636 20.10 -0.54 -13.36
N LEU E 637 20.82 -1.60 -12.99
CA LEU E 637 22.26 -1.62 -13.17
C LEU E 637 22.64 -1.82 -14.64
N LEU E 638 21.91 -2.70 -15.33
CA LEU E 638 22.22 -2.93 -16.74
C LEU E 638 22.01 -1.67 -17.57
N THR E 639 20.91 -0.96 -17.35
CA THR E 639 20.58 0.20 -18.17
C THR E 639 21.60 1.31 -17.99
N GLU E 640 22.05 1.54 -16.75
CA GLU E 640 22.96 2.65 -16.50
C GLU E 640 24.30 2.44 -17.20
N MET E 641 24.82 1.21 -17.18
CA MET E 641 26.06 0.94 -17.89
C MET E 641 25.87 1.05 -19.40
N ASP E 642 24.75 0.53 -19.91
CA ASP E 642 24.49 0.65 -21.34
C ASP E 642 24.45 2.10 -21.79
N GLY E 643 24.10 3.02 -20.89
CA GLY E 643 24.10 4.43 -21.21
C GLY E 643 25.38 5.11 -20.79
N MET E 644 26.44 4.34 -20.60
CA MET E 644 27.73 4.86 -20.18
C MET E 644 28.60 5.07 -21.41
N SER E 645 29.04 6.31 -21.63
CA SER E 645 29.91 6.61 -22.75
C SER E 645 31.22 5.86 -22.61
N ALA E 646 31.64 5.20 -23.68
CA ALA E 646 32.85 4.39 -23.67
C ALA E 646 34.12 5.22 -23.69
N LYS E 647 34.03 6.52 -23.93
CA LYS E 647 35.19 7.39 -23.99
C LYS E 647 35.48 8.08 -22.66
N LYS E 648 34.74 7.74 -21.61
CA LYS E 648 34.95 8.33 -20.29
C LYS E 648 35.69 7.33 -19.41
N ASN E 649 36.64 7.84 -18.63
CA ASN E 649 37.60 7.00 -17.92
C ASN E 649 37.02 6.47 -16.59
N VAL E 650 35.85 5.84 -16.70
CA VAL E 650 35.23 5.16 -15.57
C VAL E 650 35.26 3.67 -15.86
N PHE E 651 35.97 2.91 -15.02
CA PHE E 651 36.14 1.49 -15.21
C PHE E 651 35.34 0.73 -14.16
N ILE E 652 34.55 -0.24 -14.61
CA ILE E 652 33.74 -1.08 -13.74
C ILE E 652 34.45 -2.41 -13.58
N ILE E 653 34.70 -2.81 -12.34
CA ILE E 653 35.42 -4.05 -12.04
C ILE E 653 34.53 -4.83 -11.07
N GLY E 654 33.72 -5.74 -11.62
CA GLY E 654 32.93 -6.62 -10.78
C GLY E 654 33.77 -7.69 -10.13
N ALA E 655 33.15 -8.41 -9.21
CA ALA E 655 33.84 -9.48 -8.50
C ALA E 655 32.80 -10.43 -7.93
N THR E 656 32.85 -11.69 -8.36
CA THR E 656 31.93 -12.71 -7.87
C THR E 656 32.70 -14.00 -7.64
N ASN E 657 32.44 -14.65 -6.50
CA ASN E 657 33.10 -15.89 -6.17
C ASN E 657 32.41 -17.13 -6.75
N ARG E 658 31.25 -16.95 -7.38
CA ARG E 658 30.53 -18.04 -8.03
C ARG E 658 30.21 -17.60 -9.45
N PRO E 659 31.14 -17.79 -10.40
CA PRO E 659 30.95 -17.22 -11.74
C PRO E 659 29.89 -17.94 -12.57
N ASP E 660 29.22 -18.93 -11.99
CA ASP E 660 28.21 -19.68 -12.71
C ASP E 660 26.82 -19.05 -12.60
N ILE E 661 26.46 -18.56 -11.42
CA ILE E 661 25.14 -18.00 -11.21
C ILE E 661 24.96 -16.64 -11.88
N ILE E 662 26.04 -16.03 -12.37
CA ILE E 662 25.94 -14.70 -12.98
C ILE E 662 25.22 -14.82 -14.32
N ASP E 663 24.27 -13.92 -14.55
CA ASP E 663 23.49 -13.96 -15.79
C ASP E 663 24.39 -13.64 -16.99
N GLY E 664 23.93 -14.07 -18.16
CA GLY E 664 24.65 -13.79 -19.39
C GLY E 664 24.33 -12.42 -19.98
N ALA E 665 23.65 -11.59 -19.19
CA ALA E 665 23.32 -10.24 -19.61
C ALA E 665 24.40 -9.26 -19.20
N ILE E 666 24.78 -9.25 -17.92
CA ILE E 666 25.89 -8.42 -17.50
C ILE E 666 27.11 -8.67 -18.37
N LEU E 667 27.27 -9.90 -18.85
CA LEU E 667 28.42 -10.25 -19.68
C LEU E 667 28.07 -10.15 -21.16
N ARG E 668 27.81 -8.93 -21.60
CA ARG E 668 27.70 -8.60 -23.01
C ARG E 668 28.75 -7.56 -23.39
N PRO E 669 28.98 -7.35 -24.69
CA PRO E 669 30.17 -6.58 -25.10
C PRO E 669 30.06 -5.08 -25.00
N GLY E 670 28.92 -4.54 -24.59
CA GLY E 670 28.87 -3.14 -24.20
C GLY E 670 28.95 -3.11 -22.68
N ARG E 671 28.48 -4.20 -22.07
CA ARG E 671 28.60 -4.35 -20.60
C ARG E 671 29.96 -5.03 -20.33
N LEU E 672 30.16 -5.55 -19.13
CA LEU E 672 31.40 -6.22 -18.72
C LEU E 672 31.73 -7.30 -19.75
N ASP E 673 32.80 -7.07 -20.51
CA ASP E 673 33.12 -7.89 -21.66
C ASP E 673 34.48 -8.57 -21.52
N GLN E 674 34.93 -8.77 -20.29
CA GLN E 674 36.18 -9.48 -20.07
C GLN E 674 36.13 -10.21 -18.74
N LEU E 675 36.63 -11.44 -18.77
CA LEU E 675 36.66 -12.31 -17.60
C LEU E 675 38.12 -12.60 -17.25
N ILE E 676 38.48 -12.37 -15.99
CA ILE E 676 39.83 -12.59 -15.50
C ILE E 676 39.74 -13.55 -14.32
N TYR E 677 40.65 -14.51 -14.27
CA TYR E 677 40.67 -15.54 -13.25
C TYR E 677 41.80 -15.24 -12.26
N ILE E 678 41.47 -15.28 -10.97
CA ILE E 678 42.43 -14.98 -9.90
C ILE E 678 42.66 -16.26 -9.12
N PRO E 679 43.71 -17.02 -9.39
CA PRO E 679 43.87 -18.33 -8.77
C PRO E 679 44.45 -18.22 -7.36
N LEU E 680 44.67 -19.38 -6.75
CA LEU E 680 45.35 -19.40 -5.47
C LEU E 680 46.76 -18.85 -5.63
N PRO E 681 47.21 -17.95 -4.76
CA PRO E 681 48.53 -17.35 -4.95
C PRO E 681 49.64 -18.39 -5.01
N ASP E 682 50.58 -18.16 -5.90
CA ASP E 682 51.72 -19.06 -6.07
C ASP E 682 52.71 -18.83 -4.93
N GLU E 683 53.88 -19.47 -5.00
CA GLU E 683 54.84 -19.37 -3.91
C GLU E 683 55.28 -17.92 -3.69
N ALA E 684 55.58 -17.21 -4.78
CA ALA E 684 56.00 -15.82 -4.65
C ALA E 684 54.87 -14.97 -4.08
N SER E 685 53.65 -15.19 -4.55
CA SER E 685 52.51 -14.44 -4.03
C SER E 685 52.30 -14.72 -2.55
N ARG E 686 52.46 -15.98 -2.14
CA ARG E 686 52.31 -16.31 -0.73
C ARG E 686 53.40 -15.63 0.10
N VAL E 687 54.63 -15.61 -0.40
CA VAL E 687 55.70 -14.90 0.30
C VAL E 687 55.34 -13.44 0.47
N ASN E 688 54.86 -12.81 -0.59
CA ASN E 688 54.50 -11.40 -0.52
C ASN E 688 53.37 -11.17 0.49
N ILE E 689 52.35 -12.02 0.47
CA ILE E 689 51.23 -11.86 1.38
C ILE E 689 51.68 -12.00 2.83
N LEU E 690 52.50 -13.02 3.09
CA LEU E 690 53.00 -13.22 4.45
C LEU E 690 53.82 -12.01 4.91
N LYS E 691 54.73 -11.53 4.06
CA LYS E 691 55.56 -10.40 4.45
C LYS E 691 54.72 -9.15 4.69
N ALA E 692 53.73 -8.91 3.83
CA ALA E 692 52.90 -7.72 3.99
C ALA E 692 52.05 -7.79 5.25
N ASN E 693 51.56 -8.98 5.60
CA ASN E 693 50.69 -9.11 6.77
C ASN E 693 51.42 -8.74 8.06
N LEU E 694 52.66 -9.19 8.20
CA LEU E 694 53.42 -8.98 9.44
C LEU E 694 54.40 -7.82 9.33
N ARG E 695 54.15 -6.88 8.43
CA ARG E 695 54.98 -5.69 8.38
C ARG E 695 54.89 -4.88 9.66
N LYS E 696 53.75 -4.96 10.36
CA LYS E 696 53.50 -4.18 11.56
C LYS E 696 53.78 -4.94 12.85
N SER E 697 54.30 -6.17 12.77
CA SER E 697 54.54 -6.99 13.94
C SER E 697 56.02 -7.36 14.03
N PRO E 698 56.69 -7.11 15.15
CA PRO E 698 58.11 -7.49 15.26
C PRO E 698 58.28 -9.01 15.15
N ILE E 699 59.03 -9.43 14.13
CA ILE E 699 59.23 -10.85 13.86
C ILE E 699 60.63 -11.24 14.32
N ALA E 700 60.75 -12.51 14.72
CA ALA E 700 62.04 -13.04 15.11
C ALA E 700 62.92 -13.27 13.88
N ARG E 701 64.21 -12.98 14.03
CA ARG E 701 65.14 -13.13 12.91
C ARG E 701 65.21 -14.57 12.41
N ASP E 702 64.87 -15.55 13.26
CA ASP E 702 65.02 -16.94 12.86
C ASP E 702 63.94 -17.39 11.90
N VAL E 703 62.73 -16.81 11.98
CA VAL E 703 61.63 -17.26 11.15
C VAL E 703 61.98 -17.02 9.69
N ASP E 704 61.78 -18.06 8.87
CA ASP E 704 62.05 -18.00 7.43
C ASP E 704 60.71 -18.07 6.71
N ILE E 705 60.23 -16.91 6.24
CA ILE E 705 58.95 -16.86 5.56
C ILE E 705 58.99 -17.68 4.28
N ASN E 706 60.18 -17.86 3.69
CA ASN E 706 60.28 -18.68 2.50
C ASN E 706 59.90 -20.13 2.79
N PHE E 707 60.35 -20.66 3.94
CA PHE E 707 59.97 -22.02 4.29
C PHE E 707 58.47 -22.16 4.47
N LEU E 708 57.84 -21.18 5.14
CA LEU E 708 56.40 -21.23 5.30
C LEU E 708 55.70 -21.20 3.94
N ALA E 709 56.15 -20.32 3.05
CA ALA E 709 55.57 -20.26 1.72
C ALA E 709 55.69 -21.61 1.01
N LYS E 710 56.83 -22.27 1.17
CA LYS E 710 56.98 -23.61 0.60
C LYS E 710 55.97 -24.57 1.21
N ALA E 711 55.79 -24.51 2.53
CA ALA E 711 54.88 -25.43 3.19
C ALA E 711 53.42 -25.08 2.93
N THR E 712 53.07 -23.81 2.98
CA THR E 712 51.68 -23.38 2.79
C THR E 712 51.35 -23.45 1.30
N GLN E 713 50.63 -24.50 0.92
CA GLN E 713 50.19 -24.69 -0.46
C GLN E 713 48.68 -24.62 -0.53
N GLY E 714 48.17 -23.76 -1.40
CA GLY E 714 46.74 -23.63 -1.59
C GLY E 714 46.02 -22.79 -0.58
N PHE E 715 46.73 -22.25 0.42
CA PHE E 715 46.08 -21.41 1.42
C PHE E 715 45.68 -20.08 0.79
N SER E 716 44.43 -19.69 1.00
CA SER E 716 43.92 -18.45 0.44
C SER E 716 44.46 -17.26 1.24
N GLY E 717 44.18 -16.06 0.73
CA GLY E 717 44.64 -14.86 1.40
C GLY E 717 44.12 -14.74 2.81
N ALA E 718 42.84 -15.06 3.01
CA ALA E 718 42.28 -15.05 4.36
C ALA E 718 42.98 -16.08 5.25
N ASP E 719 43.27 -17.26 4.69
CA ASP E 719 43.97 -18.28 5.45
C ASP E 719 45.30 -17.75 5.97
N LEU E 720 46.11 -17.16 5.09
CA LEU E 720 47.41 -16.65 5.52
C LEU E 720 47.24 -15.59 6.60
N THR E 721 46.28 -14.67 6.42
CA THR E 721 46.05 -13.67 7.46
C THR E 721 45.64 -14.34 8.76
N GLU E 722 44.80 -15.37 8.69
CA GLU E 722 44.40 -16.08 9.90
C GLU E 722 45.58 -16.82 10.53
N ILE E 723 46.40 -17.46 9.71
CA ILE E 723 47.59 -18.12 10.23
C ILE E 723 48.47 -17.10 10.95
N CYS E 724 48.61 -15.92 10.38
CA CYS E 724 49.44 -14.89 10.99
C CYS E 724 48.80 -14.34 12.26
N GLN E 725 47.47 -14.19 12.25
CA GLN E 725 46.78 -13.71 13.44
C GLN E 725 46.95 -14.68 14.61
N ARG E 726 46.83 -15.98 14.34
CA ARG E 726 47.01 -16.97 15.39
C ARG E 726 48.41 -16.90 15.98
N ALA E 727 49.43 -16.75 15.12
CA ALA E 727 50.79 -16.66 15.62
C ALA E 727 50.95 -15.51 16.59
N CYS E 728 50.26 -14.39 16.34
CA CYS E 728 50.31 -13.26 17.26
C CYS E 728 49.47 -13.53 18.50
N LYS E 729 48.33 -14.23 18.35
CA LYS E 729 47.52 -14.57 19.51
C LYS E 729 48.31 -15.43 20.49
N GLN E 730 49.07 -16.39 19.97
CA GLN E 730 49.94 -17.17 20.84
C GLN E 730 50.97 -16.27 21.52
N ALA E 731 51.54 -15.32 20.78
CA ALA E 731 52.56 -14.45 21.35
C ALA E 731 52.00 -13.62 22.50
N ILE E 732 50.78 -13.08 22.34
CA ILE E 732 50.18 -12.28 23.39
C ILE E 732 49.94 -13.13 24.63
N ARG E 733 49.41 -14.34 24.45
CA ARG E 733 49.13 -15.19 25.60
C ARG E 733 50.40 -15.50 26.37
N GLU E 734 51.48 -15.82 25.66
CA GLU E 734 52.75 -16.09 26.34
C GLU E 734 53.27 -14.84 27.03
N SER E 735 53.02 -13.66 26.46
CA SER E 735 53.47 -12.42 27.10
C SER E 735 52.75 -12.20 28.42
N ILE E 736 51.44 -12.38 28.45
CA ILE E 736 50.69 -12.19 29.68
C ILE E 736 51.04 -13.28 30.68
N GLU E 737 51.17 -14.54 30.21
CA GLU E 737 51.52 -15.63 31.11
C GLU E 737 52.85 -15.39 31.79
N ALA E 738 53.86 -14.96 31.02
CA ALA E 738 55.13 -14.61 31.65
C ALA E 738 54.97 -13.43 32.60
N GLU E 739 54.20 -12.42 32.20
CA GLU E 739 54.04 -11.23 33.03
C GLU E 739 53.38 -11.58 34.35
N ILE E 740 52.31 -12.37 34.32
CA ILE E 740 51.62 -12.74 35.55
C ILE E 740 52.52 -13.61 36.42
N ARG E 741 53.26 -14.54 35.81
CA ARG E 741 54.20 -15.34 36.58
C ARG E 741 55.30 -14.49 37.19
N ALA E 742 55.81 -13.51 36.44
CA ALA E 742 56.86 -12.64 36.94
C ALA E 742 56.34 -11.78 38.09
N ASP E 758 60.72 -8.13 29.28
CA ASP E 758 60.16 -8.58 28.02
C ASP E 758 60.64 -9.97 27.66
N PRO E 759 60.15 -10.98 28.39
CA PRO E 759 60.51 -12.37 28.06
C PRO E 759 60.07 -12.81 26.68
N VAL E 760 59.07 -12.16 26.09
CA VAL E 760 58.58 -12.51 24.76
C VAL E 760 58.57 -11.26 23.91
N PRO E 761 59.72 -10.79 23.41
CA PRO E 761 59.75 -9.54 22.66
C PRO E 761 59.31 -9.70 21.21
N GLU E 762 59.48 -10.89 20.63
CA GLU E 762 59.22 -11.11 19.22
C GLU E 762 58.59 -12.47 19.02
N ILE E 763 57.90 -12.62 17.88
CA ILE E 763 57.23 -13.86 17.53
C ILE E 763 58.29 -14.87 17.12
N THR E 764 58.47 -15.90 17.92
CA THR E 764 59.46 -16.94 17.66
C THR E 764 58.90 -18.00 16.73
N ARG E 765 59.78 -18.85 16.20
CA ARG E 765 59.36 -19.90 15.30
C ARG E 765 58.30 -20.79 15.93
N ARG E 766 58.45 -21.11 17.22
CA ARG E 766 57.54 -22.04 17.87
C ARG E 766 56.10 -21.57 17.78
N HIS E 767 55.89 -20.25 17.84
CA HIS E 767 54.54 -19.72 17.69
C HIS E 767 53.97 -20.06 16.33
N PHE E 768 54.77 -19.89 15.27
CA PHE E 768 54.30 -20.24 13.93
C PHE E 768 54.07 -21.74 13.80
N GLU E 769 54.92 -22.55 14.43
CA GLU E 769 54.70 -23.99 14.39
C GLU E 769 53.37 -24.36 15.02
N GLU E 770 53.08 -23.78 16.18
CA GLU E 770 51.80 -24.05 16.85
C GLU E 770 50.63 -23.56 16.01
N ALA E 771 50.78 -22.40 15.37
CA ALA E 771 49.72 -21.89 14.50
C ALA E 771 49.48 -22.83 13.32
N MET E 772 50.55 -23.34 12.71
CA MET E 772 50.40 -24.24 11.57
C MET E 772 49.85 -25.59 11.98
N ARG E 773 50.09 -26.02 13.23
CA ARG E 773 49.70 -27.36 13.65
C ARG E 773 48.23 -27.63 13.36
N PHE E 774 47.38 -26.62 13.48
CA PHE E 774 45.95 -26.77 13.22
C PHE E 774 45.48 -25.82 12.12
N ALA E 775 46.36 -25.49 11.18
CA ALA E 775 45.98 -24.71 10.01
C ALA E 775 45.22 -25.60 9.03
N ARG E 776 44.19 -25.05 8.41
CA ARG E 776 43.33 -25.80 7.51
C ARG E 776 43.06 -24.98 6.26
N ARG E 777 43.14 -25.63 5.10
CA ARG E 777 42.83 -24.96 3.85
C ARG E 777 41.36 -24.60 3.81
N SER E 778 41.05 -23.46 3.19
CA SER E 778 39.70 -22.92 3.15
C SER E 778 39.00 -23.14 1.82
N VAL E 779 39.70 -23.59 0.80
CA VAL E 779 39.13 -23.93 -0.49
C VAL E 779 39.55 -25.35 -0.83
N THR E 780 38.57 -26.24 -0.98
CA THR E 780 38.87 -27.61 -1.32
C THR E 780 39.39 -27.70 -2.75
N GLU E 781 40.19 -28.73 -3.02
CA GLU E 781 40.66 -28.96 -4.38
C GLU E 781 39.48 -29.11 -5.33
N ASN E 782 38.32 -29.54 -4.82
CA ASN E 782 37.14 -29.63 -5.66
C ASN E 782 36.74 -28.26 -6.19
N ASP E 783 36.82 -27.23 -5.34
CA ASP E 783 36.52 -25.87 -5.80
C ASP E 783 37.52 -25.42 -6.86
N VAL E 784 38.80 -25.72 -6.66
CA VAL E 784 39.80 -25.36 -7.65
C VAL E 784 39.50 -26.03 -8.98
N ARG E 785 39.12 -27.31 -8.94
CA ARG E 785 38.77 -28.00 -10.17
C ARG E 785 37.52 -27.41 -10.81
N LYS E 786 36.55 -26.98 -10.00
CA LYS E 786 35.36 -26.36 -10.54
C LYS E 786 35.70 -25.07 -11.28
N TYR E 787 36.56 -24.24 -10.67
CA TYR E 787 36.98 -23.01 -11.34
C TYR E 787 37.79 -23.32 -12.59
N GLU E 788 38.61 -24.38 -12.56
CA GLU E 788 39.36 -24.75 -13.73
C GLU E 788 38.44 -25.20 -14.87
N MET E 789 37.39 -25.95 -14.53
CA MET E 789 36.42 -26.35 -15.54
C MET E 789 35.70 -25.14 -16.12
N PHE E 790 35.33 -24.19 -15.26
CA PHE E 790 34.71 -22.97 -15.77
C PHE E 790 35.65 -22.21 -16.69
N ALA E 791 36.93 -22.16 -16.33
CA ALA E 791 37.91 -21.49 -17.19
C ALA E 791 38.03 -22.20 -18.53
N GLN E 792 38.06 -23.53 -18.52
CA GLN E 792 38.11 -24.29 -19.76
C GLN E 792 36.86 -24.07 -20.59
N THR E 793 35.72 -23.79 -19.94
CA THR E 793 34.51 -23.47 -20.68
C THR E 793 34.71 -22.22 -21.53
N LEU E 794 35.36 -21.22 -20.97
CA LEU E 794 35.67 -19.99 -21.70
C LEU E 794 36.79 -20.23 -22.70
N GLU F 229 -49.93 22.93 2.82
CA GLU F 229 -51.28 22.37 2.73
C GLU F 229 -51.23 20.89 2.40
N LYS F 230 -50.65 20.54 1.25
CA LYS F 230 -50.56 19.13 0.87
C LYS F 230 -49.67 18.37 1.83
N LEU F 231 -48.57 18.99 2.29
CA LEU F 231 -47.66 18.30 3.19
C LEU F 231 -48.34 17.93 4.49
N ASN F 232 -49.17 18.82 5.03
CA ASN F 232 -49.86 18.54 6.28
C ASN F 232 -50.91 17.45 6.15
N GLU F 233 -51.26 17.04 4.93
CA GLU F 233 -52.25 15.99 4.71
C GLU F 233 -51.62 14.62 4.48
N ILE F 234 -50.30 14.51 4.52
CA ILE F 234 -49.66 13.22 4.30
C ILE F 234 -49.92 12.33 5.50
N GLY F 235 -50.42 11.12 5.26
CA GLY F 235 -50.70 10.18 6.31
C GLY F 235 -50.10 8.82 6.05
N TYR F 236 -50.51 7.81 6.81
CA TYR F 236 -49.99 6.46 6.61
C TYR F 236 -50.41 5.90 5.26
N ASP F 237 -51.56 6.32 4.75
CA ASP F 237 -52.05 5.80 3.47
C ASP F 237 -51.27 6.35 2.28
N ASP F 238 -50.58 7.48 2.45
CA ASP F 238 -49.83 8.09 1.37
C ASP F 238 -48.40 7.57 1.29
N ILE F 239 -48.04 6.59 2.11
CA ILE F 239 -46.74 5.95 2.09
C ILE F 239 -46.95 4.46 1.82
N GLY F 240 -46.20 3.92 0.86
CA GLY F 240 -46.29 2.52 0.53
C GLY F 240 -44.93 1.86 0.53
N GLY F 241 -44.96 0.54 0.63
CA GLY F 241 -43.75 -0.27 0.60
C GLY F 241 -43.17 -0.59 1.96
N CYS F 242 -43.69 0.02 3.02
CA CYS F 242 -43.23 -0.26 4.39
C CYS F 242 -44.46 -0.31 5.28
N ARG F 243 -44.96 -1.51 5.53
CA ARG F 243 -46.13 -1.70 6.39
C ARG F 243 -45.78 -2.29 7.74
N LYS F 244 -44.76 -3.13 7.82
CA LYS F 244 -44.27 -3.58 9.13
C LYS F 244 -43.52 -2.45 9.84
N GLN F 245 -42.63 -1.76 9.13
CA GLN F 245 -41.88 -0.68 9.74
C GLN F 245 -42.79 0.46 10.16
N LEU F 246 -43.83 0.72 9.38
CA LEU F 246 -44.77 1.77 9.74
C LEU F 246 -45.49 1.43 11.03
N ALA F 247 -45.88 0.17 11.21
CA ALA F 247 -46.50 -0.25 12.47
C ALA F 247 -45.53 -0.13 13.63
N GLN F 248 -44.28 -0.55 13.42
CA GLN F 248 -43.26 -0.39 14.46
C GLN F 248 -43.16 1.07 14.89
N ILE F 249 -43.03 1.98 13.92
CA ILE F 249 -42.86 3.39 14.25
C ILE F 249 -44.11 3.94 14.90
N LYS F 250 -45.28 3.50 14.45
CA LYS F 250 -46.52 3.91 15.11
C LYS F 250 -46.49 3.55 16.58
N GLU F 251 -46.18 2.29 16.88
CA GLU F 251 -46.13 1.85 18.28
C GLU F 251 -45.08 2.63 19.06
N MET F 252 -43.93 2.89 18.45
CA MET F 252 -42.83 3.53 19.17
C MET F 252 -43.08 5.02 19.41
N VAL F 253 -43.85 5.68 18.55
CA VAL F 253 -43.95 7.13 18.60
C VAL F 253 -45.36 7.58 18.98
N GLU F 254 -46.36 7.17 18.20
CA GLU F 254 -47.69 7.76 18.33
C GLU F 254 -48.27 7.53 19.72
N LEU F 255 -48.20 6.29 20.22
CA LEU F 255 -48.76 6.01 21.53
C LEU F 255 -48.06 6.79 22.64
N PRO F 256 -46.72 6.80 22.72
CA PRO F 256 -46.08 7.66 23.75
C PRO F 256 -46.47 9.12 23.63
N LEU F 257 -46.64 9.64 22.41
CA LEU F 257 -47.02 11.02 22.21
C LEU F 257 -48.53 11.23 22.21
N ARG F 258 -49.30 10.18 22.48
CA ARG F 258 -50.74 10.28 22.59
C ARG F 258 -51.27 9.97 23.97
N HIS F 259 -50.64 9.04 24.69
CA HIS F 259 -51.00 8.73 26.08
C HIS F 259 -49.72 8.66 26.91
N PRO F 260 -49.04 9.79 27.12
CA PRO F 260 -47.80 9.75 27.90
C PRO F 260 -47.99 9.23 29.31
N GLN F 261 -49.16 9.48 29.92
CA GLN F 261 -49.36 9.06 31.30
C GLN F 261 -49.31 7.54 31.44
N LEU F 262 -49.92 6.81 30.50
CA LEU F 262 -49.95 5.36 30.59
C LEU F 262 -48.53 4.79 30.52
N PHE F 263 -47.70 5.30 29.61
CA PHE F 263 -46.34 4.80 29.50
C PHE F 263 -45.48 5.22 30.67
N LYS F 264 -45.71 6.42 31.21
CA LYS F 264 -44.95 6.87 32.37
C LYS F 264 -45.28 6.02 33.60
N ALA F 265 -46.55 5.63 33.75
CA ALA F 265 -46.95 4.90 34.95
C ALA F 265 -46.20 3.58 35.09
N ILE F 266 -46.23 2.76 34.04
CA ILE F 266 -45.58 1.46 34.13
C ILE F 266 -44.07 1.61 34.10
N GLY F 267 -43.55 2.49 33.24
CA GLY F 267 -42.13 2.76 33.20
C GLY F 267 -41.47 2.56 31.85
N VAL F 268 -42.23 2.66 30.77
CA VAL F 268 -41.65 2.62 29.43
C VAL F 268 -41.05 3.97 29.11
N LYS F 269 -39.78 3.99 28.73
CA LYS F 269 -39.12 5.23 28.34
C LYS F 269 -39.22 5.39 26.82
N PRO F 270 -39.87 6.44 26.31
CA PRO F 270 -39.99 6.57 24.87
C PRO F 270 -38.64 6.80 24.22
N PRO F 271 -38.45 6.37 22.98
CA PRO F 271 -37.15 6.59 22.32
C PRO F 271 -36.91 8.04 22.02
N ARG F 272 -35.63 8.40 21.94
CA ARG F 272 -35.21 9.76 21.64
C ARG F 272 -34.41 9.88 20.36
N GLY F 273 -34.03 8.77 19.74
CA GLY F 273 -33.37 8.80 18.46
C GLY F 273 -33.73 7.60 17.60
N ILE F 274 -34.23 7.85 16.39
CA ILE F 274 -34.65 6.80 15.48
C ILE F 274 -33.98 7.04 14.14
N LEU F 275 -33.17 6.10 13.69
CA LEU F 275 -32.43 6.21 12.44
C LEU F 275 -33.06 5.27 11.42
N LEU F 276 -33.62 5.85 10.37
CA LEU F 276 -34.22 5.09 9.28
C LEU F 276 -33.21 5.00 8.14
N TYR F 277 -32.88 3.78 7.72
CA TYR F 277 -31.90 3.58 6.65
C TYR F 277 -32.43 2.58 5.64
N GLY F 278 -31.94 2.71 4.42
CA GLY F 278 -32.35 1.84 3.33
C GLY F 278 -31.94 2.40 1.99
N PRO F 279 -32.32 1.71 0.91
CA PRO F 279 -31.95 2.17 -0.42
C PRO F 279 -32.62 3.50 -0.73
N PRO F 280 -32.01 4.33 -1.58
CA PRO F 280 -32.68 5.57 -1.98
C PRO F 280 -33.95 5.29 -2.77
N GLY F 281 -34.90 6.21 -2.67
CA GLY F 281 -36.15 6.13 -3.39
C GLY F 281 -37.33 5.66 -2.56
N THR F 282 -37.08 5.06 -1.41
CA THR F 282 -38.16 4.58 -0.57
C THR F 282 -38.91 5.77 0.04
N GLY F 283 -39.89 5.46 0.89
CA GLY F 283 -40.70 6.49 1.51
C GLY F 283 -40.16 6.92 2.85
N LYS F 284 -38.91 6.58 3.17
CA LYS F 284 -38.37 6.90 4.48
C LYS F 284 -38.24 8.40 4.69
N THR F 285 -38.34 9.21 3.65
CA THR F 285 -38.38 10.66 3.80
C THR F 285 -39.75 11.17 4.19
N LEU F 286 -40.79 10.34 4.03
CA LEU F 286 -42.16 10.73 4.37
C LEU F 286 -42.66 10.09 5.64
N VAL F 287 -41.95 9.11 6.20
CA VAL F 287 -42.41 8.45 7.41
C VAL F 287 -42.50 9.43 8.56
N ALA F 288 -41.48 10.27 8.72
CA ALA F 288 -41.50 11.26 9.79
C ALA F 288 -42.67 12.22 9.65
N ARG F 289 -42.91 12.71 8.43
CA ARG F 289 -44.04 13.61 8.21
C ARG F 289 -45.36 12.93 8.51
N ALA F 290 -45.51 11.67 8.08
CA ALA F 290 -46.75 10.95 8.34
C ALA F 290 -46.97 10.76 9.83
N VAL F 291 -45.93 10.37 10.56
CA VAL F 291 -46.06 10.19 12.00
C VAL F 291 -46.42 11.51 12.68
N ALA F 292 -45.77 12.59 12.27
CA ALA F 292 -46.06 13.89 12.88
C ALA F 292 -47.50 14.32 12.61
N ASN F 293 -47.97 14.13 11.37
CA ASN F 293 -49.32 14.55 11.03
C ASN F 293 -50.36 13.71 11.75
N GLU F 294 -50.14 12.40 11.83
CA GLU F 294 -51.13 11.50 12.42
C GLU F 294 -51.12 11.53 13.94
N SER F 295 -49.99 11.88 14.56
CA SER F 295 -49.92 12.03 16.01
C SER F 295 -50.18 13.46 16.46
N GLY F 296 -50.37 14.40 15.54
CA GLY F 296 -50.63 15.77 15.92
C GLY F 296 -49.45 16.49 16.52
N SER F 297 -48.23 16.06 16.22
CA SER F 297 -47.03 16.64 16.79
C SER F 297 -46.36 17.60 15.82
N PHE F 298 -45.79 18.66 16.37
CA PHE F 298 -45.05 19.63 15.57
C PHE F 298 -43.91 18.95 14.83
N PHE F 299 -43.73 19.31 13.55
CA PHE F 299 -42.73 18.71 12.69
C PHE F 299 -41.72 19.77 12.26
N PHE F 300 -40.44 19.50 12.48
CA PHE F 300 -39.36 20.36 12.02
C PHE F 300 -38.40 19.55 11.16
N LEU F 301 -38.02 20.13 10.03
CA LEU F 301 -37.20 19.46 9.03
C LEU F 301 -35.83 20.12 8.97
N ILE F 302 -34.78 19.30 9.06
CA ILE F 302 -33.41 19.76 8.89
C ILE F 302 -32.82 19.00 7.71
N ASN F 303 -32.36 19.74 6.70
CA ASN F 303 -31.72 19.17 5.53
C ASN F 303 -30.20 19.23 5.69
N GLY F 304 -29.54 18.11 5.47
CA GLY F 304 -28.11 18.05 5.58
C GLY F 304 -27.43 19.00 4.62
N PRO F 305 -27.75 18.89 3.33
CA PRO F 305 -27.19 19.84 2.35
C PRO F 305 -27.48 21.28 2.67
N GLU F 306 -28.69 21.59 3.14
CA GLU F 306 -29.03 22.98 3.43
C GLU F 306 -28.22 23.51 4.62
N ILE F 307 -28.05 22.69 5.66
CA ILE F 307 -27.26 23.11 6.81
C ILE F 307 -25.80 23.26 6.41
N MET F 308 -25.29 22.37 5.56
CA MET F 308 -23.90 22.38 5.17
C MET F 308 -23.60 23.32 4.02
N SER F 309 -24.60 24.01 3.48
CA SER F 309 -24.39 25.00 2.44
C SER F 309 -24.24 26.41 2.99
N LYS F 310 -24.36 26.59 4.30
CA LYS F 310 -24.28 27.89 4.93
C LYS F 310 -22.86 28.16 5.44
N LEU F 311 -22.66 29.36 5.96
CA LEU F 311 -21.35 29.77 6.44
C LEU F 311 -21.04 29.04 7.75
N ALA F 312 -19.92 29.40 8.38
CA ALA F 312 -19.44 28.65 9.54
C ALA F 312 -20.45 28.67 10.68
N GLY F 313 -20.92 29.86 11.06
CA GLY F 313 -21.81 29.96 12.20
C GLY F 313 -23.27 29.71 11.89
N GLU F 314 -23.66 29.88 10.63
CA GLU F 314 -25.07 29.71 10.27
C GLU F 314 -25.53 28.27 10.47
N SER F 315 -24.66 27.29 10.21
CA SER F 315 -25.04 25.90 10.40
C SER F 315 -25.39 25.62 11.86
N GLU F 316 -24.50 26.01 12.78
CA GLU F 316 -24.77 25.80 14.19
C GLU F 316 -25.99 26.59 14.64
N SER F 317 -26.14 27.81 14.13
CA SER F 317 -27.31 28.61 14.50
C SER F 317 -28.59 27.90 14.07
N ASN F 318 -28.60 27.33 12.87
CA ASN F 318 -29.79 26.66 12.38
C ASN F 318 -30.09 25.39 13.18
N LEU F 319 -29.07 24.60 13.51
CA LEU F 319 -29.31 23.41 14.32
C LEU F 319 -29.86 23.78 15.70
N ARG F 320 -29.23 24.77 16.34
CA ARG F 320 -29.70 25.19 17.66
C ARG F 320 -31.12 25.72 17.60
N LYS F 321 -31.43 26.52 16.58
CA LYS F 321 -32.79 27.05 16.46
C LYS F 321 -33.79 25.93 16.22
N ALA F 322 -33.41 24.94 15.41
CA ALA F 322 -34.31 23.80 15.18
C ALA F 322 -34.65 23.12 16.48
N PHE F 323 -33.63 22.75 17.27
CA PHE F 323 -33.91 22.04 18.52
C PHE F 323 -34.65 22.93 19.52
N GLU F 324 -34.29 24.21 19.59
CA GLU F 324 -34.98 25.13 20.50
C GLU F 324 -36.45 25.26 20.15
N GLU F 325 -36.76 25.41 18.87
CA GLU F 325 -38.15 25.54 18.46
C GLU F 325 -38.91 24.24 18.68
N ALA F 326 -38.26 23.10 18.44
CA ALA F 326 -38.90 21.82 18.70
C ALA F 326 -39.24 21.68 20.19
N GLU F 327 -38.33 22.08 21.06
CA GLU F 327 -38.62 22.01 22.50
C GLU F 327 -39.66 23.05 22.91
N LYS F 328 -39.71 24.19 22.22
CA LYS F 328 -40.63 25.24 22.62
C LYS F 328 -42.08 24.77 22.52
N ASN F 329 -42.42 24.07 21.45
CA ASN F 329 -43.74 23.49 21.28
C ASN F 329 -43.58 21.97 21.18
N ALA F 330 -44.10 21.26 22.17
CA ALA F 330 -43.98 19.81 22.27
C ALA F 330 -45.36 19.21 22.43
N PRO F 331 -45.54 17.94 22.04
CA PRO F 331 -44.55 17.01 21.48
C PRO F 331 -44.15 17.39 20.06
N ALA F 332 -42.93 17.05 19.65
CA ALA F 332 -42.44 17.45 18.34
C ALA F 332 -41.52 16.36 17.80
N ILE F 333 -41.39 16.33 16.48
CA ILE F 333 -40.51 15.41 15.79
C ILE F 333 -39.54 16.22 14.94
N ILE F 334 -38.25 15.95 15.09
CA ILE F 334 -37.20 16.57 14.30
C ILE F 334 -36.68 15.54 13.33
N PHE F 335 -36.78 15.83 12.03
CA PHE F 335 -36.30 14.94 10.98
C PHE F 335 -35.06 15.54 10.36
N ILE F 336 -33.95 14.79 10.39
CA ILE F 336 -32.69 15.23 9.81
C ILE F 336 -32.42 14.41 8.56
N ASP F 337 -32.86 14.93 7.42
CA ASP F 337 -32.63 14.24 6.15
C ASP F 337 -31.17 14.31 5.76
N GLU F 338 -30.66 13.21 5.21
CA GLU F 338 -29.25 13.11 4.81
C GLU F 338 -28.34 13.40 6.02
N LEU F 339 -28.45 12.53 7.02
CA LEU F 339 -27.64 12.69 8.22
C LEU F 339 -26.16 12.51 7.93
N ASP F 340 -25.83 11.71 6.90
CA ASP F 340 -24.42 11.48 6.58
C ASP F 340 -23.72 12.77 6.17
N ALA F 341 -24.46 13.72 5.58
CA ALA F 341 -23.85 14.99 5.20
C ALA F 341 -23.41 15.77 6.43
N ILE F 342 -24.27 15.87 7.44
CA ILE F 342 -23.93 16.61 8.64
C ILE F 342 -22.88 15.87 9.45
N ALA F 343 -23.04 14.56 9.61
CA ALA F 343 -22.20 13.76 10.51
C ALA F 343 -21.66 12.54 9.77
N PRO F 344 -20.75 12.75 8.83
CA PRO F 344 -20.10 11.60 8.18
C PRO F 344 -19.07 10.95 9.09
N LYS F 345 -18.41 9.90 8.61
CA LYS F 345 -17.38 9.25 9.41
C LYS F 345 -16.25 10.24 9.68
N ARG F 346 -15.65 10.12 10.87
CA ARG F 346 -14.64 11.06 11.30
C ARG F 346 -13.52 11.19 10.27
N GLU F 347 -13.17 10.09 9.59
CA GLU F 347 -12.13 10.16 8.57
C GLU F 347 -12.54 11.08 7.44
N LYS F 348 -13.81 11.01 7.02
CA LYS F 348 -14.26 11.82 5.89
C LYS F 348 -14.11 13.31 6.16
N THR F 349 -14.47 13.74 7.37
CA THR F 349 -14.33 15.15 7.71
C THR F 349 -12.87 15.58 7.63
N HIS F 350 -12.64 16.76 7.07
CA HIS F 350 -11.29 17.28 6.90
C HIS F 350 -11.21 18.76 7.22
N GLY F 351 -12.03 19.23 8.16
CA GLY F 351 -12.03 20.63 8.54
C GLY F 351 -12.51 20.80 9.96
N GLU F 352 -12.28 22.01 10.50
CA GLU F 352 -12.73 22.31 11.85
C GLU F 352 -14.24 22.52 11.90
N VAL F 353 -14.81 23.14 10.86
CA VAL F 353 -16.24 23.44 10.88
C VAL F 353 -17.05 22.16 10.85
N GLU F 354 -16.63 21.16 10.07
CA GLU F 354 -17.36 19.90 10.00
C GLU F 354 -17.40 19.21 11.36
N ARG F 355 -16.25 19.10 12.01
CA ARG F 355 -16.22 18.45 13.32
C ARG F 355 -16.99 19.28 14.35
N ARG F 356 -16.93 20.61 14.24
CA ARG F 356 -17.70 21.44 15.14
C ARG F 356 -19.20 21.20 14.99
N ILE F 357 -19.68 21.08 13.76
CA ILE F 357 -21.11 20.86 13.57
C ILE F 357 -21.50 19.47 14.06
N VAL F 358 -20.64 18.47 13.84
CA VAL F 358 -20.92 17.13 14.37
C VAL F 358 -21.02 17.16 15.88
N SER F 359 -20.06 17.81 16.54
CA SER F 359 -20.09 17.89 17.99
C SER F 359 -21.27 18.69 18.51
N GLN F 360 -21.68 19.73 17.78
CA GLN F 360 -22.88 20.47 18.14
C GLN F 360 -24.10 19.57 18.08
N LEU F 361 -24.19 18.74 17.04
CA LEU F 361 -25.30 17.80 16.95
C LEU F 361 -25.29 16.83 18.12
N LEU F 362 -24.11 16.31 18.48
CA LEU F 362 -24.02 15.39 19.61
C LEU F 362 -24.47 16.07 20.90
N THR F 363 -24.00 17.31 21.13
CA THR F 363 -24.39 18.04 22.33
C THR F 363 -25.89 18.27 22.38
N LEU F 364 -26.49 18.63 21.25
CA LEU F 364 -27.93 18.85 21.21
C LEU F 364 -28.69 17.56 21.47
N MET F 365 -28.21 16.44 20.91
CA MET F 365 -28.87 15.16 21.16
C MET F 365 -28.82 14.82 22.64
N ASP F 366 -27.66 14.98 23.28
CA ASP F 366 -27.53 14.61 24.68
C ASP F 366 -28.30 15.56 25.60
N GLY F 367 -28.69 16.74 25.11
CA GLY F 367 -29.37 17.72 25.92
C GLY F 367 -30.86 17.59 25.97
N LEU F 368 -31.44 16.56 25.36
CA LEU F 368 -32.89 16.35 25.40
C LEU F 368 -33.26 15.69 26.71
N LYS F 369 -34.04 16.40 27.52
CA LYS F 369 -34.50 15.86 28.79
C LYS F 369 -35.39 14.64 28.56
N GLN F 370 -35.57 13.86 29.63
CA GLN F 370 -36.40 12.67 29.55
C GLN F 370 -37.87 13.00 29.30
N ARG F 371 -38.31 14.19 29.67
CA ARG F 371 -39.71 14.62 29.51
C ARG F 371 -39.85 15.74 28.49
N SER F 372 -38.89 15.90 27.59
CA SER F 372 -38.98 16.98 26.61
C SER F 372 -40.01 16.69 25.53
N HIS F 373 -40.29 15.41 25.27
CA HIS F 373 -41.25 15.01 24.23
C HIS F 373 -40.77 15.46 22.85
N VAL F 374 -39.48 15.30 22.59
CA VAL F 374 -38.88 15.60 21.29
C VAL F 374 -38.20 14.32 20.81
N ILE F 375 -38.72 13.75 19.73
CA ILE F 375 -38.18 12.54 19.13
C ILE F 375 -37.46 12.96 17.85
N VAL F 376 -36.17 12.65 17.76
CA VAL F 376 -35.34 13.06 16.64
C VAL F 376 -35.19 11.87 15.70
N MET F 377 -35.73 12.01 14.50
CA MET F 377 -35.65 10.98 13.48
C MET F 377 -34.66 11.41 12.40
N ALA F 378 -33.98 10.42 11.81
CA ALA F 378 -32.95 10.70 10.83
C ALA F 378 -33.04 9.67 9.71
N ALA F 379 -32.49 10.05 8.56
CA ALA F 379 -32.50 9.20 7.37
C ALA F 379 -31.09 9.15 6.78
N THR F 380 -30.67 7.95 6.39
CA THR F 380 -29.37 7.75 5.78
C THR F 380 -29.44 6.52 4.89
N ASN F 381 -28.46 6.40 4.00
CA ASN F 381 -28.42 5.23 3.12
C ASN F 381 -27.91 4.01 3.86
N ARG F 382 -26.75 4.13 4.51
CA ARG F 382 -26.17 3.06 5.30
C ARG F 382 -25.74 3.64 6.64
N PRO F 383 -26.11 3.02 7.77
CA PRO F 383 -25.71 3.57 9.07
C PRO F 383 -24.21 3.59 9.28
N ASN F 384 -23.45 2.78 8.54
CA ASN F 384 -22.00 2.82 8.65
C ASN F 384 -21.42 4.14 8.17
N SER F 385 -22.16 4.90 7.38
CA SER F 385 -21.68 6.19 6.90
C SER F 385 -21.82 7.30 7.93
N VAL F 386 -22.55 7.07 9.01
CA VAL F 386 -22.75 8.07 10.05
C VAL F 386 -21.65 7.90 11.10
N ASP F 387 -21.32 9.00 11.76
CA ASP F 387 -20.30 8.97 12.79
C ASP F 387 -20.71 7.99 13.89
N PRO F 388 -19.83 7.06 14.28
CA PRO F 388 -20.23 6.09 15.33
C PRO F 388 -20.67 6.74 16.62
N ALA F 389 -20.14 7.93 16.96
CA ALA F 389 -20.55 8.58 18.19
C ALA F 389 -22.03 8.90 18.23
N LEU F 390 -22.67 9.00 17.07
CA LEU F 390 -24.10 9.29 17.03
C LEU F 390 -24.95 8.07 17.33
N ARG F 391 -24.43 6.87 17.09
CA ARG F 391 -25.18 5.64 17.24
C ARG F 391 -25.10 5.06 18.66
N ARG F 392 -24.42 5.74 19.58
CA ARG F 392 -24.35 5.27 20.95
C ARG F 392 -25.71 5.39 21.63
N PHE F 393 -25.81 4.82 22.83
CA PHE F 393 -27.04 4.90 23.60
C PHE F 393 -27.36 6.35 23.94
N GLY F 394 -28.63 6.71 23.82
CA GLY F 394 -29.09 8.04 24.15
C GLY F 394 -29.11 9.02 23.00
N ARG F 395 -28.49 8.70 21.88
CA ARG F 395 -28.47 9.58 20.71
C ARG F 395 -29.21 8.98 19.52
N PHE F 396 -28.82 7.80 19.07
CA PHE F 396 -29.55 7.07 18.03
C PHE F 396 -29.39 5.59 18.36
N ASP F 397 -30.34 5.06 19.11
CA ASP F 397 -30.29 3.68 19.57
C ASP F 397 -31.27 2.77 18.85
N ARG F 398 -32.32 3.33 18.24
CA ARG F 398 -33.28 2.56 17.47
C ARG F 398 -32.98 2.77 15.99
N GLU F 399 -32.73 1.68 15.28
CA GLU F 399 -32.45 1.72 13.84
C GLU F 399 -33.47 0.84 13.13
N ILE F 400 -34.18 1.43 12.17
CA ILE F 400 -35.20 0.73 11.39
C ILE F 400 -34.78 0.75 9.93
N GLU F 401 -34.88 -0.39 9.27
CA GLU F 401 -34.51 -0.52 7.87
C GLU F 401 -35.77 -0.52 7.00
N ILE F 402 -35.88 0.47 6.12
CA ILE F 402 -36.95 0.51 5.14
C ILE F 402 -36.36 0.12 3.79
N GLY F 403 -36.44 -1.16 3.45
CA GLY F 403 -35.77 -1.71 2.29
C GLY F 403 -36.68 -1.88 1.11
N ILE F 404 -36.22 -2.68 0.15
CA ILE F 404 -36.96 -2.87 -1.10
C ILE F 404 -38.32 -3.49 -0.80
N PRO F 405 -39.42 -2.99 -1.36
CA PRO F 405 -40.72 -3.57 -1.06
C PRO F 405 -40.95 -4.89 -1.78
N ASP F 406 -41.85 -5.68 -1.22
CA ASP F 406 -42.25 -6.95 -1.81
C ASP F 406 -43.41 -6.69 -2.78
N SER F 407 -44.04 -7.76 -3.25
CA SER F 407 -45.10 -7.60 -4.27
C SER F 407 -46.25 -6.75 -3.72
N ILE F 408 -46.66 -7.00 -2.49
CA ILE F 408 -47.77 -6.24 -1.91
C ILE F 408 -47.39 -4.78 -1.77
N GLY F 409 -46.16 -4.50 -1.33
CA GLY F 409 -45.72 -3.12 -1.24
C GLY F 409 -45.67 -2.43 -2.58
N ARG F 410 -45.22 -3.16 -3.61
CA ARG F 410 -45.21 -2.58 -4.96
C ARG F 410 -46.62 -2.27 -5.43
N LEU F 411 -47.58 -3.15 -5.13
CA LEU F 411 -48.96 -2.87 -5.49
C LEU F 411 -49.48 -1.65 -4.76
N GLU F 412 -49.13 -1.51 -3.48
CA GLU F 412 -49.54 -0.33 -2.73
C GLU F 412 -48.97 0.94 -3.35
N ILE F 413 -47.68 0.91 -3.72
CA ILE F 413 -47.06 2.07 -4.32
C ILE F 413 -47.73 2.42 -5.64
N LEU F 414 -48.02 1.40 -6.45
CA LEU F 414 -48.67 1.65 -7.73
C LEU F 414 -50.06 2.24 -7.53
N ARG F 415 -50.80 1.75 -6.55
CA ARG F 415 -52.12 2.34 -6.26
C ARG F 415 -51.98 3.78 -5.82
N ILE F 416 -50.98 4.08 -5.00
CA ILE F 416 -50.78 5.45 -4.53
C ILE F 416 -50.46 6.38 -5.70
N HIS F 417 -49.57 5.94 -6.59
CA HIS F 417 -49.11 6.80 -7.67
C HIS F 417 -50.15 6.96 -8.78
N THR F 418 -51.02 5.96 -8.96
CA THR F 418 -52.02 5.99 -10.01
C THR F 418 -53.37 6.51 -9.52
N ARG F 419 -53.38 7.32 -8.47
CA ARG F 419 -54.64 7.88 -7.99
C ARG F 419 -55.21 8.91 -8.94
N ASN F 420 -54.35 9.66 -9.62
CA ASN F 420 -54.77 10.70 -10.56
C ASN F 420 -54.76 10.23 -12.00
N ILE F 421 -53.80 9.39 -12.38
CA ILE F 421 -53.78 8.86 -13.73
C ILE F 421 -55.08 8.09 -13.99
N ARG F 422 -55.50 8.09 -15.26
CA ARG F 422 -56.69 7.37 -15.68
C ARG F 422 -56.26 6.04 -16.30
N LEU F 423 -56.78 4.95 -15.76
CA LEU F 423 -56.41 3.60 -16.17
C LEU F 423 -57.56 2.95 -16.91
N ALA F 424 -57.24 2.25 -17.99
CA ALA F 424 -58.25 1.55 -18.77
C ALA F 424 -58.79 0.37 -17.97
N GLU F 425 -59.83 -0.26 -18.51
CA GLU F 425 -60.47 -1.38 -17.83
C GLU F 425 -59.59 -2.62 -17.80
N ASP F 426 -58.61 -2.72 -18.69
CA ASP F 426 -57.78 -3.91 -18.80
C ASP F 426 -56.46 -3.77 -18.04
N VAL F 427 -56.37 -2.83 -17.11
CA VAL F 427 -55.15 -2.64 -16.32
C VAL F 427 -55.31 -3.42 -15.01
N GLU F 428 -54.41 -4.38 -14.80
CA GLU F 428 -54.40 -5.22 -13.60
C GLU F 428 -53.06 -5.00 -12.91
N LEU F 429 -53.04 -4.05 -11.97
CA LEU F 429 -51.78 -3.63 -11.37
C LEU F 429 -51.10 -4.74 -10.58
N GLU F 430 -51.83 -5.81 -10.23
CA GLU F 430 -51.21 -6.91 -9.51
C GLU F 430 -50.11 -7.55 -10.32
N LYS F 431 -50.34 -7.76 -11.62
CA LYS F 431 -49.32 -8.38 -12.45
C LYS F 431 -48.09 -7.49 -12.58
N ILE F 432 -48.30 -6.18 -12.72
CA ILE F 432 -47.17 -5.26 -12.79
C ILE F 432 -46.38 -5.29 -11.49
N ALA F 433 -47.08 -5.31 -10.36
CA ALA F 433 -46.38 -5.39 -9.07
C ALA F 433 -45.58 -6.66 -8.97
N ASN F 434 -46.15 -7.79 -9.40
CA ASN F 434 -45.44 -9.06 -9.31
C ASN F 434 -44.23 -9.09 -10.22
N GLU F 435 -44.32 -8.49 -11.40
CA GLU F 435 -43.25 -8.55 -12.39
C GLU F 435 -42.21 -7.46 -12.21
N ALA F 436 -42.45 -6.48 -11.35
CA ALA F 436 -41.53 -5.35 -11.18
C ALA F 436 -40.54 -5.68 -10.06
N HIS F 437 -39.55 -6.50 -10.41
CA HIS F 437 -38.54 -6.90 -9.45
C HIS F 437 -37.46 -5.82 -9.33
N GLY F 438 -36.96 -5.64 -8.11
CA GLY F 438 -35.91 -4.68 -7.87
C GLY F 438 -36.33 -3.24 -8.02
N HIS F 439 -37.63 -2.94 -7.87
CA HIS F 439 -38.15 -1.60 -8.07
C HIS F 439 -38.50 -0.97 -6.73
N VAL F 440 -38.05 0.27 -6.55
CA VAL F 440 -38.41 1.08 -5.40
C VAL F 440 -39.48 2.06 -5.85
N GLY F 441 -40.15 2.69 -4.87
CA GLY F 441 -41.28 3.54 -5.19
C GLY F 441 -40.97 4.58 -6.25
N ALA F 442 -39.78 5.16 -6.20
CA ALA F 442 -39.39 6.11 -7.24
C ALA F 442 -39.36 5.45 -8.61
N ASP F 443 -38.84 4.22 -8.67
CA ASP F 443 -38.82 3.49 -9.94
C ASP F 443 -40.23 3.23 -10.43
N LEU F 444 -41.17 2.94 -9.52
CA LEU F 444 -42.54 2.71 -9.93
C LEU F 444 -43.19 4.00 -10.44
N ALA F 445 -42.86 5.14 -9.82
CA ALA F 445 -43.35 6.41 -10.34
C ALA F 445 -42.81 6.66 -11.74
N SER F 446 -41.53 6.37 -11.95
CA SER F 446 -40.94 6.50 -13.29
C SER F 446 -41.64 5.57 -14.27
N LEU F 447 -41.96 4.36 -13.84
CA LEU F 447 -42.65 3.41 -14.71
C LEU F 447 -44.03 3.92 -15.11
N CYS F 448 -44.77 4.47 -14.16
CA CYS F 448 -46.08 5.03 -14.48
C CYS F 448 -45.95 6.21 -15.44
N SER F 449 -44.97 7.07 -15.21
CA SER F 449 -44.76 8.20 -16.12
C SER F 449 -44.43 7.72 -17.53
N GLU F 450 -43.58 6.70 -17.64
CA GLU F 450 -43.22 6.17 -18.95
C GLU F 450 -44.41 5.51 -19.62
N ALA F 451 -45.26 4.81 -18.86
CA ALA F 451 -46.46 4.22 -19.45
C ALA F 451 -47.38 5.30 -20.00
N ALA F 452 -47.58 6.37 -19.24
CA ALA F 452 -48.42 7.47 -19.71
C ALA F 452 -47.82 8.12 -20.96
N LEU F 453 -46.50 8.31 -20.97
CA LEU F 453 -45.85 8.91 -22.13
C LEU F 453 -45.98 8.00 -23.35
N GLN F 454 -45.88 6.69 -23.16
CA GLN F 454 -46.08 5.77 -24.28
C GLN F 454 -47.50 5.84 -24.79
N GLN F 455 -48.48 5.98 -23.90
CA GLN F 455 -49.85 6.17 -24.35
C GLN F 455 -49.99 7.43 -25.18
N ILE F 456 -49.38 8.53 -24.72
CA ILE F 456 -49.41 9.77 -25.50
C ILE F 456 -48.78 9.54 -26.86
N ARG F 457 -47.65 8.84 -26.90
CA ARG F 457 -46.95 8.59 -28.16
C ARG F 457 -47.84 7.81 -29.11
N ASN F 458 -48.46 6.73 -28.63
CA ASN F 458 -49.30 5.91 -29.49
C ASN F 458 -50.50 6.68 -30.00
N LYS F 459 -51.15 7.45 -29.13
CA LYS F 459 -52.39 8.13 -29.53
C LYS F 459 -52.09 9.33 -30.43
N MET F 460 -51.34 10.30 -29.93
CA MET F 460 -51.04 11.51 -30.67
C MET F 460 -49.85 11.29 -31.59
N ASP F 471 -56.74 18.37 -30.05
CA ASP F 471 -58.16 18.64 -29.88
C ASP F 471 -58.66 18.12 -28.54
N ALA F 472 -59.70 18.76 -28.01
CA ALA F 472 -60.25 18.35 -26.72
C ALA F 472 -60.80 16.93 -26.78
N GLU F 473 -61.21 16.48 -27.97
CA GLU F 473 -61.75 15.12 -28.09
C GLU F 473 -60.69 14.08 -27.72
N VAL F 474 -59.45 14.28 -28.15
CA VAL F 474 -58.39 13.35 -27.82
C VAL F 474 -58.08 13.39 -26.32
N LEU F 475 -58.30 14.52 -25.66
CA LEU F 475 -57.91 14.66 -24.26
C LEU F 475 -58.62 13.65 -23.38
N ASN F 476 -59.93 13.49 -23.57
CA ASN F 476 -60.70 12.60 -22.71
C ASN F 476 -60.57 11.13 -23.09
N SER F 477 -60.01 10.83 -24.25
CA SER F 477 -59.87 9.46 -24.71
C SER F 477 -58.55 8.83 -24.27
N LEU F 478 -57.74 9.53 -23.49
CA LEU F 478 -56.45 9.02 -23.04
C LEU F 478 -56.64 8.24 -21.74
N ALA F 479 -56.30 6.96 -21.77
CA ALA F 479 -56.35 6.12 -20.58
C ALA F 479 -55.27 5.06 -20.72
N VAL F 480 -54.30 5.08 -19.80
CA VAL F 480 -53.18 4.16 -19.89
C VAL F 480 -53.69 2.73 -19.92
N THR F 481 -53.08 1.92 -20.78
CA THR F 481 -53.50 0.54 -21.02
C THR F 481 -52.43 -0.42 -20.55
N MET F 482 -52.79 -1.70 -20.53
CA MET F 482 -51.88 -2.73 -20.05
C MET F 482 -50.64 -2.82 -20.93
N ASP F 483 -50.82 -2.68 -22.24
CA ASP F 483 -49.68 -2.75 -23.15
C ASP F 483 -48.67 -1.66 -22.84
N ASP F 484 -49.15 -0.45 -22.53
CA ASP F 484 -48.25 0.62 -22.15
C ASP F 484 -47.46 0.27 -20.89
N PHE F 485 -48.13 -0.31 -19.90
CA PHE F 485 -47.43 -0.68 -18.67
C PHE F 485 -46.37 -1.74 -18.94
N ARG F 486 -46.68 -2.73 -19.76
CA ARG F 486 -45.68 -3.76 -20.06
C ARG F 486 -44.52 -3.18 -20.86
N TRP F 487 -44.81 -2.26 -21.77
CA TRP F 487 -43.74 -1.59 -22.50
C TRP F 487 -42.84 -0.81 -21.55
N ALA F 488 -43.43 -0.09 -20.60
CA ALA F 488 -42.64 0.67 -19.65
C ALA F 488 -41.81 -0.26 -18.77
N LEU F 489 -42.40 -1.35 -18.31
CA LEU F 489 -41.67 -2.28 -17.44
C LEU F 489 -40.51 -2.91 -18.17
N GLY F 490 -40.72 -3.30 -19.43
CA GLY F 490 -39.65 -3.94 -20.18
C GLY F 490 -38.43 -3.05 -20.35
N LYS F 491 -38.65 -1.75 -20.57
CA LYS F 491 -37.58 -0.81 -20.84
C LYS F 491 -37.10 -0.08 -19.59
N SER F 492 -37.62 -0.43 -18.42
CA SER F 492 -37.21 0.23 -17.17
C SER F 492 -35.95 -0.43 -16.63
N ASN F 493 -35.00 0.39 -16.21
CA ASN F 493 -33.75 -0.07 -15.62
C ASN F 493 -33.77 0.27 -14.12
N PRO F 494 -34.34 -0.59 -13.29
CA PRO F 494 -34.48 -0.26 -11.87
C PRO F 494 -33.13 -0.11 -11.18
N SER F 495 -33.12 0.70 -10.12
CA SER F 495 -31.91 1.04 -9.39
C SER F 495 -31.62 0.12 -8.22
N ALA F 496 -32.46 -0.91 -8.01
CA ALA F 496 -32.31 -1.80 -6.87
C ALA F 496 -32.30 -3.26 -7.32
N LEU F 497 -31.60 -3.55 -8.42
CA LEU F 497 -31.46 -4.93 -8.87
C LEU F 497 -30.45 -5.70 -8.02
N ARG F 498 -29.41 -5.02 -7.54
CA ARG F 498 -28.36 -5.68 -6.77
C ARG F 498 -28.64 -5.68 -5.27
N GLU F 499 -29.77 -5.15 -4.84
CA GLU F 499 -30.11 -5.11 -3.42
C GLU F 499 -30.60 -6.47 -2.96
N THR F 500 -30.07 -6.95 -1.84
CA THR F 500 -30.53 -8.21 -1.29
C THR F 500 -32.00 -8.11 -0.91
N THR F 501 -32.77 -9.13 -1.26
CA THR F 501 -34.21 -9.15 -1.01
C THR F 501 -34.50 -10.05 0.19
N VAL F 502 -35.42 -9.61 1.04
CA VAL F 502 -35.83 -10.34 2.23
C VAL F 502 -37.35 -10.46 2.17
N GLU F 503 -37.85 -11.60 1.72
CA GLU F 503 -39.28 -11.84 1.65
C GLU F 503 -39.53 -13.33 1.74
N VAL F 504 -40.74 -13.68 2.15
CA VAL F 504 -41.14 -15.08 2.24
C VAL F 504 -41.33 -15.59 0.81
N PRO F 505 -40.57 -16.59 0.36
CA PRO F 505 -40.70 -17.03 -1.03
C PRO F 505 -42.06 -17.66 -1.31
N ASN F 506 -42.46 -17.59 -2.57
CA ASN F 506 -43.72 -18.14 -3.05
C ASN F 506 -43.55 -19.54 -3.62
N VAL F 507 -42.59 -20.31 -3.10
CA VAL F 507 -42.35 -21.68 -3.52
C VAL F 507 -42.93 -22.61 -2.46
N THR F 508 -43.74 -23.56 -2.89
CA THR F 508 -44.38 -24.52 -2.01
C THR F 508 -43.75 -25.89 -2.18
N TRP F 509 -44.17 -26.83 -1.32
CA TRP F 509 -43.67 -28.20 -1.42
C TRP F 509 -44.04 -28.83 -2.75
N ASP F 510 -45.27 -28.59 -3.22
CA ASP F 510 -45.76 -29.28 -4.40
C ASP F 510 -44.92 -28.98 -5.64
N ASP F 511 -44.26 -27.82 -5.67
CA ASP F 511 -43.49 -27.44 -6.85
C ASP F 511 -42.23 -28.29 -7.02
N ILE F 512 -41.76 -28.93 -5.97
CA ILE F 512 -40.51 -29.70 -6.04
C ILE F 512 -40.76 -31.15 -5.61
N GLY F 513 -41.78 -31.37 -4.79
CA GLY F 513 -42.06 -32.69 -4.29
C GLY F 513 -41.18 -33.06 -3.10
N GLY F 514 -39.92 -33.38 -3.37
CA GLY F 514 -38.97 -33.67 -2.33
C GLY F 514 -39.17 -35.04 -1.72
N LEU F 515 -38.22 -35.50 -0.92
CA LEU F 515 -38.35 -36.77 -0.22
C LEU F 515 -39.11 -36.58 1.09
N GLU F 516 -39.79 -37.65 1.52
CA GLU F 516 -40.48 -37.61 2.79
C GLU F 516 -39.50 -37.44 3.95
N ASN F 517 -38.38 -38.15 3.90
CA ASN F 517 -37.40 -38.06 4.98
C ASN F 517 -36.84 -36.66 5.11
N VAL F 518 -36.45 -36.05 3.99
CA VAL F 518 -35.86 -34.71 4.04
C VAL F 518 -36.89 -33.69 4.50
N LYS F 519 -38.14 -33.84 4.03
CA LYS F 519 -39.19 -32.93 4.48
C LYS F 519 -39.39 -33.04 5.98
N ARG F 520 -39.46 -34.27 6.50
CA ARG F 520 -39.64 -34.46 7.93
C ARG F 520 -38.48 -33.86 8.72
N GLU F 521 -37.25 -34.09 8.26
CA GLU F 521 -36.09 -33.58 8.98
C GLU F 521 -36.08 -32.06 8.99
N LEU F 522 -36.34 -31.44 7.84
CA LEU F 522 -36.36 -29.98 7.79
C LEU F 522 -37.47 -29.42 8.68
N GLN F 523 -38.60 -30.11 8.72
CA GLN F 523 -39.75 -29.64 9.53
C GLN F 523 -39.37 -29.76 11.01
N GLU F 524 -38.66 -30.81 11.43
CA GLU F 524 -38.17 -30.93 12.79
C GLU F 524 -37.20 -29.81 13.12
N LEU F 525 -36.25 -29.54 12.22
CA LEU F 525 -35.21 -28.56 12.54
C LEU F 525 -35.79 -27.15 12.66
N VAL F 526 -36.65 -26.76 11.72
CA VAL F 526 -37.03 -25.36 11.56
C VAL F 526 -38.39 -25.07 12.18
N GLN F 527 -39.42 -25.82 11.80
CA GLN F 527 -40.78 -25.42 12.14
C GLN F 527 -41.06 -25.58 13.64
N TYR F 528 -40.67 -26.71 14.22
CA TYR F 528 -41.01 -26.96 15.62
C TYR F 528 -40.46 -25.89 16.55
N PRO F 529 -39.21 -25.48 16.47
CA PRO F 529 -38.77 -24.36 17.33
C PRO F 529 -39.60 -23.10 17.13
N VAL F 530 -39.96 -22.80 15.89
CA VAL F 530 -40.75 -21.59 15.62
C VAL F 530 -42.18 -21.75 16.13
N GLU F 531 -42.77 -22.93 15.91
CA GLU F 531 -44.19 -23.14 16.18
C GLU F 531 -44.46 -23.75 17.56
N HIS F 532 -43.52 -24.52 18.10
CA HIS F 532 -43.70 -25.20 19.39
C HIS F 532 -42.48 -24.96 20.26
N PRO F 533 -42.24 -23.71 20.68
CA PRO F 533 -41.14 -23.46 21.61
C PRO F 533 -41.42 -23.95 23.02
N ASP F 534 -42.70 -24.09 23.40
CA ASP F 534 -43.03 -24.55 24.74
C ASP F 534 -42.47 -25.95 24.98
N LYS F 535 -42.59 -26.83 24.00
CA LYS F 535 -42.05 -28.18 24.14
C LYS F 535 -40.54 -28.15 24.32
N PHE F 536 -39.85 -27.32 23.52
CA PHE F 536 -38.40 -27.23 23.64
C PHE F 536 -37.98 -26.74 25.01
N LEU F 537 -38.67 -25.72 25.53
CA LEU F 537 -38.34 -25.24 26.87
C LEU F 537 -38.65 -26.29 27.93
N LYS F 538 -39.75 -27.01 27.77
CA LYS F 538 -40.13 -28.03 28.73
C LYS F 538 -39.09 -29.14 28.82
N PHE F 539 -38.65 -29.65 27.66
CA PHE F 539 -37.64 -30.70 27.66
C PHE F 539 -36.23 -30.16 27.78
N GLY F 540 -36.05 -28.84 27.78
CA GLY F 540 -34.75 -28.26 28.10
C GLY F 540 -33.63 -28.71 27.19
N MET F 541 -33.87 -28.74 25.89
CA MET F 541 -32.82 -29.01 24.90
C MET F 541 -32.73 -27.80 23.98
N THR F 542 -31.50 -27.32 23.78
CA THR F 542 -31.29 -26.18 22.89
C THR F 542 -31.42 -26.64 21.44
N PRO F 543 -32.29 -26.04 20.64
CA PRO F 543 -32.41 -26.47 19.25
C PRO F 543 -31.10 -26.29 18.50
N SER F 544 -30.78 -27.26 17.65
CA SER F 544 -29.60 -27.20 16.81
C SER F 544 -29.95 -26.41 15.54
N LYS F 545 -29.21 -25.34 15.29
CA LYS F 545 -29.45 -24.48 14.15
C LYS F 545 -28.24 -24.54 13.22
N GLY F 546 -28.47 -25.04 12.01
CA GLY F 546 -27.39 -25.23 11.06
C GLY F 546 -27.51 -26.53 10.29
N VAL F 547 -27.46 -26.45 8.96
CA VAL F 547 -27.52 -27.60 8.09
C VAL F 547 -26.60 -27.36 6.91
N LEU F 548 -26.03 -28.42 6.38
CA LEU F 548 -25.20 -28.37 5.18
C LEU F 548 -25.80 -29.32 4.15
N PHE F 549 -26.58 -28.77 3.22
CA PHE F 549 -27.14 -29.56 2.13
C PHE F 549 -26.04 -29.98 1.18
N TYR F 550 -25.85 -31.29 1.04
CA TYR F 550 -24.90 -31.84 0.08
C TYR F 550 -25.65 -32.75 -0.89
N GLY F 551 -25.35 -32.59 -2.17
CA GLY F 551 -26.00 -33.37 -3.21
C GLY F 551 -25.53 -32.99 -4.59
N PRO F 552 -26.11 -33.63 -5.61
CA PRO F 552 -25.70 -33.34 -6.97
C PRO F 552 -26.02 -31.89 -7.33
N PRO F 553 -25.23 -31.23 -8.19
CA PRO F 553 -25.51 -29.83 -8.65
C PRO F 553 -26.89 -29.74 -9.28
N GLY F 554 -27.57 -28.59 -9.17
CA GLY F 554 -28.91 -28.40 -9.74
C GLY F 554 -29.73 -27.40 -8.95
N CYS F 555 -31.06 -27.53 -8.94
CA CYS F 555 -31.98 -26.61 -8.22
C CYS F 555 -32.65 -27.33 -7.04
N GLY F 556 -32.13 -28.47 -6.58
CA GLY F 556 -32.79 -29.28 -5.53
C GLY F 556 -32.48 -28.84 -4.11
N LYS F 557 -31.51 -27.94 -3.90
CA LYS F 557 -31.08 -27.54 -2.53
C LYS F 557 -31.64 -26.16 -2.17
N THR F 558 -31.60 -25.19 -3.10
CA THR F 558 -32.11 -23.84 -2.84
C THR F 558 -33.63 -23.80 -2.89
N LEU F 559 -34.23 -24.56 -3.82
CA LEU F 559 -35.68 -24.66 -3.84
C LEU F 559 -36.20 -25.27 -2.55
N LEU F 560 -35.49 -26.26 -2.01
CA LEU F 560 -35.90 -26.88 -0.76
C LEU F 560 -35.82 -25.89 0.39
N ALA F 561 -34.76 -25.09 0.43
CA ALA F 561 -34.64 -24.08 1.48
C ALA F 561 -35.77 -23.06 1.38
N LYS F 562 -36.08 -22.63 0.15
CA LYS F 562 -37.18 -21.69 -0.02
C LYS F 562 -38.50 -22.32 0.39
N ALA F 563 -38.70 -23.61 0.10
CA ALA F 563 -39.93 -24.27 0.48
C ALA F 563 -40.09 -24.33 1.99
N ILE F 564 -39.01 -24.69 2.70
CA ILE F 564 -39.10 -24.76 4.16
C ILE F 564 -39.34 -23.37 4.74
N ALA F 565 -38.71 -22.34 4.15
CA ALA F 565 -38.98 -20.98 4.58
C ALA F 565 -40.45 -20.62 4.38
N ASN F 566 -41.01 -21.00 3.23
CA ASN F 566 -42.40 -20.68 2.93
C ASN F 566 -43.35 -21.40 3.89
N GLU F 567 -43.04 -22.65 4.23
CA GLU F 567 -43.92 -23.41 5.11
C GLU F 567 -44.11 -22.70 6.44
N CYS F 568 -43.03 -22.15 6.98
CA CYS F 568 -43.06 -21.48 8.29
C CYS F 568 -43.28 -19.98 8.18
N GLN F 569 -43.55 -19.46 6.98
CA GLN F 569 -43.76 -18.04 6.78
C GLN F 569 -42.58 -17.23 7.32
N ALA F 570 -41.38 -17.73 7.07
CA ALA F 570 -40.16 -17.10 7.54
C ALA F 570 -39.46 -16.39 6.41
N ASN F 571 -38.67 -15.38 6.75
CA ASN F 571 -37.89 -14.65 5.76
C ASN F 571 -36.80 -15.54 5.19
N PHE F 572 -36.43 -15.27 3.94
CA PHE F 572 -35.41 -16.04 3.24
C PHE F 572 -34.35 -15.08 2.73
N ILE F 573 -33.10 -15.33 3.09
CA ILE F 573 -31.95 -14.58 2.61
C ILE F 573 -31.07 -15.54 1.85
N SER F 574 -30.82 -15.24 0.57
CA SER F 574 -30.00 -16.08 -0.29
C SER F 574 -28.70 -15.35 -0.60
N ILE F 575 -27.58 -15.94 -0.21
CA ILE F 575 -26.26 -15.38 -0.44
C ILE F 575 -25.44 -16.40 -1.21
N LYS F 576 -24.84 -15.98 -2.32
CA LYS F 576 -24.03 -16.84 -3.16
C LYS F 576 -22.55 -16.56 -2.93
N GLY F 577 -21.72 -17.55 -3.28
CA GLY F 577 -20.30 -17.42 -3.16
C GLY F 577 -19.69 -16.28 -3.95
N PRO F 578 -20.09 -16.08 -5.22
CA PRO F 578 -19.59 -14.90 -5.95
C PRO F 578 -19.90 -13.59 -5.26
N GLU F 579 -21.08 -13.48 -4.66
CA GLU F 579 -21.46 -12.24 -3.99
C GLU F 579 -20.55 -11.99 -2.78
N LEU F 580 -20.27 -13.02 -2.00
CA LEU F 580 -19.51 -12.84 -0.78
C LEU F 580 -18.02 -12.66 -1.05
N LEU F 581 -17.49 -13.39 -2.04
CA LEU F 581 -16.07 -13.27 -2.36
C LEU F 581 -15.71 -11.87 -2.83
N THR F 582 -16.67 -11.13 -3.38
CA THR F 582 -16.40 -9.76 -3.83
C THR F 582 -16.56 -8.78 -2.67
N ALA F 590 -16.47 -5.77 5.99
CA ALA F 590 -17.12 -6.79 6.81
C ALA F 590 -18.57 -6.98 6.40
N ASN F 591 -18.78 -7.55 5.21
CA ASN F 591 -20.14 -7.78 4.73
C ASN F 591 -20.81 -8.94 5.45
N VAL F 592 -20.02 -9.89 5.97
CA VAL F 592 -20.61 -11.02 6.67
C VAL F 592 -21.40 -10.53 7.88
N ARG F 593 -20.85 -9.55 8.60
CA ARG F 593 -21.56 -9.00 9.74
C ARG F 593 -22.86 -8.34 9.31
N ASP F 594 -22.85 -7.64 8.18
CA ASP F 594 -24.08 -7.02 7.67
C ASP F 594 -25.12 -8.08 7.34
N ILE F 595 -24.70 -9.17 6.70
CA ILE F 595 -25.65 -10.23 6.34
C ILE F 595 -26.25 -10.84 7.60
N PHE F 596 -25.40 -11.15 8.58
CA PHE F 596 -25.90 -11.76 9.80
C PHE F 596 -26.77 -10.80 10.60
N ASP F 597 -26.47 -9.50 10.57
CA ASP F 597 -27.31 -8.54 11.26
C ASP F 597 -28.66 -8.40 10.57
N LYS F 598 -28.67 -8.41 9.23
CA LYS F 598 -29.94 -8.38 8.52
C LYS F 598 -30.75 -9.63 8.80
N ALA F 599 -30.09 -10.77 9.03
CA ALA F 599 -30.80 -11.97 9.42
C ALA F 599 -31.36 -11.83 10.84
N ARG F 600 -30.54 -11.33 11.77
CA ARG F 600 -30.97 -11.20 13.15
C ARG F 600 -32.12 -10.21 13.29
N GLN F 601 -32.15 -9.20 12.43
CA GLN F 601 -33.26 -8.24 12.44
C GLN F 601 -34.56 -8.85 11.93
N ALA F 602 -34.51 -10.05 11.36
CA ALA F 602 -35.70 -10.80 10.97
C ALA F 602 -35.91 -11.93 11.95
N ALA F 603 -37.12 -12.03 12.49
CA ALA F 603 -37.36 -12.91 13.63
C ALA F 603 -37.19 -14.38 13.22
N PRO F 604 -38.05 -14.94 12.35
CA PRO F 604 -37.71 -16.22 11.73
C PRO F 604 -37.03 -16.02 10.39
N CYS F 605 -35.85 -16.61 10.19
CA CYS F 605 -35.10 -16.41 8.96
C CYS F 605 -34.38 -17.69 8.56
N VAL F 606 -34.19 -17.86 7.27
CA VAL F 606 -33.45 -18.98 6.70
C VAL F 606 -32.32 -18.37 5.87
N LEU F 607 -31.14 -18.26 6.46
CA LEU F 607 -30.00 -17.64 5.80
C LEU F 607 -29.30 -18.69 4.95
N PHE F 608 -29.58 -18.67 3.65
CA PHE F 608 -29.03 -19.65 2.73
C PHE F 608 -27.68 -19.19 2.23
N PHE F 609 -26.66 -20.01 2.41
CA PHE F 609 -25.31 -19.75 1.92
C PHE F 609 -25.02 -20.73 0.80
N ASP F 610 -25.41 -20.37 -0.43
CA ASP F 610 -25.21 -21.24 -1.57
C ASP F 610 -23.74 -21.25 -1.99
N GLU F 611 -23.33 -22.35 -2.62
CA GLU F 611 -21.97 -22.50 -3.09
C GLU F 611 -20.97 -22.23 -1.97
N LEU F 612 -21.20 -22.87 -0.83
CA LEU F 612 -20.35 -22.66 0.33
C LEU F 612 -18.92 -23.12 0.08
N ASP F 613 -18.71 -24.00 -0.90
CA ASP F 613 -17.36 -24.50 -1.17
C ASP F 613 -16.41 -23.36 -1.54
N SER F 614 -16.93 -22.29 -2.15
CA SER F 614 -16.07 -21.18 -2.54
C SER F 614 -15.39 -20.56 -1.33
N ILE F 615 -16.14 -20.37 -0.25
CA ILE F 615 -15.56 -19.78 0.95
C ILE F 615 -14.67 -20.79 1.68
N ALA F 616 -15.25 -21.91 2.09
CA ALA F 616 -14.49 -22.96 2.77
C ALA F 616 -13.48 -23.57 1.82
N LYS F 617 -12.65 -24.49 2.31
CA LYS F 617 -11.64 -25.15 1.49
C LYS F 617 -12.21 -25.61 0.16
N ALA F 630 -9.81 -14.52 1.30
CA ALA F 630 -10.26 -15.90 1.33
C ALA F 630 -10.40 -16.41 2.76
N ASP F 631 -9.26 -16.72 3.39
CA ASP F 631 -9.28 -17.22 4.75
C ASP F 631 -9.92 -16.21 5.71
N ARG F 632 -9.78 -14.92 5.42
CA ARG F 632 -10.40 -13.91 6.27
C ARG F 632 -11.91 -14.08 6.31
N VAL F 633 -12.53 -14.30 5.15
CA VAL F 633 -13.97 -14.50 5.10
C VAL F 633 -14.35 -15.77 5.85
N ILE F 634 -13.57 -16.83 5.69
CA ILE F 634 -13.86 -18.09 6.37
C ILE F 634 -13.87 -17.86 7.88
N ASN F 635 -12.82 -17.23 8.41
CA ASN F 635 -12.72 -17.02 9.84
C ASN F 635 -13.82 -16.09 10.34
N GLN F 636 -14.15 -15.05 9.58
CA GLN F 636 -15.22 -14.14 9.97
C GLN F 636 -16.54 -14.89 10.07
N LEU F 637 -16.84 -15.72 9.08
CA LEU F 637 -18.08 -16.48 9.11
C LEU F 637 -18.08 -17.46 10.29
N LEU F 638 -16.94 -18.11 10.54
CA LEU F 638 -16.85 -19.03 11.67
C LEU F 638 -17.14 -18.31 12.97
N THR F 639 -16.50 -17.17 13.20
CA THR F 639 -16.68 -16.48 14.47
C THR F 639 -18.08 -15.91 14.62
N GLU F 640 -18.71 -15.49 13.52
CA GLU F 640 -20.06 -14.98 13.63
C GLU F 640 -21.09 -16.08 13.80
N MET F 641 -20.82 -17.29 13.29
CA MET F 641 -21.69 -18.41 13.61
C MET F 641 -21.53 -18.83 15.06
N ASP F 642 -20.28 -18.89 15.54
CA ASP F 642 -20.03 -19.32 16.91
C ASP F 642 -20.66 -18.37 17.91
N GLY F 643 -20.59 -17.07 17.64
CA GLY F 643 -21.18 -16.07 18.51
C GLY F 643 -22.64 -15.83 18.19
N MET F 644 -23.38 -16.90 17.93
CA MET F 644 -24.80 -16.81 17.61
C MET F 644 -25.58 -17.51 18.73
N SER F 645 -26.50 -16.77 19.36
CA SER F 645 -27.33 -17.36 20.39
C SER F 645 -28.17 -18.48 19.81
N ALA F 646 -28.19 -19.62 20.51
CA ALA F 646 -28.89 -20.81 20.04
C ALA F 646 -30.38 -20.76 20.34
N LYS F 647 -30.89 -19.64 20.87
CA LYS F 647 -32.29 -19.49 21.20
C LYS F 647 -33.00 -18.49 20.30
N LYS F 648 -32.33 -17.96 19.29
CA LYS F 648 -32.91 -17.00 18.38
C LYS F 648 -33.18 -17.66 17.04
N ASN F 649 -34.39 -17.51 16.53
CA ASN F 649 -34.86 -18.27 15.38
C ASN F 649 -34.23 -17.80 14.08
N VAL F 650 -32.92 -18.04 13.92
CA VAL F 650 -32.22 -17.76 12.67
C VAL F 650 -31.51 -19.05 12.28
N PHE F 651 -31.93 -19.64 11.16
CA PHE F 651 -31.40 -20.92 10.70
C PHE F 651 -30.45 -20.69 9.54
N ILE F 652 -29.27 -21.29 9.61
CA ILE F 652 -28.27 -21.21 8.56
C ILE F 652 -28.32 -22.52 7.78
N ILE F 653 -28.64 -22.42 6.50
CA ILE F 653 -28.77 -23.59 5.63
C ILE F 653 -27.74 -23.43 4.53
N GLY F 654 -26.57 -24.01 4.72
CA GLY F 654 -25.56 -24.03 3.68
C GLY F 654 -25.93 -25.00 2.58
N ALA F 655 -25.15 -24.96 1.50
CA ALA F 655 -25.37 -25.84 0.36
C ALA F 655 -24.09 -25.90 -0.45
N THR F 656 -23.57 -27.11 -0.66
CA THR F 656 -22.36 -27.31 -1.44
C THR F 656 -22.49 -28.59 -2.24
N ASN F 657 -22.08 -28.54 -3.50
CA ASN F 657 -22.07 -29.71 -4.38
C ASN F 657 -20.73 -30.45 -4.37
N ARG F 658 -19.76 -29.98 -3.59
CA ARG F 658 -18.46 -30.63 -3.44
C ARG F 658 -18.19 -30.80 -1.96
N PRO F 659 -18.91 -31.73 -1.31
CA PRO F 659 -18.83 -31.81 0.16
C PRO F 659 -17.47 -32.25 0.67
N ASP F 660 -16.65 -32.87 -0.17
CA ASP F 660 -15.35 -33.35 0.27
C ASP F 660 -14.46 -32.19 0.70
N ILE F 661 -14.48 -31.09 -0.06
CA ILE F 661 -13.51 -30.01 0.12
C ILE F 661 -14.02 -29.02 1.17
N ILE F 662 -15.13 -29.33 1.82
CA ILE F 662 -15.68 -28.45 2.85
C ILE F 662 -14.86 -28.61 4.12
N ASP F 663 -14.44 -27.48 4.70
CA ASP F 663 -13.59 -27.53 5.88
C ASP F 663 -14.32 -28.19 7.04
N GLY F 664 -13.56 -28.92 7.86
CA GLY F 664 -14.13 -29.54 9.03
C GLY F 664 -14.49 -28.57 10.14
N ALA F 665 -13.93 -27.37 10.12
CA ALA F 665 -14.26 -26.38 11.13
C ALA F 665 -15.75 -26.01 11.05
N ILE F 666 -16.29 -25.88 9.85
CA ILE F 666 -17.71 -25.57 9.70
C ILE F 666 -18.57 -26.66 10.30
N LEU F 667 -18.22 -27.92 10.03
CA LEU F 667 -18.99 -29.06 10.53
C LEU F 667 -18.54 -29.42 11.95
N ARG F 668 -18.70 -28.45 12.84
CA ARG F 668 -18.34 -28.59 14.25
C ARG F 668 -19.57 -28.20 15.06
N PRO F 669 -20.12 -29.10 15.88
CA PRO F 669 -21.32 -28.78 16.67
C PRO F 669 -21.31 -27.38 17.23
N GLY F 670 -22.40 -26.65 16.98
CA GLY F 670 -22.51 -25.24 17.29
C GLY F 670 -22.42 -24.34 16.07
N ARG F 671 -21.93 -24.86 14.95
CA ARG F 671 -21.83 -24.08 13.71
C ARG F 671 -22.73 -24.64 12.61
N LEU F 672 -22.54 -25.90 12.23
CA LEU F 672 -23.42 -26.60 11.29
C LEU F 672 -23.28 -28.08 11.61
N ASP F 673 -24.19 -28.61 12.42
CA ASP F 673 -23.99 -29.91 13.06
C ASP F 673 -24.85 -31.01 12.43
N GLN F 674 -25.39 -30.78 11.25
CA GLN F 674 -26.24 -31.77 10.60
C GLN F 674 -25.94 -31.81 9.11
N LEU F 675 -26.02 -33.02 8.55
CA LEU F 675 -25.77 -33.26 7.14
C LEU F 675 -27.01 -33.88 6.52
N ILE F 676 -27.45 -33.34 5.39
CA ILE F 676 -28.65 -33.81 4.71
C ILE F 676 -28.31 -34.07 3.25
N TYR F 677 -28.83 -35.16 2.71
CA TYR F 677 -28.56 -35.58 1.34
C TYR F 677 -29.76 -35.30 0.46
N ILE F 678 -29.52 -34.73 -0.71
CA ILE F 678 -30.56 -34.41 -1.68
C ILE F 678 -30.32 -35.27 -2.92
N PRO F 679 -30.99 -36.41 -3.02
CA PRO F 679 -30.71 -37.34 -4.12
C PRO F 679 -31.35 -36.87 -5.42
N LEU F 680 -31.08 -37.62 -6.48
CA LEU F 680 -31.76 -37.38 -7.74
C LEU F 680 -33.26 -37.59 -7.54
N PRO F 681 -34.11 -36.70 -8.04
CA PRO F 681 -35.54 -36.85 -7.78
C PRO F 681 -36.06 -38.18 -8.27
N ASP F 682 -36.95 -38.78 -7.48
CA ASP F 682 -37.54 -40.07 -7.80
C ASP F 682 -38.61 -39.88 -8.86
N GLU F 683 -39.39 -40.93 -9.13
CA GLU F 683 -40.40 -40.85 -10.18
C GLU F 683 -41.43 -39.77 -9.87
N ALA F 684 -42.00 -39.80 -8.67
CA ALA F 684 -43.00 -38.81 -8.30
C ALA F 684 -42.38 -37.41 -8.28
N SER F 685 -41.15 -37.29 -7.80
CA SER F 685 -40.48 -35.99 -7.79
C SER F 685 -40.32 -35.47 -9.21
N ARG F 686 -39.94 -36.34 -10.15
CA ARG F 686 -39.82 -35.91 -11.54
C ARG F 686 -41.17 -35.49 -12.10
N VAL F 687 -42.23 -36.22 -11.77
CA VAL F 687 -43.57 -35.84 -12.24
C VAL F 687 -43.90 -34.43 -11.74
N ASN F 688 -43.64 -34.18 -10.46
CA ASN F 688 -43.96 -32.88 -9.89
C ASN F 688 -43.12 -31.77 -10.55
N ILE F 689 -41.83 -32.03 -10.77
CA ILE F 689 -40.96 -31.03 -11.37
C ILE F 689 -41.44 -30.71 -12.79
N LEU F 690 -41.78 -31.74 -13.56
CA LEU F 690 -42.27 -31.52 -14.91
C LEU F 690 -43.57 -30.72 -14.90
N LYS F 691 -44.50 -31.07 -14.02
CA LYS F 691 -45.77 -30.36 -13.96
C LYS F 691 -45.55 -28.90 -13.57
N ALA F 692 -44.63 -28.64 -12.64
CA ALA F 692 -44.41 -27.27 -12.19
C ALA F 692 -43.72 -26.44 -13.26
N ASN F 693 -42.77 -27.02 -13.99
CA ASN F 693 -42.04 -26.26 -14.99
C ASN F 693 -42.95 -25.79 -16.13
N LEU F 694 -43.85 -26.66 -16.58
CA LEU F 694 -44.73 -26.37 -17.70
C LEU F 694 -46.09 -25.82 -17.27
N ARG F 695 -46.21 -25.34 -16.02
CA ARG F 695 -47.50 -24.87 -15.55
C ARG F 695 -47.99 -23.70 -16.38
N LYS F 696 -47.10 -22.80 -16.79
CA LYS F 696 -47.47 -21.62 -17.54
C LYS F 696 -47.52 -21.83 -19.04
N SER F 697 -47.26 -23.07 -19.52
CA SER F 697 -47.30 -23.34 -20.95
C SER F 697 -48.58 -24.08 -21.32
N PRO F 698 -49.14 -23.85 -22.52
CA PRO F 698 -50.32 -24.63 -22.93
C PRO F 698 -49.99 -26.04 -23.45
N ILE F 699 -49.82 -26.98 -22.51
CA ILE F 699 -49.57 -28.35 -22.91
C ILE F 699 -50.79 -28.91 -23.64
N ALA F 700 -50.54 -29.94 -24.46
CA ALA F 700 -51.60 -30.63 -25.17
C ALA F 700 -52.16 -31.77 -24.33
N ARG F 701 -53.41 -32.14 -24.61
CA ARG F 701 -54.07 -33.17 -23.82
C ARG F 701 -53.35 -34.51 -23.95
N ASP F 702 -52.84 -34.83 -25.14
CA ASP F 702 -52.26 -36.14 -25.38
C ASP F 702 -51.04 -36.38 -24.50
N VAL F 703 -50.19 -35.36 -24.33
CA VAL F 703 -48.95 -35.54 -23.59
C VAL F 703 -49.27 -35.95 -22.15
N ASP F 704 -48.67 -37.05 -21.71
CA ASP F 704 -48.82 -37.56 -20.35
C ASP F 704 -47.47 -37.45 -19.65
N ILE F 705 -47.39 -36.57 -18.65
CA ILE F 705 -46.15 -36.37 -17.92
C ILE F 705 -45.71 -37.65 -17.23
N ASN F 706 -46.64 -38.55 -16.92
CA ASN F 706 -46.29 -39.79 -16.26
C ASN F 706 -45.34 -40.62 -17.11
N PHE F 707 -45.62 -40.72 -18.41
CA PHE F 707 -44.74 -41.49 -19.29
C PHE F 707 -43.34 -40.89 -19.34
N LEU F 708 -43.26 -39.56 -19.47
CA LEU F 708 -41.94 -38.93 -19.49
C LEU F 708 -41.20 -39.17 -18.18
N ALA F 709 -41.89 -39.07 -17.05
CA ALA F 709 -41.25 -39.34 -15.78
C ALA F 709 -40.73 -40.77 -15.72
N LYS F 710 -41.51 -41.72 -16.25
CA LYS F 710 -41.04 -43.10 -16.30
C LYS F 710 -39.79 -43.21 -17.16
N ALA F 711 -39.77 -42.54 -18.31
CA ALA F 711 -38.64 -42.62 -19.21
C ALA F 711 -37.43 -41.86 -18.70
N THR F 712 -37.64 -40.68 -18.11
CA THR F 712 -36.55 -39.86 -17.62
C THR F 712 -36.12 -40.36 -16.26
N GLN F 713 -34.99 -41.06 -16.21
CA GLN F 713 -34.41 -41.57 -14.98
C GLN F 713 -33.07 -40.91 -14.74
N GLY F 714 -32.89 -40.33 -13.56
CA GLY F 714 -31.64 -39.71 -13.19
C GLY F 714 -31.43 -38.30 -13.71
N PHE F 715 -32.39 -37.76 -14.46
CA PHE F 715 -32.25 -36.40 -14.95
C PHE F 715 -32.35 -35.42 -13.81
N SER F 716 -31.40 -34.48 -13.75
CA SER F 716 -31.39 -33.49 -12.69
C SER F 716 -32.49 -32.46 -12.92
N GLY F 717 -32.72 -31.64 -11.89
CA GLY F 717 -33.76 -30.63 -12.01
C GLY F 717 -33.52 -29.67 -13.15
N ALA F 718 -32.25 -29.28 -13.36
CA ALA F 718 -31.93 -28.42 -14.50
C ALA F 718 -32.24 -29.13 -15.81
N ASP F 719 -31.96 -30.43 -15.88
CA ASP F 719 -32.26 -31.19 -17.10
C ASP F 719 -33.74 -31.09 -17.44
N LEU F 720 -34.60 -31.40 -16.47
CA LEU F 720 -36.04 -31.37 -16.74
C LEU F 720 -36.49 -30.00 -17.20
N THR F 721 -35.94 -28.95 -16.60
CA THR F 721 -36.23 -27.61 -17.09
C THR F 721 -35.73 -27.42 -18.52
N GLU F 722 -34.53 -27.91 -18.81
CA GLU F 722 -33.98 -27.79 -20.16
C GLU F 722 -34.81 -28.59 -21.15
N ILE F 723 -35.21 -29.81 -20.78
CA ILE F 723 -36.07 -30.60 -21.66
C ILE F 723 -37.35 -29.83 -21.95
N CYS F 724 -37.93 -29.22 -20.91
CA CYS F 724 -39.16 -28.44 -21.11
C CYS F 724 -38.89 -27.23 -22.00
N GLN F 725 -37.78 -26.54 -21.78
CA GLN F 725 -37.49 -25.36 -22.59
C GLN F 725 -37.31 -25.71 -24.05
N ARG F 726 -36.60 -26.80 -24.35
CA ARG F 726 -36.37 -27.19 -25.74
C ARG F 726 -37.70 -27.52 -26.43
N ALA F 727 -38.54 -28.33 -25.78
CA ALA F 727 -39.82 -28.65 -26.37
C ALA F 727 -40.63 -27.38 -26.64
N CYS F 728 -40.45 -26.35 -25.82
CA CYS F 728 -41.10 -25.08 -26.07
C CYS F 728 -40.41 -24.31 -27.19
N LYS F 729 -39.09 -24.42 -27.30
CA LYS F 729 -38.38 -23.79 -28.41
C LYS F 729 -38.82 -24.37 -29.74
N GLN F 730 -39.02 -25.69 -29.79
CA GLN F 730 -39.52 -26.31 -31.02
C GLN F 730 -40.89 -25.77 -31.36
N ALA F 731 -41.77 -25.61 -30.36
CA ALA F 731 -43.10 -25.10 -30.63
C ALA F 731 -43.06 -23.69 -31.20
N ILE F 732 -42.19 -22.84 -30.65
CA ILE F 732 -42.09 -21.47 -31.15
C ILE F 732 -41.64 -21.46 -32.60
N ARG F 733 -40.63 -22.26 -32.94
CA ARG F 733 -40.14 -22.31 -34.30
C ARG F 733 -41.24 -22.79 -35.25
N GLU F 734 -41.94 -23.86 -34.89
CA GLU F 734 -43.01 -24.36 -35.75
C GLU F 734 -44.13 -23.33 -35.88
N SER F 735 -44.29 -22.46 -34.88
CA SER F 735 -45.31 -21.42 -34.98
C SER F 735 -44.90 -20.36 -36.00
N ILE F 736 -43.66 -19.90 -35.93
CA ILE F 736 -43.18 -18.92 -36.91
C ILE F 736 -43.15 -19.52 -38.30
N GLU F 737 -42.65 -20.76 -38.41
CA GLU F 737 -42.57 -21.42 -39.71
C GLU F 737 -43.96 -21.54 -40.34
N ALA F 738 -44.96 -21.95 -39.57
CA ALA F 738 -46.32 -21.98 -40.08
C ALA F 738 -46.80 -20.60 -40.46
N GLU F 739 -46.52 -19.60 -39.61
CA GLU F 739 -46.97 -18.24 -39.90
C GLU F 739 -46.33 -17.71 -41.17
N ILE F 740 -45.03 -17.94 -41.35
CA ILE F 740 -44.34 -17.50 -42.55
C ILE F 740 -44.92 -18.18 -43.79
N ARG F 741 -45.14 -19.49 -43.71
CA ARG F 741 -45.72 -20.21 -44.83
C ARG F 741 -47.12 -19.69 -45.14
N ALA F 742 -47.92 -19.42 -44.11
CA ALA F 742 -49.26 -18.89 -44.31
C ALA F 742 -49.22 -17.54 -45.00
N ASP F 758 -54.12 -20.41 -35.94
CA ASP F 758 -53.23 -20.97 -34.93
C ASP F 758 -52.93 -22.43 -35.25
N PRO F 759 -52.11 -22.67 -36.26
CA PRO F 759 -51.78 -24.07 -36.61
C PRO F 759 -51.07 -24.82 -35.50
N VAL F 760 -50.39 -24.12 -34.61
CA VAL F 760 -49.67 -24.76 -33.50
C VAL F 760 -50.13 -24.11 -32.20
N PRO F 761 -51.30 -24.48 -31.68
CA PRO F 761 -51.82 -23.81 -30.48
C PRO F 761 -51.20 -24.32 -29.18
N GLU F 762 -50.75 -25.57 -29.16
CA GLU F 762 -50.27 -26.19 -27.94
C GLU F 762 -49.11 -27.13 -28.24
N ILE F 763 -48.25 -27.32 -27.25
CA ILE F 763 -47.13 -28.24 -27.38
C ILE F 763 -47.67 -29.66 -27.41
N THR F 764 -47.34 -30.39 -28.47
CA THR F 764 -47.86 -31.73 -28.68
C THR F 764 -46.81 -32.76 -28.32
N ARG F 765 -47.14 -34.03 -28.57
CA ARG F 765 -46.23 -35.12 -28.25
C ARG F 765 -44.95 -35.04 -29.08
N ARG F 766 -45.08 -34.69 -30.36
CA ARG F 766 -43.92 -34.71 -31.25
C ARG F 766 -42.85 -33.74 -30.78
N HIS F 767 -43.24 -32.57 -30.29
CA HIS F 767 -42.26 -31.61 -29.79
C HIS F 767 -41.47 -32.20 -28.64
N PHE F 768 -42.16 -32.85 -27.69
CA PHE F 768 -41.48 -33.44 -26.56
C PHE F 768 -40.58 -34.59 -26.99
N GLU F 769 -41.02 -35.38 -27.98
CA GLU F 769 -40.17 -36.46 -28.48
C GLU F 769 -38.87 -35.90 -29.04
N GLU F 770 -38.98 -34.93 -29.95
CA GLU F 770 -37.79 -34.37 -30.57
C GLU F 770 -36.92 -33.63 -29.55
N ALA F 771 -37.52 -33.11 -28.49
CA ALA F 771 -36.73 -32.45 -27.45
C ALA F 771 -36.00 -33.45 -26.57
N MET F 772 -36.63 -34.61 -26.31
CA MET F 772 -36.00 -35.61 -25.47
C MET F 772 -35.00 -36.47 -26.23
N ARG F 773 -35.02 -36.44 -27.56
CA ARG F 773 -34.10 -37.27 -28.33
C ARG F 773 -32.65 -37.02 -27.92
N PHE F 774 -32.23 -35.75 -27.94
CA PHE F 774 -30.84 -35.38 -27.68
C PHE F 774 -30.65 -34.77 -26.29
N ALA F 775 -31.45 -35.21 -25.32
CA ALA F 775 -31.29 -34.80 -23.93
C ALA F 775 -30.76 -35.98 -23.13
N ARG F 776 -29.64 -35.78 -22.45
CA ARG F 776 -28.97 -36.84 -21.71
C ARG F 776 -28.70 -36.39 -20.29
N ARG F 777 -28.44 -37.36 -19.43
CA ARG F 777 -28.18 -37.07 -18.02
C ARG F 777 -27.02 -36.11 -17.88
N SER F 778 -27.17 -35.13 -16.98
CA SER F 778 -26.12 -34.18 -16.69
C SER F 778 -25.26 -34.61 -15.51
N VAL F 779 -25.73 -35.54 -14.69
CA VAL F 779 -24.96 -36.14 -13.61
C VAL F 779 -25.09 -37.65 -13.75
N THR F 780 -23.96 -38.34 -13.87
CA THR F 780 -23.95 -39.76 -14.15
C THR F 780 -23.85 -40.57 -12.86
N GLU F 781 -24.15 -41.87 -12.98
CA GLU F 781 -23.94 -42.76 -11.86
C GLU F 781 -22.48 -42.76 -11.43
N ASN F 782 -21.57 -42.50 -12.37
CA ASN F 782 -20.16 -42.33 -12.03
C ASN F 782 -19.96 -41.18 -11.05
N ASP F 783 -20.92 -40.26 -10.97
CA ASP F 783 -20.91 -39.19 -9.96
C ASP F 783 -21.82 -39.49 -8.79
N VAL F 784 -22.93 -40.21 -9.00
CA VAL F 784 -23.81 -40.55 -7.89
C VAL F 784 -23.12 -41.47 -6.91
N ARG F 785 -22.26 -42.37 -7.41
CA ARG F 785 -21.54 -43.26 -6.52
C ARG F 785 -20.63 -42.49 -5.58
N LYS F 786 -20.12 -41.34 -6.02
CA LYS F 786 -19.29 -40.52 -5.14
C LYS F 786 -20.10 -40.07 -3.92
N TYR F 787 -21.28 -39.52 -4.15
CA TYR F 787 -22.12 -39.07 -3.04
C TYR F 787 -22.60 -40.25 -2.20
N GLU F 788 -22.82 -41.41 -2.83
CA GLU F 788 -23.19 -42.59 -2.06
C GLU F 788 -22.06 -43.00 -1.12
N MET F 789 -20.82 -42.97 -1.61
CA MET F 789 -19.67 -43.27 -0.76
C MET F 789 -19.56 -42.24 0.37
N PHE F 790 -19.78 -40.96 0.05
CA PHE F 790 -19.75 -39.95 1.10
C PHE F 790 -20.81 -40.22 2.15
N ALA F 791 -22.01 -40.58 1.73
CA ALA F 791 -23.08 -40.88 2.68
C ALA F 791 -22.72 -42.08 3.54
N GLN F 792 -22.14 -43.12 2.93
CA GLN F 792 -21.68 -44.26 3.70
C GLN F 792 -20.61 -43.87 4.70
N THR F 793 -19.77 -42.89 4.36
CA THR F 793 -18.77 -42.42 5.31
C THR F 793 -19.43 -41.85 6.56
N LEU F 794 -20.48 -41.05 6.38
CA LEU F 794 -21.22 -40.50 7.51
C LEU F 794 -22.06 -41.59 8.19
#